data_7VCF
#
_entry.id   7VCF
#
_cell.length_a   1.00
_cell.length_b   1.00
_cell.length_c   1.00
_cell.angle_alpha   90.00
_cell.angle_beta   90.00
_cell.angle_gamma   90.00
#
_symmetry.space_group_name_H-M   'P 1'
#
loop_
_entity.id
_entity.type
_entity.pdbx_description
1 polymer Tic214
2 polymer Toc75
3 polymer Toc52
4 polymer Tic13
5 polymer Toc120
6 polymer Toc34
7 polymer YlmG
8 polymer Toc39
9 polymer Toc10
10 polymer Tic12
11 polymer 'Unknown fragment'
12 polymer Tic35
13 polymer Tic56
14 polymer Tic100
15 polymer Tic20-Venus-Flag
16 non-polymer 1,2-DISTEAROYL-MONOGALACTOSYL-DIGLYCERIDE
17 non-polymer 'INOSITOL HEXAKISPHOSPHATE'
18 non-polymer 'MAGNESIUM ION'
19 water water
#
loop_
_entity_poly.entity_id
_entity_poly.type
_entity_poly.pdbx_seq_one_letter_code
_entity_poly.pdbx_strand_id
1 'polypeptide(L)'
;MITFTFMSLVTSVKDYVEITHKLIEIEPLKNYTEFGAVFTYFIFSIGEFFKNFFSFSFLNNIWSIPIIIPDIASAMISEV
SVLDGYFHNAFTFLETSVNTTTNPSLVIFEKFVIGIINSLFLILPTSTSHLITLRRFVMQGLEAGYMAGLGTLAGNFLWL
ASIILGWRFFVIPWLSLDIFRYLLGFVLLVKYIWDSSKERRMALEDLSKWKIFLLNFLLALTEQSCIYPFISNLSFGPDA
SILEGFPVDNYPQFLLIHGAYLLGILFGSFSLLQFTCWFWENPAFSIYLWITTKSSLKISTSSYYKILNFTFLYATMLCA
IASIPYYGLDYTITNPIGLVPQDRILNQKKSQSDPDKLITETAFLNLNPTDKNSRIRDGVHARRERWKQRLIKYQAFDAS
TYDQGVYDFLTIEDLNYGFDRFWLRRKMRNHQIRFRLFPGPWMRSLKKQLNNPANPSLETSTKAASGPRVEFFRILFEQF
YHPNFHDRAAMQTNPAEARNKFISTSPLASTESKKALNSTFSLGNINNSSTGIEGLVLTNTQATLLPTDLQTKRTIKPGL
IYTNSALRKFVRNVNTRLNLKLLNSKETNLTTKYKSQFIYSKRWKSIFSKIQPLQNGTTRKSYQLFRNVAKQILVTPDAK
SLKLITINQKLSLKERKLLELRTQYNNNSTLTTTAPLTLVRPLNVYLQKEEAFKRKLRYYGTMPMRKLTVGNQAPYFKAL
MKRGFYYYKPTLRWRKTLYVASLRRGFRKKSRKQRILVMPSNQQNFNNTLDNTKTNINQNNLANPLGGNEVPMYGADGEN
SLITKPTHSYTVLGKRASRYRHQIYKDVLQHWYYTPFNRLLMKFDVDAFINRQPKSHFLTKNEERALHIRRFLLSEHYDT
LRWYTYMQHYKTMKTNIGGTKSFANRAYNQQFQGTFKKIRHLFAITPKQGDFYTLKFDQPLYNDNKLKDNLYFHEELLTD
YYNGTNLQTNQTSNISVNSTTTFIDNSLRTTQLPVPSSSFDIVNQSSTLIGLTTMQNALRKNVVESTLTSLNSDGEAATS
QPKLNFVYSELFVKLIKECKKRIHDQTFLKNYITHRIEKREQLNQEQTKELNKRLEKLKVWLNSDKGSISKLQNTPVQDP
NISSPDKVLTTAMQKAVNESISLSGIMPSDKIKTTYGNLTNAYTIKTENAILTKLNVINQLTNNETTTQKNTLIKSIGVN
KIQTVLQTIITNFKSSLYNQTQLLRVKTDKDLQWWRTKQRVITKRKSARKRDRFKKQIAVVNKKLAALSKKVETEKSNLY
QTLYGNYEISDYLLRNVPTGSSAVIDSTVLRKKQDNQAYLPKETNNVQFNSFVDSNNNVWQTFFAKKLRKKISSKGRRYR
SLSLARYLTATRKPRLVGLDNLTKIDNITTLQGAFITKEEKQDSLNLTIQRKQELTNSLKKSQIKKRSRHSWKKRSRHQF
SRNHYKYRKRHTHGNGKLRVMNKKLKKFKATNELRQWWWNSFLPRYLSNLQVNNSTLTNKNVSFKPLSNTNSVPSTNMAS
PTTSRNLLDNLNSSNQISTSASMNQNIVTESVKVETNQVYLPEGEKSFDITSMTTTLPFYAGWDESLKKFVVTNRLLSRR
DAGLSVNNNPQEINFTNPPIQGLNEGSFLYWQTEMPFNSYNIDQFITTNQSFYAPLGWRRFEFRHSILKTWVNNTKAGNN
NIKKKTLIISLKNLQPLKSSQQKQNQIKTKKLVARRIKKRYKLLKQMPNQLMYSPTGPLLTEVLPSHYISVFDQQYRLPR
NRYLKRNPLKTLKKTTLLALMDSSKQTNGVNKEF(TPO)LRKRVKPRRKYHRKRFIKKDGLIFPRRTKFNTNTTLTGNAL
ITNNVNSIEEDDLRWRPSSRTKQKRKDNTRSSAASKTKSNKRVKTNPLRLRQLRRREFQQVLKPLQRYIPQNGGFTWPGD
YLRLEIVEMPKLKSINIKKTSLKQKINVQPVGIMPRKYLIEKHNIKVLKKKLSQAYSTQQLTKVVQEYKNLIQNSPPAI
;
A
2 'polypeptide(L)'
;MQGLKATPGLRASSGRPTLRTARTALVVRAHASQPSSSNHAEQQECSSSGSGVSVNQPSALGRLGKFGLSSALSAFVLVP
NFGGFGGNGGNRGGGGGGGGGGGSGGQGQPDGGLPLPLYELAEESSDEKEKQQKDDKRNWKNLVTDSEDLEEKPGERSGT
NRCVEIVIEGWPDVGNLPTADELKDLLTVQEGHIFEKQDLLDDRRKLEIQYEDYIAEVEIRTEYVDGKSNHQRVVYKFTP
HQFRGINAIDIKGAALMPASEVERICNECLPKQPYMVDIAVMDKVRNRIEQWYQSRGLPFCYVGFFDGMDDGILRANVTE
AKIDNVSVRFVRPKLTGD(SEP)ELEY(SEP)VYDEGKVVKADKIIEASGFQRGHHYHVEDGYDAMNSIFACGLLEDINI
EPEQDPSDVNKINVKIRCEEVQPKSMELDLDWSFQLKNGIPSINRQSLIPGGSVEVSHENLFGNSESATLSLSASDWRNP
SADLGFSVAYSEPFYKPHTTRNAQLFNTRKTSTIFTPGGESEVPPVFVDRFGLKGWTSQITGQDNKVEHALMLQLVSTLD
ENGQVVAKGTKVQRGYYADNGPPTTNSGNGRDLSLSYQGFFALDNVRFINGNQLGERMLFQVDQGLNPSISLPGGRKLGL
SGGIYNRATASYTKFLEAPFLPKLTTEQLWKERKAPNTVVLHAKAGNALGDVAAYDYFSLGGPYSVRGYSHGEIGAARRF
LELATEVRVPLKNYGLPGTAYGFVEYATDLGSGRELNGNPTEYYRKPGRGMSYGLGLKALGACRFEYARDCNAGTGTFLV
NFGERF
;
B
3 'polypeptide(L)'
;MADGPSPIRIVLWNDGGESLAAGVEDEEQQQVLHSFADLVGSAIDAVLELPQFRHVEAVTAEAEEDEPGLSIGFDAGSGD
GEVDIDNLKGRLDIAGLLLGSAQLPEELAEVAAVEVTDEEEGTTELQFTDEGLVQQLQAVVKRAKLEKRYNDWVAGVAES
LGPALDAAAGGVEVTEMPVDPYDVLQAVVAQLIRVAGVSPPAPSLFSRTGALVGGVLGAPRSAVRQVTKRLGRAQRLWWR
LEDVVVDGSKLALRLAVKAARPVLVGFVLHRVLKTLDRSRQLEYRLARMGPEEAREAYYEAVLGKDWKQQLQADWDKALE
DVDAGLV(TPO)DEINHEKRLMTAAQLRRLEVEEWDKQRMKNFYLASFGGLRWFDQMEQALHNPLFIESRGWTDPVQNWV
GQNRTYMDDLPAGQYMAGVGNAAIRIKEAELKRKLTDVERAHVLARGGAVAGGLLPQQPTDPATLAVAVGGAFVPSVAGK
R
;
C
4 'polypeptide(L)'
;MSSDVQAKLSGLLGDIGVKCTLAFAGTVAAGAAIVVPSGKQVEAASLDIYGRPPSQLLPNERRAAEFAAGHRRWKGFVDN
SIYSWTRTLPGHDNPIVNPYKGPRRPQRPQQKLEEEVEAAAKQE
;
D
5 'polypeptide(L)'
;MGGGLPPKRSEVAESQPASSASSSAAAPAPAAETAGPKLPPRPAGLGLGGAGLLPSRGAAAAPSAGSATGTPAAAASSSL
QQQQQQPAPPATQPAAHAAPAAPAGLGGAGLKPMLPPRPAAAAGAGAAGAAAAKPTPAPAPAAAPVPAAAPPPRPAMPNP
AAGMSLPPRPVVAAAPPVLAAAGSDAVVDPSEDRRVQRVQRIAHDTRVRLIRAASRLGLAPRTDQVAQFLQAIERSERMV
GAQHYKGSRRVDLLAAAEREARLAEEREGAAAEAVAGLRVKILVLGMTGTGKTELINSLLNRPAGSRTNAFREATRRVRV
VRGDHNGIPLTFIDTPGLHASASRTADNRAILRAVRAAYRWHKPDYVFYVDRLDATRPGFGEMGLLGLITESLGAGVWRN
TMAVLTHAHAARTAFGGQYDVNSRQRRNIVSQLLRQAAGDQQSRNPVFLADCHPACPTNSLGQPVILEGPTAVPWKQQLL
VQLVGYKSYNVATSAFKDLAKAKAGKAAAGAAGGARGPQDIFKQMMRSRLPPMTFFVEQMSEGVLKPEGWATMETVAGLG
EEV(TPO)EDEGAESFNHVYYRQMYELAVAGDPWAQREYAAMLRAYDKGCESYRASYEEADVDANVEYGVESYVVDPIDF
GPSFDPEDMYSHRHAYAEAADAGVTVIPSQDYYGPEHDDPLNGIVFQYEAQPFSRHGWGGVPFDLTVCCEKDKTSLCLQG
ETHVSLVHSVPPFGPRHITQVTGSWEVLRPNIKDVMYQLEVDTFKDGLLGKSDHAGCGLMLARLGEGGDPRKGPTAVGVR
LQDTLRVGPFKLEACASKVAVQGPTGGKEEGWGARAFVGYDWLPGLGMAFDFIQERTPEEGGKRLRGYGANFTYDWEALG
AAFGMEVDYVAASESVFVSVNAFSGNDYRLGWLLLLPAVNYFKETVSSLWARLRGAGGGEGEEGEELEEEGEGEEGDDEE
AMMMMAQEGDL
;
F
6 'polypeptide(L)'
;MAQPPRPAEEYDDDVQEDEDELKEGELDDDESHEAASEGGEAAAGDEEAEDDEQDEEDGDEDSQPWAGLNRLPERDDMLD
ILNELRAEGRKQLTVLLLGKSSVGKSSLINSLLGEAVVRVQAFKLQADTDITTTVVRQVAVGNSEVDGFRLKLIDTCGLE
DPEAGDTVNLGALSKIAEDVRGVGIDVVLYCDRLDLYRVDPLDKAIIDAISSTFGRGIWRRTVVALTHANLVQTPPGTDY
DSFVNGRVRLIRGAVRGPLFFRPSLPVALVENSETCPVSSESGFRVLPDGEPWLVALVSQLVDMAAARRRPYKYHPRLSS
KPSHRFRWLLPVAIAAEVLFYRRFLHPRLDDNQRRVEREEERVWALRGQQRRALGLHRPHRPDKDAAWRLEQMYDDD
;
G
7 'polypeptide(L)'
;MATCAAVSLATAVFQVAAKYVNKARDAVASALPSPSNIDGVQQDWRQQVKELKKHTRVLGFVLPLAKAFAAESLTSVYAR
TFERAAFGFAKMYLFCLFMRVLLSWFPSIDWNSQPWAFLRLITEPYLQIYRGILPPLFGQLDFTPLFGFLILQDVVELMS
PVYTLGHAKDTSMFW(TPO)(TPO)(TPO)DIMCYFDGH
;
H
8 'polypeptide(L)'
;MGASQESELDFVPRLSFLPIEWRSIGSAFGLKDKSGAAANGRATFTVRQGVDAAELTSTGRVIDGQADVGASLKLNTLAI
GVSASNITFHSGLDDPTAAAAQRSSLIPSLKLTAAKQFKRDNYIAVSYDLKHQKPELSACWTGEAGADRATLLVNVDPVM
RSVKLAAAVRTPGPEWRKVLYNDETDLLEYPADDGARHTLYVQHEVRGRDLLHATRLGCRLDLGRLVNYVVDFVDYRIEE
NIPSFVWNVPLLPQLYSLLVPADNDEQVRHRITGWELDVSHDFARSGLLPVVAISKTSKKLLGGGTLTASYDAAAREAGV
SLSRKGVSVGARVARAEGAAGGLSAGWGRPSIHVAVEPLGLLQ
;
I
9 'polypeptide(L)'
;MKLVKTVSKLAGAAVGMLPAGQAGLAVKVALGVAFAFWWTSGPGADEEMDAKAQQEPDRRSQYTRHYAFKGRGRKEFLRS
DMKNDANELVPTRGAAGL
;
K
10 'polypeptide(L)'
;MDEEPPFNLALNVYKGPASIPHASAEVFGAFFLATNTALLAHMFPGKLFGSELHVRKWDPDYLASCCNEQGMRREALSGK
KPNLWLLGGGPRLVNDSWERMWWNNLHWKRWKVPRTGPAFPQDMYWQ
;
M
11 'polypeptide(L)' KFIFWAAMVYATLYGNYE N
12 'polypeptide(L)'
;MQLGQLRQPLRACQDQRLTRGVPLARRQLVVVSNWNPLGGKGGGNSKDKEDAARRALEQSLGQKKFGADASKKTPAAKPA
EPSKPAGEDASKNPLQNLFGGGGPKPPAGGGGGGGGDGGGGFFSGGNAEQPGGEEPIQDELLKLLRGGWVLLSNLALFLV
FSSFLHRSLNWFVQTELLVAVGAPQQAGERVVGKFFEAIEWVERNILGWKLPGDEEAEDATSKVYEVLQNYTPAEAAYSF
AQLKYKDLTHKERELFHKAYALRHFERRDGRPGDVDAAELQAVKDRLDPLEADRRAYAAAKAAGRLDEYWAAPGREATYQ
RIVGAPRIA
;
O
13 'polypeptide(L)'
;MSEPGAGPSDGQVVTRKIRLHKVMRPLDESSPSSQEQHMDRRLAEILPAIADLPVPGPSGAGGSPADARAVEMRRLRGTQ
QELAQMEAMELATLFDMSKPHPLDNAAPATPWKGELRPVPRKIVLSPYQYEMINYQRMLMRKNIWYYRDRMNVPRGPCPL
HVVKEAWVSGIVDENTLFWGHGLYDWLPAKNIKLLLPMVRTPEVRFATWIKRTFSLKPSLNRIREQRKEHRDPQEASLQV
ELMR
;
Q
14 'polypeptide(L)'
;MASKKGTDAPAALTDPLKEDPTVIRDEAQFPEPSLYFKVFE(SEP)EAGEPEAKIRADVNKLYDRWIEKYGRRWPEDGIN
(TPO)EDMVWLAEEANKRKRAKPRPRGTVAAEKTEYEDEFMPDPTVGAPVSAADAAKAARRAKKDRKKKKAAGGAEQPAG
PRTNYEKTVAGGKWV(TPO)DEFE(SEP)ADYEAGNLEKLWDMYLWDREGKPTMMPDTPAAQQEGEE(SEP)EDFDDFYT
AYRPRDVD(SEP)EEAREAVWA(TPO)DEFE(SEP)DEDN(TPO)E(SEP)EWAPEYVGAGLGLVAEDPLNPQYSLRHSN
HPLAPFPGEPLKWASYVYPDFTTFEGLSKQSIPHGMGVMTFGTGTGAGFAMSQTRYGDKYEGEFQAGYAHGLGQFTSEAS
GEVYIGEFFAGQRHGCGMTLDMKPYFYLLERGVDPVEAYRRTAGAIMKNVEVRTWYRGNKLGDAKEDEVVEINVLKDELD
DPFEIALRNSLHDAKLRKWKAMSPQDKAMDRIVSIIERVQRRNPGRFGAYYREDEKGRVRPVLD(SEP)DGAD(TPO)DF
D(SEP)VDMIQGVD(TPO)DGDLGPGWEGATD(SEP)EENPMDPRIRELMAAEGMDDKLEDEGFKDTVLGSAIINPYTGL
DMKTYLDGKERHQAELVSVYKASREGRKYLNKVRKDKGGAAKDDESSYVEDDAASGHPGALLSREAEDDRLARLYEQAGV
SKEDERRVEGLAARWRRLLAADEEEVLGGAVGAFRRPGNPLAAND(SEP)D(TPO)GFE(TPO)E(SEP)DMMEMCDIPE
ILGTVQEARQIVERARMWRFKPYGEVGLRMAQDANGSPVSLMQEPLHYPHGTKFMAPGPLGLCHAVPDDPSLRQEMAKVA
HNYAAIYRMYNFDWDPEPGTVQYKIDQRIRRAQELRNNAMARYLAAADEVLRDGAAPAGEGDQALLLASTSTGAPEAFDG
QGNASGSGSSSALSSRGGSMFASMTLSRPAPMAGVVSLGRAARVVLGAFADAAKSVPMARPRLARPSGRRQ
;
T
15 'polypeptide(L)'
;MSALLSQASGFSGLALGSSASSKRLCKPLCRRPAVCVQAAHRPASAVSSGVPSTGFGPVSPLQRRPTLPTRKLVVASSQS
GGRAEDAEKQDWKFGRNEGPMTWPWKLMCAILYMLPWVDVTEKTVYFVERFPAFVWTEYFSEPFEHWYNIHEYAPLFIFF
ATYLGIVRNKKIPHVARYHVMMGVMLDIVAMILIVTEENLPTGVLWTPWSDLFYALMFWFIFLLVIYCLFFCFLGWYCEI
PLISEGVYLQIEQAEQLGQNGDLGGSGGRMVSKGEELFTGVVPILVELDGDVNGHKFSVSGEGEGDATYGKLTLKLICTT
GKLPVPWPTLVTTLGYGLQCFARYPDHMKQHDFFKSAMPEGYVQERTIFFKDDGNYKTRAEVKFEGDTLVNRIELKGIDF
KEDGNILGHKLEYNYNSHNVYITADKQKNGIKANFKIRHNIEDGGVQLADHYQQNTPIGDGPVLLPDNHYLSYQSALSKD
PNEKRDHMVLLEFVTAAGITLGMDELYKDYKDDDDKDYKDDDDKDYKDDDDK
;
W
#
# COMPACT_ATOMS: atom_id res chain seq x y z
N SER A 8 -23.70 -40.38 31.48
CA SER A 8 -22.40 -40.72 32.03
C SER A 8 -21.88 -39.61 32.92
N LEU A 9 -20.63 -39.73 33.37
CA LEU A 9 -20.04 -38.73 34.24
C LEU A 9 -19.76 -37.42 33.50
N VAL A 10 -19.28 -37.54 32.26
CA VAL A 10 -18.95 -36.37 31.44
C VAL A 10 -20.22 -35.60 31.08
N THR A 11 -21.31 -36.32 30.82
CA THR A 11 -22.58 -35.68 30.51
C THR A 11 -23.14 -34.92 31.71
N SER A 12 -22.97 -35.46 32.92
CA SER A 12 -23.40 -34.76 34.13
C SER A 12 -22.56 -33.50 34.37
N VAL A 13 -21.26 -33.57 34.09
CA VAL A 13 -20.40 -32.39 34.19
C VAL A 13 -20.83 -31.31 33.19
N LYS A 14 -21.15 -31.72 31.95
CA LYS A 14 -21.63 -30.79 30.94
C LYS A 14 -22.93 -30.11 31.35
N ASP A 15 -23.85 -30.89 31.93
CA ASP A 15 -25.12 -30.33 32.39
C ASP A 15 -24.92 -29.33 33.54
N TYR A 16 -23.98 -29.62 34.45
CA TYR A 16 -23.62 -28.68 35.51
C TYR A 16 -23.05 -27.37 34.94
N VAL A 17 -22.16 -27.48 33.96
CA VAL A 17 -21.57 -26.29 33.34
C VAL A 17 -22.63 -25.46 32.62
N GLU A 18 -23.58 -26.13 31.98
CA GLU A 18 -24.71 -25.44 31.35
C GLU A 18 -25.55 -24.68 32.36
N ILE A 19 -25.79 -25.28 33.53
CA ILE A 19 -26.55 -24.62 34.60
C ILE A 19 -25.83 -23.37 35.11
N THR A 20 -24.52 -23.48 35.34
CA THR A 20 -23.77 -22.32 35.84
C THR A 20 -23.66 -21.22 34.79
N HIS A 21 -23.62 -21.58 33.51
CA HIS A 21 -23.66 -20.55 32.47
C HIS A 21 -25.02 -19.88 32.41
N LYS A 22 -26.09 -20.63 32.68
CA LYS A 22 -27.43 -20.03 32.75
C LYS A 22 -27.56 -19.08 33.93
N LEU A 23 -26.88 -19.36 35.05
CA LEU A 23 -27.05 -18.54 36.25
C LEU A 23 -26.27 -17.23 36.24
N ILE A 24 -25.64 -16.86 35.12
CA ILE A 24 -24.90 -15.60 35.04
C ILE A 24 -25.86 -14.41 35.11
N GLU A 25 -27.00 -14.50 34.42
CA GLU A 25 -27.96 -13.40 34.41
C GLU A 25 -28.79 -13.27 35.68
N ILE A 26 -28.72 -14.22 36.60
CA ILE A 26 -29.51 -14.15 37.83
C ILE A 26 -28.62 -13.99 39.07
N GLU A 27 -27.80 -15.00 39.37
CA GLU A 27 -26.95 -15.00 40.56
C GLU A 27 -25.60 -15.61 40.21
N PRO A 28 -24.64 -14.78 39.80
CA PRO A 28 -23.35 -15.31 39.33
C PRO A 28 -22.53 -15.95 40.44
N LEU A 29 -21.86 -17.03 40.08
CA LEU A 29 -20.99 -17.76 40.98
C LEU A 29 -19.60 -17.12 41.01
N LYS A 30 -18.82 -17.48 42.02
CA LYS A 30 -17.43 -17.04 42.06
C LYS A 30 -16.60 -17.74 40.99
N ASN A 31 -16.75 -19.06 40.87
CA ASN A 31 -16.01 -19.85 39.91
C ASN A 31 -16.72 -21.18 39.70
N TYR A 32 -16.14 -22.02 38.84
CA TYR A 32 -16.75 -23.31 38.50
C TYR A 32 -16.75 -24.26 39.70
N THR A 33 -15.67 -24.26 40.48
CA THR A 33 -15.51 -25.19 41.59
C THR A 33 -15.84 -24.56 42.94
N GLU A 34 -16.84 -23.69 42.99
CA GLU A 34 -17.32 -23.18 44.26
C GLU A 34 -18.03 -24.29 45.04
N PHE A 35 -17.75 -24.36 46.34
CA PHE A 35 -18.04 -25.58 47.10
C PHE A 35 -19.53 -25.79 47.31
N GLY A 36 -20.28 -24.71 47.57
CA GLY A 36 -21.71 -24.86 47.80
C GLY A 36 -22.47 -25.33 46.59
N ALA A 37 -22.13 -24.78 45.42
CA ALA A 37 -22.80 -25.18 44.18
C ALA A 37 -22.43 -26.61 43.78
N VAL A 38 -21.16 -26.98 43.94
CA VAL A 38 -20.71 -28.34 43.63
C VAL A 38 -21.35 -29.36 44.55
N PHE A 39 -21.45 -29.03 45.85
CA PHE A 39 -22.08 -29.91 46.81
C PHE A 39 -23.58 -30.05 46.54
N THR A 40 -24.26 -28.94 46.20
CA THR A 40 -25.68 -28.97 45.88
C THR A 40 -25.96 -29.84 44.65
N TYR A 41 -25.15 -29.67 43.60
CA TYR A 41 -25.34 -30.45 42.39
C TYR A 41 -25.01 -31.92 42.61
N PHE A 42 -24.01 -32.20 43.44
CA PHE A 42 -23.64 -33.59 43.74
C PHE A 42 -24.76 -34.31 44.47
N ILE A 43 -25.37 -33.66 45.47
CA ILE A 43 -26.48 -34.25 46.20
C ILE A 43 -27.69 -34.46 45.27
N PHE A 44 -28.00 -33.46 44.45
CA PHE A 44 -29.15 -33.58 43.53
C PHE A 44 -28.94 -34.69 42.51
N SER A 45 -27.72 -34.79 41.96
CA SER A 45 -27.46 -35.78 40.93
C SER A 45 -27.41 -37.19 41.49
N ILE A 46 -26.83 -37.37 42.68
CA ILE A 46 -26.82 -38.72 43.25
C ILE A 46 -28.20 -39.12 43.75
N GLY A 47 -29.04 -38.16 44.14
CA GLY A 47 -30.41 -38.48 44.49
C GLY A 47 -31.22 -38.93 43.29
N GLU A 48 -31.06 -38.24 42.15
CA GLU A 48 -31.76 -38.68 40.96
C GLU A 48 -31.19 -39.97 40.38
N PHE A 49 -29.90 -40.23 40.57
CA PHE A 49 -29.31 -41.50 40.16
C PHE A 49 -29.88 -42.66 40.96
N PHE A 50 -30.05 -42.49 42.28
CA PHE A 50 -30.65 -43.55 43.08
C PHE A 50 -32.14 -43.72 42.81
N LYS A 51 -32.84 -42.62 42.52
CA LYS A 51 -34.25 -42.70 42.14
C LYS A 51 -34.42 -43.45 40.82
N ASN A 52 -33.54 -43.21 39.85
CA ASN A 52 -33.61 -43.95 38.59
C ASN A 52 -33.06 -45.36 38.69
N PHE A 53 -32.18 -45.64 39.66
CA PHE A 53 -31.67 -47.00 39.86
C PHE A 53 -32.66 -47.89 40.58
N PHE A 54 -33.47 -47.33 41.48
CA PHE A 54 -34.57 -48.10 42.04
C PHE A 54 -35.63 -48.39 40.98
N SER A 55 -35.83 -47.45 40.06
CA SER A 55 -36.57 -47.75 38.85
C SER A 55 -35.70 -48.56 37.89
N PHE A 56 -36.27 -48.94 36.77
CA PHE A 56 -35.53 -49.67 35.75
C PHE A 56 -35.32 -48.74 34.57
N SER A 57 -34.14 -48.11 34.51
CA SER A 57 -33.88 -47.10 33.50
C SER A 57 -33.69 -47.71 32.11
N PHE A 58 -33.47 -49.02 32.04
CA PHE A 58 -33.41 -49.72 30.76
C PHE A 58 -34.79 -50.18 30.30
N LEU A 59 -35.84 -49.87 31.05
CA LEU A 59 -37.18 -50.36 30.76
C LEU A 59 -38.11 -49.31 30.20
N ASN A 60 -38.02 -48.06 30.69
CA ASN A 60 -38.94 -47.01 30.25
C ASN A 60 -38.32 -46.01 29.29
N ASN A 61 -37.02 -46.11 29.02
CA ASN A 61 -36.37 -45.17 28.11
C ASN A 61 -36.66 -45.55 26.66
N ILE A 62 -36.38 -44.60 25.77
CA ILE A 62 -36.62 -44.78 24.35
C ILE A 62 -35.34 -45.28 23.70
N TRP A 63 -35.41 -46.44 23.05
CA TRP A 63 -34.28 -47.00 22.36
C TRP A 63 -34.44 -47.03 20.85
N SER A 64 -35.63 -46.73 20.33
CA SER A 64 -35.94 -46.96 18.93
C SER A 64 -36.61 -45.73 18.30
N ILE A 65 -36.36 -45.56 17.01
CA ILE A 65 -36.94 -44.48 16.22
C ILE A 65 -37.52 -45.03 14.93
N PRO A 66 -38.57 -44.43 14.38
CA PRO A 66 -39.01 -44.80 13.02
C PRO A 66 -38.22 -44.06 11.95
N ILE A 67 -38.03 -44.74 10.82
CA ILE A 67 -37.30 -44.18 9.69
C ILE A 67 -38.29 -43.83 8.59
N ILE A 68 -38.27 -42.58 8.16
CA ILE A 68 -39.19 -42.04 7.15
C ILE A 68 -38.35 -41.51 6.00
N ILE A 69 -38.66 -41.93 4.79
CA ILE A 69 -37.87 -41.53 3.62
C ILE A 69 -38.33 -40.17 3.12
N PRO A 70 -37.42 -39.21 2.90
CA PRO A 70 -37.83 -37.94 2.31
C PRO A 70 -38.31 -38.10 0.88
N ASP A 71 -39.32 -37.32 0.52
CA ASP A 71 -39.69 -37.24 -0.88
C ASP A 71 -38.66 -36.41 -1.65
N ILE A 72 -38.81 -36.39 -2.97
CA ILE A 72 -37.78 -35.85 -3.86
C ILE A 72 -37.62 -34.33 -3.66
N ALA A 73 -38.71 -33.63 -3.33
CA ALA A 73 -38.65 -32.19 -3.07
C ALA A 73 -37.78 -31.84 -1.87
N SER A 74 -37.67 -32.73 -0.89
CA SER A 74 -36.87 -32.48 0.29
C SER A 74 -35.51 -33.16 0.28
N ALA A 75 -35.15 -33.84 -0.80
CA ALA A 75 -33.91 -34.59 -0.85
C ALA A 75 -32.78 -33.75 -1.43
N MET A 76 -31.66 -34.39 -1.72
CA MET A 76 -30.53 -33.71 -2.36
C MET A 76 -30.85 -33.46 -3.83
N ILE A 77 -31.34 -32.25 -4.10
CA ILE A 77 -31.92 -31.92 -5.40
C ILE A 77 -30.83 -31.87 -6.49
N SER A 78 -29.64 -31.40 -6.14
CA SER A 78 -28.56 -31.30 -7.12
C SER A 78 -27.96 -32.65 -7.50
N GLU A 79 -28.28 -33.71 -6.78
CA GLU A 79 -27.82 -35.05 -7.13
C GLU A 79 -28.78 -35.78 -8.07
N VAL A 80 -29.98 -35.26 -8.28
CA VAL A 80 -30.99 -35.91 -9.11
C VAL A 80 -30.81 -35.42 -10.54
N SER A 81 -30.46 -36.33 -11.44
CA SER A 81 -30.28 -36.01 -12.84
C SER A 81 -31.14 -36.93 -13.70
N VAL A 82 -31.52 -36.43 -14.87
CA VAL A 82 -32.35 -37.16 -15.81
C VAL A 82 -31.48 -37.59 -16.98
N LEU A 83 -31.52 -38.88 -17.30
CA LEU A 83 -30.56 -39.50 -18.22
C LEU A 83 -31.26 -39.83 -19.53
N ASP A 84 -31.06 -38.95 -20.53
CA ASP A 84 -31.64 -39.07 -21.89
C ASP A 84 -33.17 -39.08 -21.87
N GLY A 85 -33.78 -38.37 -20.94
CA GLY A 85 -35.19 -38.49 -20.71
C GLY A 85 -35.55 -39.76 -19.95
N TYR A 86 -36.83 -39.85 -19.57
CA TYR A 86 -37.58 -40.97 -18.91
C TYR A 86 -36.89 -41.75 -17.77
N PHE A 87 -35.66 -41.42 -17.37
CA PHE A 87 -34.93 -42.10 -16.31
C PHE A 87 -34.40 -41.06 -15.34
N HIS A 88 -34.28 -41.44 -14.08
CA HIS A 88 -33.55 -40.62 -13.10
C HIS A 88 -32.88 -41.53 -12.08
N ASN A 89 -31.87 -40.98 -11.42
CA ASN A 89 -30.99 -41.73 -10.54
C ASN A 89 -31.37 -41.61 -9.06
N ALA A 90 -32.65 -41.45 -8.75
CA ALA A 90 -33.12 -41.48 -7.37
C ALA A 90 -33.77 -42.84 -7.15
N PHE A 91 -32.96 -43.81 -6.73
CA PHE A 91 -33.37 -45.20 -6.77
C PHE A 91 -34.25 -45.57 -5.59
N THR A 92 -35.12 -46.55 -5.82
CA THR A 92 -36.18 -46.97 -4.91
C THR A 92 -36.58 -48.38 -5.30
N PHE A 93 -36.37 -49.35 -4.40
CA PHE A 93 -36.83 -50.70 -4.72
C PHE A 93 -37.23 -51.44 -3.45
N LEU A 94 -38.22 -52.32 -3.61
CA LEU A 94 -38.71 -53.16 -2.53
C LEU A 94 -37.74 -54.31 -2.26
N GLU A 95 -37.75 -54.78 -1.01
CA GLU A 95 -36.85 -55.86 -0.62
C GLU A 95 -37.31 -57.21 -1.14
N THR A 96 -38.56 -57.33 -1.56
CA THR A 96 -39.10 -58.59 -2.02
C THR A 96 -38.60 -58.92 -3.42
N PRO A 104 -42.61 -74.30 -3.20
CA PRO A 104 -43.64 -74.90 -2.34
C PRO A 104 -43.13 -75.19 -0.93
N SER A 105 -43.26 -76.43 -0.50
CA SER A 105 -42.79 -76.87 0.80
C SER A 105 -41.36 -77.42 0.74
N LEU A 106 -40.71 -77.35 -0.42
CA LEU A 106 -39.33 -77.79 -0.54
C LEU A 106 -38.39 -76.87 0.23
N VAL A 107 -38.73 -75.58 0.32
CA VAL A 107 -37.87 -74.60 0.99
C VAL A 107 -37.81 -74.85 2.49
N ILE A 108 -38.89 -75.40 3.08
CA ILE A 108 -38.89 -75.72 4.51
C ILE A 108 -37.89 -76.82 4.82
N PHE A 109 -37.92 -77.89 4.01
CA PHE A 109 -36.97 -78.99 4.17
C PHE A 109 -35.55 -78.53 3.86
N GLU A 110 -35.38 -77.64 2.88
CA GLU A 110 -34.07 -77.11 2.55
C GLU A 110 -33.48 -76.30 3.71
N LYS A 111 -34.31 -75.46 4.34
CA LYS A 111 -33.86 -74.70 5.51
C LYS A 111 -33.56 -75.60 6.70
N PHE A 112 -34.31 -76.71 6.84
CA PHE A 112 -34.02 -77.69 7.88
C PHE A 112 -32.63 -78.33 7.68
N VAL A 113 -32.31 -78.72 6.45
CA VAL A 113 -31.02 -79.35 6.17
C VAL A 113 -29.87 -78.35 6.34
N ILE A 114 -30.07 -77.10 5.90
CA ILE A 114 -29.06 -76.06 6.06
C ILE A 114 -28.83 -75.77 7.54
N GLY A 115 -29.90 -75.83 8.35
CA GLY A 115 -29.74 -75.69 9.79
C GLY A 115 -28.92 -76.81 10.41
N ILE A 116 -29.11 -78.05 9.94
CA ILE A 116 -28.32 -79.17 10.46
C ILE A 116 -26.84 -79.00 10.12
N ILE A 117 -26.54 -78.59 8.89
CA ILE A 117 -25.13 -78.41 8.48
C ILE A 117 -24.49 -77.23 9.22
N ASN A 118 -25.22 -76.13 9.41
CA ASN A 118 -24.66 -75.00 10.13
C ASN A 118 -24.48 -75.30 11.62
N SER A 119 -25.36 -76.14 12.18
CA SER A 119 -25.14 -76.62 13.54
C SER A 119 -23.90 -77.47 13.64
N LEU A 120 -23.58 -78.24 12.60
CA LEU A 120 -22.30 -78.94 12.56
C LEU A 120 -21.13 -77.96 12.56
N PHE A 121 -21.29 -76.83 11.88
CA PHE A 121 -20.26 -75.79 11.94
C PHE A 121 -20.12 -75.16 13.33
N LEU A 122 -21.19 -75.14 14.12
CA LEU A 122 -21.15 -74.49 15.44
C LEU A 122 -20.20 -75.18 16.42
N ILE A 123 -20.15 -76.52 16.41
CA ILE A 123 -19.63 -77.25 17.57
C ILE A 123 -18.18 -77.68 17.31
N LEU A 124 -17.48 -76.93 16.47
CA LEU A 124 -16.05 -77.20 16.30
C LEU A 124 -15.27 -76.71 17.52
N PRO A 125 -14.36 -77.51 18.07
CA PRO A 125 -13.67 -77.15 19.34
C PRO A 125 -12.53 -76.13 19.19
N THR A 126 -12.90 -74.86 19.03
CA THR A 126 -11.93 -73.81 18.80
C THR A 126 -11.93 -72.70 19.84
N SER A 127 -12.88 -72.67 20.76
CA SER A 127 -13.07 -71.54 21.66
C SER A 127 -12.79 -71.93 23.11
N THR A 128 -13.11 -70.99 24.01
CA THR A 128 -12.87 -71.17 25.44
C THR A 128 -13.78 -72.24 26.04
N SER A 129 -15.05 -72.25 25.64
CA SER A 129 -16.04 -73.13 26.28
C SER A 129 -15.80 -74.59 25.93
N HIS A 130 -15.32 -74.86 24.71
CA HIS A 130 -15.01 -76.23 24.31
C HIS A 130 -13.86 -76.80 25.10
N LEU A 131 -12.88 -75.96 25.44
CA LEU A 131 -11.76 -76.38 26.28
C LEU A 131 -12.21 -76.77 27.68
N ILE A 132 -13.15 -76.00 28.25
CA ILE A 132 -13.71 -76.31 29.56
C ILE A 132 -14.50 -77.61 29.51
N THR A 133 -15.27 -77.82 28.44
CA THR A 133 -16.02 -79.07 28.26
C THR A 133 -15.09 -80.27 28.15
N LEU A 134 -13.99 -80.13 27.41
CA LEU A 134 -13.03 -81.21 27.27
C LEU A 134 -12.34 -81.52 28.61
N ARG A 135 -12.02 -80.48 29.38
CA ARG A 135 -11.44 -80.68 30.70
C ARG A 135 -12.40 -81.39 31.64
N ARG A 136 -13.69 -81.09 31.54
CA ARG A 136 -14.67 -81.80 32.36
C ARG A 136 -14.87 -83.23 31.90
N PHE A 137 -14.68 -83.48 30.61
CA PHE A 137 -14.75 -84.86 30.12
C PHE A 137 -13.56 -85.68 30.57
N VAL A 138 -12.37 -85.08 30.69
CA VAL A 138 -11.17 -85.84 31.02
C VAL A 138 -10.99 -85.96 32.53
N MET A 139 -10.87 -84.81 33.21
CA MET A 139 -10.61 -84.84 34.65
C MET A 139 -11.80 -85.30 35.46
N GLN A 140 -13.02 -85.04 35.00
CA GLN A 140 -14.21 -85.51 35.69
C GLN A 140 -14.97 -86.46 34.77
N GLY A 141 -16.16 -86.87 35.21
CA GLY A 141 -16.88 -87.94 34.55
C GLY A 141 -17.63 -87.52 33.30
N LEU A 142 -18.43 -88.46 32.80
CA LEU A 142 -19.22 -88.24 31.60
C LEU A 142 -20.34 -87.23 31.83
N GLU A 143 -20.96 -87.25 32.99
CA GLU A 143 -22.08 -86.36 33.27
C GLU A 143 -21.64 -84.91 33.36
N ALA A 144 -20.44 -84.66 33.89
CA ALA A 144 -19.92 -83.30 33.97
C ALA A 144 -19.71 -82.70 32.59
N GLY A 145 -19.11 -83.48 31.68
CA GLY A 145 -18.97 -83.04 30.31
C GLY A 145 -20.29 -82.90 29.59
N TYR A 146 -21.26 -83.75 29.92
CA TYR A 146 -22.60 -83.63 29.33
C TYR A 146 -23.28 -82.34 29.75
N MET A 147 -23.22 -81.97 31.03
CA MET A 147 -23.83 -80.72 31.46
C MET A 147 -23.09 -79.50 30.92
N ALA A 148 -21.77 -79.57 30.78
CA ALA A 148 -21.03 -78.46 30.18
C ALA A 148 -21.42 -78.27 28.70
N GLY A 149 -21.53 -79.37 27.96
CA GLY A 149 -21.94 -79.29 26.57
C GLY A 149 -23.36 -78.81 26.40
N LEU A 150 -24.24 -79.23 27.31
CA LEU A 150 -25.62 -78.75 27.32
C LEU A 150 -25.69 -77.26 27.64
N GLY A 151 -24.80 -76.77 28.50
CA GLY A 151 -24.75 -75.34 28.78
C GLY A 151 -24.36 -74.51 27.56
N THR A 152 -23.32 -74.94 26.85
CA THR A 152 -22.92 -74.23 25.63
C THR A 152 -24.02 -74.30 24.57
N LEU A 153 -24.68 -75.46 24.45
CA LEU A 153 -25.78 -75.62 23.50
C LEU A 153 -26.93 -74.66 23.80
N ALA A 154 -27.34 -74.58 25.06
CA ALA A 154 -28.47 -73.73 25.42
C ALA A 154 -28.15 -72.25 25.26
N GLY A 155 -26.95 -71.82 25.67
CA GLY A 155 -26.58 -70.42 25.52
C GLY A 155 -26.41 -70.00 24.07
N ASN A 156 -25.78 -70.85 23.26
CA ASN A 156 -25.65 -70.57 21.84
C ASN A 156 -27.01 -70.54 21.15
N PHE A 157 -27.92 -71.43 21.54
CA PHE A 157 -29.25 -71.42 20.93
C PHE A 157 -30.03 -70.18 21.29
N LEU A 158 -29.94 -69.72 22.54
CA LEU A 158 -30.66 -68.50 22.94
C LEU A 158 -30.13 -67.28 22.20
N TRP A 159 -28.81 -67.15 22.11
CA TRP A 159 -28.21 -66.01 21.40
C TRP A 159 -28.53 -66.05 19.90
N LEU A 160 -28.46 -67.24 19.30
CA LEU A 160 -28.73 -67.37 17.87
C LEU A 160 -30.19 -67.12 17.54
N ALA A 161 -31.12 -67.63 18.36
CA ALA A 161 -32.53 -67.39 18.14
C ALA A 161 -32.91 -65.94 18.36
N SER A 162 -32.26 -65.27 19.30
CA SER A 162 -32.48 -63.83 19.49
C SER A 162 -32.00 -63.03 18.28
N ILE A 163 -30.90 -63.44 17.65
CA ILE A 163 -30.47 -62.72 16.45
C ILE A 163 -31.39 -63.02 15.26
N ILE A 164 -31.77 -64.30 15.06
CA ILE A 164 -32.57 -64.68 13.89
C ILE A 164 -33.97 -64.10 13.96
N LEU A 165 -34.64 -64.21 15.10
CA LEU A 165 -36.03 -63.74 15.15
C LEU A 165 -36.14 -62.24 15.32
N GLY A 166 -35.04 -61.54 15.61
CA GLY A 166 -35.05 -60.10 15.69
C GLY A 166 -35.59 -59.54 16.99
N TRP A 167 -35.11 -60.05 18.13
CA TRP A 167 -35.52 -59.58 19.44
C TRP A 167 -34.52 -58.51 19.89
N ARG A 168 -34.79 -57.27 19.46
CA ARG A 168 -33.84 -56.19 19.70
C ARG A 168 -33.86 -55.69 21.13
N PHE A 169 -34.97 -55.89 21.85
CA PHE A 169 -35.11 -55.45 23.24
C PHE A 169 -34.11 -56.16 24.15
N PHE A 170 -33.72 -57.37 23.82
CA PHE A 170 -32.63 -58.00 24.54
C PHE A 170 -31.28 -57.67 23.93
N VAL A 171 -31.16 -57.80 22.61
CA VAL A 171 -29.85 -57.87 21.96
C VAL A 171 -29.12 -56.53 22.02
N ILE A 172 -29.82 -55.45 21.69
CA ILE A 172 -29.15 -54.16 21.58
C ILE A 172 -28.83 -53.51 22.94
N PRO A 173 -29.71 -53.51 23.97
CA PRO A 173 -29.23 -53.09 25.29
C PRO A 173 -28.12 -53.93 25.89
N TRP A 174 -28.09 -55.24 25.61
CA TRP A 174 -27.03 -56.09 26.12
C TRP A 174 -25.71 -55.81 25.40
N LEU A 175 -25.77 -55.54 24.10
CA LEU A 175 -24.56 -55.18 23.37
C LEU A 175 -24.06 -53.78 23.72
N SER A 176 -24.93 -52.91 24.23
CA SER A 176 -24.48 -51.57 24.61
C SER A 176 -23.61 -51.57 25.87
N LEU A 177 -23.67 -52.60 26.71
CA LEU A 177 -22.85 -52.68 27.92
C LEU A 177 -21.63 -53.56 27.66
N ASP A 178 -20.66 -53.01 26.92
CA ASP A 178 -19.56 -53.82 26.40
C ASP A 178 -18.49 -54.10 27.44
N ILE A 179 -18.08 -53.08 28.20
CA ILE A 179 -17.03 -53.23 29.20
C ILE A 179 -17.52 -54.11 30.35
N PHE A 180 -18.81 -54.04 30.67
CA PHE A 180 -19.39 -54.93 31.66
C PHE A 180 -19.35 -56.38 31.21
N ARG A 181 -19.59 -56.63 29.92
CA ARG A 181 -19.51 -57.97 29.36
C ARG A 181 -18.08 -58.51 29.44
N TYR A 182 -17.09 -57.64 29.18
CA TYR A 182 -15.70 -58.06 29.27
C TYR A 182 -15.32 -58.42 30.70
N LEU A 183 -15.78 -57.61 31.67
CA LEU A 183 -15.49 -57.87 33.07
C LEU A 183 -16.18 -59.12 33.58
N LEU A 184 -17.39 -59.39 33.09
CA LEU A 184 -18.11 -60.61 33.47
C LEU A 184 -17.38 -61.85 32.99
N GLY A 185 -16.86 -61.81 31.76
CA GLY A 185 -16.04 -62.92 31.27
C GLY A 185 -14.77 -63.13 32.09
N PHE A 186 -14.13 -62.02 32.49
CA PHE A 186 -12.92 -62.12 33.31
C PHE A 186 -13.21 -62.72 34.68
N VAL A 187 -14.29 -62.29 35.32
CA VAL A 187 -14.62 -62.78 36.67
C VAL A 187 -14.96 -64.27 36.63
N LEU A 188 -15.74 -64.69 35.63
CA LEU A 188 -16.08 -66.11 35.49
C LEU A 188 -14.85 -66.98 35.25
N LEU A 189 -13.93 -66.52 34.38
CA LEU A 189 -12.76 -67.34 34.08
C LEU A 189 -11.79 -67.40 35.26
N VAL A 190 -11.63 -66.30 36.00
CA VAL A 190 -10.71 -66.28 37.14
C VAL A 190 -11.24 -67.15 38.28
N LYS A 191 -12.55 -67.11 38.53
CA LYS A 191 -13.14 -67.99 39.53
C LYS A 191 -13.01 -69.46 39.14
N TYR A 192 -13.21 -69.78 37.86
CA TYR A 192 -13.04 -71.15 37.39
C TYR A 192 -11.59 -71.61 37.51
N ILE A 193 -10.63 -70.74 37.21
CA ILE A 193 -9.22 -71.10 37.32
C ILE A 193 -8.83 -71.37 38.77
N TRP A 194 -9.35 -70.56 39.70
CA TRP A 194 -9.06 -70.81 41.12
C TRP A 194 -9.70 -72.09 41.61
N ASP A 195 -10.91 -72.41 41.14
CA ASP A 195 -11.53 -73.68 41.51
C ASP A 195 -10.76 -74.87 40.92
N SER A 196 -10.29 -74.74 39.67
CA SER A 196 -9.62 -75.83 38.99
C SER A 196 -8.19 -76.04 39.48
N SER A 197 -7.58 -75.03 40.10
CA SER A 197 -6.23 -75.18 40.60
C SER A 197 -6.16 -75.91 41.95
N LYS A 198 -7.29 -76.17 42.60
CA LYS A 198 -7.31 -76.80 43.91
C LYS A 198 -7.55 -78.31 43.85
N GLU A 199 -7.78 -78.86 42.65
CA GLU A 199 -8.01 -80.27 42.32
C GLU A 199 -8.99 -80.98 43.26
N ARG A 200 -10.04 -80.27 43.67
CA ARG A 200 -11.05 -80.82 44.54
C ARG A 200 -11.86 -81.91 43.84
N ARG A 201 -12.33 -82.88 44.62
CA ARG A 201 -12.94 -84.08 44.05
C ARG A 201 -14.03 -84.58 44.98
N MET A 202 -15.28 -84.30 44.65
CA MET A 202 -16.43 -84.99 45.19
C MET A 202 -16.86 -86.03 44.16
N ALA A 203 -18.07 -86.58 44.34
CA ALA A 203 -18.61 -87.49 43.30
C ALA A 203 -19.31 -86.64 42.25
N LEU A 204 -20.61 -86.34 42.45
CA LEU A 204 -21.44 -85.52 41.53
C LEU A 204 -22.79 -85.25 42.20
N GLU A 205 -23.16 -83.98 42.43
CA GLU A 205 -24.48 -83.78 43.01
C GLU A 205 -25.23 -82.78 42.14
N ASP A 206 -26.53 -82.61 42.45
CA ASP A 206 -27.42 -81.85 41.57
C ASP A 206 -27.05 -80.37 41.52
N LEU A 207 -26.70 -79.79 42.68
CA LEU A 207 -26.26 -78.39 42.71
C LEU A 207 -24.93 -78.23 41.99
N SER A 208 -24.00 -79.17 42.18
CA SER A 208 -22.75 -79.14 41.43
C SER A 208 -22.96 -79.46 39.94
N LYS A 209 -24.05 -80.16 39.60
CA LYS A 209 -24.41 -80.30 38.19
C LYS A 209 -24.89 -78.96 37.62
N TRP A 210 -25.64 -78.20 38.39
CA TRP A 210 -26.16 -76.94 37.87
C TRP A 210 -25.10 -75.85 37.80
N LYS A 211 -24.06 -75.93 38.63
CA LYS A 211 -22.95 -74.97 38.60
C LYS A 211 -22.26 -74.95 37.23
N ILE A 212 -21.94 -76.13 36.70
CA ILE A 212 -21.13 -76.20 35.49
C ILE A 212 -21.97 -75.86 34.25
N PHE A 213 -23.26 -76.20 34.29
CA PHE A 213 -24.21 -75.77 33.26
C PHE A 213 -24.30 -74.25 33.24
N LEU A 214 -24.39 -73.63 34.41
CA LEU A 214 -24.50 -72.17 34.47
C LEU A 214 -23.23 -71.49 33.99
N LEU A 215 -22.06 -72.08 34.28
CA LEU A 215 -20.82 -71.50 33.82
C LEU A 215 -20.71 -71.49 32.29
N ASN A 216 -21.03 -72.63 31.66
CA ASN A 216 -20.91 -72.65 30.20
C ASN A 216 -22.02 -71.86 29.52
N PHE A 217 -23.20 -71.82 30.12
CA PHE A 217 -24.30 -70.99 29.62
C PHE A 217 -23.94 -69.51 29.67
N LEU A 218 -23.33 -69.05 30.77
CA LEU A 218 -23.00 -67.64 30.87
C LEU A 218 -21.80 -67.29 30.01
N LEU A 219 -20.86 -68.23 29.81
CA LEU A 219 -19.76 -67.97 28.88
C LEU A 219 -20.22 -67.90 27.44
N ALA A 220 -21.34 -68.54 27.09
CA ALA A 220 -21.86 -68.40 25.73
C ALA A 220 -22.36 -66.99 25.42
N LEU A 221 -22.70 -66.19 26.42
CA LEU A 221 -23.24 -64.85 26.21
C LEU A 221 -22.16 -63.77 26.13
N THR A 222 -20.90 -64.08 26.40
CA THR A 222 -19.82 -63.12 26.37
C THR A 222 -19.01 -63.27 25.08
N GLU A 223 -17.89 -62.56 25.00
CA GLU A 223 -16.98 -62.62 23.86
C GLU A 223 -15.73 -63.39 24.28
N GLN A 224 -15.44 -64.49 23.59
CA GLN A 224 -14.36 -65.38 23.97
C GLN A 224 -13.40 -65.58 22.81
N SER A 225 -12.20 -66.07 23.14
CA SER A 225 -11.13 -66.21 22.17
C SER A 225 -11.33 -67.44 21.29
N CYS A 226 -10.74 -67.39 20.08
CA CYS A 226 -10.87 -68.44 19.08
C CYS A 226 -9.50 -68.73 18.49
N ILE A 227 -9.35 -69.93 17.93
CA ILE A 227 -8.08 -70.35 17.36
C ILE A 227 -8.16 -70.55 15.84
N TYR A 228 -9.31 -70.91 15.29
CA TYR A 228 -9.45 -71.09 13.85
C TYR A 228 -10.69 -70.33 13.38
N PRO A 229 -10.62 -68.99 13.35
CA PRO A 229 -11.86 -68.21 13.24
C PRO A 229 -12.47 -68.19 11.85
N PHE A 230 -11.65 -68.33 10.81
CA PHE A 230 -12.18 -68.30 9.45
C PHE A 230 -12.84 -69.62 9.08
N ILE A 231 -12.33 -70.74 9.58
CA ILE A 231 -13.00 -72.02 9.40
C ILE A 231 -14.26 -72.09 10.24
N SER A 232 -14.19 -71.60 11.49
CA SER A 232 -15.32 -71.72 12.41
C SER A 232 -16.50 -70.84 12.04
N ASN A 233 -16.26 -69.75 11.30
CA ASN A 233 -17.34 -68.88 10.87
C ASN A 233 -17.85 -69.21 9.47
N LEU A 234 -17.40 -70.31 8.89
CA LEU A 234 -17.93 -70.75 7.60
C LEU A 234 -19.39 -71.17 7.73
N SER A 235 -20.13 -71.00 6.65
CA SER A 235 -21.53 -71.40 6.61
C SER A 235 -21.85 -71.95 5.23
N PHE A 236 -22.83 -72.85 5.19
CA PHE A 236 -23.32 -73.38 3.93
C PHE A 236 -24.37 -72.42 3.40
N GLY A 237 -24.15 -71.90 2.20
CA GLY A 237 -25.03 -70.90 1.65
C GLY A 237 -24.31 -69.57 1.45
N PRO A 238 -24.98 -68.64 0.78
CA PRO A 238 -24.34 -67.35 0.41
C PRO A 238 -24.46 -66.30 1.51
N ASP A 239 -23.66 -66.49 2.56
CA ASP A 239 -23.68 -65.60 3.72
C ASP A 239 -22.29 -65.53 4.31
N ALA A 240 -22.06 -64.50 5.11
CA ALA A 240 -20.83 -64.40 5.86
C ALA A 240 -20.88 -65.11 7.21
N SER A 241 -22.07 -65.54 7.64
CA SER A 241 -22.22 -66.22 8.92
C SER A 241 -23.51 -67.01 8.89
N ILE A 242 -23.80 -67.66 10.02
CA ILE A 242 -25.00 -68.49 10.16
C ILE A 242 -26.17 -67.69 10.75
N LEU A 243 -26.04 -66.37 10.86
CA LEU A 243 -27.01 -65.55 11.58
C LEU A 243 -27.86 -64.67 10.67
N GLU A 244 -27.77 -64.83 9.37
CA GLU A 244 -28.51 -63.97 8.46
C GLU A 244 -29.81 -64.64 8.03
N GLY A 245 -30.84 -63.82 7.85
CA GLY A 245 -32.16 -64.32 7.52
C GLY A 245 -32.31 -64.64 6.05
N PHE A 246 -33.54 -65.02 5.70
CA PHE A 246 -33.89 -65.47 4.38
C PHE A 246 -35.00 -64.60 3.81
N PRO A 247 -35.06 -64.41 2.49
CA PRO A 247 -36.15 -63.63 1.91
C PRO A 247 -37.47 -64.41 1.93
N VAL A 248 -38.52 -63.76 2.43
CA VAL A 248 -39.85 -64.34 2.52
C VAL A 248 -40.87 -63.33 2.03
N ASP A 249 -42.09 -63.81 1.76
CA ASP A 249 -43.10 -62.96 1.15
C ASP A 249 -44.19 -62.49 2.11
N ASN A 250 -44.52 -63.25 3.17
CA ASN A 250 -45.47 -62.77 4.15
C ASN A 250 -45.11 -63.31 5.53
N TYR A 251 -45.93 -62.94 6.51
CA TYR A 251 -45.64 -63.23 7.92
C TYR A 251 -45.62 -64.72 8.28
N PRO A 252 -46.58 -65.58 7.90
CA PRO A 252 -46.44 -67.00 8.24
C PRO A 252 -45.30 -67.69 7.53
N GLN A 253 -44.93 -67.25 6.32
CA GLN A 253 -43.75 -67.81 5.67
C GLN A 253 -42.48 -67.45 6.42
N PHE A 254 -42.41 -66.22 6.96
CA PHE A 254 -41.31 -65.82 7.83
C PHE A 254 -41.20 -66.74 9.03
N LEU A 255 -42.33 -66.96 9.71
CA LEU A 255 -42.34 -67.76 10.94
C LEU A 255 -41.97 -69.21 10.67
N LEU A 256 -42.57 -69.84 9.65
CA LEU A 256 -42.24 -71.23 9.34
C LEU A 256 -40.80 -71.42 8.84
N ILE A 257 -40.31 -70.53 7.96
CA ILE A 257 -38.96 -70.71 7.42
C ILE A 257 -37.90 -70.57 8.51
N HIS A 258 -38.03 -69.53 9.35
CA HIS A 258 -37.02 -69.34 10.38
C HIS A 258 -37.17 -70.33 11.53
N GLY A 259 -38.40 -70.80 11.81
CA GLY A 259 -38.58 -71.86 12.77
C GLY A 259 -37.99 -73.18 12.32
N ALA A 260 -38.10 -73.50 11.02
CA ALA A 260 -37.51 -74.71 10.48
C ALA A 260 -35.98 -74.65 10.54
N TYR A 261 -35.40 -73.48 10.24
CA TYR A 261 -33.95 -73.32 10.35
C TYR A 261 -33.47 -73.47 11.80
N LEU A 262 -34.22 -72.91 12.75
CA LEU A 262 -33.85 -73.04 14.16
C LEU A 262 -33.98 -74.47 14.65
N LEU A 263 -35.02 -75.19 14.20
CA LEU A 263 -35.18 -76.60 14.59
C LEU A 263 -34.07 -77.46 13.99
N GLY A 264 -33.62 -77.14 12.77
CA GLY A 264 -32.48 -77.84 12.21
C GLY A 264 -31.21 -77.65 12.99
N ILE A 265 -30.95 -76.40 13.45
CA ILE A 265 -29.81 -76.11 14.32
C ILE A 265 -29.89 -76.93 15.61
N LEU A 266 -31.07 -76.96 16.22
CA LEU A 266 -31.27 -77.67 17.48
C LEU A 266 -31.07 -79.17 17.33
N PHE A 267 -31.62 -79.76 16.27
CA PHE A 267 -31.51 -81.20 16.03
C PHE A 267 -30.07 -81.62 15.77
N GLY A 268 -29.34 -80.84 14.96
CA GLY A 268 -27.96 -81.17 14.71
C GLY A 268 -27.07 -81.03 15.94
N SER A 269 -27.33 -80.01 16.76
CA SER A 269 -26.56 -79.82 17.98
C SER A 269 -26.78 -80.96 18.98
N PHE A 270 -28.04 -81.40 19.16
CA PHE A 270 -28.29 -82.53 20.06
C PHE A 270 -27.70 -83.83 19.53
N SER A 271 -27.74 -84.03 18.21
CA SER A 271 -27.13 -85.23 17.64
C SER A 271 -25.62 -85.25 17.85
N LEU A 272 -24.96 -84.10 17.69
CA LEU A 272 -23.52 -84.04 17.93
C LEU A 272 -23.17 -84.21 19.40
N LEU A 273 -24.03 -83.74 20.30
CA LEU A 273 -23.80 -83.97 21.72
C LEU A 273 -23.92 -85.44 22.08
N GLN A 274 -24.90 -86.14 21.50
CA GLN A 274 -25.03 -87.58 21.71
C GLN A 274 -23.83 -88.34 21.15
N PHE A 275 -23.32 -87.92 19.98
CA PHE A 275 -22.13 -88.56 19.43
C PHE A 275 -20.89 -88.31 20.28
N THR A 276 -20.78 -87.12 20.87
CA THR A 276 -19.65 -86.83 21.76
C THR A 276 -19.70 -87.68 23.02
N CYS A 277 -20.90 -87.85 23.60
CA CYS A 277 -21.06 -88.71 24.77
C CYS A 277 -20.73 -90.16 24.44
N TRP A 278 -21.20 -90.64 23.27
CA TRP A 278 -20.92 -92.01 22.84
C TRP A 278 -19.43 -92.22 22.60
N PHE A 279 -18.74 -91.23 22.05
CA PHE A 279 -17.29 -91.34 21.88
C PHE A 279 -16.57 -91.35 23.21
N TRP A 280 -17.04 -90.55 24.16
CA TRP A 280 -16.32 -90.49 25.43
C TRP A 280 -16.67 -91.64 26.36
N GLU A 281 -17.64 -92.49 26.03
CA GLU A 281 -17.87 -93.67 26.89
C GLU A 281 -16.86 -94.78 26.59
N ASN A 282 -17.04 -95.47 25.47
CA ASN A 282 -16.14 -96.56 25.09
C ASN A 282 -14.92 -96.39 24.14
N PRO A 283 -14.94 -95.63 23.03
CA PRO A 283 -13.68 -95.48 22.25
C PRO A 283 -12.53 -94.77 22.96
N ALA A 284 -12.78 -93.99 24.01
CA ALA A 284 -11.71 -93.21 24.64
C ALA A 284 -10.70 -94.10 25.35
N PHE A 285 -11.17 -95.23 25.91
CA PHE A 285 -10.29 -96.10 26.69
C PHE A 285 -9.31 -96.84 25.79
N SER A 286 -9.65 -97.06 24.52
CA SER A 286 -8.72 -97.70 23.59
C SER A 286 -7.49 -96.81 23.36
N ILE A 287 -7.70 -95.53 23.10
CA ILE A 287 -6.60 -94.58 22.95
C ILE A 287 -5.86 -94.40 24.28
N TYR A 288 -6.61 -94.44 25.40
CA TYR A 288 -5.99 -94.27 26.71
C TYR A 288 -5.02 -95.41 27.04
N LEU A 289 -5.43 -96.66 26.80
CA LEU A 289 -4.50 -97.77 27.02
C LEU A 289 -3.43 -97.86 25.94
N TRP A 290 -3.70 -97.37 24.72
CA TRP A 290 -2.65 -97.30 23.70
C TRP A 290 -1.56 -96.32 24.10
N ILE A 291 -1.93 -95.21 24.74
CA ILE A 291 -0.94 -94.26 25.22
C ILE A 291 -0.23 -94.81 26.46
N THR A 292 -0.99 -95.33 27.42
CA THR A 292 -0.43 -95.64 28.73
C THR A 292 0.21 -97.02 28.83
N THR A 293 0.04 -97.89 27.83
CA THR A 293 0.68 -99.21 27.88
C THR A 293 1.47 -99.57 26.61
N LYS A 294 1.06 -99.12 25.43
CA LYS A 294 1.71 -99.51 24.20
C LYS A 294 2.78 -98.54 23.73
N SER A 295 2.75 -97.30 24.21
CA SER A 295 3.79 -96.33 23.87
C SER A 295 5.10 -96.71 24.53
N SER A 296 6.20 -96.44 23.83
CA SER A 296 7.53 -96.74 24.33
C SER A 296 7.98 -95.79 25.43
N LEU A 297 7.27 -94.68 25.63
CA LEU A 297 7.61 -93.75 26.69
C LEU A 297 7.21 -94.30 28.05
N LYS A 298 7.93 -93.88 29.09
CA LYS A 298 7.84 -94.44 30.43
C LYS A 298 7.37 -93.35 31.39
N ILE A 299 6.07 -93.28 31.63
CA ILE A 299 5.45 -92.29 32.50
C ILE A 299 4.46 -92.99 33.42
N SER A 300 4.36 -92.50 34.66
CA SER A 300 3.39 -93.01 35.61
C SER A 300 1.97 -92.56 35.23
N THR A 301 0.99 -93.08 35.97
CA THR A 301 -0.40 -92.65 35.83
C THR A 301 -0.77 -91.52 36.79
N SER A 302 0.11 -91.16 37.71
CA SER A 302 -0.14 -90.05 38.63
C SER A 302 0.66 -88.80 38.28
N SER A 303 1.58 -88.89 37.33
CA SER A 303 2.28 -87.73 36.81
C SER A 303 1.83 -87.34 35.42
N TYR A 304 1.21 -88.25 34.68
CA TYR A 304 0.55 -87.90 33.44
C TYR A 304 -0.67 -87.02 33.69
N TYR A 305 -1.41 -87.31 34.76
CA TYR A 305 -2.56 -86.49 35.10
C TYR A 305 -2.14 -85.12 35.63
N LYS A 306 -0.97 -85.04 36.27
CA LYS A 306 -0.46 -83.77 36.76
C LYS A 306 -0.14 -82.82 35.61
N ILE A 307 0.54 -83.32 34.57
CA ILE A 307 0.88 -82.46 33.44
C ILE A 307 -0.34 -82.20 32.58
N LEU A 308 -1.32 -83.12 32.57
CA LEU A 308 -2.59 -82.86 31.90
C LEU A 308 -3.35 -81.71 32.56
N ASN A 309 -3.39 -81.71 33.89
CA ASN A 309 -4.02 -80.63 34.64
C ASN A 309 -3.32 -79.30 34.41
N PHE A 310 -1.98 -79.32 34.37
CA PHE A 310 -1.23 -78.10 34.11
C PHE A 310 -1.48 -77.57 32.69
N THR A 311 -1.58 -78.47 31.71
CA THR A 311 -1.84 -78.04 30.34
C THR A 311 -3.22 -77.41 30.19
N PHE A 312 -4.23 -77.98 30.86
CA PHE A 312 -5.56 -77.38 30.84
C PHE A 312 -5.58 -76.02 31.51
N LEU A 313 -4.87 -75.89 32.64
CA LEU A 313 -4.78 -74.61 33.35
C LEU A 313 -4.11 -73.54 32.49
N TYR A 314 -3.02 -73.92 31.81
CA TYR A 314 -2.30 -72.98 30.95
C TYR A 314 -3.16 -72.52 29.77
N ALA A 315 -3.90 -73.44 29.16
CA ALA A 315 -4.76 -73.07 28.03
C ALA A 315 -5.90 -72.15 28.44
N THR A 316 -6.54 -72.41 29.60
CA THR A 316 -7.63 -71.52 29.99
C THR A 316 -7.11 -70.17 30.50
N MET A 317 -5.90 -70.13 31.06
CA MET A 317 -5.31 -68.86 31.45
C MET A 317 -4.97 -68.02 30.22
N LEU A 318 -4.49 -68.66 29.15
CA LEU A 318 -4.27 -67.96 27.90
C LEU A 318 -5.57 -67.44 27.30
N CYS A 319 -6.67 -68.20 27.45
CA CYS A 319 -7.96 -67.69 26.98
C CYS A 319 -8.43 -66.50 27.79
N ALA A 320 -8.10 -66.45 29.08
CA ALA A 320 -8.48 -65.29 29.90
C ALA A 320 -7.62 -64.06 29.64
N ILE A 321 -6.35 -64.23 29.24
CA ILE A 321 -5.42 -63.11 29.17
C ILE A 321 -5.40 -62.38 27.81
N ALA A 322 -5.75 -63.07 26.72
CA ALA A 322 -5.35 -62.69 25.36
C ALA A 322 -5.87 -61.33 24.89
N SER A 323 -6.98 -60.83 25.43
CA SER A 323 -7.52 -59.55 24.96
C SER A 323 -6.90 -58.33 25.63
N ILE A 324 -5.97 -58.51 26.56
CA ILE A 324 -5.36 -57.39 27.27
C ILE A 324 -4.44 -56.56 26.38
N PRO A 325 -3.54 -57.11 25.55
CA PRO A 325 -2.84 -56.23 24.59
C PRO A 325 -3.69 -55.78 23.42
N TYR A 326 -4.89 -56.32 23.26
CA TYR A 326 -5.70 -56.01 22.09
C TYR A 326 -6.27 -54.59 22.12
N TYR A 327 -6.64 -54.10 23.30
CA TYR A 327 -7.28 -52.81 23.44
C TYR A 327 -6.39 -51.87 24.25
N GLY A 328 -6.47 -50.58 23.93
CA GLY A 328 -5.80 -49.59 24.74
C GLY A 328 -6.62 -49.22 25.95
N LEU A 329 -6.01 -48.42 26.83
CA LEU A 329 -6.74 -47.96 28.00
C LEU A 329 -7.75 -46.88 27.70
N ASP A 330 -7.65 -46.21 26.55
CA ASP A 330 -8.68 -45.25 26.17
C ASP A 330 -10.04 -45.92 26.00
N TYR A 331 -10.09 -47.03 25.25
CA TYR A 331 -11.35 -47.71 25.00
C TYR A 331 -11.88 -48.41 26.25
N THR A 332 -11.01 -48.95 27.08
CA THR A 332 -11.48 -49.68 28.26
C THR A 332 -11.74 -48.80 29.47
N ILE A 333 -11.18 -47.58 29.52
CA ILE A 333 -11.33 -46.74 30.69
C ILE A 333 -12.10 -45.46 30.38
N THR A 334 -11.65 -44.69 29.39
CA THR A 334 -12.25 -43.37 29.19
C THR A 334 -13.56 -43.44 28.43
N ASN A 335 -13.77 -44.48 27.64
CA ASN A 335 -15.06 -44.70 26.99
C ASN A 335 -16.21 -44.94 27.99
N PRO A 336 -16.10 -45.77 29.04
CA PRO A 336 -17.18 -45.80 30.04
C PRO A 336 -17.32 -44.53 30.87
N ILE A 337 -16.28 -43.71 31.02
CA ILE A 337 -16.42 -42.44 31.72
C ILE A 337 -17.33 -41.50 30.92
N GLY A 338 -17.20 -41.50 29.61
CA GLY A 338 -18.06 -40.72 28.75
C GLY A 338 -17.31 -39.92 27.70
N LEU A 339 -16.04 -40.24 27.51
CA LEU A 339 -15.21 -39.52 26.57
C LEU A 339 -15.31 -40.13 25.18
N VAL A 340 -14.93 -39.33 24.19
CA VAL A 340 -14.85 -39.72 22.79
C VAL A 340 -13.37 -39.83 22.46
N PRO A 341 -12.96 -40.49 21.36
CA PRO A 341 -11.54 -40.49 21.01
C PRO A 341 -11.03 -39.08 20.68
N GLN A 342 -9.83 -38.78 21.20
CA GLN A 342 -9.19 -37.46 21.10
C GLN A 342 -10.08 -36.36 21.65
N ASP A 343 -10.61 -36.59 22.86
CA ASP A 343 -11.52 -35.65 23.50
C ASP A 343 -10.81 -34.36 23.85
N ARG A 344 -11.58 -33.28 23.90
CA ARG A 344 -11.02 -31.96 24.10
C ARG A 344 -10.48 -31.77 25.52
N ILE A 345 -11.02 -32.50 26.50
CA ILE A 345 -10.55 -32.32 27.87
C ILE A 345 -9.26 -33.07 28.16
N LEU A 346 -8.81 -33.95 27.27
CA LEU A 346 -7.50 -34.54 27.42
C LEU A 346 -6.39 -33.58 27.06
N ASN A 347 -6.70 -32.53 26.30
CA ASN A 347 -5.72 -31.54 25.90
C ASN A 347 -5.93 -30.19 26.58
N GLN A 348 -6.91 -30.06 27.46
CA GLN A 348 -7.20 -28.78 28.08
C GLN A 348 -6.13 -28.44 29.11
N LYS A 349 -5.53 -27.27 28.96
CA LYS A 349 -4.54 -26.76 29.90
C LYS A 349 -5.23 -25.95 30.97
N LYS A 350 -4.59 -25.90 32.14
CA LYS A 350 -5.11 -25.09 33.24
C LYS A 350 -4.44 -23.73 33.22
N SER A 351 -5.24 -22.66 33.35
CA SER A 351 -4.76 -21.32 33.68
C SER A 351 -3.76 -20.76 32.67
N GLN A 352 -4.33 -20.44 31.48
CA GLN A 352 -3.72 -19.90 30.23
C GLN A 352 -2.19 -19.86 30.28
N SER A 353 -1.65 -19.02 31.16
CA SER A 353 -0.21 -18.83 31.31
C SER A 353 0.53 -20.12 31.70
N ASP A 354 -0.17 -21.16 32.15
CA ASP A 354 0.44 -22.45 32.48
C ASP A 354 0.14 -23.46 31.40
N PRO A 355 1.14 -24.02 30.70
CA PRO A 355 0.87 -24.92 29.58
C PRO A 355 0.75 -26.39 29.96
N ASP A 356 0.56 -26.70 31.24
CA ASP A 356 0.42 -28.08 31.67
C ASP A 356 -1.05 -28.51 31.65
N LYS A 357 -1.27 -29.80 31.47
CA LYS A 357 -2.61 -30.33 31.32
C LYS A 357 -3.37 -30.31 32.65
N LEU A 358 -4.67 -30.01 32.56
CA LEU A 358 -5.52 -29.96 33.75
C LEU A 358 -5.68 -31.33 34.40
N ILE A 359 -5.82 -32.37 33.59
CA ILE A 359 -6.06 -33.72 34.07
C ILE A 359 -4.77 -34.51 33.86
N THR A 360 -4.02 -34.72 34.95
CA THR A 360 -2.77 -35.47 34.84
C THR A 360 -2.99 -36.98 34.85
N GLU A 361 -4.19 -37.43 35.17
CA GLU A 361 -4.49 -38.85 35.24
C GLU A 361 -4.60 -39.49 33.85
N THR A 362 -4.81 -38.68 32.80
CA THR A 362 -4.87 -39.20 31.43
C THR A 362 -3.88 -38.50 30.51
N ALA A 363 -2.82 -37.90 31.06
CA ALA A 363 -1.89 -37.13 30.25
C ALA A 363 -0.99 -37.99 29.37
N PHE A 364 -0.98 -39.31 29.59
CA PHE A 364 -0.21 -40.21 28.74
C PHE A 364 -0.87 -40.49 27.39
N LEU A 365 -2.17 -40.24 27.26
CA LEU A 365 -2.90 -40.55 26.04
C LEU A 365 -2.63 -39.52 24.95
N ASN A 366 -2.38 -40.01 23.74
CA ASN A 366 -2.23 -39.21 22.51
C ASN A 366 -1.09 -38.22 22.60
N LEU A 367 0.12 -38.74 22.79
CA LEU A 367 1.32 -37.93 22.88
C LEU A 367 2.13 -38.05 21.59
N ASN A 368 2.59 -36.93 21.09
CA ASN A 368 3.43 -36.92 19.90
C ASN A 368 4.89 -37.12 20.27
N PRO A 369 5.71 -37.62 19.34
CA PRO A 369 7.15 -37.73 19.62
C PRO A 369 7.86 -36.40 19.85
N THR A 370 7.28 -35.30 19.39
CA THR A 370 7.84 -33.98 19.62
C THR A 370 7.31 -33.28 20.86
N ASP A 371 6.46 -33.96 21.63
CA ASP A 371 6.06 -33.41 22.92
C ASP A 371 7.23 -33.45 23.88
N LYS A 372 7.27 -32.49 24.80
CA LYS A 372 8.38 -32.39 25.74
C LYS A 372 8.25 -33.46 26.82
N ASN A 373 9.40 -33.89 27.33
CA ASN A 373 9.40 -34.83 28.44
C ASN A 373 9.54 -34.05 29.74
N SER A 374 8.75 -34.45 30.74
CA SER A 374 8.69 -33.73 32.00
C SER A 374 9.80 -34.12 32.96
N ARG A 375 10.59 -35.14 32.64
CA ARG A 375 11.65 -35.61 33.51
C ARG A 375 12.90 -34.75 33.42
N ILE A 376 12.93 -33.75 32.53
CA ILE A 376 14.12 -32.94 32.32
C ILE A 376 14.01 -31.61 33.08
N ARG A 377 12.91 -31.39 33.80
CA ARG A 377 12.77 -30.24 34.69
C ARG A 377 13.85 -30.23 35.76
N ASP A 378 14.36 -29.04 36.06
CA ASP A 378 15.47 -28.91 36.99
C ASP A 378 15.03 -29.23 38.41
N GLY A 379 15.88 -29.94 39.13
CA GLY A 379 15.55 -30.42 40.46
C GLY A 379 14.95 -31.80 40.51
N VAL A 380 14.63 -32.40 39.36
CA VAL A 380 14.02 -33.72 39.33
C VAL A 380 15.12 -34.78 39.24
N HIS A 381 15.11 -35.72 40.17
CA HIS A 381 16.07 -36.82 40.21
C HIS A 381 15.46 -38.09 39.60
N ALA A 382 15.08 -38.01 38.34
CA ALA A 382 14.36 -39.12 37.70
C ALA A 382 15.35 -40.19 37.24
N ARG A 383 14.85 -41.11 36.42
CA ARG A 383 15.65 -42.21 35.91
C ARG A 383 16.73 -41.71 34.96
N ARG A 384 17.72 -42.54 34.73
CA ARG A 384 18.64 -42.31 33.63
C ARG A 384 18.10 -43.03 32.40
N GLU A 385 18.05 -42.32 31.28
CA GLU A 385 17.44 -42.79 30.05
C GLU A 385 18.47 -42.58 28.93
N ARG A 386 19.37 -43.54 28.78
CA ARG A 386 20.49 -43.39 27.88
C ARG A 386 20.10 -43.54 26.42
N TRP A 387 18.95 -44.15 26.12
CA TRP A 387 18.46 -44.24 24.74
C TRP A 387 17.98 -42.92 24.20
N LYS A 388 17.79 -41.91 25.05
CA LYS A 388 17.26 -40.62 24.67
C LYS A 388 18.27 -39.50 24.85
N GLN A 389 19.55 -39.80 25.04
CA GLN A 389 20.50 -38.77 25.47
C GLN A 389 20.83 -37.79 24.35
N ARG A 390 20.65 -38.16 23.10
CA ARG A 390 20.85 -37.24 22.00
C ARG A 390 19.57 -36.59 21.50
N LEU A 391 18.43 -36.85 22.17
CA LEU A 391 17.13 -36.25 21.83
C LEU A 391 16.39 -35.92 23.12
N ILE A 392 17.14 -35.39 24.10
CA ILE A 392 16.70 -35.36 25.50
C ILE A 392 15.52 -34.45 25.77
N LYS A 393 15.24 -33.47 24.92
CA LYS A 393 14.14 -32.54 25.18
C LYS A 393 12.77 -33.10 24.82
N TYR A 394 12.71 -34.17 24.04
CA TYR A 394 11.46 -34.70 23.54
C TYR A 394 11.21 -36.09 24.10
N GLN A 395 9.97 -36.55 23.93
CA GLN A 395 9.62 -37.94 24.18
C GLN A 395 9.90 -38.70 22.89
N ALA A 396 11.12 -39.19 22.75
CA ALA A 396 11.70 -39.46 21.43
C ALA A 396 11.38 -40.86 20.91
N PHE A 397 10.21 -41.39 21.23
CA PHE A 397 9.78 -42.68 20.71
C PHE A 397 8.39 -42.54 20.08
N ASP A 398 8.08 -43.45 19.18
CA ASP A 398 6.80 -43.48 18.50
C ASP A 398 6.04 -44.72 18.95
N ALA A 399 4.96 -44.53 19.71
CA ALA A 399 4.04 -45.60 20.04
C ALA A 399 2.65 -45.08 19.72
N SER A 400 2.30 -45.13 18.44
CA SER A 400 1.06 -44.57 17.95
C SER A 400 0.12 -45.68 17.55
N THR A 401 -1.14 -45.30 17.37
CA THR A 401 -2.23 -46.21 17.11
C THR A 401 -2.82 -45.91 15.74
N TYR A 402 -4.03 -46.41 15.54
CA TYR A 402 -4.72 -46.78 14.31
C TYR A 402 -4.44 -45.91 13.08
N ASP A 403 -4.83 -44.64 13.10
CA ASP A 403 -4.51 -43.70 12.04
C ASP A 403 -4.17 -42.34 12.61
N GLN A 404 -3.38 -42.33 13.68
CA GLN A 404 -3.13 -41.13 14.46
C GLN A 404 -1.66 -40.71 14.45
N GLY A 405 -0.84 -41.31 13.61
CA GLY A 405 0.57 -40.97 13.52
C GLY A 405 0.84 -39.59 12.97
N VAL A 406 1.73 -38.85 13.65
CA VAL A 406 2.06 -37.47 13.33
C VAL A 406 3.58 -37.33 13.36
N TYR A 407 4.17 -36.78 12.31
CA TYR A 407 5.63 -36.72 12.18
C TYR A 407 6.07 -35.33 11.76
N ASP A 408 6.88 -34.69 12.61
CA ASP A 408 7.32 -33.30 12.43
C ASP A 408 8.79 -33.27 12.85
N PHE A 409 9.70 -33.27 11.89
CA PHE A 409 11.17 -33.18 12.03
C PHE A 409 11.82 -34.33 12.81
N LEU A 410 11.03 -35.20 13.41
CA LEU A 410 11.44 -36.54 13.79
C LEU A 410 10.70 -37.47 12.85
N THR A 411 11.43 -38.03 11.89
CA THR A 411 10.81 -38.75 10.79
C THR A 411 10.38 -40.14 11.22
N ILE A 412 9.64 -40.81 10.34
CA ILE A 412 9.23 -42.20 10.59
C ILE A 412 10.44 -43.11 10.64
N GLU A 413 11.41 -42.88 9.75
CA GLU A 413 12.61 -43.72 9.68
C GLU A 413 13.50 -43.54 10.91
N ASP A 414 13.59 -42.31 11.43
CA ASP A 414 14.42 -42.08 12.61
C ASP A 414 13.78 -42.68 13.85
N LEU A 415 12.46 -42.63 13.94
CA LEU A 415 11.78 -43.19 15.10
C LEU A 415 11.77 -44.72 15.07
N ASN A 416 11.48 -45.35 13.93
CA ASN A 416 11.26 -46.78 14.01
C ASN A 416 11.80 -47.56 12.82
N TYR A 417 12.89 -47.15 12.18
CA TYR A 417 13.43 -47.96 11.09
C TYR A 417 14.94 -48.10 11.16
N GLY A 418 15.40 -49.33 11.35
CA GLY A 418 16.72 -49.75 10.91
C GLY A 418 17.88 -49.11 11.65
N PHE A 419 18.93 -48.82 10.90
CA PHE A 419 20.14 -48.30 11.50
C PHE A 419 20.01 -46.85 11.95
N ASP A 420 19.05 -46.09 11.40
CA ASP A 420 18.80 -44.73 11.90
C ASP A 420 18.29 -44.76 13.33
N ARG A 421 17.28 -45.60 13.59
CA ARG A 421 16.77 -45.80 14.93
C ARG A 421 17.83 -46.42 15.83
N PHE A 422 18.62 -47.36 15.30
CA PHE A 422 19.64 -48.02 16.10
C PHE A 422 20.79 -47.06 16.48
N TRP A 423 21.18 -46.20 15.56
CA TRP A 423 22.30 -45.29 15.78
C TRP A 423 21.91 -44.13 16.68
N LEU A 424 20.63 -43.73 16.67
CA LEU A 424 20.21 -42.69 17.60
C LEU A 424 20.23 -43.12 19.06
N ARG A 425 20.22 -44.43 19.35
CA ARG A 425 20.20 -44.94 20.71
C ARG A 425 21.54 -45.51 21.14
N ARG A 426 22.64 -44.93 20.69
CA ARG A 426 23.95 -45.53 20.92
C ARG A 426 24.48 -45.30 22.34
N LYS A 427 23.98 -44.31 23.07
CA LYS A 427 24.46 -44.09 24.43
C LYS A 427 24.02 -45.17 25.40
N MET A 428 23.09 -46.05 25.01
CA MET A 428 22.80 -47.24 25.80
C MET A 428 23.98 -48.19 25.85
N ARG A 429 24.88 -48.12 24.89
CA ARG A 429 25.88 -49.16 24.75
C ARG A 429 27.30 -48.61 24.88
N ASN A 430 27.47 -47.56 25.68
CA ASN A 430 28.78 -47.13 26.12
C ASN A 430 29.18 -47.89 27.38
N HIS A 431 30.49 -48.12 27.55
CA HIS A 431 31.03 -48.94 28.68
C HIS A 431 30.72 -48.32 30.05
N GLN A 432 30.60 -46.98 30.10
CA GLN A 432 30.30 -46.27 31.37
C GLN A 432 31.61 -45.72 31.97
N GLY A 467 46.45 -45.71 19.93
CA GLY A 467 45.17 -45.48 20.55
C GLY A 467 44.10 -45.11 19.54
N PRO A 468 43.85 -43.81 19.38
CA PRO A 468 42.93 -43.37 18.32
C PRO A 468 43.54 -43.41 16.92
N ARG A 469 44.85 -43.60 16.81
CA ARG A 469 45.49 -43.54 15.49
C ARG A 469 45.47 -44.88 14.77
N VAL A 470 45.95 -45.95 15.42
CA VAL A 470 46.14 -47.23 14.77
C VAL A 470 45.15 -48.27 15.26
N GLU A 471 44.81 -48.24 16.55
CA GLU A 471 43.99 -49.30 17.13
C GLU A 471 42.53 -49.22 16.69
N PHE A 472 42.08 -48.04 16.29
CA PHE A 472 40.71 -47.85 15.79
C PHE A 472 40.47 -48.70 14.54
N PHE A 473 41.37 -48.61 13.57
CA PHE A 473 41.20 -49.34 12.33
C PHE A 473 41.44 -50.84 12.51
N ARG A 474 42.38 -51.20 13.38
CA ARG A 474 42.63 -52.62 13.67
C ARG A 474 41.45 -53.29 14.35
N ILE A 475 40.83 -52.61 15.32
CA ILE A 475 39.68 -53.18 16.02
C ILE A 475 38.47 -53.24 15.08
N LEU A 476 38.27 -52.21 14.24
CA LEU A 476 37.18 -52.25 13.28
C LEU A 476 37.38 -53.34 12.22
N PHE A 477 38.63 -53.60 11.84
CA PHE A 477 38.90 -54.67 10.88
C PHE A 477 38.67 -56.05 11.49
N GLU A 478 39.11 -56.25 12.74
CA GLU A 478 38.97 -57.57 13.35
C GLU A 478 37.55 -57.86 13.81
N GLN A 479 36.82 -56.85 14.28
CA GLN A 479 35.53 -57.05 14.91
C GLN A 479 34.37 -57.00 13.92
N PHE A 480 34.30 -55.95 13.11
CA PHE A 480 33.17 -55.72 12.21
C PHE A 480 33.72 -55.75 10.78
N TYR A 481 33.91 -56.97 10.26
CA TYR A 481 34.43 -57.15 8.92
C TYR A 481 33.34 -56.95 7.89
N HIS A 482 33.68 -56.28 6.79
CA HIS A 482 32.78 -56.12 5.67
C HIS A 482 33.64 -55.99 4.42
N PRO A 483 33.30 -56.68 3.34
CA PRO A 483 34.15 -56.67 2.14
C PRO A 483 34.18 -55.36 1.38
N ASN A 484 33.18 -54.49 1.56
CA ASN A 484 33.19 -53.19 0.87
C ASN A 484 34.25 -52.24 1.41
N PHE A 485 34.75 -52.46 2.62
CA PHE A 485 35.85 -51.71 3.19
C PHE A 485 37.14 -52.49 3.21
N HIS A 486 37.09 -53.72 3.70
CA HIS A 486 38.29 -54.45 4.11
C HIS A 486 38.81 -55.42 3.07
N ASP A 487 38.12 -55.59 1.96
CA ASP A 487 38.53 -56.52 0.93
C ASP A 487 38.90 -55.77 -0.34
N ARG A 488 39.80 -56.34 -1.12
CA ARG A 488 40.22 -55.75 -2.39
C ARG A 488 39.14 -55.91 -3.45
N GLY A 535 13.70 -30.31 -46.02
CA GLY A 535 13.33 -28.96 -45.65
C GLY A 535 12.88 -28.83 -44.21
N LEU A 536 11.76 -28.15 -44.00
CA LEU A 536 11.18 -27.98 -42.68
C LEU A 536 9.70 -28.32 -42.74
N VAL A 537 9.15 -28.71 -41.59
CA VAL A 537 7.77 -29.18 -41.49
C VAL A 537 6.93 -28.08 -40.90
N LEU A 538 5.93 -27.60 -41.66
CA LEU A 538 5.00 -26.61 -41.17
C LEU A 538 3.59 -27.03 -41.56
N THR A 539 2.63 -26.70 -40.70
CA THR A 539 1.27 -27.24 -40.78
C THR A 539 0.49 -26.60 -41.92
N ASN A 540 -0.75 -27.09 -42.10
CA ASN A 540 -1.60 -26.61 -43.19
C ASN A 540 -2.11 -25.20 -42.94
N THR A 541 -2.37 -24.85 -41.68
CA THR A 541 -2.89 -23.51 -41.38
C THR A 541 -1.83 -22.44 -41.63
N GLN A 542 -0.57 -22.75 -41.31
CA GLN A 542 0.52 -21.83 -41.65
C GLN A 542 0.76 -21.75 -43.15
N ALA A 543 0.61 -22.88 -43.86
CA ALA A 543 0.95 -22.95 -45.28
C ALA A 543 0.04 -22.12 -46.16
N THR A 544 -1.18 -21.82 -45.71
CA THR A 544 -2.07 -20.95 -46.47
C THR A 544 -1.98 -19.50 -46.03
N LEU A 545 -1.11 -19.19 -45.07
CA LEU A 545 -0.90 -17.82 -44.64
C LEU A 545 0.24 -17.14 -45.39
N LEU A 546 1.31 -17.86 -45.64
CA LEU A 546 2.40 -17.21 -46.36
C LEU A 546 2.16 -17.34 -47.87
N PRO A 547 2.67 -16.40 -48.67
CA PRO A 547 2.61 -16.57 -50.12
C PRO A 547 3.37 -17.81 -50.59
N THR A 548 2.79 -18.49 -51.57
CA THR A 548 3.19 -19.85 -51.90
C THR A 548 4.43 -19.86 -52.78
N ASP A 549 4.72 -21.03 -53.35
CA ASP A 549 5.87 -21.36 -54.22
C ASP A 549 7.21 -20.87 -53.65
N LEU A 550 7.37 -21.03 -52.34
CA LEU A 550 8.67 -20.83 -51.72
C LEU A 550 9.38 -22.18 -51.63
N GLN A 551 10.64 -22.21 -52.08
CA GLN A 551 11.44 -23.42 -52.05
C GLN A 551 12.39 -23.38 -50.86
N THR A 552 12.47 -24.49 -50.14
CA THR A 552 13.36 -24.62 -49.00
C THR A 552 14.57 -25.44 -49.40
N LYS A 553 15.76 -24.82 -49.33
CA LYS A 553 16.98 -25.40 -49.84
C LYS A 553 17.86 -25.96 -48.72
N ARG A 554 17.30 -26.15 -47.53
CA ARG A 554 18.12 -26.48 -46.38
C ARG A 554 17.24 -27.23 -45.38
N THR A 555 17.87 -28.08 -44.57
CA THR A 555 17.17 -28.89 -43.59
C THR A 555 17.27 -28.24 -42.22
N ILE A 556 16.13 -28.00 -41.60
CA ILE A 556 16.01 -27.35 -40.31
C ILE A 556 15.79 -28.44 -39.25
N LYS A 557 16.36 -28.24 -38.07
CA LYS A 557 16.19 -29.17 -36.95
C LYS A 557 14.71 -29.31 -36.60
N PRO A 558 14.26 -30.52 -36.27
CA PRO A 558 12.83 -30.71 -35.98
C PRO A 558 12.43 -30.08 -34.65
N GLY A 559 11.20 -29.60 -34.62
CA GLY A 559 10.68 -28.89 -33.47
C GLY A 559 9.88 -27.67 -33.89
N LEU A 560 8.95 -27.26 -33.03
CA LEU A 560 8.07 -26.14 -33.35
C LEU A 560 8.77 -24.80 -33.25
N ILE A 561 9.74 -24.67 -32.32
CA ILE A 561 10.38 -23.39 -32.08
C ILE A 561 11.20 -22.94 -33.29
N TYR A 562 11.80 -23.87 -34.02
CA TYR A 562 12.60 -23.54 -35.19
C TYR A 562 11.73 -23.09 -36.35
N THR A 563 10.60 -23.78 -36.56
CA THR A 563 9.65 -23.38 -37.59
C THR A 563 9.08 -22.00 -37.34
N ASN A 564 8.68 -21.74 -36.09
CA ASN A 564 8.11 -20.43 -35.75
C ASN A 564 9.14 -19.33 -35.82
N SER A 565 10.40 -19.63 -35.44
CA SER A 565 11.47 -18.64 -35.57
C SER A 565 11.74 -18.31 -37.04
N ALA A 566 11.72 -19.31 -37.92
CA ALA A 566 11.95 -19.05 -39.34
C ALA A 566 10.83 -18.23 -39.97
N LEU A 567 9.58 -18.53 -39.61
CA LEU A 567 8.46 -17.74 -40.12
C LEU A 567 8.51 -16.30 -39.59
N ARG A 568 8.93 -16.13 -38.34
CA ARG A 568 8.98 -14.82 -37.73
C ARG A 568 10.07 -13.95 -38.38
N LYS A 569 11.23 -14.57 -38.66
CA LYS A 569 12.30 -13.88 -39.37
C LYS A 569 11.89 -13.54 -40.79
N PHE A 570 11.11 -14.41 -41.43
CA PHE A 570 10.62 -14.13 -42.78
C PHE A 570 9.69 -12.92 -42.82
N VAL A 571 8.77 -12.83 -41.86
CA VAL A 571 7.88 -11.66 -41.74
C VAL A 571 8.68 -10.38 -41.52
N ARG A 572 9.70 -10.48 -40.66
CA ARG A 572 10.59 -9.33 -40.39
C ARG A 572 11.31 -8.86 -41.65
N ASN A 573 11.89 -9.81 -42.42
CA ASN A 573 12.64 -9.46 -43.62
C ASN A 573 11.75 -8.84 -44.69
N VAL A 574 10.54 -9.37 -44.86
CA VAL A 574 9.63 -8.84 -45.88
C VAL A 574 9.19 -7.42 -45.51
N ASN A 575 8.88 -7.17 -44.23
CA ASN A 575 8.50 -5.82 -43.81
C ASN A 575 9.64 -4.83 -43.96
N THR A 576 10.87 -5.27 -43.69
CA THR A 576 12.05 -4.40 -43.87
C THR A 576 12.24 -4.05 -45.34
N ARG A 577 12.11 -5.03 -46.23
CA ARG A 577 12.26 -4.76 -47.66
C ARG A 577 11.17 -3.83 -48.17
N LEU A 578 9.94 -4.02 -47.70
CA LEU A 578 8.83 -3.15 -48.10
C LEU A 578 9.06 -1.71 -47.65
N ASN A 579 9.55 -1.51 -46.42
CA ASN A 579 9.72 -0.15 -45.93
C ASN A 579 10.92 0.54 -46.58
N LEU A 580 11.97 -0.22 -46.90
CA LEU A 580 13.08 0.33 -47.67
C LEU A 580 12.67 0.73 -49.07
N LYS A 581 11.85 -0.11 -49.73
CA LYS A 581 11.38 0.21 -51.08
C LYS A 581 10.43 1.41 -51.06
N LEU A 582 9.60 1.52 -50.02
CA LEU A 582 8.69 2.65 -49.90
C LEU A 582 9.44 3.94 -49.59
N LEU A 583 10.56 3.86 -48.90
CA LEU A 583 11.34 5.05 -48.60
C LEU A 583 12.34 5.39 -49.71
N ASN A 584 12.50 4.52 -50.70
CA ASN A 584 13.33 4.84 -51.88
C ASN A 584 12.49 5.19 -53.11
N SER A 585 11.35 5.84 -52.96
CA SER A 585 10.46 6.05 -54.10
C SER A 585 9.78 7.41 -54.01
N LYS A 586 9.27 7.86 -55.15
CA LYS A 586 8.44 9.05 -55.23
C LYS A 586 7.50 8.98 -56.44
N GLN A 597 -10.63 15.28 -41.58
CA GLN A 597 -10.33 14.20 -40.64
C GLN A 597 -10.69 14.57 -39.21
N PHE A 598 -11.74 15.35 -39.04
CA PHE A 598 -12.29 15.64 -37.72
C PHE A 598 -13.49 14.74 -37.49
N ILE A 599 -13.38 13.87 -36.50
CA ILE A 599 -14.46 12.96 -36.15
C ILE A 599 -15.33 13.63 -35.10
N TYR A 600 -16.63 13.58 -35.30
CA TYR A 600 -17.59 14.15 -34.37
C TYR A 600 -18.42 13.04 -33.77
N SER A 601 -19.12 13.35 -32.68
CA SER A 601 -19.91 12.36 -31.97
C SER A 601 -21.36 12.46 -32.42
N LYS A 602 -21.98 11.31 -32.68
CA LYS A 602 -23.38 11.29 -33.11
C LYS A 602 -24.33 11.70 -31.99
N ARG A 603 -24.10 11.13 -30.79
CA ARG A 603 -25.00 11.35 -29.67
C ARG A 603 -24.94 12.79 -29.16
N TRP A 604 -23.74 13.35 -29.03
CA TRP A 604 -23.61 14.70 -28.50
C TRP A 604 -24.11 15.74 -29.50
N LYS A 605 -23.90 15.49 -30.79
CA LYS A 605 -24.43 16.38 -31.82
C LYS A 605 -25.95 16.35 -31.85
N SER A 606 -26.54 15.16 -31.69
CA SER A 606 -28.00 15.06 -31.62
C SER A 606 -28.55 15.75 -30.37
N ILE A 607 -27.85 15.62 -29.24
CA ILE A 607 -28.29 16.25 -28.00
C ILE A 607 -28.24 17.77 -28.12
N PHE A 608 -27.12 18.31 -28.59
CA PHE A 608 -26.99 19.76 -28.67
C PHE A 608 -27.80 20.37 -29.80
N SER A 609 -28.18 19.60 -30.81
CA SER A 609 -29.13 20.11 -31.79
C SER A 609 -30.57 20.03 -31.28
N LYS A 610 -30.84 19.08 -30.38
CA LYS A 610 -32.21 18.91 -29.87
C LYS A 610 -32.66 20.09 -29.03
N ILE A 611 -31.79 20.61 -28.19
CA ILE A 611 -32.15 21.71 -27.30
C ILE A 611 -32.02 23.03 -28.06
N GLN A 612 -32.95 23.94 -27.81
CA GLN A 612 -32.85 25.21 -28.49
C GLN A 612 -32.69 26.34 -27.47
N PRO A 613 -31.77 27.26 -27.71
CA PRO A 613 -31.91 28.58 -27.10
C PRO A 613 -32.79 29.48 -27.96
N LEU A 614 -32.86 30.76 -27.62
CA LEU A 614 -33.43 31.83 -28.43
C LEU A 614 -34.96 31.79 -28.56
N GLN A 615 -35.65 30.80 -27.99
CA GLN A 615 -37.10 30.84 -28.09
C GLN A 615 -37.74 31.74 -27.05
N ASN A 616 -36.98 32.13 -26.04
CA ASN A 616 -37.42 33.11 -25.04
C ASN A 616 -36.18 33.72 -24.42
N GLY A 617 -36.38 34.78 -23.63
CA GLY A 617 -35.26 35.48 -23.04
C GLY A 617 -34.56 34.74 -21.93
N THR A 618 -35.24 33.76 -21.32
CA THR A 618 -34.67 33.05 -20.17
C THR A 618 -33.56 32.11 -20.61
N THR A 619 -33.86 31.20 -21.54
CA THR A 619 -32.85 30.29 -22.06
C THR A 619 -31.80 31.03 -22.87
N ARG A 620 -32.18 32.14 -23.51
CA ARG A 620 -31.22 32.99 -24.19
C ARG A 620 -30.21 33.58 -23.23
N LYS A 621 -30.67 34.06 -22.07
CA LYS A 621 -29.75 34.66 -21.10
C LYS A 621 -28.86 33.61 -20.44
N SER A 622 -29.41 32.41 -20.21
CA SER A 622 -28.60 31.30 -19.71
C SER A 622 -27.50 30.93 -20.70
N TYR A 623 -27.86 30.90 -21.99
CA TYR A 623 -26.89 30.63 -23.04
C TYR A 623 -25.83 31.72 -23.14
N GLN A 624 -26.23 32.99 -22.96
CA GLN A 624 -25.29 34.10 -23.01
C GLN A 624 -24.27 34.03 -21.88
N LEU A 625 -24.73 33.75 -20.66
CA LEU A 625 -23.84 33.67 -19.52
C LEU A 625 -22.84 32.53 -19.66
N PHE A 626 -23.35 31.34 -20.04
CA PHE A 626 -22.46 30.21 -20.24
C PHE A 626 -21.48 30.47 -21.37
N ARG A 627 -21.94 31.09 -22.45
CA ARG A 627 -21.10 31.33 -23.61
C ARG A 627 -19.98 32.31 -23.30
N ASN A 628 -20.26 33.33 -22.50
CA ASN A 628 -19.23 34.27 -22.07
C ASN A 628 -18.13 33.58 -21.27
N VAL A 629 -18.52 32.82 -20.23
CA VAL A 629 -17.52 32.19 -19.38
C VAL A 629 -16.75 31.11 -20.12
N ALA A 630 -17.46 30.33 -20.95
CA ALA A 630 -16.84 29.24 -21.71
C ALA A 630 -15.88 29.77 -22.76
N LYS A 631 -16.23 30.86 -23.45
CA LYS A 631 -15.27 31.51 -24.34
C LYS A 631 -14.08 32.07 -23.60
N GLN A 632 -14.23 32.45 -22.34
CA GLN A 632 -13.06 32.95 -21.61
C GLN A 632 -12.11 31.83 -21.22
N ILE A 633 -12.59 30.75 -20.61
CA ILE A 633 -11.70 29.78 -20.00
C ILE A 633 -11.67 28.43 -20.71
N LEU A 634 -12.74 28.01 -21.39
CA LEU A 634 -12.78 26.65 -21.90
C LEU A 634 -12.18 26.51 -23.30
N VAL A 635 -12.30 27.52 -24.14
CA VAL A 635 -11.88 27.43 -25.52
C VAL A 635 -10.40 27.77 -25.62
N THR A 636 -9.65 26.89 -26.25
CA THR A 636 -8.24 27.08 -26.56
C THR A 636 -8.12 27.81 -27.90
N PRO A 637 -7.03 28.58 -28.10
CA PRO A 637 -6.91 29.40 -29.32
C PRO A 637 -6.91 28.64 -30.64
N ASP A 638 -6.33 27.44 -30.72
CA ASP A 638 -6.34 26.76 -32.01
C ASP A 638 -7.69 26.15 -32.35
N ALA A 639 -8.55 25.92 -31.35
CA ALA A 639 -9.93 25.57 -31.65
C ALA A 639 -10.69 26.79 -32.16
N LYS A 640 -11.53 26.56 -33.16
CA LYS A 640 -12.13 27.67 -33.89
C LYS A 640 -13.52 28.05 -33.43
N SER A 641 -14.21 27.18 -32.70
CA SER A 641 -15.57 27.49 -32.27
C SER A 641 -15.89 26.71 -31.01
N LEU A 642 -16.72 27.31 -30.15
CA LEU A 642 -17.19 26.59 -28.97
C LEU A 642 -18.23 25.54 -29.33
N LYS A 643 -19.14 25.88 -30.26
CA LYS A 643 -20.13 24.94 -30.75
C LYS A 643 -19.48 23.78 -31.50
N LEU A 644 -18.33 23.99 -32.11
CA LEU A 644 -17.67 22.93 -32.85
C LEU A 644 -16.98 21.95 -31.92
N ILE A 645 -16.36 22.43 -30.85
CA ILE A 645 -15.65 21.53 -29.95
C ILE A 645 -16.54 20.95 -28.87
N THR A 646 -17.76 21.47 -28.68
CA THR A 646 -18.65 20.81 -27.74
C THR A 646 -19.22 19.51 -28.30
N ILE A 647 -19.15 19.29 -29.62
CA ILE A 647 -19.61 18.05 -30.25
C ILE A 647 -18.47 17.27 -30.88
N ASN A 648 -17.25 17.81 -30.85
CA ASN A 648 -16.09 17.09 -31.35
C ASN A 648 -15.80 15.89 -30.46
N GLN A 649 -15.55 14.75 -31.09
CA GLN A 649 -15.02 13.58 -30.40
C GLN A 649 -13.51 13.73 -30.38
N LYS A 650 -12.94 13.89 -29.18
CA LYS A 650 -11.54 14.30 -29.06
C LYS A 650 -10.64 13.07 -29.16
N LEU A 651 -10.39 12.65 -30.39
CA LEU A 651 -9.62 11.45 -30.66
C LEU A 651 -8.19 11.82 -31.05
N SER A 652 -7.25 10.99 -30.60
CA SER A 652 -5.86 11.11 -31.02
C SER A 652 -5.71 10.66 -32.48
N LEU A 653 -4.51 10.87 -33.03
CA LEU A 653 -4.26 10.57 -34.43
C LEU A 653 -4.23 9.07 -34.69
N LYS A 654 -3.52 8.31 -33.86
CA LYS A 654 -3.45 6.87 -34.05
C LYS A 654 -4.78 6.19 -33.77
N GLU A 655 -5.55 6.70 -32.80
CA GLU A 655 -6.86 6.12 -32.51
C GLU A 655 -7.83 6.32 -33.66
N ARG A 656 -7.81 7.49 -34.30
CA ARG A 656 -8.71 7.70 -35.42
C ARG A 656 -8.24 6.97 -36.67
N LYS A 657 -6.92 6.77 -36.84
CA LYS A 657 -6.44 5.94 -37.94
C LYS A 657 -6.84 4.48 -37.76
N LEU A 658 -6.72 3.95 -36.53
CA LEU A 658 -7.13 2.57 -36.27
C LEU A 658 -8.63 2.41 -36.37
N LEU A 659 -9.40 3.46 -36.04
CA LEU A 659 -10.84 3.37 -36.14
C LEU A 659 -11.29 3.42 -37.60
N GLU A 660 -10.60 4.21 -38.43
CA GLU A 660 -10.85 4.17 -39.87
C GLU A 660 -10.52 2.81 -40.45
N LEU A 661 -9.40 2.21 -40.02
CA LEU A 661 -9.01 0.89 -40.52
C LEU A 661 -10.02 -0.18 -40.11
N ARG A 662 -10.53 -0.12 -38.88
CA ARG A 662 -11.49 -1.12 -38.43
C ARG A 662 -12.86 -0.92 -39.09
N THR A 663 -13.23 0.33 -39.38
CA THR A 663 -14.44 0.58 -40.16
C THR A 663 -14.30 0.03 -41.57
N GLN A 664 -13.11 0.18 -42.16
CA GLN A 664 -12.85 -0.35 -43.49
C GLN A 664 -12.83 -1.88 -43.49
N TYR A 665 -12.39 -2.49 -42.39
CA TYR A 665 -12.42 -3.95 -42.29
C TYR A 665 -13.84 -4.47 -42.13
N ASN A 666 -14.63 -3.84 -41.25
CA ASN A 666 -16.00 -4.28 -41.02
C ASN A 666 -16.91 -3.98 -42.21
N ASN A 667 -16.57 -2.99 -43.03
CA ASN A 667 -17.39 -2.64 -44.18
C ASN A 667 -17.32 -3.73 -45.25
N ASN A 668 -16.12 -4.15 -45.61
CA ASN A 668 -15.95 -5.11 -46.69
C ASN A 668 -15.94 -6.55 -46.18
N THR A 678 -2.17 -7.69 -45.94
CA THR A 678 -1.44 -7.15 -47.08
C THR A 678 -0.57 -8.22 -47.72
N LEU A 679 0.62 -8.39 -47.17
CA LEU A 679 1.52 -9.46 -47.58
C LEU A 679 1.68 -10.52 -46.51
N VAL A 680 2.11 -10.11 -45.31
CA VAL A 680 2.47 -11.04 -44.26
C VAL A 680 1.74 -10.66 -42.97
N ARG A 681 0.76 -9.76 -43.08
CA ARG A 681 -0.01 -9.33 -41.91
C ARG A 681 -0.80 -10.44 -41.23
N PRO A 682 -1.58 -11.31 -41.92
CA PRO A 682 -2.23 -12.41 -41.17
C PRO A 682 -1.26 -13.40 -40.55
N LEU A 683 -0.11 -13.65 -41.18
CA LEU A 683 0.91 -14.51 -40.59
C LEU A 683 1.50 -13.86 -39.35
N ASN A 684 1.72 -12.55 -39.40
CA ASN A 684 2.21 -11.79 -38.24
C ASN A 684 1.24 -11.84 -37.07
N VAL A 685 -0.05 -11.69 -37.36
CA VAL A 685 -1.08 -11.78 -36.34
C VAL A 685 -1.13 -13.16 -35.72
N TYR A 686 -1.00 -14.21 -36.54
CA TYR A 686 -0.97 -15.59 -36.05
C TYR A 686 0.21 -15.84 -35.11
N LEU A 687 1.39 -15.34 -35.48
CA LEU A 687 2.57 -15.55 -34.64
C LEU A 687 2.47 -14.78 -33.32
N GLN A 688 1.85 -13.60 -33.35
CA GLN A 688 1.65 -12.87 -32.10
C GLN A 688 0.63 -13.56 -31.20
N LYS A 689 -0.40 -14.19 -31.79
CA LYS A 689 -1.33 -14.99 -30.99
C LYS A 689 -0.65 -16.15 -30.30
N GLU A 690 0.26 -16.85 -30.99
CA GLU A 690 0.89 -17.98 -30.29
C GLU A 690 1.90 -17.51 -29.24
N GLU A 691 2.50 -16.32 -29.40
CA GLU A 691 3.29 -15.75 -28.31
C GLU A 691 2.44 -15.44 -27.07
N ALA A 692 1.25 -14.86 -27.28
CA ALA A 692 0.35 -14.60 -26.16
C ALA A 692 -0.14 -15.88 -25.51
N PHE A 693 -0.30 -16.95 -26.30
CA PHE A 693 -0.70 -18.22 -25.71
C PHE A 693 0.41 -18.84 -24.86
N LYS A 694 1.67 -18.66 -25.25
CA LYS A 694 2.77 -19.11 -24.38
C LYS A 694 2.77 -18.38 -23.04
N ARG A 695 2.54 -17.07 -23.08
CA ARG A 695 2.42 -16.32 -21.82
C ARG A 695 1.26 -16.79 -20.97
N LYS A 696 0.14 -17.18 -21.59
CA LYS A 696 -0.95 -17.80 -20.84
C LYS A 696 -0.55 -19.14 -20.24
N LEU A 697 0.23 -19.93 -20.98
CA LEU A 697 0.62 -21.27 -20.52
C LEU A 697 1.57 -21.25 -19.34
N ARG A 698 2.23 -20.12 -19.06
CA ARG A 698 3.11 -20.08 -17.90
C ARG A 698 2.39 -20.23 -16.54
N TYR A 699 1.06 -20.12 -16.48
CA TYR A 699 0.33 -20.26 -15.23
C TYR A 699 0.33 -21.68 -14.66
N TYR A 700 0.68 -22.68 -15.46
CA TYR A 700 0.58 -24.07 -15.03
C TYR A 700 1.87 -24.61 -14.45
N GLY A 701 2.91 -23.79 -14.34
CA GLY A 701 4.19 -24.18 -13.79
C GLY A 701 4.69 -23.17 -12.79
N THR A 702 6.01 -23.12 -12.64
CA THR A 702 6.63 -22.18 -11.73
C THR A 702 6.68 -20.79 -12.36
N MET A 703 6.41 -19.77 -11.54
CA MET A 703 6.31 -18.41 -12.04
C MET A 703 6.57 -17.44 -10.90
N PRO A 704 7.03 -16.23 -11.19
CA PRO A 704 7.13 -15.20 -10.15
C PRO A 704 5.84 -14.42 -10.00
N MET A 705 5.57 -14.00 -8.76
CA MET A 705 4.40 -13.20 -8.41
C MET A 705 4.90 -11.98 -7.66
N ARG A 706 5.39 -10.99 -8.38
CA ARG A 706 6.13 -9.90 -7.76
C ARG A 706 5.32 -8.62 -7.62
N LYS A 707 4.00 -8.67 -7.83
CA LYS A 707 3.16 -7.49 -7.66
C LYS A 707 2.01 -7.84 -6.74
N LEU A 708 1.96 -7.17 -5.59
CA LEU A 708 0.92 -7.40 -4.59
C LEU A 708 -0.19 -6.39 -4.81
N THR A 709 -1.37 -6.87 -5.22
CA THR A 709 -2.47 -6.00 -5.55
C THR A 709 -3.72 -6.43 -4.78
N VAL A 710 -4.69 -5.51 -4.72
CA VAL A 710 -5.94 -5.78 -4.03
C VAL A 710 -6.75 -6.81 -4.80
N GLY A 711 -7.15 -7.86 -4.10
CA GLY A 711 -7.99 -8.89 -4.68
C GLY A 711 -7.26 -10.08 -5.28
N ASN A 712 -5.94 -10.02 -5.45
CA ASN A 712 -5.20 -11.13 -6.07
C ASN A 712 -4.75 -12.07 -4.95
N GLN A 713 -5.28 -13.28 -4.95
CA GLN A 713 -5.01 -14.26 -3.90
C GLN A 713 -3.81 -15.15 -4.21
N ALA A 714 -3.23 -15.02 -5.41
CA ALA A 714 -2.13 -15.90 -5.82
C ALA A 714 -0.85 -15.83 -4.99
N PRO A 715 -0.32 -14.66 -4.56
CA PRO A 715 0.86 -14.69 -3.68
C PRO A 715 0.63 -15.34 -2.32
N TYR A 716 -0.58 -15.27 -1.78
CA TYR A 716 -0.89 -15.97 -0.55
C TYR A 716 -0.84 -17.48 -0.74
N PHE A 717 -1.30 -17.96 -1.90
CA PHE A 717 -1.19 -19.37 -2.24
C PHE A 717 0.26 -19.79 -2.39
N LYS A 718 1.09 -18.93 -2.98
CA LYS A 718 2.51 -19.26 -3.11
C LYS A 718 3.22 -19.31 -1.76
N ALA A 719 2.88 -18.37 -0.87
CA ALA A 719 3.47 -18.36 0.47
C ALA A 719 3.05 -19.58 1.28
N LEU A 720 1.78 -19.98 1.18
CA LEU A 720 1.32 -21.16 1.90
C LEU A 720 1.85 -22.44 1.28
N MET A 721 2.14 -22.44 -0.01
CA MET A 721 2.73 -23.63 -0.62
C MET A 721 4.19 -23.77 -0.25
N LYS A 722 4.91 -22.66 -0.07
CA LYS A 722 6.32 -22.75 0.29
C LYS A 722 6.56 -22.85 1.78
N ARG A 723 5.65 -22.39 2.64
CA ARG A 723 5.91 -22.35 4.07
C ARG A 723 4.82 -22.91 4.96
N GLY A 724 3.67 -23.31 4.41
CA GLY A 724 2.59 -23.87 5.20
C GLY A 724 2.73 -25.34 5.54
N PHE A 725 3.77 -26.00 5.05
CA PHE A 725 4.02 -27.41 5.28
C PHE A 725 5.43 -27.56 5.82
N TYR A 726 5.68 -28.67 6.50
CA TYR A 726 7.04 -29.03 6.87
C TYR A 726 7.62 -29.99 5.84
N TYR A 727 8.75 -29.61 5.28
CA TYR A 727 9.55 -30.47 4.41
C TYR A 727 10.80 -30.88 5.18
N TYR A 728 11.09 -32.17 5.20
CA TYR A 728 12.27 -32.64 5.93
C TYR A 728 13.53 -32.44 5.08
N LYS A 729 14.50 -31.72 5.63
CA LYS A 729 15.82 -31.57 5.06
C LYS A 729 16.74 -31.24 6.23
N PRO A 730 17.85 -31.94 6.39
CA PRO A 730 18.73 -31.68 7.56
C PRO A 730 19.63 -30.45 7.40
N THR A 731 19.07 -29.28 7.69
CA THR A 731 19.79 -28.02 7.60
C THR A 731 20.52 -27.73 8.90
N LEU A 732 21.11 -26.54 9.02
CA LEU A 732 21.65 -26.10 10.30
C LEU A 732 20.55 -25.85 11.32
N ARG A 733 19.38 -25.40 10.86
CA ARG A 733 18.24 -25.14 11.74
C ARG A 733 17.72 -26.44 12.37
N TRP A 734 17.71 -27.52 11.61
CA TRP A 734 17.24 -28.82 12.10
C TRP A 734 18.24 -29.44 13.10
N ARG A 735 19.53 -29.32 12.80
CA ARG A 735 20.54 -29.81 13.72
C ARG A 735 20.55 -29.01 15.01
N LYS A 736 20.25 -27.71 14.91
CA LYS A 736 20.12 -26.89 16.11
C LYS A 736 18.89 -27.27 16.91
N THR A 737 17.79 -27.65 16.25
CA THR A 737 16.61 -27.99 17.04
C THR A 737 16.70 -29.38 17.67
N LEU A 738 17.51 -30.29 17.16
CA LEU A 738 17.53 -31.62 17.78
C LEU A 738 18.34 -31.67 19.06
N TYR A 739 19.65 -31.42 18.97
CA TYR A 739 20.54 -31.68 20.08
C TYR A 739 21.46 -30.49 20.29
N VAL A 740 21.52 -30.01 21.52
CA VAL A 740 22.44 -28.96 21.91
C VAL A 740 23.48 -29.55 22.85
N ALA A 741 24.57 -28.79 23.07
CA ALA A 741 25.73 -29.34 23.75
C ALA A 741 25.48 -29.60 25.23
N SER A 742 24.71 -28.72 25.89
CA SER A 742 24.41 -28.78 27.32
C SER A 742 25.70 -28.80 28.15
N LEU A 743 26.36 -27.65 28.14
CA LEU A 743 27.77 -27.47 28.45
C LEU A 743 28.20 -27.98 29.83
N ARG A 744 27.62 -27.40 30.89
CA ARG A 744 27.77 -27.81 32.33
C ARG A 744 29.20 -27.66 32.86
N ARG A 745 30.23 -27.63 32.02
CA ARG A 745 31.60 -27.41 32.53
C ARG A 745 32.30 -26.35 31.68
N GLY A 746 31.56 -25.36 31.17
CA GLY A 746 32.13 -24.37 30.27
C GLY A 746 32.07 -24.82 28.83
N PHE A 747 32.73 -24.05 27.98
CA PHE A 747 32.71 -24.32 26.54
C PHE A 747 33.56 -25.54 26.21
N ARG A 748 33.07 -26.33 25.26
CA ARG A 748 33.86 -27.47 24.78
C ARG A 748 34.96 -27.02 23.83
N LYS A 749 34.71 -25.99 23.03
CA LYS A 749 35.70 -25.47 22.10
C LYS A 749 36.58 -24.43 22.79
N LYS A 750 37.84 -24.37 22.39
CA LYS A 750 38.81 -23.41 22.99
C LYS A 750 39.63 -22.76 21.89
N SER A 751 40.35 -21.71 22.24
CA SER A 751 41.18 -20.97 21.31
C SER A 751 42.21 -21.88 20.68
N ARG A 752 42.55 -21.62 19.42
CA ARG A 752 43.30 -22.55 18.60
C ARG A 752 44.80 -22.27 18.64
N LYS A 753 45.58 -23.35 18.54
CA LYS A 753 47.03 -23.31 18.71
C LYS A 753 47.70 -23.59 17.37
N GLN A 754 48.34 -22.58 16.81
CA GLN A 754 49.03 -22.70 15.54
C GLN A 754 50.22 -23.64 15.66
N ARG A 755 50.54 -24.32 14.55
CA ARG A 755 51.67 -25.23 14.48
C ARG A 755 52.67 -24.75 13.45
N ILE A 756 53.93 -25.12 13.67
CA ILE A 756 55.03 -24.81 12.76
C ILE A 756 55.67 -26.11 12.31
N LEU A 757 56.27 -26.07 11.12
CA LEU A 757 56.90 -27.23 10.52
C LEU A 757 58.39 -27.24 10.82
N VAL A 758 58.86 -28.32 11.44
CA VAL A 758 60.29 -28.57 11.62
C VAL A 758 60.68 -29.82 10.86
N MET A 759 61.80 -29.75 10.17
CA MET A 759 62.23 -30.85 9.30
C MET A 759 63.19 -31.78 10.05
N SER A 801 51.07 -16.68 0.07
CA SER A 801 50.00 -15.70 -0.11
C SER A 801 50.09 -14.61 0.94
N LEU A 802 49.08 -13.73 0.95
CA LEU A 802 49.03 -12.67 1.94
C LEU A 802 48.67 -13.20 3.32
N ILE A 803 47.90 -14.25 3.40
CA ILE A 803 47.24 -14.68 4.62
C ILE A 803 48.02 -15.82 5.24
N THR A 804 48.21 -15.75 6.56
CA THR A 804 48.66 -16.90 7.33
C THR A 804 47.47 -17.85 7.53
N LYS A 805 47.60 -19.08 7.04
CA LYS A 805 46.55 -20.09 7.07
C LYS A 805 46.56 -20.84 8.40
N PRO A 806 45.41 -21.38 8.83
CA PRO A 806 45.38 -22.14 10.09
C PRO A 806 46.04 -23.50 9.93
N THR A 807 46.98 -23.82 10.82
CA THR A 807 47.60 -25.13 10.86
C THR A 807 47.35 -25.85 12.18
N HIS A 808 46.31 -25.46 12.93
CA HIS A 808 46.04 -26.07 14.22
C HIS A 808 45.53 -27.50 14.09
N SER A 809 44.96 -27.87 12.94
CA SER A 809 44.39 -29.19 12.76
C SER A 809 45.32 -30.15 12.03
N TYR A 810 46.62 -29.87 12.03
CA TYR A 810 47.59 -30.77 11.41
C TYR A 810 48.07 -31.80 12.43
N THR A 811 47.11 -32.51 13.01
CA THR A 811 47.36 -33.50 14.04
C THR A 811 46.24 -34.52 13.98
N VAL A 812 46.53 -35.75 14.44
CA VAL A 812 45.52 -36.79 14.46
C VAL A 812 44.72 -36.79 15.74
N LEU A 813 45.05 -35.93 16.69
CA LEU A 813 44.37 -35.85 17.97
C LEU A 813 43.40 -34.70 18.08
N GLY A 814 43.15 -33.98 16.99
CA GLY A 814 42.31 -32.79 17.03
C GLY A 814 40.84 -33.10 16.85
N LYS A 815 40.07 -32.01 16.73
CA LYS A 815 38.61 -32.11 16.61
C LYS A 815 38.19 -32.62 15.24
N ARG A 816 38.92 -32.23 14.19
CA ARG A 816 38.54 -32.60 12.83
C ARG A 816 38.82 -34.07 12.56
N ALA A 817 39.94 -34.58 13.07
CA ALA A 817 40.25 -36.00 12.95
C ALA A 817 39.24 -36.86 13.71
N SER A 818 38.76 -36.36 14.84
CA SER A 818 37.71 -37.03 15.60
C SER A 818 36.40 -37.08 14.81
N ARG A 819 36.04 -35.99 14.14
CA ARG A 819 34.81 -35.99 13.34
C ARG A 819 34.90 -36.96 12.15
N TYR A 820 36.06 -36.99 11.48
CA TYR A 820 36.25 -37.92 10.37
C TYR A 820 36.22 -39.37 10.85
N ARG A 821 36.83 -39.64 11.99
CA ARG A 821 36.89 -40.99 12.54
C ARG A 821 35.51 -41.47 12.97
N HIS A 822 34.70 -40.56 13.51
CA HIS A 822 33.32 -40.86 13.90
C HIS A 822 32.45 -41.20 12.69
N GLN A 823 32.62 -40.44 11.60
CA GLN A 823 31.89 -40.74 10.36
C GLN A 823 32.29 -42.08 9.76
N ILE A 824 33.58 -42.42 9.80
CA ILE A 824 34.07 -43.70 9.28
C ILE A 824 33.50 -44.86 10.08
N TYR A 825 33.49 -44.75 11.41
CA TYR A 825 32.89 -45.77 12.27
C TYR A 825 31.41 -45.96 11.97
N LYS A 826 30.69 -44.86 11.75
CA LYS A 826 29.26 -44.96 11.43
C LYS A 826 29.02 -45.69 10.10
N ASP A 827 29.88 -45.44 9.10
CA ASP A 827 29.75 -46.14 7.81
C ASP A 827 30.00 -47.65 7.97
N VAL A 828 31.06 -48.01 8.70
CA VAL A 828 31.41 -49.42 8.89
C VAL A 828 30.31 -50.17 9.64
N LEU A 829 29.76 -49.55 10.69
CA LEU A 829 28.71 -50.21 11.46
C LEU A 829 27.38 -50.26 10.71
N GLN A 830 27.07 -49.27 9.88
CA GLN A 830 25.87 -49.37 9.05
C GLN A 830 25.99 -50.50 8.04
N HIS A 831 27.18 -50.71 7.47
CA HIS A 831 27.34 -51.85 6.57
C HIS A 831 27.31 -53.18 7.31
N TRP A 832 27.91 -53.26 8.49
CA TRP A 832 27.92 -54.49 9.28
C TRP A 832 26.53 -54.85 9.79
N TYR A 833 25.68 -53.86 10.04
CA TYR A 833 24.32 -54.10 10.52
C TYR A 833 23.48 -54.90 9.53
N TYR A 834 23.79 -54.81 8.24
CA TYR A 834 23.01 -55.48 7.20
C TYR A 834 23.73 -56.67 6.58
N THR A 835 24.75 -57.21 7.25
CA THR A 835 25.39 -58.43 6.77
C THR A 835 24.42 -59.60 6.91
N PRO A 836 24.52 -60.61 6.02
CA PRO A 836 23.52 -61.69 6.01
C PRO A 836 23.42 -62.51 7.29
N PHE A 837 24.54 -62.77 7.97
CA PHE A 837 24.52 -63.51 9.22
C PHE A 837 23.77 -62.75 10.31
N ASN A 838 23.74 -61.43 10.24
CA ASN A 838 22.97 -60.64 11.18
C ASN A 838 21.49 -60.53 10.80
N ARG A 839 21.11 -60.91 9.59
CA ARG A 839 19.73 -60.69 9.13
C ARG A 839 18.98 -62.00 8.89
N LEU A 840 19.51 -63.12 9.39
CA LEU A 840 19.15 -64.45 8.94
C LEU A 840 17.69 -64.77 9.22
N LEU A 841 17.23 -64.46 10.44
CA LEU A 841 15.85 -64.72 10.82
C LEU A 841 14.88 -63.92 9.96
N MET A 842 15.25 -62.67 9.64
CA MET A 842 14.44 -61.87 8.73
C MET A 842 14.33 -62.54 7.38
N LYS A 843 15.45 -63.11 6.91
CA LYS A 843 15.48 -63.80 5.62
C LYS A 843 14.58 -65.03 5.63
N PHE A 844 14.37 -65.65 6.80
CA PHE A 844 13.40 -66.74 6.86
C PHE A 844 11.98 -66.20 6.69
N ASP A 845 11.64 -65.16 7.46
CA ASP A 845 10.25 -64.75 7.59
C ASP A 845 9.73 -64.18 6.28
N VAL A 846 10.53 -63.33 5.64
CA VAL A 846 10.18 -62.75 4.35
C VAL A 846 10.06 -63.85 3.28
N ASP A 847 10.90 -64.89 3.37
CA ASP A 847 10.81 -66.00 2.43
C ASP A 847 9.51 -66.77 2.59
N ALA A 848 8.96 -66.82 3.81
CA ALA A 848 7.61 -67.36 3.94
C ALA A 848 6.61 -66.40 3.31
N PHE A 849 6.74 -65.11 3.66
CA PHE A 849 5.70 -64.13 3.40
C PHE A 849 5.51 -63.89 1.90
N ILE A 850 6.61 -63.66 1.19
CA ILE A 850 6.56 -63.39 -0.24
C ILE A 850 6.17 -64.64 -1.03
N ASN A 851 6.23 -65.82 -0.43
CA ASN A 851 5.80 -67.00 -1.14
C ASN A 851 4.31 -67.27 -1.00
N ARG A 852 3.58 -66.41 -0.30
CA ARG A 852 2.12 -66.53 -0.28
C ARG A 852 1.47 -65.92 -1.51
N GLN A 853 2.20 -65.22 -2.34
CA GLN A 853 1.67 -64.59 -3.53
C GLN A 853 1.78 -65.52 -4.73
N PRO A 854 0.91 -65.35 -5.74
CA PRO A 854 1.01 -66.18 -6.95
C PRO A 854 2.32 -65.97 -7.68
N LYS A 855 2.78 -67.04 -8.35
CA LYS A 855 4.11 -67.05 -8.95
C LYS A 855 4.22 -66.10 -10.13
N SER A 856 3.13 -65.88 -10.86
CA SER A 856 3.14 -64.98 -12.01
C SER A 856 3.31 -63.51 -11.64
N HIS A 857 3.20 -63.16 -10.35
CA HIS A 857 3.37 -61.81 -9.86
C HIS A 857 4.83 -61.40 -9.73
N PHE A 858 5.78 -62.33 -9.84
CA PHE A 858 7.19 -62.00 -9.80
C PHE A 858 7.64 -61.55 -11.18
N LEU A 859 8.33 -60.42 -11.25
CA LEU A 859 8.73 -59.82 -12.52
C LEU A 859 10.22 -59.53 -12.52
N THR A 860 10.79 -59.50 -13.73
CA THR A 860 12.16 -59.12 -13.99
C THR A 860 12.25 -57.58 -14.06
N LYS A 861 13.46 -57.04 -13.89
CA LYS A 861 13.68 -55.59 -13.99
C LYS A 861 13.34 -55.06 -15.38
N ASN A 862 13.67 -55.81 -16.43
CA ASN A 862 13.26 -55.42 -17.78
C ASN A 862 11.76 -55.42 -17.93
N GLU A 863 11.06 -56.37 -17.28
CA GLU A 863 9.61 -56.43 -17.40
C GLU A 863 8.93 -55.26 -16.70
N GLU A 864 9.42 -54.85 -15.53
CA GLU A 864 8.81 -53.73 -14.83
C GLU A 864 9.13 -52.41 -15.52
N ARG A 865 10.32 -52.29 -16.13
CA ARG A 865 10.60 -51.14 -16.97
C ARG A 865 9.69 -51.07 -18.21
N ALA A 866 9.46 -52.22 -18.85
CA ALA A 866 8.59 -52.27 -20.01
C ALA A 866 7.15 -51.91 -19.66
N LEU A 867 6.67 -52.39 -18.51
CA LEU A 867 5.30 -52.08 -18.11
C LEU A 867 5.13 -50.59 -17.77
N HIS A 868 6.15 -49.99 -17.16
CA HIS A 868 6.16 -48.56 -16.91
C HIS A 868 6.10 -47.74 -18.21
N ILE A 869 6.89 -48.17 -19.20
CA ILE A 869 6.90 -47.52 -20.52
C ILE A 869 5.53 -47.63 -21.20
N ARG A 870 4.92 -48.81 -21.15
CA ARG A 870 3.61 -49.02 -21.75
C ARG A 870 2.53 -48.18 -21.09
N ARG A 871 2.64 -47.99 -19.77
CA ARG A 871 1.69 -47.13 -19.05
C ARG A 871 1.72 -45.70 -19.56
N PHE A 872 2.92 -45.12 -19.73
CA PHE A 872 2.83 -43.71 -20.14
C PHE A 872 2.56 -43.55 -21.63
N LEU A 873 2.95 -44.51 -22.49
CA LEU A 873 2.51 -44.43 -23.89
C LEU A 873 1.00 -44.64 -24.06
N LEU A 874 0.39 -45.47 -23.22
CA LEU A 874 -1.07 -45.59 -23.26
C LEU A 874 -1.75 -44.29 -22.81
N SER A 875 -1.14 -43.57 -21.87
CA SER A 875 -1.66 -42.23 -21.53
C SER A 875 -1.58 -41.26 -22.70
N GLU A 876 -0.47 -41.28 -23.45
CA GLU A 876 -0.37 -40.42 -24.64
C GLU A 876 -1.42 -40.76 -25.69
N HIS A 877 -1.66 -42.06 -25.91
CA HIS A 877 -2.68 -42.47 -26.87
C HIS A 877 -4.06 -41.99 -26.46
N TYR A 878 -4.38 -42.07 -25.16
CA TYR A 878 -5.68 -41.57 -24.71
C TYR A 878 -5.76 -40.05 -24.76
N ASP A 879 -4.63 -39.36 -24.61
CA ASP A 879 -4.61 -37.91 -24.74
C ASP A 879 -4.90 -37.47 -26.18
N THR A 880 -4.51 -38.27 -27.16
CA THR A 880 -4.90 -37.89 -28.53
C THR A 880 -6.45 -38.01 -28.83
N LEU A 881 -7.37 -38.27 -27.90
CA LEU A 881 -8.79 -38.40 -28.20
C LEU A 881 -9.63 -37.28 -27.58
N ARG A 882 -9.02 -36.17 -27.18
CA ARG A 882 -9.69 -35.09 -26.48
C ARG A 882 -10.01 -33.93 -27.43
N TRP A 883 -10.81 -32.97 -26.94
CA TRP A 883 -11.14 -31.79 -27.73
C TRP A 883 -9.99 -30.82 -27.89
N TYR A 884 -8.94 -30.93 -27.05
CA TYR A 884 -7.77 -30.06 -27.14
C TYR A 884 -7.12 -30.13 -28.51
N THR A 885 -7.17 -31.29 -29.16
CA THR A 885 -6.57 -31.48 -30.48
C THR A 885 -7.24 -30.65 -31.57
N TYR A 886 -8.42 -30.09 -31.34
CA TYR A 886 -9.04 -29.22 -32.33
C TYR A 886 -8.75 -27.75 -32.10
N MET A 887 -7.89 -27.41 -31.14
CA MET A 887 -7.48 -26.03 -30.91
C MET A 887 -6.61 -25.53 -32.05
N GLN A 888 -6.67 -24.22 -32.31
CA GLN A 888 -5.75 -23.62 -33.26
C GLN A 888 -4.33 -23.57 -32.70
N HIS A 889 -4.21 -23.38 -31.39
CA HIS A 889 -2.91 -23.34 -30.73
C HIS A 889 -2.53 -24.66 -30.08
N TYR A 890 -3.24 -25.74 -30.40
CA TYR A 890 -2.73 -27.06 -30.08
C TYR A 890 -1.44 -27.30 -30.84
N LYS A 891 -0.55 -28.09 -30.22
CA LYS A 891 0.83 -28.41 -30.52
C LYS A 891 1.80 -27.28 -30.15
N THR A 892 1.30 -26.09 -29.80
CA THR A 892 2.04 -25.18 -28.94
C THR A 892 1.81 -25.55 -27.48
N MET A 893 0.57 -25.89 -27.14
CA MET A 893 0.23 -26.46 -25.84
C MET A 893 0.91 -27.80 -25.61
N LYS A 894 0.96 -28.64 -26.65
CA LYS A 894 1.45 -30.01 -26.51
C LYS A 894 2.95 -30.06 -26.24
N THR A 895 3.73 -29.17 -26.86
CA THR A 895 5.17 -29.19 -26.65
C THR A 895 5.61 -28.43 -25.41
N ASN A 896 4.71 -27.69 -24.77
CA ASN A 896 5.05 -26.95 -23.56
C ASN A 896 4.39 -27.49 -22.30
N ILE A 897 3.22 -28.12 -22.43
CA ILE A 897 2.42 -28.56 -21.30
C ILE A 897 2.17 -30.07 -21.36
N GLY A 898 1.81 -30.57 -22.53
CA GLY A 898 1.42 -31.96 -22.68
C GLY A 898 0.04 -32.04 -23.27
N GLY A 899 -0.59 -33.21 -23.18
CA GLY A 899 -1.92 -33.37 -23.72
C GLY A 899 -3.05 -33.06 -22.78
N THR A 900 -2.77 -32.74 -21.52
CA THR A 900 -3.79 -32.45 -20.52
C THR A 900 -3.39 -31.24 -19.70
N LYS A 901 -4.35 -30.77 -18.90
CA LYS A 901 -4.16 -29.63 -18.02
C LYS A 901 -4.00 -30.04 -16.56
N SER A 902 -3.90 -31.33 -16.28
CA SER A 902 -3.76 -31.83 -14.91
C SER A 902 -2.71 -32.93 -14.86
N PHE A 903 -1.91 -32.94 -13.81
CA PHE A 903 -0.91 -33.99 -13.65
C PHE A 903 -1.55 -35.32 -13.26
N ALA A 904 -2.67 -35.29 -12.55
CA ALA A 904 -3.34 -36.50 -12.10
C ALA A 904 -3.96 -37.32 -13.24
N ASN A 905 -4.04 -36.77 -14.44
CA ASN A 905 -4.47 -37.50 -15.61
C ASN A 905 -3.32 -38.04 -16.43
N ARG A 906 -2.11 -38.04 -15.89
CA ARG A 906 -0.94 -38.61 -16.52
C ARG A 906 -0.49 -39.86 -15.75
N ALA A 907 0.67 -40.38 -16.11
CA ALA A 907 1.18 -41.62 -15.52
C ALA A 907 2.21 -41.30 -14.45
N TYR A 908 1.99 -41.83 -13.25
CA TYR A 908 2.85 -41.56 -12.11
C TYR A 908 2.86 -42.82 -11.24
N ASN A 909 3.81 -42.87 -10.32
CA ASN A 909 3.91 -43.95 -9.36
C ASN A 909 3.24 -43.57 -8.05
N GLN A 910 2.90 -44.58 -7.26
CA GLN A 910 2.30 -44.37 -5.95
C GLN A 910 3.43 -44.50 -4.93
N GLN A 911 4.01 -43.35 -4.56
CA GLN A 911 5.06 -43.27 -3.54
C GLN A 911 4.67 -42.16 -2.56
N PHE A 912 3.75 -42.43 -1.67
CA PHE A 912 3.18 -41.37 -0.84
C PHE A 912 3.21 -41.72 0.63
N GLN A 913 4.29 -42.40 1.06
CA GLN A 913 4.58 -42.71 2.44
C GLN A 913 6.07 -42.94 2.56
N GLY A 914 6.66 -42.49 3.66
CA GLY A 914 8.10 -42.49 3.81
C GLY A 914 8.70 -41.15 3.44
N THR A 915 9.96 -40.96 3.80
CA THR A 915 10.61 -39.66 3.68
C THR A 915 11.76 -39.75 2.68
N PHE A 916 11.77 -38.84 1.70
CA PHE A 916 12.67 -38.94 0.55
C PHE A 916 14.14 -38.84 0.95
N LYS A 917 14.48 -37.92 1.85
CA LYS A 917 15.88 -37.73 2.18
C LYS A 917 16.39 -38.73 3.21
N LYS A 918 15.52 -39.48 3.86
CA LYS A 918 15.95 -40.63 4.66
C LYS A 918 16.23 -41.87 3.81
N ILE A 919 15.65 -41.93 2.60
CA ILE A 919 15.67 -43.13 1.75
C ILE A 919 16.69 -42.99 0.61
N ARG A 920 17.29 -41.80 0.46
CA ARG A 920 18.05 -41.42 -0.73
C ARG A 920 19.26 -42.32 -0.98
N HIS A 921 19.96 -42.72 0.07
CA HIS A 921 21.14 -43.57 -0.08
C HIS A 921 20.83 -45.04 0.13
N LEU A 922 19.57 -45.42 0.24
CA LEU A 922 19.19 -46.81 0.45
C LEU A 922 18.50 -47.44 -0.75
N PHE A 923 17.46 -46.82 -1.30
CA PHE A 923 16.69 -47.39 -2.39
C PHE A 923 16.62 -46.41 -3.55
N ALA A 924 16.77 -46.95 -4.77
CA ALA A 924 16.53 -46.17 -5.97
C ALA A 924 15.04 -45.92 -6.13
N ILE A 925 14.69 -44.70 -6.54
CA ILE A 925 13.29 -44.31 -6.70
C ILE A 925 12.94 -43.95 -8.14
N THR A 926 13.91 -43.88 -9.05
CA THR A 926 13.63 -43.55 -10.44
C THR A 926 14.43 -44.49 -11.34
N PRO A 927 13.95 -44.77 -12.55
CA PRO A 927 14.69 -45.67 -13.45
C PRO A 927 16.01 -45.12 -13.97
N LYS A 928 16.25 -43.81 -13.93
CA LYS A 928 17.50 -43.29 -14.48
C LYS A 928 18.69 -43.49 -13.56
N GLN A 929 18.50 -44.04 -12.36
CA GLN A 929 19.60 -44.61 -11.61
C GLN A 929 19.98 -45.96 -12.24
N GLY A 930 20.75 -46.79 -11.54
CA GLY A 930 21.12 -48.07 -12.13
C GLY A 930 19.99 -49.06 -12.40
N ASP A 931 20.30 -50.23 -12.96
CA ASP A 931 19.22 -51.20 -13.13
C ASP A 931 18.90 -51.83 -11.79
N PHE A 932 17.94 -51.24 -11.09
CA PHE A 932 17.46 -51.74 -9.81
C PHE A 932 15.95 -51.82 -9.85
N TYR A 933 15.38 -52.54 -8.89
CA TYR A 933 13.95 -52.41 -8.62
C TYR A 933 13.71 -51.12 -7.88
N THR A 934 12.72 -50.36 -8.33
CA THR A 934 12.38 -49.10 -7.65
C THR A 934 11.37 -49.36 -6.55
N LEU A 935 11.41 -48.49 -5.54
CA LEU A 935 10.52 -48.59 -4.38
C LEU A 935 9.18 -47.94 -4.73
N LYS A 936 8.13 -48.76 -4.77
CA LYS A 936 6.79 -48.33 -5.14
C LYS A 936 5.77 -49.06 -4.29
N PHE A 937 4.56 -48.53 -4.24
CA PHE A 937 3.47 -49.18 -3.53
C PHE A 937 2.39 -49.71 -4.46
N ASP A 938 2.62 -49.66 -5.77
CA ASP A 938 1.72 -50.24 -6.76
C ASP A 938 2.53 -51.13 -7.70
N GLN A 939 1.85 -52.12 -8.30
CA GLN A 939 2.52 -52.99 -9.25
C GLN A 939 1.68 -53.25 -10.50
N PRO A 940 2.16 -52.84 -11.68
CA PRO A 940 1.56 -53.31 -12.92
C PRO A 940 1.87 -54.78 -13.16
N LEU A 941 0.98 -55.45 -13.87
CA LEU A 941 1.05 -56.90 -14.04
C LEU A 941 0.75 -57.26 -15.48
N TYR A 942 1.20 -58.45 -15.87
CA TYR A 942 0.72 -59.11 -17.08
C TYR A 942 -0.52 -59.92 -16.76
N ASN A 943 -1.46 -59.94 -17.70
CA ASN A 943 -2.62 -60.82 -17.59
C ASN A 943 -2.19 -62.28 -17.63
N ASP A 944 -2.73 -63.09 -16.72
CA ASP A 944 -2.39 -64.50 -16.65
C ASP A 944 -3.51 -65.41 -17.12
N ASN A 945 -4.57 -64.85 -17.69
CA ASN A 945 -5.64 -65.65 -18.28
C ASN A 945 -6.27 -64.86 -19.42
N LYS A 946 -7.23 -65.49 -20.09
CA LYS A 946 -7.94 -64.85 -21.20
C LYS A 946 -9.23 -64.25 -20.67
N LEU A 947 -9.39 -62.95 -20.87
CA LEU A 947 -10.53 -62.22 -20.34
C LEU A 947 -11.79 -62.55 -21.14
N LYS A 948 -12.55 -63.55 -20.67
CA LYS A 948 -13.74 -63.97 -21.40
C LYS A 948 -14.88 -62.98 -21.23
N ASP A 949 -14.96 -62.32 -20.07
CA ASP A 949 -15.93 -61.26 -19.84
C ASP A 949 -15.22 -59.91 -19.78
N ASN A 950 -15.98 -58.88 -19.41
CA ASN A 950 -15.42 -57.57 -19.11
C ASN A 950 -14.94 -57.45 -17.67
N LEU A 951 -15.07 -58.54 -16.89
CA LEU A 951 -14.50 -58.77 -15.56
C LEU A 951 -15.16 -57.98 -14.43
N TYR A 952 -15.99 -56.99 -14.77
CA TYR A 952 -16.69 -56.23 -13.74
C TYR A 952 -18.19 -56.17 -13.97
N PHE A 953 -18.68 -56.68 -15.10
CA PHE A 953 -20.11 -56.71 -15.36
C PHE A 953 -20.76 -57.90 -14.68
N HIS A 954 -21.91 -57.65 -14.06
CA HIS A 954 -22.78 -58.71 -13.57
C HIS A 954 -23.34 -59.48 -14.77
N GLU A 955 -23.69 -60.75 -14.52
CA GLU A 955 -24.15 -61.62 -15.59
C GLU A 955 -25.48 -61.17 -16.17
N GLU A 956 -26.33 -60.54 -15.35
CA GLU A 956 -27.62 -60.06 -15.82
C GLU A 956 -27.51 -58.77 -16.62
N LEU A 957 -26.38 -58.05 -16.52
CA LEU A 957 -26.17 -56.84 -17.30
C LEU A 957 -25.65 -57.12 -18.70
N LEU A 958 -25.31 -58.38 -19.01
CA LEU A 958 -24.70 -58.69 -20.30
C LEU A 958 -25.72 -58.85 -21.42
N THR A 959 -27.01 -58.73 -21.13
CA THR A 959 -28.05 -58.78 -22.15
C THR A 959 -28.47 -57.35 -22.49
N ASP A 960 -27.79 -56.79 -23.50
CA ASP A 960 -28.12 -55.50 -24.14
C ASP A 960 -28.08 -54.34 -23.14
N TYR A 961 -26.87 -54.05 -22.64
CA TYR A 961 -26.65 -52.85 -21.83
C TYR A 961 -25.37 -52.19 -22.35
N TYR A 962 -25.52 -51.35 -23.38
CA TYR A 962 -24.45 -50.68 -24.10
C TYR A 962 -24.78 -49.20 -24.24
N ASN A 963 -25.12 -48.58 -23.11
CA ASN A 963 -25.92 -47.36 -23.08
C ASN A 963 -25.25 -46.12 -23.66
N GLY A 964 -24.20 -45.62 -23.02
CA GLY A 964 -23.77 -44.26 -23.28
C GLY A 964 -24.83 -43.22 -22.97
N THR A 965 -25.48 -43.33 -21.81
CA THR A 965 -26.54 -42.40 -21.42
C THR A 965 -25.99 -41.03 -21.08
N ASN A 966 -26.75 -39.99 -21.46
CA ASN A 966 -26.27 -38.62 -21.43
C ASN A 966 -27.21 -37.74 -20.61
N LEU A 967 -26.61 -36.83 -19.84
CA LEU A 967 -27.31 -35.86 -19.02
C LEU A 967 -27.24 -34.48 -19.69
N GLN A 968 -27.64 -33.44 -18.93
CA GLN A 968 -27.82 -32.08 -19.46
C GLN A 968 -26.52 -31.47 -19.98
N THR A 969 -25.44 -31.58 -19.19
CA THR A 969 -24.16 -31.00 -19.56
C THR A 969 -23.58 -31.66 -20.79
N ASN A 970 -23.75 -32.99 -20.90
CA ASN A 970 -23.31 -33.73 -22.08
C ASN A 970 -24.03 -33.26 -23.34
N GLN A 971 -25.33 -33.02 -23.24
CA GLN A 971 -26.12 -32.59 -24.40
C GLN A 971 -25.79 -31.16 -24.80
N THR A 972 -25.59 -30.27 -23.83
CA THR A 972 -25.18 -28.90 -24.14
C THR A 972 -23.81 -28.85 -24.79
N SER A 973 -22.88 -29.67 -24.29
CA SER A 973 -21.56 -29.75 -24.90
C SER A 973 -21.63 -30.28 -26.33
N ASN A 974 -22.48 -31.29 -26.57
CA ASN A 974 -22.65 -31.82 -27.92
C ASN A 974 -23.27 -30.80 -28.88
N ILE A 975 -24.21 -29.99 -28.37
CA ILE A 975 -24.79 -28.94 -29.19
C ILE A 975 -23.74 -27.89 -29.54
N SER A 976 -22.87 -27.55 -28.58
CA SER A 976 -21.80 -26.59 -28.85
C SER A 976 -20.77 -27.13 -29.83
N VAL A 977 -20.46 -28.44 -29.77
CA VAL A 977 -19.49 -28.98 -30.72
C VAL A 977 -20.11 -29.07 -32.11
N ASN A 978 -21.42 -29.28 -32.21
CA ASN A 978 -22.06 -29.28 -33.53
C ASN A 978 -22.19 -27.87 -34.09
N SER A 979 -22.36 -26.88 -33.22
CA SER A 979 -22.33 -25.49 -33.67
C SER A 979 -20.92 -25.07 -34.08
N THR A 980 -19.89 -25.69 -33.52
CA THR A 980 -18.52 -25.34 -33.87
C THR A 980 -18.17 -25.80 -35.28
N THR A 981 -18.44 -27.06 -35.59
CA THR A 981 -17.99 -27.66 -36.84
C THR A 981 -18.85 -27.23 -38.03
N ASN A 1045 -34.01 21.18 -23.03
CA ASN A 1045 -34.14 22.42 -22.27
C ASN A 1045 -33.17 22.37 -21.11
N PHE A 1046 -33.17 23.39 -20.26
CA PHE A 1046 -32.54 23.49 -18.93
C PHE A 1046 -31.05 23.14 -18.84
N VAL A 1047 -30.35 22.98 -19.95
CA VAL A 1047 -29.00 22.42 -19.88
C VAL A 1047 -27.97 23.51 -19.60
N TYR A 1048 -28.14 24.68 -20.24
CA TYR A 1048 -27.13 25.72 -20.15
C TYR A 1048 -27.07 26.37 -18.79
N SER A 1049 -28.20 26.45 -18.08
CA SER A 1049 -28.17 26.99 -16.73
C SER A 1049 -27.45 26.07 -15.76
N GLU A 1050 -27.68 24.76 -15.89
CA GLU A 1050 -27.00 23.78 -15.05
C GLU A 1050 -25.51 23.77 -15.31
N LEU A 1051 -25.12 23.83 -16.59
CA LEU A 1051 -23.71 23.86 -16.93
C LEU A 1051 -23.06 25.16 -16.48
N PHE A 1052 -23.79 26.28 -16.52
CA PHE A 1052 -23.26 27.54 -16.04
C PHE A 1052 -22.99 27.53 -14.55
N VAL A 1053 -23.93 26.99 -13.77
CA VAL A 1053 -23.77 26.90 -12.33
C VAL A 1053 -22.60 26.00 -11.97
N LYS A 1054 -22.51 24.84 -12.63
CA LYS A 1054 -21.41 23.91 -12.39
C LYS A 1054 -20.06 24.51 -12.74
N LEU A 1055 -19.99 25.25 -13.85
CA LEU A 1055 -18.71 25.81 -14.29
C LEU A 1055 -18.24 26.94 -13.38
N ILE A 1056 -19.14 27.86 -12.98
CA ILE A 1056 -18.64 28.94 -12.12
C ILE A 1056 -18.38 28.45 -10.71
N LYS A 1057 -19.07 27.40 -10.26
CA LYS A 1057 -18.78 26.82 -8.97
C LYS A 1057 -17.42 26.12 -8.96
N GLU A 1058 -17.08 25.41 -10.04
CA GLU A 1058 -15.77 24.79 -10.13
C GLU A 1058 -14.65 25.80 -10.32
N CYS A 1059 -14.92 26.87 -11.06
CA CYS A 1059 -13.95 27.96 -11.20
C CYS A 1059 -13.73 28.69 -9.89
N LYS A 1060 -14.76 28.80 -9.05
CA LYS A 1060 -14.59 29.33 -7.71
C LYS A 1060 -13.79 28.39 -6.82
N LYS A 1061 -13.99 27.08 -6.97
CA LYS A 1061 -13.29 26.13 -6.10
C LYS A 1061 -11.81 26.06 -6.42
N ARG A 1062 -11.45 25.68 -7.65
CA ARG A 1062 -10.05 25.33 -7.88
C ARG A 1062 -9.21 26.47 -8.44
N ILE A 1063 -9.89 27.57 -8.73
CA ILE A 1063 -9.16 28.80 -9.12
C ILE A 1063 -9.87 29.92 -8.36
N HIS A 1064 -9.20 31.03 -8.09
CA HIS A 1064 -9.89 32.19 -7.51
C HIS A 1064 -10.31 32.00 -6.06
N ASP A 1065 -9.65 31.10 -5.34
CA ASP A 1065 -9.91 30.87 -3.94
C ASP A 1065 -8.71 31.35 -3.15
N GLN A 1066 -8.92 32.32 -2.26
CA GLN A 1066 -7.80 32.97 -1.59
C GLN A 1066 -7.26 32.16 -0.42
N THR A 1067 -8.07 31.28 0.17
CA THR A 1067 -7.56 30.36 1.18
C THR A 1067 -6.74 29.24 0.57
N PHE A 1068 -7.18 28.72 -0.58
CA PHE A 1068 -6.35 27.87 -1.43
C PHE A 1068 -5.03 28.52 -1.79
N LEU A 1069 -5.08 29.78 -2.18
CA LEU A 1069 -3.87 30.49 -2.57
C LEU A 1069 -2.95 30.71 -1.37
N LYS A 1070 -3.55 30.93 -0.20
CA LYS A 1070 -2.77 31.12 1.03
C LYS A 1070 -2.03 29.84 1.42
N ASN A 1071 -2.72 28.70 1.39
CA ASN A 1071 -2.07 27.42 1.71
C ASN A 1071 -0.96 27.10 0.72
N TYR A 1072 -1.22 27.34 -0.58
CA TYR A 1072 -0.20 27.09 -1.60
C TYR A 1072 1.00 28.00 -1.40
N ILE A 1073 0.78 29.27 -1.04
CA ILE A 1073 1.92 30.17 -0.99
C ILE A 1073 2.74 29.95 0.29
N THR A 1074 2.12 29.50 1.39
CA THR A 1074 2.92 29.10 2.55
C THR A 1074 3.78 27.89 2.22
N HIS A 1075 3.16 26.88 1.59
CA HIS A 1075 3.87 25.74 1.00
C HIS A 1075 5.04 26.14 0.11
N ARG A 1076 4.82 27.08 -0.81
CA ARG A 1076 5.79 27.36 -1.85
C ARG A 1076 6.92 28.24 -1.34
N ILE A 1077 6.66 29.13 -0.38
CA ILE A 1077 7.69 30.06 0.06
C ILE A 1077 8.28 29.69 1.42
N GLU A 1078 7.43 29.63 2.46
CA GLU A 1078 7.95 29.65 3.83
C GLU A 1078 8.58 28.33 4.22
N LYS A 1079 7.90 27.22 3.95
CA LYS A 1079 8.43 25.94 4.35
C LYS A 1079 9.58 25.52 3.45
N ARG A 1080 9.60 26.02 2.21
CA ARG A 1080 10.72 25.76 1.32
C ARG A 1080 11.97 26.46 1.79
N GLU A 1081 11.86 27.69 2.28
CA GLU A 1081 13.07 28.35 2.78
C GLU A 1081 13.51 27.78 4.12
N GLN A 1082 12.57 27.25 4.92
CA GLN A 1082 12.96 26.53 6.14
C GLN A 1082 13.75 25.26 5.82
N LEU A 1083 13.29 24.49 4.85
CA LEU A 1083 14.04 23.30 4.43
C LEU A 1083 15.40 23.68 3.85
N ASN A 1084 15.48 24.82 3.17
CA ASN A 1084 16.76 25.33 2.67
C ASN A 1084 17.74 25.62 3.79
N GLN A 1085 17.25 26.23 4.88
CA GLN A 1085 18.12 26.58 6.00
C GLN A 1085 18.67 25.34 6.71
N GLU A 1086 17.81 24.35 6.98
CA GLU A 1086 18.31 23.09 7.54
C GLU A 1086 19.28 22.36 6.61
N GLN A 1087 19.07 22.43 5.30
CA GLN A 1087 19.99 21.78 4.37
C GLN A 1087 21.36 22.45 4.38
N THR A 1088 21.41 23.78 4.50
CA THR A 1088 22.70 24.46 4.59
C THR A 1088 23.44 24.15 5.89
N LYS A 1089 22.70 24.01 6.99
CA LYS A 1089 23.32 23.63 8.26
C LYS A 1089 23.98 22.25 8.19
N GLU A 1090 23.27 21.27 7.61
CA GLU A 1090 23.85 19.93 7.45
C GLU A 1090 25.03 19.94 6.49
N LEU A 1091 24.95 20.76 5.43
CA LEU A 1091 26.05 20.95 4.49
C LEU A 1091 27.31 21.45 5.19
N ASN A 1092 27.15 22.42 6.10
CA ASN A 1092 28.31 23.03 6.73
C ASN A 1092 28.98 22.07 7.71
N LYS A 1093 28.19 21.25 8.41
CA LYS A 1093 28.79 20.20 9.23
C LYS A 1093 29.60 19.20 8.40
N ARG A 1094 29.07 18.81 7.23
CA ARG A 1094 29.81 17.89 6.36
C ARG A 1094 31.09 18.51 5.84
N LEU A 1095 31.06 19.82 5.53
CA LEU A 1095 32.26 20.50 5.03
C LEU A 1095 33.34 20.60 6.10
N GLU A 1096 32.95 20.82 7.36
CA GLU A 1096 33.93 20.81 8.44
C GLU A 1096 34.61 19.44 8.60
N LYS A 1097 33.80 18.38 8.52
CA LYS A 1097 34.36 17.03 8.53
C LYS A 1097 35.30 16.76 7.37
N LEU A 1098 35.04 17.35 6.20
CA LEU A 1098 35.96 17.18 5.07
C LEU A 1098 37.25 17.98 5.27
N LYS A 1099 37.15 19.19 5.80
CA LYS A 1099 38.32 20.04 5.96
C LYS A 1099 39.30 19.52 6.99
N VAL A 1100 38.83 18.68 7.93
CA VAL A 1100 39.77 17.99 8.83
C VAL A 1100 40.78 17.13 8.04
N TRP A 1101 40.31 16.41 7.02
CA TRP A 1101 41.25 15.62 6.22
C TRP A 1101 42.04 16.50 5.26
N LEU A 1102 41.40 17.53 4.69
CA LEU A 1102 42.11 18.39 3.74
C LEU A 1102 43.24 19.16 4.40
N ASN A 1103 43.12 19.47 5.69
CA ASN A 1103 44.18 20.20 6.39
C ASN A 1103 45.43 19.35 6.55
N SER A 1104 45.26 18.06 6.82
CA SER A 1104 46.38 17.14 7.02
C SER A 1104 46.45 16.24 5.80
N ASP A 1105 47.19 16.68 4.78
CA ASP A 1105 47.30 15.96 3.52
C ASP A 1105 48.51 16.50 2.77
N LYS A 1106 49.26 15.58 2.17
CA LYS A 1106 50.48 15.93 1.45
C LYS A 1106 50.53 15.25 0.09
N PRO A 1125 38.55 4.83 -12.72
CA PRO A 1125 39.28 4.02 -13.70
C PRO A 1125 39.49 2.58 -13.22
N ASP A 1126 40.47 2.38 -12.33
CA ASP A 1126 40.70 1.09 -11.70
C ASP A 1126 39.94 0.94 -10.39
N LYS A 1127 39.14 1.93 -10.02
CA LYS A 1127 38.31 1.83 -8.83
C LYS A 1127 37.22 0.77 -9.02
N VAL A 1128 37.07 -0.11 -8.03
CA VAL A 1128 36.05 -1.13 -8.12
C VAL A 1128 34.68 -0.52 -7.86
N LEU A 1129 33.64 -1.24 -8.26
CA LEU A 1129 32.27 -0.83 -8.05
C LEU A 1129 31.86 -1.12 -6.60
N THR A 1130 30.59 -0.91 -6.28
CA THR A 1130 30.11 -1.30 -4.96
C THR A 1130 30.02 -2.82 -4.85
N THR A 1131 29.81 -3.31 -3.62
CA THR A 1131 29.80 -4.74 -3.36
C THR A 1131 28.63 -5.44 -4.05
N ALA A 1132 27.49 -4.75 -4.14
CA ALA A 1132 26.31 -5.29 -4.82
C ALA A 1132 26.57 -5.56 -6.30
N MET A 1133 27.26 -4.63 -6.97
CA MET A 1133 27.52 -4.78 -8.40
C MET A 1133 28.50 -5.92 -8.68
N GLN A 1134 29.56 -6.03 -7.86
CA GLN A 1134 30.53 -7.11 -8.00
C GLN A 1134 29.88 -8.47 -7.78
N LYS A 1135 29.01 -8.58 -6.77
CA LYS A 1135 28.34 -9.83 -6.49
C LYS A 1135 27.34 -10.20 -7.59
N ALA A 1136 26.62 -9.20 -8.13
CA ALA A 1136 25.68 -9.46 -9.23
C ALA A 1136 26.39 -9.99 -10.47
N VAL A 1137 27.54 -9.39 -10.81
CA VAL A 1137 28.32 -9.84 -11.95
C VAL A 1137 28.82 -11.27 -11.75
N ASN A 1138 29.33 -11.57 -10.55
CA ASN A 1138 29.88 -12.90 -10.31
C ASN A 1138 28.80 -13.98 -10.32
N GLU A 1139 27.60 -13.67 -9.82
CA GLU A 1139 26.52 -14.65 -9.83
C GLU A 1139 26.01 -14.92 -11.25
N SER A 1140 25.95 -13.90 -12.10
CA SER A 1140 25.57 -14.16 -13.49
C SER A 1140 26.64 -14.94 -14.25
N ILE A 1141 27.93 -14.68 -13.97
CA ILE A 1141 28.99 -15.45 -14.61
C ILE A 1141 28.92 -16.92 -14.18
N SER A 1142 28.55 -17.16 -12.91
CA SER A 1142 28.30 -18.53 -12.47
C SER A 1142 27.10 -19.17 -13.17
N LEU A 1143 26.09 -18.38 -13.54
CA LEU A 1143 24.97 -18.92 -14.31
C LEU A 1143 25.15 -18.87 -15.81
N SER A 1144 26.33 -18.47 -16.32
CA SER A 1144 26.54 -18.38 -17.76
C SER A 1144 26.48 -19.72 -18.49
N GLY A 1145 26.61 -20.85 -17.78
CA GLY A 1145 26.54 -22.15 -18.41
C GLY A 1145 27.86 -22.66 -18.97
N ILE A 1146 28.86 -21.79 -19.08
CA ILE A 1146 30.19 -22.14 -19.54
C ILE A 1146 30.89 -22.70 -18.30
N MET A 1147 32.04 -23.37 -18.48
CA MET A 1147 32.84 -23.87 -17.37
C MET A 1147 33.20 -22.74 -16.42
N PRO A 1148 33.06 -22.94 -15.10
CA PRO A 1148 33.10 -21.84 -14.13
C PRO A 1148 34.47 -21.16 -14.07
N SER A 1149 34.47 -19.86 -14.35
CA SER A 1149 35.68 -19.06 -14.31
C SER A 1149 35.93 -18.56 -12.89
N ASP A 1150 37.00 -17.79 -12.73
CA ASP A 1150 37.33 -17.26 -11.42
C ASP A 1150 36.51 -16.03 -11.10
N LYS A 1151 36.46 -15.71 -9.82
CA LYS A 1151 35.85 -14.46 -9.38
C LYS A 1151 36.69 -13.28 -9.84
N ILE A 1152 36.01 -12.16 -10.11
CA ILE A 1152 36.67 -10.94 -10.56
C ILE A 1152 36.17 -9.78 -9.72
N LYS A 1153 36.91 -8.69 -9.77
CA LYS A 1153 36.53 -7.45 -9.10
C LYS A 1153 36.27 -6.42 -10.19
N THR A 1154 35.00 -6.17 -10.46
CA THR A 1154 34.60 -5.30 -11.56
C THR A 1154 34.89 -3.84 -11.24
N THR A 1155 35.48 -3.12 -12.20
CA THR A 1155 35.83 -1.72 -12.05
C THR A 1155 34.92 -0.85 -12.92
N TYR A 1156 35.23 0.45 -12.94
CA TYR A 1156 34.50 1.40 -13.77
C TYR A 1156 34.96 1.39 -15.22
N GLY A 1157 36.21 0.98 -15.48
CA GLY A 1157 36.68 0.83 -16.85
C GLY A 1157 35.97 -0.26 -17.61
N ASN A 1158 35.66 -1.38 -16.91
CA ASN A 1158 34.88 -2.45 -17.53
C ASN A 1158 33.49 -1.97 -17.91
N LEU A 1159 32.88 -1.19 -17.02
CA LEU A 1159 31.54 -0.65 -17.24
C LEU A 1159 31.50 0.33 -18.41
N THR A 1160 32.51 1.21 -18.49
CA THR A 1160 32.49 2.17 -19.59
C THR A 1160 32.85 1.50 -20.92
N ASN A 1161 33.65 0.43 -20.89
CA ASN A 1161 33.90 -0.35 -22.11
C ASN A 1161 32.62 -1.02 -22.61
N ALA A 1162 31.84 -1.61 -21.70
CA ALA A 1162 30.59 -2.27 -22.10
C ALA A 1162 29.58 -1.28 -22.65
N TYR A 1163 29.50 -0.09 -22.04
CA TYR A 1163 28.59 0.94 -22.55
C TYR A 1163 28.99 1.41 -23.95
N THR A 1164 30.29 1.63 -24.18
CA THR A 1164 30.73 2.07 -25.50
C THR A 1164 30.52 1.01 -26.57
N ILE A 1165 30.70 -0.27 -26.22
CA ILE A 1165 30.48 -1.37 -27.17
C ILE A 1165 29.01 -1.43 -27.58
N LYS A 1166 28.10 -1.28 -26.62
CA LYS A 1166 26.66 -1.24 -26.90
C LYS A 1166 26.28 -0.08 -27.83
N THR A 1167 26.80 1.11 -27.53
CA THR A 1167 26.46 2.27 -28.37
C THR A 1167 27.08 2.18 -29.76
N GLU A 1168 28.27 1.59 -29.88
CA GLU A 1168 28.88 1.34 -31.19
C GLU A 1168 28.01 0.43 -32.05
N ASN A 1169 27.47 -0.65 -31.45
CA ASN A 1169 26.62 -1.57 -32.21
C ASN A 1169 25.36 -0.86 -32.72
N ALA A 1170 24.74 -0.02 -31.88
CA ALA A 1170 23.55 0.72 -32.33
C ALA A 1170 23.88 1.72 -33.45
N ILE A 1171 25.00 2.45 -33.33
CA ILE A 1171 25.33 3.45 -34.34
C ILE A 1171 25.69 2.77 -35.67
N LEU A 1172 26.39 1.64 -35.61
CA LEU A 1172 26.79 0.95 -36.84
C LEU A 1172 25.60 0.34 -37.57
N THR A 1173 24.60 -0.18 -36.85
CA THR A 1173 23.43 -0.68 -37.59
C THR A 1173 22.60 0.46 -38.17
N LYS A 1174 22.54 1.62 -37.51
CA LYS A 1174 21.89 2.78 -38.13
C LYS A 1174 22.61 3.25 -39.40
N LEU A 1175 23.94 3.23 -39.38
CA LEU A 1175 24.69 3.64 -40.57
C LEU A 1175 24.56 2.64 -41.70
N ASN A 1176 24.42 1.35 -41.39
CA ASN A 1176 24.13 0.36 -42.41
C ASN A 1176 22.77 0.61 -43.08
N VAL A 1177 21.75 0.97 -42.30
CA VAL A 1177 20.45 1.28 -42.89
C VAL A 1177 20.51 2.55 -43.75
N ILE A 1178 21.27 3.55 -43.30
CA ILE A 1178 21.44 4.78 -44.06
C ILE A 1178 22.18 4.53 -45.38
N ASN A 1179 23.18 3.63 -45.35
CA ASN A 1179 23.84 3.23 -46.59
C ASN A 1179 22.91 2.46 -47.52
N GLN A 1180 21.96 1.70 -46.97
CA GLN A 1180 20.95 1.07 -47.82
C GLN A 1180 19.97 2.08 -48.41
N LEU A 1181 19.82 3.24 -47.78
CA LEU A 1181 18.82 4.21 -48.21
C LEU A 1181 19.28 5.14 -49.34
N THR A 1182 20.44 4.88 -49.92
CA THR A 1182 20.88 5.70 -51.04
C THR A 1182 20.33 5.15 -52.35
N LEU A 1224 20.25 42.41 -28.64
CA LEU A 1224 19.33 43.13 -29.51
C LEU A 1224 18.06 42.35 -29.80
N ARG A 1225 18.05 41.03 -29.57
CA ARG A 1225 16.87 40.26 -29.97
C ARG A 1225 15.79 40.31 -28.90
N VAL A 1226 15.96 39.53 -27.83
CA VAL A 1226 15.10 39.46 -26.65
C VAL A 1226 15.97 38.89 -25.54
N LYS A 1227 15.98 39.51 -24.36
CA LYS A 1227 16.67 38.89 -23.26
C LYS A 1227 15.83 37.78 -22.67
N THR A 1228 16.38 36.57 -22.69
CA THR A 1228 15.81 35.45 -21.95
C THR A 1228 16.47 35.49 -20.57
N ASP A 1229 16.49 34.34 -19.87
CA ASP A 1229 17.20 34.21 -18.57
C ASP A 1229 17.17 35.48 -17.72
N LYS A 1230 15.98 35.95 -17.31
CA LYS A 1230 15.91 37.06 -16.36
C LYS A 1230 15.81 36.50 -14.96
N ASP A 1231 16.83 36.74 -14.14
CA ASP A 1231 16.81 36.35 -12.74
C ASP A 1231 16.34 37.49 -11.84
N LEU A 1232 16.60 37.38 -10.54
CA LEU A 1232 16.08 38.36 -9.58
C LEU A 1232 16.94 39.62 -9.46
N GLN A 1233 18.24 39.51 -9.71
CA GLN A 1233 19.13 40.67 -9.67
C GLN A 1233 18.78 41.67 -10.78
N TRP A 1234 18.46 41.15 -11.96
CA TRP A 1234 17.90 41.94 -13.05
C TRP A 1234 16.64 42.68 -12.62
N TRP A 1235 15.76 42.00 -11.88
CA TRP A 1235 14.51 42.61 -11.46
C TRP A 1235 14.73 43.73 -10.45
N ARG A 1236 15.69 43.56 -9.54
CA ARG A 1236 15.99 44.62 -8.57
C ARG A 1236 16.59 45.85 -9.26
N THR A 1237 17.48 45.61 -10.23
CA THR A 1237 18.05 46.70 -11.01
C THR A 1237 16.98 47.46 -11.80
N LYS A 1238 16.00 46.74 -12.35
CA LYS A 1238 14.89 47.43 -13.04
C LYS A 1238 13.97 48.15 -12.06
N GLN A 1239 13.82 47.61 -10.85
CA GLN A 1239 12.94 48.21 -9.85
C GLN A 1239 13.44 49.56 -9.37
N ARG A 1240 14.76 49.79 -9.43
CA ARG A 1240 15.27 51.14 -9.21
C ARG A 1240 14.73 52.15 -10.22
N VAL A 1241 14.69 51.77 -11.50
CA VAL A 1241 14.13 52.61 -12.56
C VAL A 1241 12.64 52.86 -12.34
N ILE A 1242 11.90 51.81 -11.99
CA ILE A 1242 10.47 51.92 -11.73
C ILE A 1242 10.19 52.85 -10.56
N THR A 1243 11.06 52.86 -9.55
CA THR A 1243 10.96 53.84 -8.48
C THR A 1243 11.23 55.27 -8.98
N LYS A 1244 12.25 55.45 -9.81
CA LYS A 1244 12.62 56.80 -10.26
C LYS A 1244 11.69 57.40 -11.32
N ARG A 1245 10.74 56.61 -11.86
CA ARG A 1245 9.79 57.09 -12.88
C ARG A 1245 9.03 58.36 -12.47
N LYS A 1246 8.63 58.47 -11.21
CA LYS A 1246 7.80 59.60 -10.78
C LYS A 1246 8.59 60.90 -10.79
N SER A 1247 9.84 60.88 -10.35
CA SER A 1247 10.68 62.07 -10.42
C SER A 1247 11.23 62.32 -11.82
N ALA A 1248 11.18 61.32 -12.71
CA ALA A 1248 11.63 61.53 -14.09
C ALA A 1248 10.70 62.44 -14.89
N ARG A 1249 9.47 62.69 -14.42
CA ARG A 1249 8.56 63.63 -15.07
C ARG A 1249 8.87 65.04 -14.59
N LYS A 1250 9.04 65.97 -15.52
CA LYS A 1250 9.30 67.37 -15.19
C LYS A 1250 8.32 68.27 -15.92
N ARG A 1251 8.26 69.53 -15.48
CA ARG A 1251 7.42 70.56 -16.10
C ARG A 1251 8.16 71.14 -17.32
N ASP A 1252 8.29 70.31 -18.34
CA ASP A 1252 9.09 70.62 -19.51
C ASP A 1252 8.45 71.64 -20.42
N ARG A 1253 7.13 71.58 -20.59
CA ARG A 1253 6.47 72.01 -21.81
C ARG A 1253 6.48 73.52 -22.00
N PHE A 1254 6.13 74.28 -20.96
CA PHE A 1254 6.18 75.74 -21.08
C PHE A 1254 7.62 76.24 -21.12
N LYS A 1255 8.53 75.54 -20.44
CA LYS A 1255 9.95 75.88 -20.54
C LYS A 1255 10.48 75.67 -21.96
N LYS A 1256 10.05 74.59 -22.61
CA LYS A 1256 10.46 74.35 -24.00
C LYS A 1256 9.85 75.39 -24.94
N GLN A 1257 8.60 75.78 -24.70
CA GLN A 1257 7.99 76.87 -25.48
C GLN A 1257 8.73 78.20 -25.30
N ILE A 1258 9.10 78.53 -24.07
CA ILE A 1258 9.87 79.75 -23.79
C ILE A 1258 11.24 79.69 -24.47
N ALA A 1259 11.90 78.54 -24.40
CA ALA A 1259 13.23 78.42 -24.99
C ALA A 1259 13.21 78.31 -26.51
N VAL A 1260 12.05 78.04 -27.12
CA VAL A 1260 12.04 77.95 -28.58
C VAL A 1260 11.50 79.27 -29.16
N VAL A 1261 10.70 80.01 -28.39
CA VAL A 1261 10.09 81.22 -28.94
C VAL A 1261 11.10 82.36 -28.98
N ASN A 1262 12.19 82.28 -28.21
CA ASN A 1262 13.17 83.35 -28.16
C ASN A 1262 14.02 83.42 -29.43
N LYS A 1263 14.04 82.37 -30.24
CA LYS A 1263 14.81 82.39 -31.48
C LYS A 1263 13.92 82.67 -32.67
N LYS A 1347 -23.81 49.58 8.40
CA LYS A 1347 -23.07 49.97 7.20
C LYS A 1347 -21.60 49.57 7.31
N LEU A 1348 -20.83 49.89 6.27
CA LEU A 1348 -19.43 49.49 6.17
C LEU A 1348 -18.56 50.71 5.97
N ARG A 1349 -17.29 50.57 6.32
CA ARG A 1349 -16.32 51.66 6.27
C ARG A 1349 -15.10 51.21 5.47
N LYS A 1350 -14.72 51.98 4.48
CA LYS A 1350 -13.58 51.67 3.64
C LYS A 1350 -12.31 52.25 4.26
N LYS A 1351 -11.33 51.39 4.48
CA LYS A 1351 -10.07 51.79 5.09
C LYS A 1351 -8.92 51.10 4.37
N ILE A 1352 -7.70 51.46 4.76
CA ILE A 1352 -6.52 50.77 4.25
C ILE A 1352 -6.47 49.37 4.87
N SER A 1353 -5.74 48.47 4.20
CA SER A 1353 -5.68 47.08 4.63
C SER A 1353 -4.97 46.95 5.99
N SER A 1354 -5.34 45.90 6.73
CA SER A 1354 -4.70 45.64 8.02
C SER A 1354 -3.26 45.19 7.82
N LYS A 1355 -3.01 44.37 6.80
CA LYS A 1355 -1.65 44.17 6.33
C LYS A 1355 -1.22 45.40 5.53
N GLY A 1356 0.06 45.45 5.19
CA GLY A 1356 0.63 46.68 4.64
C GLY A 1356 0.09 47.09 3.29
N ARG A 1357 0.47 46.36 2.25
CA ARG A 1357 0.04 46.62 0.89
C ARG A 1357 0.29 45.34 0.11
N ARG A 1358 0.23 45.43 -1.21
CA ARG A 1358 0.51 44.26 -2.03
C ARG A 1358 2.01 43.98 -2.06
N TYR A 1359 2.36 42.82 -2.61
CA TYR A 1359 3.74 42.31 -2.72
C TYR A 1359 4.37 42.15 -1.34
N ARG A 1360 3.67 41.38 -0.50
CA ARG A 1360 4.07 41.20 0.89
C ARG A 1360 5.28 40.29 1.01
N SER A 1361 6.14 40.59 1.99
CA SER A 1361 7.28 39.75 2.30
C SER A 1361 7.66 39.98 3.76
N LEU A 1362 7.79 38.90 4.52
CA LEU A 1362 8.39 38.98 5.84
C LEU A 1362 9.87 39.24 5.63
N SER A 1363 10.26 40.51 5.75
CA SER A 1363 11.56 40.93 5.24
C SER A 1363 12.68 40.62 6.22
N LEU A 1364 12.64 41.20 7.41
CA LEU A 1364 13.71 41.08 8.38
C LEU A 1364 13.14 40.95 9.77
N ALA A 1365 13.98 40.49 10.69
CA ALA A 1365 13.68 40.45 12.12
C ALA A 1365 14.85 41.12 12.82
N ARG A 1366 14.80 42.45 12.90
CA ARG A 1366 15.84 43.22 13.57
C ARG A 1366 15.30 43.95 14.79
N TYR A 1367 14.31 44.83 14.61
CA TYR A 1367 13.85 45.69 15.71
C TYR A 1367 12.67 45.02 16.43
N LEU A 1368 12.98 43.88 17.04
CA LEU A 1368 11.98 43.06 17.73
C LEU A 1368 11.73 43.49 19.16
N THR A 1369 12.70 44.16 19.80
CA THR A 1369 12.60 44.55 21.20
C THR A 1369 12.26 46.02 21.31
N ALA A 1370 11.42 46.36 22.28
CA ALA A 1370 11.02 47.74 22.52
C ALA A 1370 11.07 48.02 24.01
N THR A 1371 11.27 49.28 24.37
CA THR A 1371 11.29 49.69 25.76
C THR A 1371 9.88 50.05 26.22
N ARG A 1372 9.48 49.46 27.34
CA ARG A 1372 8.19 49.71 27.97
C ARG A 1372 8.36 50.53 29.23
N LYS A 1373 7.28 51.21 29.64
CA LYS A 1373 7.26 51.87 30.93
C LYS A 1373 6.37 51.11 31.89
N PRO A 1374 6.83 50.78 33.09
CA PRO A 1374 5.91 50.27 34.12
C PRO A 1374 5.01 51.38 34.64
N ARG A 1375 3.71 51.20 34.48
CA ARG A 1375 2.74 52.24 34.74
C ARG A 1375 1.75 51.79 35.82
N LEU A 1376 1.05 52.75 36.38
CA LEU A 1376 -0.19 52.50 37.09
C LEU A 1376 -1.37 52.62 36.13
N VAL A 1377 -2.47 51.97 36.48
CA VAL A 1377 -3.61 51.83 35.60
C VAL A 1377 -4.73 52.69 36.20
N GLY A 1378 -5.71 53.07 35.37
CA GLY A 1378 -6.87 53.86 35.78
C GLY A 1378 -7.76 53.19 36.82
N LEU A 1379 -7.62 51.88 37.04
CA LEU A 1379 -8.16 51.20 38.20
C LEU A 1379 -7.04 50.95 39.20
N ASP A 1380 -7.40 50.80 40.47
CA ASP A 1380 -6.39 50.76 41.52
C ASP A 1380 -5.90 49.35 41.81
N ASN A 1381 -4.69 49.28 42.38
CA ASN A 1381 -3.95 48.04 42.68
C ASN A 1381 -3.69 47.20 41.44
N LEU A 1382 -3.57 47.83 40.28
CA LEU A 1382 -3.18 47.15 39.06
C LEU A 1382 -2.02 47.91 38.43
N THR A 1383 -1.10 47.15 37.84
CA THR A 1383 0.03 47.73 37.14
C THR A 1383 0.07 47.15 35.72
N LYS A 1384 0.87 47.78 34.86
CA LYS A 1384 0.97 47.36 33.48
C LYS A 1384 2.35 47.69 32.95
N ILE A 1385 3.05 46.69 32.43
CA ILE A 1385 4.22 46.90 31.61
C ILE A 1385 3.96 46.54 30.16
N ASP A 1386 3.27 45.44 29.89
CA ASP A 1386 2.70 45.12 28.58
C ASP A 1386 1.23 44.73 28.69
N ASN A 1387 0.85 44.01 29.73
CA ASN A 1387 -0.55 43.74 30.05
C ASN A 1387 -0.74 43.81 31.55
N ILE A 1388 -1.98 43.84 31.98
CA ILE A 1388 -2.34 44.21 33.34
C ILE A 1388 -2.26 43.01 34.27
N THR A 1389 -1.56 43.17 35.39
CA THR A 1389 -1.36 42.13 36.38
C THR A 1389 -2.11 42.51 37.66
N THR A 1390 -2.79 41.54 38.29
CA THR A 1390 -3.85 41.81 39.25
C THR A 1390 -3.50 41.38 40.68
N LEU A 1391 -2.28 41.70 41.13
CA LEU A 1391 -1.79 41.70 42.51
C LEU A 1391 -1.56 40.31 43.10
N GLN A 1392 -2.02 39.25 42.42
CA GLN A 1392 -1.65 37.89 42.78
C GLN A 1392 -0.67 37.31 41.77
N GLY A 1393 -0.11 38.16 40.91
CA GLY A 1393 0.78 37.73 39.87
C GLY A 1393 0.11 37.33 38.57
N ALA A 1394 -1.19 37.06 38.61
CA ALA A 1394 -1.91 36.60 37.45
C ALA A 1394 -2.23 37.76 36.51
N PHE A 1395 -2.47 37.43 35.25
CA PHE A 1395 -2.97 38.42 34.31
C PHE A 1395 -4.48 38.51 34.43
N ILE A 1396 -5.00 39.71 34.19
CA ILE A 1396 -6.40 40.00 34.50
C ILE A 1396 -7.28 39.50 33.35
N THR A 1397 -8.46 39.00 33.72
CA THR A 1397 -9.36 38.37 32.75
C THR A 1397 -10.57 39.26 32.51
N LYS A 1398 -11.46 38.79 31.63
CA LYS A 1398 -12.69 39.51 31.32
C LYS A 1398 -13.63 39.59 32.52
N GLU A 1399 -13.67 38.55 33.34
CA GLU A 1399 -14.59 38.55 34.47
C GLU A 1399 -14.10 39.48 35.58
N GLU A 1400 -12.78 39.59 35.75
CA GLU A 1400 -12.24 40.43 36.81
C GLU A 1400 -12.38 41.92 36.49
N LYS A 1401 -12.38 42.28 35.21
CA LYS A 1401 -12.48 43.68 34.82
C LYS A 1401 -13.82 44.29 35.20
N GLN A 1402 -14.91 43.56 35.00
CA GLN A 1402 -16.23 44.08 35.32
C GLN A 1402 -16.45 44.15 36.84
N ASP A 1403 -15.92 43.16 37.57
CA ASP A 1403 -15.97 43.22 39.04
C ASP A 1403 -15.16 44.40 39.56
N SER A 1404 -14.00 44.66 38.95
CA SER A 1404 -13.17 45.80 39.35
C SER A 1404 -13.85 47.12 39.04
N LEU A 1405 -14.55 47.21 37.89
CA LEU A 1405 -15.26 48.45 37.56
C LEU A 1405 -16.44 48.68 38.49
N ASN A 1406 -17.20 47.63 38.80
CA ASN A 1406 -18.31 47.77 39.75
C ASN A 1406 -17.81 48.07 41.15
N LEU A 1407 -16.62 47.58 41.51
CA LEU A 1407 -16.04 47.88 42.82
C LEU A 1407 -15.47 49.29 42.87
N THR A 1408 -14.94 49.81 41.76
CA THR A 1408 -14.35 51.14 41.76
C THR A 1408 -15.37 52.23 41.51
N ILE A 1409 -16.64 51.87 41.26
CA ILE A 1409 -17.75 52.82 41.42
C ILE A 1409 -17.65 53.52 42.77
N GLN A 1410 -17.56 52.72 43.84
CA GLN A 1410 -17.49 53.27 45.19
C GLN A 1410 -16.15 53.95 45.45
N ARG A 1411 -15.06 53.38 44.94
CA ARG A 1411 -13.73 53.89 45.26
C ARG A 1411 -13.35 55.12 44.44
N LYS A 1412 -14.11 55.48 43.41
CA LYS A 1412 -13.90 56.72 42.69
C LYS A 1412 -14.86 57.82 43.14
N GLN A 1413 -15.64 57.58 44.20
CA GLN A 1413 -16.60 58.56 44.67
C GLN A 1413 -15.96 59.70 45.46
N GLU A 1414 -14.70 59.55 45.89
CA GLU A 1414 -14.03 60.64 46.58
C GLU A 1414 -13.55 61.73 45.63
N LEU A 1415 -13.48 61.42 44.32
CA LEU A 1415 -13.14 62.38 43.26
C LEU A 1415 -11.77 63.01 43.45
N THR A 1416 -10.80 62.21 43.88
CA THR A 1416 -9.43 62.69 44.06
C THR A 1416 -8.74 62.71 42.69
N ASN A 1417 -8.42 63.91 42.21
CA ASN A 1417 -7.75 64.08 40.93
C ASN A 1417 -6.29 64.41 41.17
N SER A 1418 -5.41 63.46 40.87
CA SER A 1418 -3.98 63.64 40.98
C SER A 1418 -3.30 62.59 40.10
N LEU A 1419 -2.24 63.03 39.40
CA LEU A 1419 -1.41 62.20 38.51
C LEU A 1419 -2.27 61.60 37.38
N LYS A 1420 -2.69 62.49 36.47
CA LYS A 1420 -3.54 62.15 35.34
C LYS A 1420 -2.95 61.03 34.48
N LYS A 1421 -3.84 60.27 33.85
CA LYS A 1421 -3.44 59.04 33.18
C LYS A 1421 -2.85 59.32 31.80
N SER A 1422 -3.56 60.09 30.98
CA SER A 1422 -3.04 60.56 29.70
C SER A 1422 -2.80 62.06 29.82
N GLN A 1423 -1.54 62.46 29.81
CA GLN A 1423 -1.20 63.87 29.95
C GLN A 1423 -1.28 64.57 28.60
N ILE A 1424 -1.23 65.91 28.65
CA ILE A 1424 -1.15 66.72 27.44
C ILE A 1424 0.28 66.66 26.93
N LYS A 1425 0.47 66.12 25.74
CA LYS A 1425 1.80 65.82 25.24
C LYS A 1425 2.46 67.07 24.69
N LYS A 1426 3.73 67.26 25.05
CA LYS A 1426 4.50 68.39 24.56
C LYS A 1426 5.14 68.07 23.21
N ARG A 1427 5.62 69.11 22.55
CA ARG A 1427 6.20 68.97 21.22
C ARG A 1427 7.58 68.31 21.26
N SER A 1428 8.32 68.48 22.35
CA SER A 1428 9.68 67.96 22.50
C SER A 1428 9.73 66.74 23.42
N ARG A 1429 8.76 65.83 23.29
CA ARG A 1429 8.52 64.81 24.31
C ARG A 1429 9.64 63.77 24.36
N HIS A 1430 10.06 63.24 23.21
CA HIS A 1430 11.10 62.20 23.16
C HIS A 1430 12.15 62.61 22.13
N SER A 1431 13.18 63.33 22.57
CA SER A 1431 14.16 63.89 21.63
C SER A 1431 15.03 62.81 21.00
N TRP A 1432 15.51 61.87 21.83
CA TRP A 1432 16.32 60.76 21.35
C TRP A 1432 15.58 59.87 20.38
N LYS A 1433 14.31 59.59 20.66
CA LYS A 1433 13.53 58.66 19.87
C LYS A 1433 13.23 59.21 18.49
N LYS A 1434 12.83 60.48 18.39
CA LYS A 1434 12.59 61.08 17.09
C LYS A 1434 13.89 61.43 16.36
N ARG A 1435 14.99 61.61 17.09
CA ARG A 1435 16.26 61.87 16.41
C ARG A 1435 16.80 60.61 15.75
N SER A 1436 16.91 59.52 16.52
CA SER A 1436 17.60 58.31 16.03
C SER A 1436 16.99 57.08 16.71
N ARG A 1437 16.02 56.46 16.05
CA ARG A 1437 15.44 55.20 16.50
C ARG A 1437 15.72 54.05 15.54
N HIS A 1438 15.29 54.15 14.28
CA HIS A 1438 15.69 53.20 13.27
C HIS A 1438 16.45 53.99 12.21
N GLN A 1439 17.73 54.24 12.48
CA GLN A 1439 18.55 55.04 11.58
C GLN A 1439 19.24 54.17 10.53
N PHE A 1440 19.60 52.94 10.90
CA PHE A 1440 20.23 52.04 9.96
C PHE A 1440 19.26 51.63 8.86
N SER A 1441 17.97 51.48 9.17
CA SER A 1441 17.00 51.14 8.14
C SER A 1441 16.79 52.29 7.17
N ARG A 1442 16.86 53.53 7.66
CA ARG A 1442 16.75 54.69 6.78
C ARG A 1442 17.98 54.84 5.89
N ASN A 1443 19.17 54.59 6.44
CA ASN A 1443 20.38 54.60 5.61
C ASN A 1443 20.37 53.45 4.61
N HIS A 1444 19.83 52.30 5.01
CA HIS A 1444 19.77 51.15 4.13
C HIS A 1444 18.77 51.39 2.99
N TYR A 1445 17.70 52.14 3.25
CA TYR A 1445 16.82 52.58 2.17
C TYR A 1445 17.54 53.62 1.30
N LYS A 1446 18.43 54.43 1.87
CA LYS A 1446 19.21 55.31 1.01
C LYS A 1446 20.19 54.55 0.14
N TYR A 1447 20.54 53.30 0.50
CA TYR A 1447 21.49 52.57 -0.31
C TYR A 1447 20.84 51.79 -1.45
N ARG A 1448 19.69 51.15 -1.23
CA ARG A 1448 18.97 50.56 -2.35
C ARG A 1448 17.61 51.23 -2.49
N LYS A 1449 17.28 51.64 -3.70
CA LYS A 1449 16.17 52.56 -3.95
C LYS A 1449 14.94 51.87 -4.49
N ARG A 1450 14.56 50.73 -3.91
CA ARG A 1450 13.43 49.95 -4.37
C ARG A 1450 12.29 50.07 -3.38
N HIS A 1451 11.09 50.43 -3.86
CA HIS A 1451 9.89 50.31 -3.02
C HIS A 1451 9.58 48.87 -2.69
N THR A 1452 9.67 47.98 -3.66
CA THR A 1452 9.24 46.59 -3.49
C THR A 1452 10.46 45.67 -3.35
N HIS A 1453 10.31 44.65 -2.52
CA HIS A 1453 11.34 43.65 -2.32
C HIS A 1453 11.16 42.51 -3.32
N GLY A 1454 12.26 41.79 -3.57
CA GLY A 1454 12.22 40.70 -4.52
C GLY A 1454 11.40 39.51 -4.06
N ASN A 1455 11.28 39.34 -2.74
CA ASN A 1455 10.49 38.23 -2.21
C ASN A 1455 9.00 38.42 -2.44
N GLY A 1456 8.52 39.67 -2.36
CA GLY A 1456 7.14 39.94 -2.73
C GLY A 1456 6.86 39.73 -4.21
N LYS A 1457 7.85 40.03 -5.06
CA LYS A 1457 7.74 39.74 -6.49
C LYS A 1457 7.65 38.24 -6.74
N LEU A 1458 8.48 37.45 -6.04
CA LEU A 1458 8.41 35.99 -6.17
C LEU A 1458 7.07 35.45 -5.67
N ARG A 1459 6.54 36.05 -4.61
CA ARG A 1459 5.25 35.66 -4.05
C ARG A 1459 4.11 35.89 -5.05
N VAL A 1460 4.04 37.10 -5.60
CA VAL A 1460 2.97 37.45 -6.54
C VAL A 1460 3.09 36.64 -7.83
N MET A 1461 4.32 36.46 -8.32
CA MET A 1461 4.55 35.72 -9.55
C MET A 1461 4.17 34.26 -9.39
N ASN A 1462 4.48 33.65 -8.25
CA ASN A 1462 4.14 32.25 -8.04
C ASN A 1462 2.64 32.05 -7.85
N LYS A 1463 1.95 33.03 -7.26
CA LYS A 1463 0.49 32.96 -7.21
C LYS A 1463 -0.12 33.02 -8.61
N LYS A 1464 0.43 33.88 -9.48
CA LYS A 1464 -0.12 34.00 -10.84
C LYS A 1464 0.15 32.74 -11.67
N LEU A 1465 1.34 32.16 -11.51
CA LEU A 1465 1.65 30.91 -12.21
C LEU A 1465 0.77 29.77 -11.73
N LYS A 1466 0.45 29.75 -10.43
CA LYS A 1466 -0.47 28.74 -9.90
C LYS A 1466 -1.86 28.86 -10.51
N LYS A 1467 -2.36 30.09 -10.65
CA LYS A 1467 -3.69 30.26 -11.26
C LYS A 1467 -3.69 29.84 -12.73
N PHE A 1468 -2.61 30.13 -13.46
CA PHE A 1468 -2.50 29.71 -14.86
C PHE A 1468 -2.53 28.20 -15.00
N LYS A 1469 -1.72 27.51 -14.19
CA LYS A 1469 -1.68 26.05 -14.23
C LYS A 1469 -3.03 25.44 -13.87
N ALA A 1470 -3.67 25.96 -12.81
CA ALA A 1470 -4.96 25.42 -12.38
C ALA A 1470 -6.07 25.63 -13.40
N THR A 1471 -5.99 26.72 -14.18
CA THR A 1471 -6.91 26.89 -15.31
C THR A 1471 -6.70 25.80 -16.37
N ASN A 1472 -5.43 25.43 -16.61
CA ASN A 1472 -5.18 24.36 -17.56
C ASN A 1472 -5.75 23.01 -17.10
N GLU A 1473 -5.58 22.64 -15.82
CA GLU A 1473 -6.24 21.39 -15.41
C GLU A 1473 -7.76 21.47 -15.36
N LEU A 1474 -8.33 22.65 -15.10
CA LEU A 1474 -9.79 22.77 -15.14
C LEU A 1474 -10.32 22.51 -16.55
N ARG A 1475 -9.64 23.05 -17.56
CA ARG A 1475 -10.07 22.84 -18.94
C ARG A 1475 -9.95 21.38 -19.36
N GLN A 1476 -8.83 20.74 -18.98
CA GLN A 1476 -8.61 19.36 -19.41
C GLN A 1476 -9.56 18.42 -18.69
N TRP A 1477 -9.82 18.67 -17.39
CA TRP A 1477 -10.80 17.89 -16.65
C TRP A 1477 -12.21 18.06 -17.20
N TRP A 1478 -12.60 19.30 -17.54
CA TRP A 1478 -13.93 19.56 -18.07
C TRP A 1478 -14.19 18.76 -19.32
N TRP A 1479 -13.35 18.95 -20.34
CA TRP A 1479 -13.60 18.33 -21.64
C TRP A 1479 -13.40 16.82 -21.62
N ASN A 1480 -12.47 16.30 -20.82
CA ASN A 1480 -12.19 14.88 -20.90
C ASN A 1480 -12.91 14.06 -19.85
N SER A 1481 -13.45 14.67 -18.81
CA SER A 1481 -14.08 13.91 -17.75
C SER A 1481 -15.51 14.31 -17.49
N PHE A 1482 -15.80 15.61 -17.34
CA PHE A 1482 -17.09 15.97 -16.76
C PHE A 1482 -18.21 15.88 -17.79
N LEU A 1483 -18.04 16.56 -18.90
CA LEU A 1483 -19.06 16.68 -19.94
C LEU A 1483 -19.44 15.36 -20.62
N PRO A 1484 -18.53 14.43 -20.94
CA PRO A 1484 -19.00 13.11 -21.40
C PRO A 1484 -19.86 12.37 -20.41
N ARG A 1485 -19.51 12.43 -19.13
CA ARG A 1485 -20.30 11.75 -18.10
C ARG A 1485 -21.65 12.44 -17.90
N TYR A 1486 -21.66 13.78 -17.94
CA TYR A 1486 -22.89 14.52 -17.79
C TYR A 1486 -23.84 14.28 -18.95
N LEU A 1487 -23.31 14.21 -20.17
CA LEU A 1487 -24.17 13.96 -21.32
C LEU A 1487 -24.59 12.51 -21.42
N SER A 1488 -23.78 11.59 -20.89
CA SER A 1488 -24.22 10.21 -20.78
C SER A 1488 -25.37 10.08 -19.78
N ASN A 1489 -25.31 10.82 -18.68
CA ASN A 1489 -26.36 10.73 -17.67
C ASN A 1489 -27.66 11.41 -18.11
N LEU A 1490 -27.62 12.20 -19.18
CA LEU A 1490 -28.79 12.86 -19.73
C LEU A 1490 -29.66 11.92 -20.55
N GLN A 1491 -29.19 10.69 -20.79
CA GLN A 1491 -29.72 9.72 -21.75
C GLN A 1491 -29.79 10.34 -23.14
N LYS A 1566 -18.31 -41.23 -31.18
CA LYS A 1566 -17.85 -41.24 -29.80
C LYS A 1566 -18.59 -40.21 -28.93
N SER A 1567 -18.75 -40.52 -27.65
CA SER A 1567 -19.44 -39.66 -26.71
C SER A 1567 -18.53 -38.53 -26.24
N PHE A 1568 -19.15 -37.48 -25.71
CA PHE A 1568 -18.38 -36.36 -25.16
C PHE A 1568 -17.66 -36.76 -23.89
N ASP A 1569 -18.29 -37.57 -23.04
CA ASP A 1569 -17.69 -37.96 -21.78
C ASP A 1569 -16.66 -39.07 -22.00
N ILE A 1570 -15.51 -38.92 -21.35
CA ILE A 1570 -14.52 -39.98 -21.36
C ILE A 1570 -14.84 -41.02 -20.29
N THR A 1571 -15.18 -40.55 -19.09
CA THR A 1571 -15.68 -41.42 -18.03
C THR A 1571 -17.17 -41.20 -17.85
N SER A 1572 -17.84 -42.21 -17.30
CA SER A 1572 -19.25 -42.10 -17.01
C SER A 1572 -19.46 -41.40 -15.68
N MET A 1573 -20.44 -40.50 -15.64
CA MET A 1573 -20.81 -39.84 -14.40
C MET A 1573 -21.86 -40.68 -13.68
N THR A 1574 -21.55 -41.10 -12.46
CA THR A 1574 -22.42 -41.96 -11.67
C THR A 1574 -22.82 -41.24 -10.39
N THR A 1575 -24.05 -41.48 -9.94
CA THR A 1575 -24.41 -41.08 -8.59
C THR A 1575 -23.68 -41.99 -7.60
N THR A 1576 -23.18 -41.39 -6.53
CA THR A 1576 -22.26 -42.06 -5.62
C THR A 1576 -22.80 -41.96 -4.20
N LEU A 1577 -24.06 -42.36 -4.04
CA LEU A 1577 -24.74 -42.24 -2.77
C LEU A 1577 -24.95 -43.62 -2.14
N PRO A 1578 -24.80 -43.74 -0.82
CA PRO A 1578 -25.08 -45.01 -0.15
C PRO A 1578 -26.58 -45.19 0.10
N PHE A 1579 -26.95 -46.44 0.34
CA PHE A 1579 -28.34 -46.86 0.45
C PHE A 1579 -28.73 -47.11 1.90
N TYR A 1580 -30.02 -46.99 2.16
CA TYR A 1580 -30.57 -47.33 3.47
C TYR A 1580 -32.04 -47.71 3.30
N ALA A 1581 -32.57 -48.34 4.34
CA ALA A 1581 -33.93 -48.85 4.36
C ALA A 1581 -34.83 -47.95 5.20
N GLY A 1582 -36.10 -47.85 4.80
CA GLY A 1582 -37.04 -47.05 5.56
C GLY A 1582 -38.43 -47.10 4.97
N TRP A 1583 -39.32 -46.33 5.59
CA TRP A 1583 -40.73 -46.25 5.22
C TRP A 1583 -40.95 -45.12 4.23
N ASP A 1584 -41.88 -45.32 3.30
CA ASP A 1584 -41.97 -44.44 2.14
C ASP A 1584 -43.08 -43.39 2.23
N GLU A 1585 -44.18 -43.67 2.92
CA GLU A 1585 -45.29 -42.76 3.25
C GLU A 1585 -46.18 -42.37 2.08
N SER A 1586 -45.75 -42.65 0.84
CA SER A 1586 -46.57 -42.40 -0.33
C SER A 1586 -46.83 -43.69 -1.10
N LEU A 1587 -45.81 -44.52 -1.25
CA LEU A 1587 -46.00 -45.91 -1.62
C LEU A 1587 -46.57 -46.72 -0.48
N LYS A 1588 -46.37 -46.25 0.76
CA LYS A 1588 -46.75 -46.94 2.01
C LYS A 1588 -46.11 -48.32 2.10
N LYS A 1589 -44.79 -48.34 1.99
CA LYS A 1589 -44.06 -49.60 1.86
C LYS A 1589 -42.66 -49.46 2.45
N PHE A 1590 -42.11 -50.60 2.85
CA PHE A 1590 -40.74 -50.69 3.32
C PHE A 1590 -39.80 -50.82 2.12
N VAL A 1591 -38.83 -49.91 2.01
CA VAL A 1591 -38.12 -49.64 0.76
C VAL A 1591 -36.62 -49.47 1.05
N VAL A 1592 -35.77 -50.02 0.17
CA VAL A 1592 -34.37 -49.61 0.09
C VAL A 1592 -34.24 -48.47 -0.92
N THR A 1593 -33.56 -47.39 -0.51
CA THR A 1593 -33.45 -46.19 -1.35
C THR A 1593 -32.13 -45.49 -1.06
N ASN A 1594 -31.80 -44.52 -1.92
CA ASN A 1594 -30.65 -43.64 -1.72
C ASN A 1594 -31.06 -42.16 -1.63
N ARG A 1595 -32.26 -41.87 -1.15
CA ARG A 1595 -32.75 -40.51 -0.99
C ARG A 1595 -32.45 -40.01 0.42
N LEU A 1596 -31.45 -39.15 0.55
CA LEU A 1596 -31.07 -38.55 1.82
C LEU A 1596 -31.60 -37.13 1.91
N LEU A 1597 -31.66 -36.61 3.13
CA LEU A 1597 -32.13 -35.26 3.37
C LEU A 1597 -31.15 -34.23 2.78
N SER A 1598 -31.72 -33.13 2.29
CA SER A 1598 -30.94 -32.08 1.63
C SER A 1598 -29.93 -31.44 2.58
N ARG A 1599 -28.76 -31.10 2.04
CA ARG A 1599 -27.73 -30.43 2.80
C ARG A 1599 -28.07 -28.97 3.10
N ARG A 1600 -29.11 -28.42 2.47
CA ARG A 1600 -29.55 -27.07 2.77
C ARG A 1600 -30.25 -26.97 4.12
N ASP A 1601 -30.67 -28.09 4.71
CA ASP A 1601 -31.30 -28.01 6.02
C ASP A 1601 -30.93 -29.15 6.96
N ALA A 1602 -29.96 -29.99 6.60
CA ALA A 1602 -29.49 -31.00 7.55
C ALA A 1602 -28.64 -30.34 8.63
N GLY A 1603 -28.97 -30.61 9.89
CA GLY A 1603 -28.27 -30.06 11.03
C GLY A 1603 -28.92 -28.83 11.65
N LEU A 1604 -29.79 -28.15 10.92
CA LEU A 1604 -30.42 -26.93 11.44
C LEU A 1604 -31.73 -27.18 12.16
N SER A 1605 -32.40 -28.29 11.89
CA SER A 1605 -33.75 -28.50 12.40
C SER A 1605 -34.02 -29.99 12.54
N VAL A 1606 -35.06 -30.31 13.31
CA VAL A 1606 -35.50 -31.68 13.52
C VAL A 1606 -37.02 -31.62 13.61
N ASN A 1607 -37.67 -32.76 13.38
CA ASN A 1607 -39.14 -32.84 13.40
C ASN A 1607 -39.53 -34.15 14.09
N ASN A 1608 -39.65 -34.12 15.42
CA ASN A 1608 -39.92 -35.33 16.19
C ASN A 1608 -41.36 -35.41 16.67
N ASN A 1609 -42.25 -34.70 16.03
CA ASN A 1609 -43.62 -34.40 16.43
C ASN A 1609 -44.12 -33.73 15.15
N PRO A 1610 -45.40 -33.37 15.01
CA PRO A 1610 -45.74 -32.40 13.97
C PRO A 1610 -45.05 -31.05 14.14
N GLN A 1611 -44.72 -30.63 15.36
CA GLN A 1611 -44.02 -29.38 15.56
C GLN A 1611 -42.52 -29.55 15.32
N GLU A 1612 -41.88 -28.46 14.93
CA GLU A 1612 -40.51 -28.45 14.46
C GLU A 1612 -39.61 -27.68 15.43
N ILE A 1613 -38.47 -28.27 15.78
CA ILE A 1613 -37.46 -27.62 16.61
C ILE A 1613 -36.39 -27.03 15.72
N ASN A 1614 -36.21 -25.71 15.81
CA ASN A 1614 -35.05 -25.04 15.25
C ASN A 1614 -34.00 -24.91 16.34
N PHE A 1615 -32.82 -25.44 16.09
CA PHE A 1615 -31.79 -25.47 17.11
C PHE A 1615 -31.12 -24.10 17.22
N THR A 1616 -30.72 -23.76 18.44
CA THR A 1616 -30.29 -22.39 18.74
C THR A 1616 -28.80 -22.14 18.55
N ASN A 1617 -27.92 -23.08 18.87
CA ASN A 1617 -26.53 -22.85 18.51
C ASN A 1617 -25.66 -23.95 17.89
N PRO A 1618 -26.09 -24.78 16.92
CA PRO A 1618 -25.16 -25.77 16.37
C PRO A 1618 -24.21 -25.21 15.31
N PRO A 1619 -24.63 -24.51 14.24
CA PRO A 1619 -23.64 -23.62 13.64
C PRO A 1619 -23.54 -22.25 14.29
N ILE A 1620 -22.41 -21.99 14.89
CA ILE A 1620 -21.89 -20.67 15.19
C ILE A 1620 -22.11 -19.72 14.01
N GLN A 1621 -22.72 -18.57 14.28
CA GLN A 1621 -22.98 -17.58 13.23
C GLN A 1621 -22.29 -16.26 13.53
N GLY A 1622 -21.18 -16.28 14.25
CA GLY A 1622 -20.50 -15.06 14.64
C GLY A 1622 -19.42 -15.41 15.62
N LEU A 1623 -18.61 -14.40 15.96
CA LEU A 1623 -17.38 -14.73 16.67
C LEU A 1623 -16.86 -13.50 17.40
N ASN A 1624 -16.51 -13.66 18.68
CA ASN A 1624 -15.82 -12.63 19.45
C ASN A 1624 -14.50 -13.19 19.93
N GLU A 1625 -13.79 -12.42 20.76
CA GLU A 1625 -12.42 -12.78 21.15
C GLU A 1625 -12.37 -14.01 22.06
N GLY A 1626 -13.36 -14.19 22.94
CA GLY A 1626 -13.38 -15.37 23.78
C GLY A 1626 -13.65 -16.64 22.99
N SER A 1627 -14.66 -16.60 22.13
CA SER A 1627 -14.95 -17.76 21.30
C SER A 1627 -13.91 -17.97 20.20
N PHE A 1628 -13.22 -16.90 19.77
CA PHE A 1628 -12.09 -17.10 18.87
C PHE A 1628 -10.95 -17.80 19.58
N LEU A 1629 -10.67 -17.43 20.83
CA LEU A 1629 -9.63 -18.11 21.59
C LEU A 1629 -10.00 -19.56 21.88
N TYR A 1630 -11.29 -19.87 21.98
CA TYR A 1630 -11.69 -21.25 22.19
C TYR A 1630 -11.50 -22.09 20.93
N TRP A 1631 -11.87 -21.55 19.76
CA TRP A 1631 -11.90 -22.30 18.51
C TRP A 1631 -10.84 -21.80 17.52
N GLN A 1632 -9.63 -21.51 18.01
CA GLN A 1632 -8.64 -20.84 17.18
C GLN A 1632 -8.08 -21.74 16.10
N THR A 1633 -7.84 -23.01 16.42
CA THR A 1633 -7.24 -23.94 15.47
C THR A 1633 -8.27 -24.85 14.81
N GLU A 1634 -9.55 -24.50 14.90
CA GLU A 1634 -10.61 -25.35 14.38
C GLU A 1634 -11.48 -24.69 13.32
N MET A 1635 -11.18 -23.54 12.94
CA MET A 1635 -12.02 -22.86 11.98
C MET A 1635 -11.48 -23.07 10.56
N PRO A 1636 -12.31 -22.99 9.52
CA PRO A 1636 -11.78 -23.08 8.16
C PRO A 1636 -11.29 -21.75 7.59
N PHE A 1637 -11.52 -20.64 8.29
CA PHE A 1637 -11.14 -19.32 7.83
C PHE A 1637 -10.90 -18.46 9.06
N ASN A 1638 -10.26 -17.32 8.85
CA ASN A 1638 -10.32 -16.25 9.84
C ASN A 1638 -10.21 -14.90 9.14
N SER A 1639 -10.86 -13.91 9.73
CA SER A 1639 -11.06 -12.63 9.09
C SER A 1639 -10.13 -11.57 9.66
N TYR A 1640 -10.09 -10.44 8.96
CA TYR A 1640 -9.26 -9.32 9.38
C TYR A 1640 -9.79 -8.68 10.67
N ASN A 1641 -11.10 -8.77 10.91
CA ASN A 1641 -11.79 -8.07 11.99
C ASN A 1641 -11.22 -8.37 13.37
N ILE A 1642 -10.68 -9.57 13.59
CA ILE A 1642 -10.10 -9.92 14.87
C ILE A 1642 -8.59 -9.79 14.77
N ASP A 1643 -8.04 -10.09 13.61
CA ASP A 1643 -6.59 -10.06 13.41
C ASP A 1643 -6.01 -8.66 13.18
N GLN A 1644 -6.79 -7.58 13.30
CA GLN A 1644 -6.19 -6.25 13.28
C GLN A 1644 -5.25 -6.04 14.46
N PHE A 1645 -5.58 -6.63 15.60
CA PHE A 1645 -5.00 -6.24 16.87
C PHE A 1645 -3.70 -6.97 17.21
N ILE A 1646 -3.16 -7.75 16.29
CA ILE A 1646 -1.82 -8.30 16.38
C ILE A 1646 -1.04 -7.78 15.18
N THR A 1647 0.15 -7.20 15.43
CA THR A 1647 0.80 -6.42 14.38
C THR A 1647 1.45 -7.29 13.31
N THR A 1648 1.93 -8.49 13.64
CA THR A 1648 2.48 -9.38 12.62
C THR A 1648 1.38 -9.96 11.73
N ASN A 1649 0.25 -10.29 12.33
CA ASN A 1649 -0.90 -10.75 11.53
C ASN A 1649 -1.41 -9.64 10.62
N GLN A 1650 -1.50 -8.42 11.16
CA GLN A 1650 -1.94 -7.28 10.37
C GLN A 1650 -0.96 -6.95 9.25
N SER A 1651 0.33 -7.20 9.45
CA SER A 1651 1.28 -7.07 8.35
C SER A 1651 1.09 -8.17 7.32
N PHE A 1652 0.63 -9.34 7.74
CA PHE A 1652 0.31 -10.36 6.73
C PHE A 1652 -0.90 -9.96 5.90
N TYR A 1653 -1.87 -9.28 6.50
CA TYR A 1653 -3.02 -8.83 5.73
C TYR A 1653 -2.71 -7.63 4.84
N ALA A 1654 -1.84 -6.72 5.28
CA ALA A 1654 -1.54 -5.48 4.56
C ALA A 1654 -0.05 -5.24 4.49
N PRO A 1655 0.66 -5.89 3.58
CA PRO A 1655 2.12 -5.76 3.51
C PRO A 1655 2.56 -4.47 2.83
N LEU A 1656 3.85 -4.18 2.94
CA LEU A 1656 4.43 -3.03 2.26
C LEU A 1656 4.39 -3.24 0.75
N GLY A 1657 4.08 -2.16 0.03
CA GLY A 1657 3.92 -2.25 -1.41
C GLY A 1657 5.13 -1.90 -2.24
N TRP A 1658 6.32 -1.90 -1.62
CA TRP A 1658 7.59 -1.54 -2.24
C TRP A 1658 7.93 -2.34 -3.49
N ARG A 1659 7.94 -1.66 -4.63
CA ARG A 1659 8.22 -2.25 -5.94
C ARG A 1659 9.13 -1.31 -6.71
N ARG A 1660 9.72 -1.84 -7.78
CA ARG A 1660 10.45 -1.09 -8.81
C ARG A 1660 11.61 -0.29 -8.20
N PHE A 1661 12.58 -1.04 -7.72
CA PHE A 1661 13.67 -0.50 -6.92
C PHE A 1661 14.57 0.38 -7.79
N GLU A 1662 15.14 1.42 -7.19
CA GLU A 1662 15.89 2.40 -7.96
C GLU A 1662 17.41 2.25 -7.84
N PHE A 1663 17.90 1.46 -6.87
CA PHE A 1663 19.32 1.13 -6.69
C PHE A 1663 20.20 2.36 -6.53
N ARG A 1664 19.72 3.34 -5.75
CA ARG A 1664 20.45 4.59 -5.59
C ARG A 1664 21.77 4.39 -4.83
N HIS A 1665 21.85 3.35 -4.01
CA HIS A 1665 23.09 3.02 -3.32
C HIS A 1665 24.15 2.51 -4.28
N SER A 1666 23.75 1.83 -5.36
CA SER A 1666 24.67 1.11 -6.22
C SER A 1666 25.03 1.85 -7.49
N ILE A 1667 24.18 2.74 -7.98
CA ILE A 1667 24.41 3.45 -9.24
C ILE A 1667 24.93 4.82 -8.88
N LEU A 1668 26.25 5.03 -9.00
CA LEU A 1668 26.88 6.25 -8.55
C LEU A 1668 27.30 7.21 -9.65
N LYS A 1669 27.28 6.79 -10.92
CA LYS A 1669 27.74 7.62 -12.04
C LYS A 1669 26.75 7.52 -13.19
N THR A 1670 26.95 8.34 -14.24
CA THR A 1670 25.90 8.54 -15.24
C THR A 1670 26.34 8.47 -16.70
N TRP A 1671 27.61 8.13 -16.96
CA TRP A 1671 28.30 7.93 -18.25
C TRP A 1671 28.56 9.17 -19.09
N VAL A 1672 27.76 10.22 -18.97
CA VAL A 1672 27.85 11.40 -19.83
C VAL A 1672 27.32 12.60 -19.06
N ASN A 1673 28.12 13.66 -18.97
CA ASN A 1673 27.64 14.90 -18.42
C ASN A 1673 26.97 15.76 -19.49
N ASN A 1674 26.00 16.57 -19.05
CA ASN A 1674 25.34 17.51 -19.94
C ASN A 1674 25.17 18.86 -19.24
N LYS A 1685 17.29 28.66 -11.35
CA LYS A 1685 17.95 29.64 -10.50
C LYS A 1685 17.14 30.92 -10.41
N THR A 1686 15.97 30.80 -9.78
CA THR A 1686 14.97 31.86 -9.52
C THR A 1686 14.76 32.80 -10.72
N LEU A 1687 14.18 32.21 -11.76
CA LEU A 1687 13.90 32.93 -12.99
C LEU A 1687 12.60 33.71 -12.86
N ILE A 1688 12.44 34.72 -13.72
CA ILE A 1688 11.25 35.57 -13.74
C ILE A 1688 10.42 35.22 -14.97
N ILE A 1689 9.11 35.05 -14.78
CA ILE A 1689 8.22 34.54 -15.80
C ILE A 1689 7.05 35.52 -15.96
N SER A 1690 6.79 35.93 -17.20
CA SER A 1690 5.58 36.68 -17.52
C SER A 1690 4.53 35.74 -18.09
N LEU A 1691 3.26 36.07 -17.84
CA LEU A 1691 2.17 35.19 -18.21
C LEU A 1691 1.92 35.14 -19.71
N LYS A 1692 2.35 36.17 -20.45
CA LYS A 1692 2.06 36.22 -21.88
C LYS A 1692 3.05 35.44 -22.71
N ASN A 1693 4.17 35.00 -22.14
CA ASN A 1693 5.18 34.23 -22.85
C ASN A 1693 5.03 32.74 -22.62
N LEU A 1694 3.98 32.32 -21.95
CA LEU A 1694 3.90 31.01 -21.34
C LEU A 1694 2.83 30.18 -22.05
N GLN A 1695 3.21 28.98 -22.49
CA GLN A 1695 2.40 28.07 -23.29
C GLN A 1695 1.62 27.11 -22.39
N PRO A 1696 0.42 26.70 -22.84
CA PRO A 1696 -0.33 25.67 -22.09
C PRO A 1696 0.42 24.35 -22.07
N LEU A 1697 0.32 23.66 -20.95
CA LEU A 1697 1.15 22.50 -20.70
C LEU A 1697 0.56 21.24 -21.32
N LYS A 1698 1.44 20.38 -21.83
CA LYS A 1698 1.02 19.10 -22.37
C LYS A 1698 0.53 18.19 -21.25
N SER A 1699 -0.45 17.35 -21.58
CA SER A 1699 -1.18 16.56 -20.59
C SER A 1699 -0.34 15.48 -19.91
N SER A 1700 0.87 15.19 -20.40
CA SER A 1700 1.71 14.19 -19.76
C SER A 1700 2.52 14.74 -18.59
N GLN A 1701 2.94 16.00 -18.65
CA GLN A 1701 3.72 16.59 -17.54
C GLN A 1701 2.81 17.17 -16.48
N GLN A 1702 1.59 17.52 -16.88
CA GLN A 1702 0.52 17.88 -15.96
C GLN A 1702 0.26 16.75 -14.95
N LYS A 1703 0.26 15.50 -15.45
CA LYS A 1703 0.09 14.32 -14.62
C LYS A 1703 1.25 14.16 -13.65
N GLN A 1704 2.47 14.47 -14.09
CA GLN A 1704 3.65 14.38 -13.23
C GLN A 1704 3.59 15.36 -12.06
N ASN A 1705 3.13 16.58 -12.33
CA ASN A 1705 2.95 17.57 -11.25
C ASN A 1705 1.92 17.09 -10.22
N GLN A 1706 0.80 16.53 -10.70
CA GLN A 1706 -0.21 16.01 -9.79
C GLN A 1706 0.32 14.84 -8.95
N ILE A 1707 1.20 14.03 -9.53
CA ILE A 1707 1.81 12.90 -8.82
C ILE A 1707 2.70 13.39 -7.67
N LYS A 1708 3.49 14.44 -7.92
CA LYS A 1708 4.37 14.96 -6.85
C LYS A 1708 3.57 15.54 -5.68
N THR A 1709 2.48 16.27 -5.98
CA THR A 1709 1.63 16.77 -4.89
C THR A 1709 0.99 15.62 -4.11
N LYS A 1710 0.59 14.55 -4.80
CA LYS A 1710 0.01 13.41 -4.11
C LYS A 1710 1.02 12.69 -3.21
N LYS A 1711 2.30 12.72 -3.56
CA LYS A 1711 3.29 12.11 -2.68
C LYS A 1711 3.47 12.91 -1.40
N LEU A 1712 3.36 14.25 -1.48
CA LEU A 1712 3.38 15.03 -0.24
C LEU A 1712 2.16 14.78 0.64
N VAL A 1713 0.98 14.65 0.02
CA VAL A 1713 -0.25 14.31 0.75
C VAL A 1713 -0.13 12.94 1.41
N ALA A 1714 0.50 11.99 0.73
CA ALA A 1714 0.68 10.65 1.28
C ALA A 1714 1.64 10.67 2.47
N ARG A 1715 2.68 11.49 2.43
CA ARG A 1715 3.56 11.62 3.59
C ARG A 1715 2.82 12.20 4.79
N ARG A 1716 1.93 13.16 4.55
CA ARG A 1716 1.19 13.72 5.69
C ARG A 1716 0.23 12.71 6.30
N ILE A 1717 -0.39 11.86 5.49
CA ILE A 1717 -1.28 10.84 6.08
C ILE A 1717 -0.47 9.73 6.76
N LYS A 1718 0.59 9.23 6.14
CA LYS A 1718 1.20 7.99 6.59
C LYS A 1718 2.33 8.17 7.61
N LYS A 1719 3.29 9.06 7.37
CA LYS A 1719 4.41 9.29 8.30
C LYS A 1719 4.28 10.62 9.04
N ARG A 1720 3.24 10.75 9.87
CA ARG A 1720 2.96 12.00 10.58
C ARG A 1720 3.56 11.96 11.99
N TYR A 1721 4.55 12.81 12.28
CA TYR A 1721 5.39 12.62 13.47
C TYR A 1721 4.71 12.99 14.77
N LYS A 1722 3.71 13.86 14.71
CA LYS A 1722 2.93 14.16 15.91
C LYS A 1722 2.23 12.91 16.43
N LEU A 1723 1.89 11.98 15.54
CA LEU A 1723 1.41 10.67 15.92
C LEU A 1723 2.51 9.64 16.17
N LEU A 1724 3.69 9.84 15.57
CA LEU A 1724 4.81 8.88 15.73
C LEU A 1724 5.42 8.98 17.13
N LYS A 1725 5.46 10.19 17.71
CA LYS A 1725 6.10 10.39 19.00
C LYS A 1725 5.31 9.78 20.15
N GLN A 1726 3.99 9.67 20.00
CA GLN A 1726 3.14 9.15 21.05
C GLN A 1726 2.61 7.75 20.76
N MET A 1727 3.29 6.98 19.93
CA MET A 1727 2.83 5.67 19.49
C MET A 1727 3.19 4.54 20.46
N PRO A 1728 4.30 4.55 21.23
CA PRO A 1728 4.41 3.56 22.31
C PRO A 1728 3.26 3.56 23.32
N ASN A 1729 2.81 4.72 23.77
CA ASN A 1729 2.00 4.75 24.98
C ASN A 1729 0.63 5.44 24.86
N GLN A 1730 0.39 6.27 23.85
CA GLN A 1730 -0.93 6.88 23.75
C GLN A 1730 -1.73 6.46 22.54
N LEU A 1731 -1.05 6.14 21.43
CA LEU A 1731 -1.78 5.84 20.17
C LEU A 1731 -1.22 4.60 19.48
N MET A 1732 -1.83 4.19 18.37
CA MET A 1732 -1.34 3.03 17.59
C MET A 1732 -1.17 3.46 16.13
N TYR A 1733 0.07 3.75 15.71
CA TYR A 1733 0.33 4.24 14.34
C TYR A 1733 1.33 3.29 13.67
N SER A 1734 0.86 2.29 12.91
CA SER A 1734 1.83 1.36 12.38
C SER A 1734 1.91 1.47 10.87
N PRO A 1735 3.08 1.23 10.27
CA PRO A 1735 3.21 1.32 8.81
C PRO A 1735 2.74 0.05 8.10
N THR A 1736 1.60 0.13 7.44
CA THR A 1736 1.12 -0.95 6.60
C THR A 1736 0.83 -0.41 5.21
N GLY A 1737 0.68 -1.33 4.26
CA GLY A 1737 0.21 -0.98 2.95
C GLY A 1737 -1.30 -1.00 2.90
N PRO A 1738 -1.86 -1.00 1.69
CA PRO A 1738 -3.31 -1.18 1.58
C PRO A 1738 -3.73 -2.59 1.95
N LEU A 1739 -4.97 -2.70 2.41
CA LEU A 1739 -5.53 -3.99 2.79
C LEU A 1739 -5.84 -4.80 1.55
N LEU A 1740 -5.25 -6.00 1.45
CA LEU A 1740 -5.33 -6.82 0.25
C LEU A 1740 -6.44 -7.86 0.31
N THR A 1741 -6.70 -8.44 1.47
CA THR A 1741 -7.71 -9.47 1.66
C THR A 1741 -8.52 -9.16 2.90
N GLU A 1742 -9.72 -9.72 2.97
CA GLU A 1742 -10.54 -9.65 4.16
C GLU A 1742 -10.56 -10.95 4.96
N VAL A 1743 -10.34 -12.09 4.29
CA VAL A 1743 -10.44 -13.42 4.90
C VAL A 1743 -9.26 -14.25 4.41
N LEU A 1744 -8.62 -14.97 5.32
CA LEU A 1744 -7.53 -15.89 5.00
C LEU A 1744 -7.86 -17.29 5.51
N PRO A 1745 -7.25 -18.33 4.93
CA PRO A 1745 -7.32 -19.66 5.55
C PRO A 1745 -6.61 -19.69 6.89
N SER A 1746 -7.09 -20.56 7.79
CA SER A 1746 -6.72 -20.50 9.20
C SER A 1746 -5.27 -20.87 9.45
N HIS A 1747 -4.69 -21.72 8.60
CA HIS A 1747 -3.32 -22.19 8.84
C HIS A 1747 -2.26 -21.23 8.32
N TYR A 1748 -2.62 -19.99 7.98
CA TYR A 1748 -1.66 -19.02 7.48
C TYR A 1748 -0.58 -18.70 8.51
N ILE A 1749 -0.92 -18.77 9.80
CA ILE A 1749 0.05 -18.49 10.86
C ILE A 1749 1.19 -19.50 10.89
N SER A 1750 1.03 -20.65 10.23
CA SER A 1750 2.14 -21.59 10.07
C SER A 1750 3.30 -21.01 9.26
N VAL A 1751 3.10 -19.91 8.51
CA VAL A 1751 4.24 -19.30 7.84
C VAL A 1751 5.13 -18.52 8.78
N PHE A 1752 4.71 -18.30 10.03
CA PHE A 1752 5.55 -17.65 11.03
C PHE A 1752 6.34 -18.65 11.87
N ASP A 1753 6.27 -19.94 11.55
CA ASP A 1753 6.81 -20.96 12.44
C ASP A 1753 8.33 -21.03 12.37
N GLN A 1754 8.92 -20.86 11.18
CA GLN A 1754 10.37 -20.88 11.04
C GLN A 1754 10.88 -19.45 11.13
N GLN A 1755 11.24 -19.04 12.34
CA GLN A 1755 11.54 -17.64 12.61
C GLN A 1755 12.89 -17.24 12.02
N TYR A 1756 13.03 -15.95 11.77
CA TYR A 1756 14.30 -15.36 11.36
C TYR A 1756 15.05 -14.81 12.57
N ARG A 1757 16.25 -14.31 12.32
CA ARG A 1757 17.11 -13.80 13.37
C ARG A 1757 16.67 -12.42 13.85
N LEU A 1758 16.98 -12.12 15.11
CA LEU A 1758 16.89 -10.76 15.60
C LEU A 1758 17.94 -9.89 14.91
N PRO A 1759 17.62 -8.61 14.65
CA PRO A 1759 18.54 -7.78 13.86
C PRO A 1759 19.87 -7.48 14.54
N ARG A 1760 19.95 -7.66 15.86
CA ARG A 1760 21.24 -7.48 16.56
C ARG A 1760 22.22 -8.56 16.10
N ASN A 1761 21.71 -9.75 15.72
CA ASN A 1761 22.55 -10.85 15.29
C ASN A 1761 22.93 -10.75 13.84
N ARG A 1762 22.38 -9.80 13.10
CA ARG A 1762 22.72 -9.58 11.71
C ARG A 1762 23.63 -8.38 11.52
N TYR A 1763 23.48 -7.33 12.33
CA TYR A 1763 24.19 -6.07 12.14
C TYR A 1763 25.06 -5.76 13.35
N LEU A 1764 25.99 -4.85 13.15
CA LEU A 1764 26.81 -4.34 14.25
C LEU A 1764 25.98 -3.46 15.18
N LYS A 1765 26.34 -3.48 16.46
CA LYS A 1765 25.68 -2.69 17.49
C LYS A 1765 26.53 -1.52 17.94
N ARG A 1766 27.57 -1.19 17.20
CA ARG A 1766 28.56 -0.19 17.57
C ARG A 1766 28.82 0.72 16.37
N ASN A 1767 28.89 2.02 16.62
CA ASN A 1767 29.14 3.00 15.58
C ASN A 1767 30.61 3.03 15.19
N PRO A 1768 30.93 3.50 13.99
CA PRO A 1768 32.32 3.84 13.65
C PRO A 1768 32.79 5.14 14.29
N LEU A 1769 33.98 5.59 13.91
CA LEU A 1769 34.63 6.73 14.54
C LEU A 1769 33.86 8.02 14.27
N LYS A 1770 33.76 8.86 15.29
CA LYS A 1770 33.12 10.16 15.18
C LYS A 1770 34.11 11.31 15.06
N THR A 1771 35.38 11.10 15.39
CA THR A 1771 36.42 12.10 15.20
C THR A 1771 37.68 11.40 14.68
N LEU A 1772 38.55 12.18 14.08
CA LEU A 1772 39.84 11.69 13.59
C LEU A 1772 40.94 12.17 14.54
N LYS A 1773 41.51 11.23 15.28
CA LYS A 1773 42.66 11.50 16.14
C LYS A 1773 43.94 11.60 15.31
N LYS A 1774 45.08 11.72 15.97
CA LYS A 1774 46.34 11.92 15.27
C LYS A 1774 46.82 10.63 14.61
N THR A 1775 46.69 9.51 15.30
CA THR A 1775 47.20 8.25 14.77
C THR A 1775 46.36 7.76 13.60
N THR A 1776 45.05 7.99 13.63
CA THR A 1776 44.25 7.62 12.47
C THR A 1776 44.51 8.53 11.29
N LEU A 1777 44.91 9.78 11.52
CA LEU A 1777 45.30 10.63 10.41
C LEU A 1777 46.62 10.19 9.80
N LEU A 1778 47.55 9.73 10.64
CA LEU A 1778 48.81 9.18 10.13
C LEU A 1778 48.58 7.89 9.34
N ALA A 1779 47.68 7.02 9.81
CA ALA A 1779 47.36 5.79 9.08
C ALA A 1779 46.69 6.10 7.74
N LEU A 1780 45.81 7.10 7.72
CA LEU A 1780 45.18 7.51 6.47
C LEU A 1780 46.19 8.09 5.50
N MET A 1781 47.16 8.87 5.98
CA MET A 1781 48.17 9.42 5.06
C MET A 1781 49.09 8.35 4.51
N ASP A 1782 49.47 7.36 5.33
CA ASP A 1782 50.29 6.27 4.84
C ASP A 1782 49.56 5.45 3.77
N SER A 1783 48.29 5.12 4.03
CA SER A 1783 47.49 4.39 3.05
C SER A 1783 47.28 5.19 1.76
N SER A 1784 47.08 6.51 1.88
CA SER A 1784 46.88 7.34 0.70
C SER A 1784 48.17 7.49 -0.11
N LYS A 1785 49.32 7.49 0.55
CA LYS A 1785 50.59 7.52 -0.17
C LYS A 1785 50.83 6.21 -0.91
N GLN A 1786 50.35 5.09 -0.38
CA GLN A 1786 50.55 3.84 -1.11
C GLN A 1786 49.67 3.73 -2.36
N THR A 1787 48.55 4.47 -2.41
CA THR A 1787 47.63 4.37 -3.53
C THR A 1787 47.68 5.57 -4.48
N ASN A 1788 48.66 6.46 -4.29
CA ASN A 1788 48.90 7.65 -5.15
C ASN A 1788 47.70 8.60 -5.20
N GLY A 1789 47.03 8.78 -4.07
CA GLY A 1789 45.96 9.74 -3.96
C GLY A 1789 44.64 9.35 -4.58
N VAL A 1790 44.54 8.07 -4.94
CA VAL A 1790 43.24 7.55 -5.41
C VAL A 1790 42.48 7.26 -4.15
N ASN A 1791 43.24 7.01 -3.08
CA ASN A 1791 42.68 6.69 -1.74
C ASN A 1791 42.01 5.32 -1.73
N LYS A 1792 40.72 5.28 -1.39
CA LYS A 1792 40.02 4.07 -0.92
C LYS A 1792 38.57 4.44 -0.68
N GLU A 1793 37.69 3.47 -0.83
CA GLU A 1793 36.29 3.63 -0.47
C GLU A 1793 35.92 2.52 0.49
N PHE A 1794 34.97 2.80 1.37
CA PHE A 1794 34.62 1.86 2.43
C PHE A 1794 33.16 1.46 2.35
N LEU A 1796 29.79 -0.44 4.68
CA LEU A 1796 29.27 -0.90 5.96
C LEU A 1796 28.16 -1.91 5.72
N ARG A 1797 28.48 -3.17 5.96
CA ARG A 1797 27.64 -4.30 5.60
C ARG A 1797 27.22 -5.05 6.86
N LYS A 1798 26.57 -6.19 6.66
CA LYS A 1798 26.20 -7.07 7.75
C LYS A 1798 27.39 -7.94 8.16
N ARG A 1799 27.15 -8.81 9.14
CA ARG A 1799 28.21 -9.67 9.67
C ARG A 1799 28.57 -10.78 8.70
N VAL A 1800 29.84 -11.19 8.73
CA VAL A 1800 30.28 -12.33 7.93
C VAL A 1800 30.31 -13.63 8.71
N LYS A 1801 30.11 -13.56 10.02
CA LYS A 1801 30.20 -14.73 10.90
C LYS A 1801 29.50 -14.37 12.21
N PRO A 1802 29.05 -15.36 12.98
CA PRO A 1802 28.61 -15.09 14.34
C PRO A 1802 29.81 -14.83 15.25
N ARG A 1803 29.53 -14.35 16.45
CA ARG A 1803 30.58 -13.90 17.34
C ARG A 1803 31.09 -15.04 18.22
N ARG A 1804 32.42 -15.10 18.37
CA ARG A 1804 33.10 -16.30 18.88
C ARG A 1804 32.84 -16.54 20.35
N LYS A 1805 32.61 -15.49 21.13
CA LYS A 1805 32.56 -15.64 22.59
C LYS A 1805 31.33 -16.39 23.07
N TYR A 1806 30.36 -16.65 22.21
CA TYR A 1806 29.21 -17.45 22.57
C TYR A 1806 29.40 -18.94 22.32
N HIS A 1807 30.50 -19.35 21.72
CA HIS A 1807 30.74 -20.77 21.54
C HIS A 1807 32.18 -21.20 21.75
N ARG A 1808 33.09 -20.32 22.14
CA ARG A 1808 34.48 -20.67 22.36
C ARG A 1808 35.00 -20.02 23.63
N LYS A 1809 35.96 -20.69 24.26
CA LYS A 1809 36.77 -20.07 25.30
C LYS A 1809 37.82 -19.20 24.64
N ARG A 1810 37.82 -17.91 24.95
CA ARG A 1810 38.75 -16.96 24.37
C ARG A 1810 39.68 -16.42 25.43
N PHE A 1811 40.94 -16.24 25.07
CA PHE A 1811 41.89 -15.57 25.95
C PHE A 1811 41.47 -14.12 26.13
N ILE A 1812 41.54 -13.64 27.38
CA ILE A 1812 40.86 -12.40 27.74
C ILE A 1812 41.56 -11.18 27.16
N LYS A 1813 42.91 -11.14 27.22
CA LYS A 1813 43.75 -10.01 26.82
C LYS A 1813 43.29 -8.73 27.52
N LYS A 1814 43.40 -8.76 28.86
CA LYS A 1814 42.67 -7.84 29.72
C LYS A 1814 43.20 -6.41 29.63
N ASP A 1815 44.44 -6.21 29.20
CA ASP A 1815 44.90 -4.86 28.89
C ASP A 1815 44.21 -4.30 27.65
N GLY A 1816 43.84 -5.16 26.71
CA GLY A 1816 43.12 -4.74 25.53
C GLY A 1816 43.97 -4.36 24.35
N LEU A 1817 45.27 -4.61 24.40
CA LEU A 1817 46.20 -4.18 23.36
C LEU A 1817 46.56 -5.36 22.47
N ILE A 1818 46.76 -5.11 21.18
CA ILE A 1818 46.68 -6.20 20.21
C ILE A 1818 48.05 -6.70 19.75
N PHE A 1819 48.89 -5.82 19.17
CA PHE A 1819 50.20 -6.16 18.59
C PHE A 1819 50.15 -7.27 17.54
N PRO A 1820 49.79 -6.94 16.29
CA PRO A 1820 49.61 -7.99 15.25
C PRO A 1820 50.89 -8.72 14.87
N ARG A 1821 50.71 -9.90 14.28
CA ARG A 1821 51.78 -10.84 13.96
C ARG A 1821 51.67 -11.25 12.51
N ARG A 1822 52.64 -10.85 11.69
CA ARG A 1822 52.56 -11.00 10.24
C ARG A 1822 53.94 -10.79 9.62
N THR A 1823 54.03 -11.04 8.32
CA THR A 1823 55.20 -10.67 7.55
C THR A 1823 55.13 -9.19 7.17
N LYS A 1824 56.25 -8.69 6.63
CA LYS A 1824 56.39 -7.27 6.36
C LYS A 1824 55.59 -6.84 5.13
N PHE A 1825 55.24 -5.56 5.11
CA PHE A 1825 54.61 -4.94 3.95
C PHE A 1825 55.57 -4.89 2.78
N ASN A 1826 55.02 -4.97 1.58
CA ASN A 1826 55.81 -5.09 0.36
C ASN A 1826 55.56 -3.91 -0.57
N THR A 1827 56.52 -3.69 -1.47
CA THR A 1827 56.37 -2.80 -2.60
C THR A 1827 56.91 -3.49 -3.84
N ASN A 1828 56.63 -2.89 -5.00
CA ASN A 1828 57.03 -3.36 -6.33
C ASN A 1828 56.60 -4.81 -6.62
N ASP A 1847 62.89 7.40 3.64
CA ASP A 1847 62.65 7.10 2.24
C ASP A 1847 61.19 6.76 2.00
N ASP A 1848 60.94 5.82 1.10
CA ASP A 1848 59.63 5.21 0.90
C ASP A 1848 59.44 4.00 1.81
N LEU A 1849 59.62 4.23 3.11
CA LEU A 1849 59.64 3.18 4.11
C LEU A 1849 58.48 3.43 5.07
N ARG A 1850 57.68 2.39 5.31
CA ARG A 1850 56.43 2.54 6.06
C ARG A 1850 56.67 2.28 7.55
N TRP A 1851 56.01 3.09 8.39
CA TRP A 1851 56.16 3.03 9.84
C TRP A 1851 54.81 2.95 10.51
N ARG A 1852 54.73 2.15 11.57
CA ARG A 1852 53.52 2.08 12.37
C ARG A 1852 53.30 3.41 13.10
N PRO A 1853 52.08 3.93 13.14
CA PRO A 1853 51.81 5.17 13.86
C PRO A 1853 52.05 5.04 15.36
N SER A 1854 52.46 6.15 15.97
CA SER A 1854 52.80 6.19 17.38
C SER A 1854 52.27 7.48 17.99
N SER A 1855 52.37 7.58 19.30
CA SER A 1855 52.05 8.82 19.99
C SER A 1855 53.00 9.03 21.17
N GLN A 1888 27.80 -20.81 36.41
CA GLN A 1888 27.93 -21.45 35.11
C GLN A 1888 27.23 -20.64 34.03
N LEU A 1889 27.50 -20.98 32.77
CA LEU A 1889 26.98 -20.21 31.66
C LEU A 1889 25.48 -20.42 31.48
N ARG A 1890 24.76 -19.31 31.35
CA ARG A 1890 23.37 -19.32 30.88
C ARG A 1890 23.37 -19.53 29.38
N ARG A 1891 22.27 -20.10 28.88
CA ARG A 1891 22.12 -20.40 27.43
C ARG A 1891 21.08 -19.44 26.83
N ARG A 1892 21.30 -19.03 25.59
CA ARG A 1892 20.41 -18.14 24.86
C ARG A 1892 19.17 -18.87 24.38
N GLU A 1893 18.20 -18.09 23.91
CA GLU A 1893 17.03 -18.60 23.22
C GLU A 1893 17.19 -18.34 21.73
N PHE A 1894 17.44 -19.41 20.97
CA PHE A 1894 17.74 -19.30 19.56
C PHE A 1894 16.47 -19.05 18.76
N GLN A 1895 16.60 -18.29 17.68
CA GLN A 1895 15.50 -18.08 16.76
C GLN A 1895 15.51 -19.04 15.60
N GLN A 1896 16.68 -19.35 15.05
CA GLN A 1896 16.81 -20.17 13.85
C GLN A 1896 16.71 -21.64 14.21
N VAL A 1897 15.50 -22.03 14.61
CA VAL A 1897 15.22 -23.31 15.24
C VAL A 1897 13.87 -23.74 14.68
N LEU A 1898 13.57 -25.03 14.81
CA LEU A 1898 12.28 -25.54 14.35
C LEU A 1898 11.31 -25.69 15.51
N LYS A 1899 10.05 -25.49 15.23
CA LYS A 1899 8.96 -25.79 16.15
C LYS A 1899 8.11 -26.92 15.57
N PRO A 1900 7.47 -27.73 16.43
CA PRO A 1900 6.47 -28.69 15.92
C PRO A 1900 5.25 -27.95 15.43
N LEU A 1901 4.87 -28.19 14.17
CA LEU A 1901 3.75 -27.41 13.66
C LEU A 1901 2.43 -28.02 14.11
N GLN A 1902 1.42 -27.18 14.15
CA GLN A 1902 0.18 -27.50 14.84
C GLN A 1902 -0.83 -27.97 13.79
N ARG A 1903 -1.72 -28.87 14.19
CA ARG A 1903 -2.65 -29.52 13.27
C ARG A 1903 -4.02 -28.88 13.39
N TYR A 1904 -4.67 -28.68 12.25
CA TYR A 1904 -5.92 -27.94 12.18
C TYR A 1904 -7.11 -28.88 12.00
N ILE A 1905 -7.32 -29.73 12.99
CA ILE A 1905 -8.39 -30.73 13.00
C ILE A 1905 -9.44 -30.28 14.00
N PRO A 1906 -10.72 -30.28 13.62
CA PRO A 1906 -11.77 -29.97 14.61
C PRO A 1906 -11.83 -31.03 15.69
N GLN A 1907 -12.10 -30.60 16.91
CA GLN A 1907 -12.11 -31.48 18.07
C GLN A 1907 -13.54 -31.66 18.59
N ASN A 1908 -13.73 -32.71 19.36
CA ASN A 1908 -15.02 -33.05 19.91
C ASN A 1908 -14.90 -33.29 21.41
N GLY A 1909 -16.03 -33.28 22.08
CA GLY A 1909 -16.04 -33.41 23.52
C GLY A 1909 -15.88 -32.07 24.20
N GLY A 1910 -15.15 -32.05 25.31
CA GLY A 1910 -15.00 -30.86 26.10
C GLY A 1910 -15.89 -30.89 27.33
N PHE A 1911 -15.75 -29.85 28.15
CA PHE A 1911 -16.60 -29.70 29.33
C PHE A 1911 -17.91 -29.04 29.02
N THR A 1912 -18.10 -28.55 27.80
CA THR A 1912 -19.33 -27.91 27.40
C THR A 1912 -20.02 -28.73 26.32
N TRP A 1913 -21.34 -28.58 26.26
CA TRP A 1913 -22.08 -29.00 25.09
C TRP A 1913 -21.67 -28.15 23.89
N PRO A 1914 -21.74 -28.70 22.66
CA PRO A 1914 -21.27 -27.96 21.49
C PRO A 1914 -22.04 -26.67 21.22
N GLY A 1915 -21.33 -25.68 20.72
CA GLY A 1915 -21.86 -24.34 20.53
C GLY A 1915 -21.59 -23.37 21.65
N ASP A 1916 -20.73 -23.71 22.60
CA ASP A 1916 -20.46 -22.86 23.76
C ASP A 1916 -19.00 -22.99 24.13
N TYR A 1917 -18.52 -22.02 24.90
CA TYR A 1917 -17.16 -22.01 25.40
C TYR A 1917 -17.17 -21.80 26.90
N LEU A 1918 -16.00 -21.91 27.52
CA LEU A 1918 -15.87 -21.82 28.97
C LEU A 1918 -15.81 -20.34 29.36
N ARG A 1919 -16.90 -19.83 29.93
CA ARG A 1919 -17.01 -18.40 30.14
C ARG A 1919 -17.00 -18.00 31.61
N LEU A 1920 -16.59 -18.88 32.50
CA LEU A 1920 -16.20 -18.51 33.86
C LEU A 1920 -14.72 -18.76 34.11
N GLU A 1921 -13.95 -18.96 33.04
CA GLU A 1921 -12.52 -19.16 33.14
C GLU A 1921 -11.81 -17.89 33.61
N ILE A 1922 -10.82 -18.05 34.48
CA ILE A 1922 -10.18 -16.93 35.17
C ILE A 1922 -9.08 -16.34 34.30
N VAL A 1923 -9.11 -15.03 34.11
CA VAL A 1923 -8.13 -14.30 33.31
C VAL A 1923 -7.41 -13.31 34.23
N GLU A 1924 -6.08 -13.33 34.19
CA GLU A 1924 -5.29 -12.38 34.97
C GLU A 1924 -5.37 -10.99 34.36
N MET A 1925 -6.30 -10.17 34.84
CA MET A 1925 -6.63 -8.89 34.25
C MET A 1925 -7.47 -8.17 35.29
N PRO A 1926 -7.15 -6.92 35.65
CA PRO A 1926 -7.72 -6.32 36.86
C PRO A 1926 -9.16 -5.87 36.68
N LYS A 1927 -9.73 -5.39 37.79
CA LYS A 1927 -11.08 -4.83 37.80
C LYS A 1927 -11.04 -3.51 38.58
N LEU A 1928 -11.37 -2.42 37.90
CA LEU A 1928 -11.24 -1.08 38.47
C LEU A 1928 -12.55 -0.63 39.08
N LYS A 1929 -12.50 -0.13 40.30
CA LYS A 1929 -13.67 0.49 40.89
C LYS A 1929 -13.80 1.93 40.41
N SER A 1930 -15.02 2.47 40.54
CA SER A 1930 -15.34 3.75 39.92
C SER A 1930 -14.69 4.93 40.62
N ILE A 1931 -14.42 4.82 41.91
CA ILE A 1931 -13.83 5.90 42.69
C ILE A 1931 -12.48 5.43 43.22
N ASN A 1932 -11.43 6.18 42.91
CA ASN A 1932 -10.13 5.97 43.53
C ASN A 1932 -9.79 7.18 44.38
N ILE A 1933 -9.28 6.91 45.58
CA ILE A 1933 -8.75 7.92 46.49
C ILE A 1933 -7.75 7.19 47.38
N LYS A 1934 -6.78 7.96 47.89
CA LYS A 1934 -5.52 7.48 48.49
C LYS A 1934 -4.93 6.31 47.70
N LYS A 1935 -4.57 6.62 46.47
CA LYS A 1935 -4.05 5.64 45.52
C LYS A 1935 -2.73 5.05 45.98
N THR A 1936 -2.55 3.74 45.74
CA THR A 1936 -1.25 3.12 45.95
C THR A 1936 -0.67 2.52 44.67
N SER A 1937 -1.32 1.49 44.11
CA SER A 1937 -0.81 0.66 43.02
C SER A 1937 -1.84 -0.39 42.65
N LEU A 1938 -1.56 -1.16 41.60
CA LEU A 1938 -2.37 -2.30 41.24
C LEU A 1938 -1.52 -3.57 41.33
N LYS A 1939 -2.10 -4.62 41.89
CA LYS A 1939 -1.42 -5.91 41.94
C LYS A 1939 -1.25 -6.49 40.54
N GLN A 1940 -2.31 -6.49 39.75
CA GLN A 1940 -2.28 -6.89 38.35
C GLN A 1940 -2.45 -5.63 37.51
N LYS A 1941 -1.46 -5.34 36.68
CA LYS A 1941 -1.41 -4.12 35.90
C LYS A 1941 -2.03 -4.31 34.53
N ILE A 1942 -2.32 -3.19 33.88
CA ILE A 1942 -2.77 -3.18 32.49
C ILE A 1942 -1.57 -2.81 31.64
N ASN A 1943 -0.89 -3.83 31.10
CA ASN A 1943 0.38 -3.60 30.41
C ASN A 1943 0.19 -2.97 29.05
N VAL A 1944 -0.83 -3.38 28.31
CA VAL A 1944 -1.15 -2.77 27.02
C VAL A 1944 -2.36 -1.86 27.22
N GLN A 1945 -2.09 -0.58 27.44
CA GLN A 1945 -3.12 0.41 27.73
C GLN A 1945 -3.87 0.98 26.52
N PRO A 1946 -3.25 1.36 25.38
CA PRO A 1946 -4.07 1.89 24.28
C PRO A 1946 -4.90 0.82 23.58
N VAL A 1947 -6.08 1.24 23.13
CA VAL A 1947 -6.96 0.42 22.30
C VAL A 1947 -6.67 0.80 20.85
N GLY A 1948 -6.14 -0.14 20.09
CA GLY A 1948 -5.61 0.20 18.77
C GLY A 1948 -6.50 -0.12 17.58
N ILE A 1949 -7.19 0.90 17.07
CA ILE A 1949 -8.23 0.71 16.05
C ILE A 1949 -7.86 1.44 14.77
N MET A 1950 -6.60 1.35 14.34
CA MET A 1950 -6.21 2.05 13.10
C MET A 1950 -6.96 1.48 11.90
N PRO A 1951 -7.73 2.31 11.18
CA PRO A 1951 -8.65 1.77 10.18
C PRO A 1951 -8.10 1.66 8.76
N ARG A 1952 -8.29 0.50 8.14
CA ARG A 1952 -7.98 0.29 6.74
C ARG A 1952 -9.21 -0.21 6.03
N LYS A 1953 -9.51 0.38 4.89
CA LYS A 1953 -10.64 -0.01 4.06
C LYS A 1953 -10.20 -0.98 2.98
N TYR A 1954 -11.14 -1.79 2.53
CA TYR A 1954 -10.94 -2.73 1.43
C TYR A 1954 -11.36 -2.04 0.13
N LEU A 1955 -10.42 -1.87 -0.80
CA LEU A 1955 -10.61 -0.95 -1.91
C LEU A 1955 -10.69 -1.68 -3.24
N ILE A 1956 -11.49 -2.74 -3.31
CA ILE A 1956 -11.52 -3.61 -4.49
C ILE A 1956 -12.18 -2.92 -5.69
N GLU A 1957 -13.20 -2.09 -5.46
CA GLU A 1957 -13.93 -1.48 -6.56
C GLU A 1957 -13.12 -0.39 -7.24
N LYS A 1958 -12.34 0.36 -6.47
CA LYS A 1958 -11.45 1.38 -7.03
C LYS A 1958 -10.37 0.73 -7.90
N HIS A 1959 -9.85 -0.40 -7.45
CA HIS A 1959 -8.87 -1.15 -8.22
C HIS A 1959 -9.48 -1.70 -9.51
N ASN A 1960 -10.73 -2.13 -9.47
CA ASN A 1960 -11.40 -2.65 -10.66
C ASN A 1960 -11.63 -1.55 -11.70
N ILE A 1961 -12.01 -0.35 -11.26
CA ILE A 1961 -12.16 0.79 -12.18
C ILE A 1961 -10.82 1.12 -12.84
N LYS A 1962 -9.74 1.14 -12.05
CA LYS A 1962 -8.43 1.51 -12.60
C LYS A 1962 -7.93 0.45 -13.59
N VAL A 1963 -8.19 -0.82 -13.31
CA VAL A 1963 -7.85 -1.91 -14.23
C VAL A 1963 -8.64 -1.79 -15.53
N LEU A 1964 -9.91 -1.41 -15.44
CA LEU A 1964 -10.74 -1.25 -16.64
C LEU A 1964 -10.23 -0.11 -17.53
N LYS A 1965 -9.80 1.00 -16.91
CA LYS A 1965 -9.22 2.10 -17.68
C LYS A 1965 -7.92 1.68 -18.35
N LYS A 1966 -7.07 0.94 -17.65
CA LYS A 1966 -5.82 0.47 -18.24
C LYS A 1966 -6.06 -0.49 -19.38
N LYS A 1967 -7.05 -1.38 -19.24
CA LYS A 1967 -7.35 -2.36 -20.27
C LYS A 1967 -7.89 -1.72 -21.54
N LEU A 1968 -8.79 -0.75 -21.42
CA LEU A 1968 -9.23 -0.15 -22.68
C LEU A 1968 -8.35 1.00 -23.13
N SER A 1969 -7.30 1.36 -22.37
CA SER A 1969 -6.26 2.20 -22.92
C SER A 1969 -5.20 1.41 -23.67
N GLN A 1970 -4.97 0.15 -23.29
CA GLN A 1970 -4.05 -0.70 -24.03
C GLN A 1970 -4.57 -1.03 -25.43
N ALA A 1971 -5.89 -1.07 -25.59
CA ALA A 1971 -6.53 -1.42 -26.85
C ALA A 1971 -6.81 -0.21 -27.73
N TYR A 1972 -6.24 0.95 -27.37
CA TYR A 1972 -6.31 2.20 -28.15
C TYR A 1972 -7.74 2.68 -28.39
N SER A 1973 -8.65 2.36 -27.48
CA SER A 1973 -10.02 2.79 -27.58
C SER A 1973 -10.45 3.36 -26.24
N THR A 1974 -10.07 4.62 -25.98
CA THR A 1974 -10.55 5.35 -24.82
C THR A 1974 -11.82 6.11 -25.12
N GLN A 1975 -12.32 6.04 -26.35
CA GLN A 1975 -13.62 6.60 -26.68
C GLN A 1975 -14.76 5.80 -26.08
N GLN A 1976 -14.51 4.57 -25.66
CA GLN A 1976 -15.51 3.72 -25.04
C GLN A 1976 -15.54 3.85 -23.53
N LEU A 1977 -14.71 4.72 -22.96
CA LEU A 1977 -14.39 4.66 -21.54
C LEU A 1977 -15.57 5.02 -20.66
N THR A 1978 -16.29 6.10 -21.00
CA THR A 1978 -17.38 6.55 -20.14
C THR A 1978 -18.55 5.57 -20.14
N LYS A 1979 -18.84 4.93 -21.27
CA LYS A 1979 -19.95 3.98 -21.33
C LYS A 1979 -19.63 2.69 -20.57
N VAL A 1980 -18.40 2.19 -20.71
CA VAL A 1980 -18.01 0.94 -20.05
C VAL A 1980 -17.88 1.14 -18.54
N VAL A 1981 -17.26 2.25 -18.12
CA VAL A 1981 -17.13 2.55 -16.69
C VAL A 1981 -18.50 2.83 -16.08
N GLN A 1982 -19.38 3.47 -16.84
CA GLN A 1982 -20.72 3.75 -16.34
C GLN A 1982 -21.54 2.48 -16.18
N GLU A 1983 -21.44 1.54 -17.11
CA GLU A 1983 -22.22 0.31 -16.95
C GLU A 1983 -21.65 -0.56 -15.84
N TYR A 1984 -20.32 -0.53 -15.62
CA TYR A 1984 -19.78 -1.25 -14.46
C TYR A 1984 -20.25 -0.64 -13.14
N LYS A 1985 -20.30 0.69 -13.06
CA LYS A 1985 -20.79 1.33 -11.84
C LYS A 1985 -22.28 1.09 -11.64
N ASN A 1986 -23.04 0.95 -12.72
CA ASN A 1986 -24.45 0.60 -12.59
C ASN A 1986 -24.63 -0.82 -12.10
N LEU A 1987 -23.80 -1.76 -12.58
CA LEU A 1987 -23.88 -3.12 -12.07
C LEU A 1987 -23.26 -3.31 -10.70
N ILE A 1988 -22.54 -2.32 -10.17
CA ILE A 1988 -22.24 -2.35 -8.74
C ILE A 1988 -23.52 -2.21 -7.92
N GLN A 1989 -24.40 -1.30 -8.33
CA GLN A 1989 -25.70 -1.13 -7.67
C GLN A 1989 -26.61 -2.34 -7.83
N LYS B 137 -30.94 33.77 6.42
CA LYS B 137 -30.12 33.27 7.51
C LYS B 137 -31.02 32.56 8.51
N ARG B 138 -30.42 31.94 9.53
CA ARG B 138 -31.14 31.40 10.69
C ARG B 138 -32.18 30.33 10.35
N ASN B 139 -31.72 29.09 10.11
CA ASN B 139 -32.57 27.91 9.99
C ASN B 139 -33.46 27.94 8.75
N TRP B 140 -32.83 27.71 7.59
CA TRP B 140 -33.52 27.61 6.30
C TRP B 140 -34.33 26.31 6.25
N LYS B 141 -35.53 26.36 6.81
CA LYS B 141 -36.46 25.25 6.71
C LYS B 141 -37.74 25.62 5.98
N ASN B 142 -37.79 26.79 5.35
CA ASN B 142 -38.83 27.10 4.39
C ASN B 142 -38.46 26.66 2.99
N LEU B 143 -37.25 26.13 2.80
CA LEU B 143 -36.83 25.55 1.53
C LEU B 143 -37.24 24.10 1.39
N VAL B 144 -37.92 23.53 2.39
CA VAL B 144 -38.24 22.11 2.44
C VAL B 144 -39.74 22.07 2.13
N THR B 145 -40.19 23.00 1.30
CA THR B 145 -41.58 23.01 0.87
C THR B 145 -41.89 21.95 -0.19
N ASP B 146 -40.92 21.11 -0.55
CA ASP B 146 -41.21 19.94 -1.37
C ASP B 146 -41.91 18.89 -0.51
N SER B 147 -43.17 19.12 -0.17
CA SER B 147 -43.86 18.24 0.77
C SER B 147 -44.41 17.01 0.07
N GLU B 148 -45.25 16.25 0.76
CA GLU B 148 -45.66 14.93 0.31
C GLU B 148 -46.77 14.95 -0.74
N ASP B 149 -47.07 16.10 -1.34
CA ASP B 149 -48.12 16.20 -2.34
C ASP B 149 -47.76 17.10 -3.52
N LEU B 150 -46.51 17.52 -3.65
CA LEU B 150 -46.14 18.56 -4.61
C LEU B 150 -45.31 17.98 -5.76
N GLU B 151 -44.96 16.70 -5.68
CA GLU B 151 -44.21 16.07 -6.75
C GLU B 151 -44.46 14.57 -6.68
N GLU B 152 -44.47 13.92 -7.84
CA GLU B 152 -44.78 12.51 -7.92
C GLU B 152 -44.01 11.86 -9.06
N LYS B 153 -43.54 10.64 -8.82
CA LYS B 153 -43.03 9.69 -9.79
C LYS B 153 -43.67 8.34 -9.52
N PRO B 154 -43.95 7.54 -10.58
CA PRO B 154 -44.76 6.33 -10.40
C PRO B 154 -44.11 5.22 -9.56
N GLY B 155 -42.87 4.84 -9.89
CA GLY B 155 -42.19 3.78 -9.18
C GLY B 155 -40.99 4.24 -8.38
N GLU B 156 -40.60 5.50 -8.50
CA GLU B 156 -39.41 6.04 -7.86
C GLU B 156 -39.81 7.14 -6.89
N ARG B 157 -39.02 7.31 -5.83
CA ARG B 157 -39.16 8.47 -4.97
C ARG B 157 -38.79 9.74 -5.74
N SER B 158 -39.58 10.78 -5.53
CA SER B 158 -39.47 12.02 -6.31
C SER B 158 -38.97 13.15 -5.43
N GLY B 159 -38.30 14.11 -6.05
CA GLY B 159 -37.85 15.29 -5.35
C GLY B 159 -36.35 15.53 -5.50
N THR B 160 -35.85 16.54 -4.81
CA THR B 160 -34.41 16.79 -4.72
C THR B 160 -33.90 16.25 -3.39
N ASN B 161 -32.65 15.80 -3.38
CA ASN B 161 -32.10 15.17 -2.18
C ASN B 161 -31.63 16.26 -1.22
N ARG B 162 -32.57 16.72 -0.40
CA ARG B 162 -32.28 17.69 0.63
C ARG B 162 -31.90 17.01 1.94
N CYS B 163 -30.98 17.65 2.67
CA CYS B 163 -30.68 17.25 4.04
C CYS B 163 -31.67 17.93 4.97
N VAL B 164 -32.37 17.13 5.77
CA VAL B 164 -33.39 17.66 6.67
C VAL B 164 -33.01 17.51 8.14
N GLU B 165 -31.97 16.76 8.48
CA GLU B 165 -31.59 16.55 9.86
C GLU B 165 -30.14 16.08 9.92
N ILE B 166 -29.35 16.68 10.79
CA ILE B 166 -27.97 16.26 11.03
C ILE B 166 -27.87 15.77 12.47
N VAL B 167 -27.46 14.52 12.64
CA VAL B 167 -27.29 13.91 13.95
C VAL B 167 -25.83 13.56 14.13
N ILE B 168 -25.27 13.90 15.29
CA ILE B 168 -23.86 13.68 15.60
C ILE B 168 -23.78 12.64 16.71
N GLU B 169 -23.09 11.54 16.44
CA GLU B 169 -22.99 10.42 17.37
C GLU B 169 -21.53 10.17 17.71
N GLY B 170 -21.28 9.79 18.96
CA GLY B 170 -19.94 9.40 19.38
C GLY B 170 -18.98 10.53 19.65
N TRP B 171 -19.45 11.77 19.64
CA TRP B 171 -18.59 12.91 19.90
C TRP B 171 -18.28 12.99 21.40
N PRO B 172 -17.02 13.01 21.81
CA PRO B 172 -16.71 13.10 23.24
C PRO B 172 -17.05 14.47 23.83
N ASP B 173 -17.43 14.45 25.10
CA ASP B 173 -17.85 15.65 25.82
C ASP B 173 -16.71 16.31 26.58
N VAL B 174 -15.48 16.16 26.10
CA VAL B 174 -14.33 16.76 26.76
C VAL B 174 -14.30 18.27 26.50
N GLY B 175 -13.76 19.02 27.47
CA GLY B 175 -13.85 20.46 27.44
C GLY B 175 -12.93 21.14 26.44
N ASN B 176 -11.86 20.47 26.01
CA ASN B 176 -10.94 21.12 25.08
C ASN B 176 -11.41 21.05 23.63
N LEU B 177 -12.44 20.26 23.35
CA LEU B 177 -13.00 20.14 22.01
C LEU B 177 -14.36 20.85 21.96
N PRO B 178 -14.73 21.42 20.81
CA PRO B 178 -16.05 22.05 20.71
C PRO B 178 -17.17 21.04 20.78
N THR B 179 -18.34 21.51 21.24
CA THR B 179 -19.47 20.62 21.43
C THR B 179 -20.18 20.39 20.09
N ALA B 180 -21.29 19.66 20.12
CA ALA B 180 -21.92 19.18 18.89
C ALA B 180 -22.56 20.28 18.07
N ASP B 181 -22.94 21.40 18.69
CA ASP B 181 -23.66 22.43 17.96
C ASP B 181 -22.75 23.26 17.07
N GLU B 182 -21.64 23.77 17.61
CA GLU B 182 -20.71 24.48 16.74
C GLU B 182 -19.84 23.54 15.92
N LEU B 183 -19.85 22.24 16.22
CA LEU B 183 -19.35 21.26 15.25
C LEU B 183 -20.32 21.14 14.07
N LYS B 184 -21.63 21.19 14.37
CA LYS B 184 -22.65 21.14 13.32
C LYS B 184 -22.61 22.37 12.44
N ASP B 185 -22.31 23.52 13.03
CA ASP B 185 -22.30 24.78 12.29
C ASP B 185 -20.98 25.04 11.54
N LEU B 186 -20.16 24.00 11.30
CA LEU B 186 -18.96 24.14 10.49
C LEU B 186 -18.88 23.08 9.40
N LEU B 187 -19.97 22.35 9.15
CA LEU B 187 -19.99 21.34 8.11
C LEU B 187 -20.44 21.95 6.79
N THR B 188 -20.01 21.32 5.68
CA THR B 188 -20.45 21.79 4.36
C THR B 188 -21.92 21.44 4.12
N VAL B 189 -22.39 20.32 4.66
CA VAL B 189 -23.79 19.96 4.56
C VAL B 189 -24.60 20.83 5.50
N GLN B 190 -25.67 21.43 4.99
CA GLN B 190 -26.56 22.27 5.77
C GLN B 190 -27.96 21.71 5.71
N GLU B 191 -28.72 21.91 6.78
CA GLU B 191 -30.09 21.43 6.81
C GLU B 191 -30.97 22.28 5.91
N GLY B 192 -31.84 21.61 5.16
CA GLY B 192 -32.71 22.28 4.21
C GLY B 192 -32.11 22.53 2.85
N HIS B 193 -30.86 22.16 2.64
CA HIS B 193 -30.20 22.32 1.35
C HIS B 193 -29.85 20.96 0.78
N ILE B 194 -29.41 20.94 -0.47
CA ILE B 194 -29.15 19.70 -1.17
C ILE B 194 -27.67 19.35 -1.06
N PHE B 195 -27.31 18.12 -1.40
CA PHE B 195 -25.94 17.66 -1.23
C PHE B 195 -25.64 16.58 -2.25
N GLU B 196 -24.44 16.02 -2.16
CA GLU B 196 -23.98 14.97 -3.06
C GLU B 196 -22.91 14.16 -2.32
N LYS B 197 -22.34 13.18 -3.03
CA LYS B 197 -21.33 12.31 -2.45
C LYS B 197 -20.04 13.05 -2.16
N GLN B 198 -19.72 14.07 -2.98
CA GLN B 198 -18.49 14.84 -2.81
C GLN B 198 -18.49 15.61 -1.50
N ASP B 199 -19.66 16.13 -1.09
CA ASP B 199 -19.77 16.85 0.17
C ASP B 199 -19.50 15.95 1.36
N LEU B 200 -20.04 14.72 1.33
CA LEU B 200 -19.77 13.76 2.40
C LEU B 200 -18.30 13.36 2.43
N LEU B 201 -17.69 13.21 1.25
CA LEU B 201 -16.28 12.84 1.18
C LEU B 201 -15.37 13.94 1.74
N ASP B 202 -15.62 15.20 1.38
CA ASP B 202 -14.75 16.25 1.89
C ASP B 202 -15.03 16.58 3.34
N ASP B 203 -16.27 16.39 3.81
CA ASP B 203 -16.56 16.51 5.24
C ASP B 203 -15.82 15.44 6.04
N ARG B 204 -15.81 14.21 5.56
CA ARG B 204 -15.09 13.14 6.24
C ARG B 204 -13.59 13.40 6.27
N ARG B 205 -13.04 13.87 5.13
CA ARG B 205 -11.60 14.17 5.07
C ARG B 205 -11.22 15.33 5.98
N LYS B 206 -12.04 16.39 6.01
CA LYS B 206 -11.73 17.55 6.85
C LYS B 206 -11.86 17.23 8.33
N LEU B 207 -12.89 16.48 8.72
CA LEU B 207 -13.04 16.11 10.12
C LEU B 207 -11.96 15.13 10.57
N GLU B 208 -11.54 14.23 9.68
CA GLU B 208 -10.48 13.30 10.05
C GLU B 208 -9.13 13.99 10.11
N ILE B 209 -8.93 15.04 9.32
CA ILE B 209 -7.61 15.67 9.28
C ILE B 209 -7.50 16.77 10.33
N GLN B 210 -8.63 17.26 10.84
CA GLN B 210 -8.59 18.36 11.82
C GLN B 210 -8.35 17.85 13.24
N TYR B 211 -8.98 16.74 13.62
CA TYR B 211 -8.89 16.25 14.99
C TYR B 211 -8.26 14.86 15.05
N GLU B 212 -7.13 14.70 14.36
CA GLU B 212 -6.47 13.39 14.28
C GLU B 212 -5.85 12.94 15.60
N ASP B 213 -5.65 13.85 16.55
CA ASP B 213 -5.13 13.48 17.86
C ASP B 213 -6.21 12.93 18.78
N TYR B 214 -7.47 13.11 18.43
CA TYR B 214 -8.57 12.78 19.34
C TYR B 214 -9.55 11.79 18.75
N ILE B 215 -9.85 11.87 17.45
CA ILE B 215 -10.88 11.00 16.90
C ILE B 215 -10.27 10.01 15.93
N ALA B 216 -9.83 10.49 14.77
CA ALA B 216 -9.22 9.76 13.65
C ALA B 216 -10.13 8.71 12.99
N GLU B 217 -11.40 8.58 13.39
CA GLU B 217 -12.37 7.75 12.65
C GLU B 217 -13.73 8.42 12.65
N VAL B 218 -14.20 8.81 11.46
CA VAL B 218 -15.55 9.32 11.25
C VAL B 218 -16.17 8.45 10.16
N GLU B 219 -17.41 8.01 10.36
CA GLU B 219 -18.16 7.43 9.25
C GLU B 219 -19.47 8.19 9.12
N ILE B 220 -19.83 8.51 7.88
CA ILE B 220 -20.95 9.37 7.56
C ILE B 220 -21.91 8.56 6.70
N ARG B 221 -23.19 8.55 7.07
CA ARG B 221 -24.15 7.84 6.24
C ARG B 221 -25.45 8.64 6.19
N THR B 222 -26.27 8.32 5.20
CA THR B 222 -27.58 8.95 5.05
C THR B 222 -28.66 7.89 5.09
N GLU B 223 -29.87 8.31 5.46
CA GLU B 223 -31.03 7.44 5.43
C GLU B 223 -32.28 8.25 5.17
N TYR B 224 -33.19 7.67 4.39
CA TYR B 224 -34.42 8.35 3.97
C TYR B 224 -35.39 8.47 5.13
N VAL B 225 -35.88 9.68 5.37
CA VAL B 225 -36.82 9.88 6.46
C VAL B 225 -38.23 9.45 6.09
N ASP B 226 -38.48 9.19 4.80
CA ASP B 226 -39.81 8.84 4.33
C ASP B 226 -39.67 8.20 2.95
N GLY B 227 -40.56 7.27 2.65
CA GLY B 227 -40.68 6.76 1.29
C GLY B 227 -41.30 7.79 0.37
N LYS B 228 -41.21 7.48 -0.93
CA LYS B 228 -41.65 8.34 -2.08
C LYS B 228 -41.22 9.81 -1.96
N SER B 229 -40.04 10.04 -1.39
CA SER B 229 -39.45 11.37 -1.34
C SER B 229 -37.94 11.21 -1.21
N ASN B 230 -37.19 12.19 -1.73
CA ASN B 230 -35.74 12.14 -1.72
C ASN B 230 -35.12 12.82 -0.51
N HIS B 231 -35.94 13.31 0.43
CA HIS B 231 -35.41 13.90 1.64
C HIS B 231 -34.82 12.83 2.54
N GLN B 232 -33.63 13.10 3.06
CA GLN B 232 -32.92 12.10 3.84
C GLN B 232 -32.02 12.78 4.87
N ARG B 233 -31.99 12.22 6.07
CA ARG B 233 -31.15 12.73 7.14
C ARG B 233 -29.76 12.12 7.03
N VAL B 234 -28.76 12.86 7.50
CA VAL B 234 -27.37 12.43 7.44
C VAL B 234 -26.85 12.36 8.88
N VAL B 235 -26.19 11.25 9.20
CA VAL B 235 -25.66 11.06 10.54
C VAL B 235 -24.16 10.86 10.46
N TYR B 236 -23.49 11.37 11.49
CA TYR B 236 -22.04 11.38 11.62
C TYR B 236 -21.70 10.58 12.86
N LYS B 237 -20.89 9.54 12.73
CA LYS B 237 -20.52 8.72 13.87
C LYS B 237 -19.01 8.73 14.05
N PHE B 238 -18.58 9.12 15.24
CA PHE B 238 -17.18 9.23 15.59
C PHE B 238 -16.83 8.12 16.57
N THR B 239 -15.69 7.47 16.36
CA THR B 239 -15.12 6.57 17.36
C THR B 239 -13.77 7.13 17.76
N PRO B 240 -13.68 7.78 18.93
CA PRO B 240 -12.41 8.37 19.34
C PRO B 240 -11.42 7.32 19.80
N HIS B 241 -10.15 7.72 19.84
CA HIS B 241 -9.12 6.89 20.45
C HIS B 241 -9.40 6.74 21.93
N GLN B 242 -9.38 5.50 22.42
CA GLN B 242 -9.68 5.20 23.80
C GLN B 242 -8.46 4.61 24.49
N PHE B 243 -8.56 4.42 25.81
CA PHE B 243 -7.36 4.21 26.60
C PHE B 243 -7.50 3.13 27.67
N ARG B 244 -8.66 2.45 27.77
CA ARG B 244 -8.81 1.15 28.45
C ARG B 244 -8.44 1.17 29.93
N GLY B 245 -9.02 2.09 30.68
CA GLY B 245 -8.84 2.06 32.12
C GLY B 245 -8.02 3.19 32.70
N ILE B 246 -8.71 4.23 33.17
CA ILE B 246 -8.12 5.30 33.96
C ILE B 246 -9.07 5.59 35.10
N ASN B 247 -8.60 5.42 36.33
CA ASN B 247 -9.43 5.59 37.51
C ASN B 247 -9.11 6.89 38.22
N ALA B 248 -7.83 7.27 38.30
CA ALA B 248 -7.39 8.42 39.06
C ALA B 248 -6.47 9.30 38.24
N ILE B 249 -6.36 10.57 38.66
CA ILE B 249 -5.47 11.56 38.04
C ILE B 249 -4.57 12.13 39.14
N ASP B 250 -3.27 12.19 38.88
CA ASP B 250 -2.30 12.75 39.81
C ASP B 250 -1.40 13.74 39.07
N ILE B 251 -0.94 14.75 39.80
CA ILE B 251 -0.05 15.79 39.28
C ILE B 251 1.21 15.80 40.14
N LYS B 252 2.37 15.68 39.49
CA LYS B 252 3.65 15.52 40.16
C LYS B 252 4.62 16.55 39.61
N GLY B 253 5.57 16.96 40.46
CA GLY B 253 6.44 18.06 40.15
C GLY B 253 5.81 19.33 40.66
N ALA B 254 6.04 20.45 39.96
CA ALA B 254 5.34 21.72 40.16
C ALA B 254 5.49 22.25 41.58
N ALA B 255 6.73 22.58 41.94
CA ALA B 255 7.03 23.12 43.26
C ALA B 255 6.67 24.60 43.41
N LEU B 256 6.24 25.25 42.33
CA LEU B 256 5.82 26.64 42.37
C LEU B 256 4.31 26.79 42.51
N MET B 257 3.55 25.75 42.22
CA MET B 257 2.09 25.82 42.19
C MET B 257 1.55 25.22 43.47
N PRO B 258 0.82 25.98 44.29
CA PRO B 258 0.43 25.48 45.61
C PRO B 258 -0.69 24.45 45.51
N ALA B 259 -0.88 23.75 46.63
CA ALA B 259 -1.78 22.60 46.70
C ALA B 259 -3.26 22.98 46.73
N SER B 260 -3.58 24.27 46.82
CA SER B 260 -4.98 24.67 46.99
C SER B 260 -5.78 24.51 45.71
N GLU B 261 -5.13 24.56 44.54
CA GLU B 261 -5.83 24.46 43.26
C GLU B 261 -5.47 23.22 42.46
N VAL B 262 -4.37 22.54 42.80
CA VAL B 262 -4.08 21.24 42.19
C VAL B 262 -5.18 20.24 42.55
N GLU B 263 -5.69 20.33 43.78
CA GLU B 263 -6.80 19.48 44.20
C GLU B 263 -8.07 19.78 43.40
N ARG B 264 -8.37 21.06 43.14
CA ARG B 264 -9.60 21.35 42.42
C ARG B 264 -9.49 21.03 40.93
N ILE B 265 -8.29 21.16 40.34
CA ILE B 265 -8.18 20.78 38.93
C ILE B 265 -8.05 19.27 38.77
N CYS B 266 -7.63 18.54 39.80
CA CYS B 266 -7.73 17.09 39.76
C CYS B 266 -9.17 16.62 39.96
N ASN B 267 -9.95 17.38 40.74
CA ASN B 267 -11.34 17.06 40.96
C ASN B 267 -12.21 17.36 39.75
N GLU B 268 -11.85 18.40 38.98
CA GLU B 268 -12.67 18.79 37.83
C GLU B 268 -12.60 17.79 36.69
N CYS B 269 -11.41 17.24 36.43
CA CYS B 269 -11.15 16.49 35.21
C CYS B 269 -11.55 15.01 35.31
N LEU B 270 -12.30 14.62 36.34
CA LEU B 270 -12.63 13.22 36.54
C LEU B 270 -13.69 12.75 35.54
N PRO B 271 -13.52 11.55 34.96
CA PRO B 271 -14.63 10.94 34.20
C PRO B 271 -15.58 10.19 35.12
N LYS B 272 -16.53 9.44 34.56
CA LYS B 272 -17.50 8.72 35.38
C LYS B 272 -17.24 7.21 35.38
N GLN B 273 -17.27 6.56 34.19
CA GLN B 273 -16.97 5.14 34.19
C GLN B 273 -15.47 4.93 33.97
N PRO B 274 -14.87 3.94 34.63
CA PRO B 274 -13.41 3.83 34.58
C PRO B 274 -12.88 3.12 33.36
N TYR B 275 -13.74 2.36 32.67
CA TYR B 275 -13.25 1.27 31.83
C TYR B 275 -12.79 1.74 30.45
N MET B 276 -13.58 2.57 29.78
CA MET B 276 -13.22 3.04 28.43
C MET B 276 -13.16 4.57 28.45
N VAL B 277 -11.93 5.10 28.49
CA VAL B 277 -11.68 6.52 28.67
C VAL B 277 -10.99 7.04 27.42
N ASP B 278 -11.45 8.20 26.93
CA ASP B 278 -10.88 8.80 25.74
C ASP B 278 -9.53 9.46 26.02
N ILE B 279 -8.74 9.63 24.96
CA ILE B 279 -7.41 10.23 25.06
C ILE B 279 -7.50 11.70 25.42
N ALA B 280 -8.54 12.38 24.91
CA ALA B 280 -8.58 13.84 24.91
C ALA B 280 -8.68 14.44 26.30
N VAL B 281 -9.14 13.68 27.30
CA VAL B 281 -9.17 14.17 28.67
C VAL B 281 -7.74 14.36 29.20
N MET B 282 -6.80 13.54 28.72
CA MET B 282 -5.36 13.78 28.90
C MET B 282 -4.99 15.17 28.44
N ASP B 283 -5.38 15.52 27.22
CA ASP B 283 -5.14 16.84 26.67
C ASP B 283 -5.93 17.92 27.38
N LYS B 284 -6.96 17.55 28.14
CA LYS B 284 -7.62 18.54 28.98
C LYS B 284 -6.76 18.90 30.19
N VAL B 285 -6.09 17.89 30.77
CA VAL B 285 -5.41 18.07 32.06
C VAL B 285 -4.26 19.04 31.93
N ARG B 286 -3.39 18.83 30.94
CA ARG B 286 -2.30 19.77 30.71
C ARG B 286 -2.83 21.12 30.23
N ASN B 287 -3.99 21.16 29.57
CA ASN B 287 -4.59 22.42 29.18
C ASN B 287 -5.01 23.26 30.39
N ARG B 288 -5.22 22.63 31.55
CA ARG B 288 -5.31 23.43 32.76
C ARG B 288 -3.94 23.96 33.14
N ILE B 289 -2.97 23.05 33.29
CA ILE B 289 -1.75 23.34 34.04
C ILE B 289 -0.89 24.35 33.29
N GLU B 290 -0.71 24.13 31.98
CA GLU B 290 -0.01 25.07 31.09
C GLU B 290 -0.59 26.45 31.21
N GLN B 291 -1.94 26.54 31.18
CA GLN B 291 -2.63 27.83 31.23
C GLN B 291 -2.30 28.57 32.51
N TRP B 292 -2.20 27.83 33.62
CA TRP B 292 -1.87 28.43 34.92
C TRP B 292 -0.52 29.10 34.87
N TYR B 293 0.48 28.41 34.29
CA TYR B 293 1.79 29.00 34.17
C TYR B 293 1.79 30.13 33.14
N GLN B 294 0.98 30.01 32.08
CA GLN B 294 0.90 31.09 31.11
C GLN B 294 0.13 32.28 31.66
N SER B 295 -0.62 32.09 32.74
CA SER B 295 -1.25 33.23 33.38
C SER B 295 -0.33 33.94 34.36
N ARG B 296 0.85 33.39 34.61
CA ARG B 296 1.76 33.93 35.63
C ARG B 296 3.10 34.30 35.03
N GLY B 297 3.12 34.69 33.76
CA GLY B 297 4.36 34.86 33.04
C GLY B 297 4.86 33.53 32.55
N LEU B 298 6.05 33.11 32.99
CA LEU B 298 6.63 31.77 32.99
C LEU B 298 6.48 30.98 31.70
N PRO B 299 7.21 31.32 30.62
CA PRO B 299 7.05 30.60 29.36
C PRO B 299 7.91 29.35 29.21
N PHE B 300 8.58 28.89 30.27
CA PHE B 300 9.38 27.68 30.22
C PHE B 300 9.00 26.69 31.32
N CYS B 301 7.73 26.65 31.69
CA CYS B 301 7.22 25.75 32.72
C CYS B 301 6.00 25.03 32.16
N TYR B 302 6.17 23.76 31.83
CA TYR B 302 5.20 23.05 31.01
C TYR B 302 5.10 21.60 31.47
N VAL B 303 3.95 20.99 31.17
CA VAL B 303 3.74 19.57 31.44
C VAL B 303 4.55 18.76 30.45
N GLY B 304 5.53 18.02 30.95
CA GLY B 304 6.42 17.28 30.08
C GLY B 304 5.80 16.02 29.52
N PHE B 305 5.36 15.13 30.41
CA PHE B 305 4.93 13.80 30.01
C PHE B 305 4.06 13.20 31.09
N PHE B 306 3.40 12.11 30.75
CA PHE B 306 2.56 11.34 31.67
C PHE B 306 3.23 10.00 31.91
N ASP B 307 3.47 9.66 33.18
CA ASP B 307 4.29 8.50 33.53
C ASP B 307 3.53 7.46 34.35
N GLY B 308 2.21 7.53 34.41
CA GLY B 308 1.49 6.59 35.23
C GLY B 308 1.12 5.37 34.42
N MET B 309 -0.17 5.24 34.09
CA MET B 309 -0.66 4.49 32.94
C MET B 309 -0.59 2.97 33.04
N ASP B 310 0.10 2.43 34.05
CA ASP B 310 0.11 0.99 34.26
C ASP B 310 -0.61 0.58 35.53
N ASP B 311 -0.76 1.48 36.48
CA ASP B 311 -1.57 1.23 37.67
C ASP B 311 -2.91 1.95 37.63
N GLY B 312 -3.30 2.49 36.47
CA GLY B 312 -4.59 3.12 36.31
C GLY B 312 -4.63 4.60 36.61
N ILE B 313 -3.52 5.19 37.03
CA ILE B 313 -3.44 6.61 37.39
C ILE B 313 -2.79 7.37 36.24
N LEU B 314 -3.43 8.47 35.81
CA LEU B 314 -2.86 9.40 34.84
C LEU B 314 -2.08 10.46 35.60
N ARG B 315 -0.75 10.36 35.56
CA ARG B 315 0.12 11.22 36.38
C ARG B 315 0.90 12.18 35.49
N ALA B 316 0.52 13.44 35.50
CA ALA B 316 1.26 14.48 34.78
C ALA B 316 2.54 14.83 35.52
N ASN B 317 3.61 15.11 34.77
CA ASN B 317 4.87 15.54 35.34
C ASN B 317 5.19 16.93 34.85
N VAL B 318 5.38 17.87 35.78
CA VAL B 318 5.63 19.27 35.46
C VAL B 318 7.12 19.54 35.53
N THR B 319 7.66 20.16 34.48
CA THR B 319 9.06 20.56 34.43
C THR B 319 9.17 22.06 34.60
N GLU B 320 10.06 22.49 35.50
CA GLU B 320 10.30 23.91 35.77
C GLU B 320 11.78 24.18 35.55
N ALA B 321 12.09 24.98 34.54
CA ALA B 321 13.46 25.26 34.16
C ALA B 321 14.01 26.49 34.87
N LYS B 322 15.33 26.63 34.84
CA LYS B 322 16.02 27.72 35.52
C LYS B 322 17.19 28.19 34.67
N ILE B 323 17.62 29.43 34.89
CA ILE B 323 18.66 30.06 34.08
C ILE B 323 20.01 29.49 34.45
N ASP B 324 20.81 29.13 33.43
CA ASP B 324 22.12 28.54 33.64
C ASP B 324 23.25 29.37 33.03
N ASN B 325 23.11 29.81 31.78
CA ASN B 325 24.20 30.46 31.07
C ASN B 325 23.74 31.76 30.45
N VAL B 326 24.51 32.83 30.65
CA VAL B 326 24.25 34.13 30.05
C VAL B 326 25.44 34.48 29.18
N SER B 327 25.19 34.75 27.89
CA SER B 327 26.25 35.07 26.96
C SER B 327 25.86 36.27 26.13
N VAL B 328 26.86 37.00 25.64
CA VAL B 328 26.65 38.22 24.87
C VAL B 328 27.44 38.12 23.57
N ARG B 329 26.83 38.53 22.46
CA ARG B 329 27.45 38.51 21.15
C ARG B 329 27.40 39.90 20.54
N PHE B 330 28.48 40.30 19.88
CA PHE B 330 28.63 41.64 19.31
C PHE B 330 28.65 41.54 17.79
N VAL B 331 27.70 42.20 17.14
CA VAL B 331 27.56 42.16 15.70
C VAL B 331 27.39 43.58 15.17
N ARG B 332 27.73 43.76 13.89
CA ARG B 332 27.37 44.96 13.16
C ARG B 332 27.02 44.57 11.73
N PRO B 333 26.10 45.31 11.09
CA PRO B 333 25.79 45.01 9.70
C PRO B 333 26.65 45.85 8.75
N LYS B 334 26.47 45.65 7.45
CA LYS B 334 27.23 46.39 6.45
C LYS B 334 26.28 46.97 5.42
N LEU B 335 26.52 48.23 5.04
CA LEU B 335 25.67 48.94 4.08
C LEU B 335 26.07 48.59 2.66
N THR B 336 25.19 47.89 1.95
CA THR B 336 25.27 47.65 0.52
C THR B 336 23.90 47.90 -0.09
N GLY B 337 23.81 47.71 -1.40
CA GLY B 337 22.53 47.76 -2.07
C GLY B 337 21.76 46.47 -2.08
N ASP B 338 22.28 45.44 -1.41
CA ASP B 338 21.60 44.16 -1.32
C ASP B 338 20.45 44.25 -0.32
N GLU B 340 19.57 41.59 1.58
CA GLU B 340 19.96 40.77 2.72
C GLU B 340 21.23 41.31 3.37
N LEU B 341 21.20 41.45 4.69
CA LEU B 341 22.30 42.06 5.43
C LEU B 341 23.32 40.99 5.79
N GLU B 342 24.59 41.32 5.58
CA GLU B 342 25.70 40.51 6.04
C GLU B 342 26.31 41.16 7.28
N TYR B 343 26.94 40.34 8.12
CA TYR B 343 27.39 40.83 9.41
C TYR B 343 28.87 40.62 9.68
N VAL B 345 31.05 39.76 13.01
CA VAL B 345 30.87 39.31 14.38
C VAL B 345 32.14 39.44 15.20
N TYR B 346 32.02 40.05 16.38
CA TYR B 346 33.14 40.23 17.28
C TYR B 346 32.88 39.50 18.59
N ASP B 347 33.96 39.02 19.20
CA ASP B 347 33.86 38.42 20.53
C ASP B 347 33.71 39.47 21.62
N GLU B 348 34.30 40.65 21.43
CA GLU B 348 34.27 41.72 22.40
C GLU B 348 33.90 43.03 21.71
N GLY B 349 33.06 43.82 22.37
CA GLY B 349 32.68 45.10 21.81
C GLY B 349 33.79 46.13 21.90
N LYS B 350 33.75 47.09 20.97
CA LYS B 350 34.81 48.10 20.91
C LYS B 350 34.68 49.13 22.03
N VAL B 351 33.45 49.54 22.34
CA VAL B 351 33.18 50.54 23.36
C VAL B 351 32.70 49.90 24.66
N VAL B 352 31.64 49.12 24.59
CA VAL B 352 31.05 48.50 25.78
C VAL B 352 31.79 47.21 26.11
N LYS B 353 31.79 46.86 27.38
CA LYS B 353 32.50 45.70 27.91
C LYS B 353 31.48 44.59 28.16
N ALA B 354 31.93 43.33 27.99
CA ALA B 354 31.00 42.19 27.94
C ALA B 354 30.29 41.93 29.25
N ASP B 355 30.96 42.14 30.39
CA ASP B 355 30.29 41.90 31.67
C ASP B 355 29.34 43.02 32.06
N LYS B 356 29.47 44.19 31.41
CA LYS B 356 28.56 45.30 31.70
C LYS B 356 27.13 44.99 31.26
N ILE B 357 26.97 44.34 30.11
CA ILE B 357 25.64 43.94 29.65
C ILE B 357 25.03 42.89 30.57
N ILE B 358 25.86 41.94 31.02
CA ILE B 358 25.36 40.88 31.90
C ILE B 358 24.98 41.43 33.27
N GLU B 359 25.77 42.38 33.78
CA GLU B 359 25.42 43.04 35.04
C GLU B 359 24.19 43.93 34.89
N ALA B 360 24.00 44.53 33.72
CA ALA B 360 22.84 45.38 33.50
C ALA B 360 21.57 44.56 33.32
N SER B 361 21.67 43.36 32.76
CA SER B 361 20.48 42.57 32.44
C SER B 361 19.80 42.02 33.68
N GLY B 362 20.57 41.81 34.76
CA GLY B 362 20.01 41.23 35.97
C GLY B 362 19.59 39.78 35.84
N PHE B 363 20.37 38.97 35.13
CA PHE B 363 20.06 37.56 34.94
C PHE B 363 20.97 36.72 35.82
N GLN B 364 20.37 35.97 36.74
CA GLN B 364 21.10 35.21 37.74
C GLN B 364 20.93 33.71 37.50
N ARG B 365 21.86 32.95 38.06
CA ARG B 365 21.80 31.50 37.95
C ARG B 365 20.88 30.95 39.03
N GLY B 366 20.00 30.02 38.65
CA GLY B 366 19.06 29.45 39.58
C GLY B 366 17.76 30.21 39.72
N HIS B 367 17.44 31.09 38.77
CA HIS B 367 16.21 31.87 38.81
C HIS B 367 15.25 31.38 37.74
N HIS B 368 13.96 31.57 37.99
CA HIS B 368 12.95 31.33 36.98
C HIS B 368 13.03 32.39 35.90
N TYR B 369 12.47 32.09 34.73
CA TYR B 369 12.39 33.06 33.65
C TYR B 369 11.00 33.67 33.63
N HIS B 370 10.96 34.99 33.70
CA HIS B 370 9.74 35.77 33.57
C HIS B 370 9.85 36.65 32.33
N VAL B 371 8.73 36.93 31.67
CA VAL B 371 8.77 37.79 30.50
C VAL B 371 9.08 39.24 30.89
N GLU B 372 8.58 39.67 32.06
CA GLU B 372 8.89 40.99 32.56
C GLU B 372 10.35 41.14 32.96
N ASP B 373 11.03 40.03 33.26
CA ASP B 373 12.49 40.06 33.42
C ASP B 373 13.17 40.44 32.11
N GLY B 374 12.68 39.91 30.99
CA GLY B 374 13.23 40.29 29.69
C GLY B 374 12.93 41.73 29.34
N TYR B 375 11.74 42.22 29.73
CA TYR B 375 11.43 43.64 29.51
C TYR B 375 12.34 44.56 30.33
N ASP B 376 12.58 44.21 31.60
CA ASP B 376 13.47 45.00 32.45
C ASP B 376 14.92 44.93 31.96
N ALA B 377 15.34 43.77 31.47
CA ALA B 377 16.67 43.63 30.91
C ALA B 377 16.85 44.48 29.66
N MET B 378 15.81 44.52 28.81
CA MET B 378 15.83 45.37 27.63
C MET B 378 15.98 46.84 28.00
N ASN B 379 15.20 47.30 28.99
CA ASN B 379 15.28 48.69 29.45
C ASN B 379 16.67 49.03 30.00
N SER B 380 17.20 48.17 30.88
CA SER B 380 18.44 48.48 31.58
C SER B 380 19.66 48.43 30.65
N ILE B 381 19.69 47.48 29.70
CA ILE B 381 20.81 47.46 28.77
C ILE B 381 20.71 48.61 27.77
N PHE B 382 19.50 48.87 27.27
CA PHE B 382 19.30 49.89 26.25
C PHE B 382 19.39 51.31 26.80
N ALA B 383 19.49 51.47 28.12
CA ALA B 383 19.66 52.79 28.76
C ALA B 383 20.86 53.58 28.28
N CYS B 384 21.93 52.91 27.82
CA CYS B 384 23.20 53.58 27.58
C CYS B 384 23.16 54.55 26.41
N GLY B 385 22.22 54.38 25.48
CA GLY B 385 22.07 55.31 24.38
C GLY B 385 22.98 55.07 23.20
N LEU B 386 23.89 54.10 23.29
CA LEU B 386 24.86 53.83 22.25
C LEU B 386 24.52 52.58 21.44
N LEU B 387 23.30 52.07 21.57
CA LEU B 387 22.91 50.83 20.92
C LEU B 387 21.88 51.10 19.84
N GLU B 388 22.07 50.47 18.68
CA GLU B 388 21.10 50.53 17.60
C GLU B 388 20.03 49.45 17.75
N ASP B 389 20.44 48.27 18.17
CA ASP B 389 19.53 47.13 18.26
C ASP B 389 20.06 46.14 19.28
N ILE B 390 19.15 45.39 19.89
CA ILE B 390 19.50 44.35 20.84
C ILE B 390 18.43 43.25 20.79
N ASN B 391 18.89 42.00 20.73
CA ASN B 391 18.02 40.83 20.77
C ASN B 391 18.32 40.02 22.02
N ILE B 392 17.27 39.72 22.78
CA ILE B 392 17.34 38.84 23.94
C ILE B 392 16.59 37.56 23.56
N GLU B 393 17.28 36.41 23.66
CA GLU B 393 16.52 35.18 23.42
C GLU B 393 16.91 34.07 24.39
N PRO B 394 15.94 33.48 25.09
CA PRO B 394 16.22 32.28 25.88
C PRO B 394 15.93 31.01 25.09
N GLU B 395 16.81 30.03 25.27
CA GLU B 395 16.70 28.76 24.59
C GLU B 395 16.75 27.62 25.60
N GLN B 396 16.21 26.48 25.17
CA GLN B 396 15.82 25.41 26.08
C GLN B 396 17.01 24.59 26.57
N ASP B 397 18.16 24.66 25.88
CA ASP B 397 19.35 23.82 26.10
C ASP B 397 18.93 22.35 26.04
N PRO B 398 18.70 21.79 24.85
CA PRO B 398 18.06 20.47 24.74
C PRO B 398 18.88 19.29 25.26
N SER B 399 20.14 19.51 25.66
CA SER B 399 20.87 18.48 26.38
C SER B 399 20.35 18.30 27.81
N ASP B 400 19.65 19.29 28.36
CA ASP B 400 19.16 19.24 29.74
C ASP B 400 17.95 20.15 29.83
N VAL B 401 16.76 19.55 29.94
CA VAL B 401 15.51 20.30 29.81
C VAL B 401 15.20 21.20 31.00
N ASN B 402 15.95 21.11 32.08
CA ASN B 402 15.74 21.98 33.23
C ASN B 402 16.64 23.22 33.20
N LYS B 403 17.30 23.48 32.09
CA LYS B 403 18.18 24.62 31.93
C LYS B 403 17.60 25.62 30.93
N ILE B 404 18.04 26.87 31.05
CA ILE B 404 17.70 27.93 30.12
C ILE B 404 18.98 28.70 29.84
N ASN B 405 19.32 28.87 28.57
CA ASN B 405 20.46 29.70 28.18
C ASN B 405 19.94 30.96 27.50
N VAL B 406 20.29 32.12 28.03
CA VAL B 406 19.90 33.40 27.46
C VAL B 406 21.06 33.95 26.63
N LYS B 407 20.77 34.32 25.39
CA LYS B 407 21.75 34.89 24.48
C LYS B 407 21.37 36.33 24.15
N ILE B 408 22.36 37.21 24.20
CA ILE B 408 22.17 38.64 23.97
C ILE B 408 23.01 39.04 22.76
N ARG B 409 22.36 39.71 21.81
CA ARG B 409 23.03 40.32 20.67
C ARG B 409 22.84 41.82 20.75
N CYS B 410 23.92 42.58 20.55
CA CYS B 410 23.81 44.03 20.58
C CYS B 410 24.60 44.65 19.44
N GLU B 411 24.10 45.77 18.94
CA GLU B 411 24.71 46.51 17.84
C GLU B 411 25.01 47.93 18.30
N GLU B 412 26.21 48.40 18.02
CA GLU B 412 26.51 49.81 18.23
C GLU B 412 25.92 50.63 17.08
N VAL B 413 25.93 51.94 17.24
CA VAL B 413 25.49 52.83 16.19
C VAL B 413 26.69 53.13 15.29
N GLN B 414 26.41 53.31 13.99
CA GLN B 414 27.40 53.86 13.08
C GLN B 414 27.13 55.35 12.94
N PRO B 415 27.99 56.21 13.45
CA PRO B 415 27.61 57.62 13.62
C PRO B 415 27.88 58.53 12.43
N LYS B 416 28.80 58.17 11.55
CA LYS B 416 29.23 59.06 10.48
C LYS B 416 28.27 59.04 9.31
N SER B 417 28.01 60.22 8.73
CA SER B 417 27.19 60.30 7.53
C SER B 417 27.50 61.57 6.77
N MET B 418 27.43 61.51 5.44
CA MET B 418 27.55 62.72 4.62
C MET B 418 26.83 62.52 3.30
N GLU B 419 26.45 63.64 2.70
CA GLU B 419 25.65 63.67 1.49
C GLU B 419 26.08 64.84 0.60
N LEU B 420 26.35 64.54 -0.66
CA LEU B 420 26.91 65.49 -1.60
C LEU B 420 25.96 65.59 -2.79
N ASP B 421 25.58 66.80 -3.18
CA ASP B 421 24.50 66.98 -4.17
C ASP B 421 24.97 68.02 -5.18
N LEU B 422 25.55 67.56 -6.28
CA LEU B 422 26.17 68.44 -7.26
C LEU B 422 25.30 68.57 -8.52
N ASP B 423 25.57 69.63 -9.28
CA ASP B 423 24.93 69.81 -10.58
C ASP B 423 25.86 70.58 -11.52
N TRP B 424 25.75 70.26 -12.80
CA TRP B 424 26.58 70.83 -13.85
C TRP B 424 25.69 71.46 -14.92
N SER B 425 26.34 72.05 -15.92
CA SER B 425 25.66 72.64 -17.06
C SER B 425 26.64 72.76 -18.20
N PHE B 426 26.24 72.31 -19.39
CA PHE B 426 27.05 72.42 -20.58
C PHE B 426 26.23 73.03 -21.71
N GLN B 427 26.80 74.01 -22.39
CA GLN B 427 26.14 74.68 -23.50
C GLN B 427 26.67 74.10 -24.81
N LEU B 428 25.77 73.62 -25.65
CA LEU B 428 26.13 72.99 -26.91
C LEU B 428 26.07 74.04 -28.01
N LYS B 429 27.23 74.61 -28.32
CA LYS B 429 27.34 75.44 -29.53
C LYS B 429 27.18 74.58 -30.77
N ASN B 430 27.83 73.43 -30.78
CA ASN B 430 27.68 72.40 -31.78
C ASN B 430 27.73 71.07 -31.03
N GLY B 431 28.04 69.98 -31.74
CA GLY B 431 28.11 68.66 -31.13
C GLY B 431 29.18 68.49 -30.07
N ILE B 432 30.18 69.38 -30.02
CA ILE B 432 31.21 69.34 -28.99
C ILE B 432 30.61 69.74 -27.65
N PRO B 433 30.78 68.94 -26.60
CA PRO B 433 30.10 69.22 -25.32
C PRO B 433 30.87 70.13 -24.35
N SER B 434 31.86 70.90 -24.84
CA SER B 434 32.54 71.95 -24.07
C SER B 434 33.25 71.45 -22.81
N ILE B 435 34.34 70.71 -22.99
CA ILE B 435 34.97 69.94 -21.92
C ILE B 435 36.16 70.66 -21.29
N ASN B 436 36.11 72.00 -21.29
CA ASN B 436 37.14 72.83 -20.65
C ASN B 436 37.29 72.53 -19.16
N ARG B 437 38.45 72.91 -18.60
CA ARG B 437 38.72 72.67 -17.18
C ARG B 437 37.84 73.51 -16.27
N GLN B 438 37.49 74.72 -16.69
CA GLN B 438 36.54 75.53 -15.92
C GLN B 438 35.10 75.26 -16.34
N SER B 439 34.75 73.99 -16.45
CA SER B 439 33.40 73.53 -16.73
C SER B 439 32.97 72.39 -15.85
N LEU B 440 33.91 71.71 -15.19
CA LEU B 440 33.61 70.62 -14.27
C LEU B 440 33.42 71.10 -12.84
N ILE B 441 33.41 72.41 -12.62
CA ILE B 441 33.12 73.00 -11.31
C ILE B 441 31.62 72.90 -11.06
N PRO B 442 31.20 72.22 -9.99
CA PRO B 442 29.76 72.03 -9.77
C PRO B 442 29.10 73.21 -9.06
N GLY B 443 27.84 73.02 -8.66
CA GLY B 443 27.12 74.03 -7.93
C GLY B 443 26.21 73.46 -6.86
N GLY B 444 26.63 72.38 -6.23
CA GLY B 444 25.78 71.63 -5.31
C GLY B 444 25.91 72.04 -3.85
N SER B 445 25.55 71.10 -2.98
CA SER B 445 25.49 71.30 -1.54
C SER B 445 26.16 70.13 -0.82
N VAL B 446 26.60 70.39 0.40
CA VAL B 446 27.30 69.44 1.24
C VAL B 446 26.56 69.34 2.57
N GLU B 447 26.31 68.12 3.03
CA GLU B 447 25.75 67.88 4.36
C GLU B 447 26.63 66.86 5.09
N VAL B 448 27.07 67.21 6.30
CA VAL B 448 27.90 66.32 7.11
C VAL B 448 27.22 66.15 8.47
N SER B 449 27.03 64.90 8.89
CA SER B 449 26.37 64.60 10.14
C SER B 449 27.17 63.60 10.94
N HIS B 450 27.14 63.77 12.26
CA HIS B 450 27.83 62.87 13.18
C HIS B 450 27.00 62.77 14.45
N GLU B 451 26.62 61.56 14.83
CA GLU B 451 26.14 61.34 16.18
C GLU B 451 27.32 60.96 17.06
N ASN B 452 27.06 60.86 18.36
CA ASN B 452 28.02 60.37 19.37
C ASN B 452 29.32 61.19 19.41
N LEU B 453 29.20 62.51 19.32
CA LEU B 453 30.34 63.36 19.63
C LEU B 453 30.61 63.33 21.12
N PHE B 454 31.90 63.39 21.48
CA PHE B 454 32.37 63.53 22.87
C PHE B 454 31.90 62.40 23.78
N GLY B 455 31.81 61.18 23.26
CA GLY B 455 31.48 60.00 24.06
C GLY B 455 30.02 59.75 24.35
N ASN B 456 29.27 60.79 24.72
CA ASN B 456 27.85 60.67 24.93
C ASN B 456 27.13 60.90 23.61
N SER B 457 25.80 60.76 23.60
CA SER B 457 25.05 60.60 22.37
C SER B 457 24.62 61.92 21.72
N GLU B 458 25.34 63.01 21.95
CA GLU B 458 24.96 64.28 21.33
C GLU B 458 25.45 64.37 19.89
N SER B 459 24.63 64.99 19.04
CA SER B 459 24.78 64.92 17.59
C SER B 459 24.89 66.31 16.97
N ALA B 460 25.54 66.35 15.81
CA ALA B 460 25.79 67.59 15.08
C ALA B 460 25.52 67.39 13.61
N THR B 461 24.94 68.42 12.98
CA THR B 461 24.65 68.43 11.55
C THR B 461 25.11 69.76 10.97
N LEU B 462 25.77 69.70 9.82
CA LEU B 462 26.36 70.87 9.19
C LEU B 462 26.03 70.87 7.71
N SER B 463 25.70 72.03 7.15
CA SER B 463 25.26 72.13 5.76
C SER B 463 25.80 73.39 5.10
N LEU B 464 26.41 73.21 3.93
CA LEU B 464 26.80 74.31 3.05
C LEU B 464 26.08 74.17 1.72
N SER B 465 25.76 75.31 1.09
CA SER B 465 25.04 75.30 -0.18
C SER B 465 25.44 76.54 -0.98
N ALA B 466 26.31 76.37 -1.97
CA ALA B 466 26.68 77.44 -2.90
C ALA B 466 26.22 77.05 -4.30
N SER B 467 25.49 77.95 -4.96
CA SER B 467 24.96 77.65 -6.29
C SER B 467 26.02 77.68 -7.37
N ASP B 468 27.20 78.24 -7.11
CA ASP B 468 28.31 78.20 -8.06
C ASP B 468 29.59 78.10 -7.26
N TRP B 469 30.38 77.05 -7.49
CA TRP B 469 31.55 76.80 -6.68
C TRP B 469 32.81 77.44 -7.25
N ARG B 470 32.71 78.13 -8.38
CA ARG B 470 33.79 78.99 -8.83
C ARG B 470 33.63 80.43 -8.34
N ASN B 471 32.42 80.83 -7.94
CA ASN B 471 32.19 82.05 -7.19
C ASN B 471 31.30 81.73 -5.99
N PRO B 472 31.85 81.11 -4.95
CA PRO B 472 31.00 80.68 -3.82
C PRO B 472 30.50 81.82 -2.95
N SER B 473 31.11 83.01 -3.04
CA SER B 473 30.75 84.13 -2.19
C SER B 473 29.56 84.94 -2.71
N ALA B 474 28.72 84.35 -3.56
CA ALA B 474 27.57 85.07 -4.09
C ALA B 474 26.34 84.85 -3.23
N ASP B 475 25.88 83.60 -3.13
CA ASP B 475 24.66 83.25 -2.40
C ASP B 475 24.91 82.04 -1.51
N LEU B 476 26.00 82.09 -0.75
CA LEU B 476 26.41 80.97 0.09
C LEU B 476 25.44 80.78 1.25
N GLY B 477 24.97 79.54 1.42
CA GLY B 477 24.05 79.20 2.49
C GLY B 477 24.71 78.27 3.49
N PHE B 478 24.38 78.49 4.77
CA PHE B 478 25.06 77.81 5.87
C PHE B 478 24.05 77.45 6.94
N SER B 479 24.19 76.25 7.50
CA SER B 479 23.29 75.83 8.57
C SER B 479 24.02 74.88 9.51
N VAL B 480 23.76 75.02 10.81
CA VAL B 480 24.38 74.20 11.84
C VAL B 480 23.29 73.83 12.86
N ALA B 481 23.20 72.55 13.20
CA ALA B 481 22.34 72.07 14.28
C ALA B 481 23.17 71.25 15.25
N TYR B 482 22.93 71.44 16.54
CA TYR B 482 23.62 70.68 17.58
C TYR B 482 22.59 70.30 18.64
N SER B 483 22.47 69.02 18.94
CA SER B 483 21.49 68.53 19.88
C SER B 483 22.15 67.67 20.94
N GLU B 484 21.68 67.80 22.18
CA GLU B 484 22.24 67.09 23.33
C GLU B 484 21.08 66.60 24.18
N PRO B 485 20.73 65.30 24.09
CA PRO B 485 19.51 64.82 24.75
C PRO B 485 19.69 64.51 26.22
N PHE B 486 20.90 64.13 26.62
CA PHE B 486 21.17 63.67 27.98
C PHE B 486 22.08 64.65 28.69
N TYR B 487 21.77 65.94 28.53
CA TYR B 487 22.55 67.00 29.16
C TYR B 487 22.44 66.95 30.68
N LYS B 488 21.24 66.73 31.19
CA LYS B 488 20.94 66.82 32.60
C LYS B 488 19.66 66.02 32.82
N PRO B 489 19.38 65.58 34.06
CA PRO B 489 18.09 64.94 34.34
C PRO B 489 16.89 65.81 33.96
N HIS B 490 16.05 65.24 33.09
CA HIS B 490 14.86 65.85 32.48
C HIS B 490 15.16 67.09 31.65
N THR B 491 16.39 67.26 31.16
CA THR B 491 16.77 68.46 30.44
C THR B 491 17.43 68.09 29.12
N THR B 492 17.13 68.83 28.07
CA THR B 492 17.86 68.76 26.81
C THR B 492 18.47 70.11 26.49
N ARG B 493 19.58 70.10 25.75
CA ARG B 493 20.29 71.31 25.36
C ARG B 493 20.49 71.35 23.85
N ASN B 494 20.14 72.47 23.22
CA ASN B 494 20.12 72.57 21.77
C ASN B 494 20.75 73.89 21.31
N ALA B 495 21.27 73.87 20.09
CA ALA B 495 21.77 75.07 19.41
C ALA B 495 21.47 74.96 17.93
N GLN B 496 21.14 76.09 17.30
CA GLN B 496 20.78 76.05 15.88
C GLN B 496 21.04 77.39 15.21
N LEU B 497 21.43 77.33 13.94
CA LEU B 497 21.67 78.49 13.09
C LEU B 497 20.71 78.42 11.90
N PHE B 498 19.73 79.31 11.84
CA PHE B 498 18.62 79.10 10.91
C PHE B 498 17.91 80.42 10.57
N ASN B 499 16.89 80.29 9.72
CA ASN B 499 16.15 81.38 9.09
C ASN B 499 14.66 81.27 9.38
N THR B 500 13.98 82.42 9.27
CA THR B 500 12.53 82.47 9.42
C THR B 500 12.01 83.70 8.69
N ARG B 501 10.97 83.53 7.86
CA ARG B 501 10.31 84.66 7.23
C ARG B 501 8.82 84.56 7.46
N LYS B 502 8.23 85.58 8.10
CA LYS B 502 6.82 85.59 8.44
C LYS B 502 6.24 86.95 8.11
N THR B 503 4.92 87.07 8.22
CA THR B 503 4.19 88.27 7.85
C THR B 503 3.93 89.13 9.08
N SER B 504 4.29 90.41 9.00
CA SER B 504 4.05 91.31 10.11
C SER B 504 2.56 91.62 10.23
N THR B 505 2.04 91.46 11.44
CA THR B 505 0.63 91.69 11.72
C THR B 505 0.35 93.11 12.21
N ILE B 506 1.38 93.94 12.32
CA ILE B 506 1.20 95.31 12.79
C ILE B 506 0.68 96.19 11.66
N PHE B 507 1.20 96.01 10.45
CA PHE B 507 0.85 96.82 9.29
C PHE B 507 -0.21 96.08 8.50
N THR B 508 -1.46 96.27 8.89
CA THR B 508 -2.65 95.58 8.39
C THR B 508 -3.74 96.60 8.13
N PRO B 509 -4.70 96.31 7.23
CA PRO B 509 -5.73 97.32 6.94
C PRO B 509 -6.80 97.37 8.02
N GLY B 510 -6.75 98.40 8.86
CA GLY B 510 -7.70 98.53 9.93
C GLY B 510 -8.91 99.38 9.62
N GLY B 511 -8.67 100.63 9.24
CA GLY B 511 -9.73 101.54 8.84
C GLY B 511 -9.39 102.18 7.52
N GLU B 512 -8.13 102.06 7.11
CA GLU B 512 -7.70 102.39 5.77
C GLU B 512 -7.80 101.13 4.92
N SER B 513 -8.22 101.30 3.66
CA SER B 513 -8.69 100.17 2.86
C SER B 513 -7.56 99.24 2.46
N GLU B 514 -6.47 99.77 1.89
CA GLU B 514 -5.43 98.92 1.36
C GLU B 514 -4.09 99.37 1.90
N VAL B 515 -3.24 98.40 2.23
CA VAL B 515 -1.91 98.64 2.79
C VAL B 515 -0.98 97.55 2.27
N PRO B 516 0.23 97.90 1.86
CA PRO B 516 1.20 96.87 1.46
C PRO B 516 1.68 96.08 2.66
N PRO B 517 1.73 94.74 2.55
CA PRO B 517 2.25 93.92 3.64
C PRO B 517 3.74 94.12 3.89
N VAL B 518 4.13 93.88 5.14
CA VAL B 518 5.52 93.92 5.58
C VAL B 518 5.90 92.53 6.04
N PHE B 519 7.10 92.08 5.70
CA PHE B 519 7.59 90.75 6.04
C PHE B 519 8.77 90.87 6.99
N VAL B 520 8.74 90.09 8.07
CA VAL B 520 9.83 90.05 9.04
C VAL B 520 10.69 88.83 8.73
N ASP B 521 11.96 89.04 8.46
CA ASP B 521 12.90 87.97 8.17
C ASP B 521 14.00 87.98 9.22
N ARG B 522 14.11 86.90 9.96
CA ARG B 522 15.12 86.74 10.99
C ARG B 522 16.11 85.66 10.59
N PHE B 523 17.40 85.94 10.80
CA PHE B 523 18.45 84.96 10.55
C PHE B 523 19.41 84.96 11.72
N GLY B 524 19.74 83.78 12.23
CA GLY B 524 20.76 83.82 13.26
C GLY B 524 20.77 82.56 14.10
N LEU B 525 21.32 82.71 15.31
CA LEU B 525 21.68 81.60 16.18
C LEU B 525 20.83 81.63 17.44
N LYS B 526 20.32 80.47 17.83
CA LYS B 526 19.53 80.31 19.03
C LYS B 526 20.02 79.12 19.81
N GLY B 527 20.29 79.31 21.10
CA GLY B 527 20.67 78.20 21.95
C GLY B 527 19.78 78.11 23.17
N TRP B 528 19.23 76.93 23.46
CA TRP B 528 18.23 76.83 24.51
C TRP B 528 18.32 75.51 25.26
N THR B 529 17.71 75.49 26.45
CA THR B 529 17.54 74.31 27.26
C THR B 529 16.07 74.12 27.58
N SER B 530 15.62 72.86 27.58
CA SER B 530 14.23 72.50 27.80
C SER B 530 14.09 71.48 28.92
N GLN B 531 13.11 71.68 29.79
CA GLN B 531 12.74 70.75 30.83
C GLN B 531 11.26 70.40 30.78
N ILE B 532 10.96 69.10 30.81
CA ILE B 532 9.64 68.55 31.07
C ILE B 532 9.64 68.03 32.51
N THR B 533 8.65 68.43 33.30
CA THR B 533 8.62 68.14 34.73
C THR B 533 7.18 68.20 35.21
N GLY B 534 6.77 67.21 36.00
CA GLY B 534 5.40 67.17 36.50
C GLY B 534 4.41 66.66 35.50
N GLN B 535 4.88 65.81 34.58
CA GLN B 535 4.23 65.11 33.48
C GLN B 535 3.85 66.00 32.30
N ASP B 536 3.72 67.31 32.51
CA ASP B 536 3.48 68.23 31.40
C ASP B 536 4.01 69.64 31.62
N ASN B 537 4.64 69.93 32.75
CA ASN B 537 5.11 71.29 33.02
C ASN B 537 6.39 71.56 32.23
N LYS B 538 6.44 72.72 31.59
CA LYS B 538 7.50 73.01 30.63
C LYS B 538 8.26 74.26 31.04
N VAL B 539 9.59 74.19 31.04
CA VAL B 539 10.45 75.34 31.25
C VAL B 539 11.48 75.41 30.12
N GLU B 540 11.55 76.56 29.46
CA GLU B 540 12.53 76.76 28.38
C GLU B 540 13.31 78.04 28.61
N HIS B 541 14.64 77.93 28.51
CA HIS B 541 15.56 79.08 28.63
C HIS B 541 16.36 79.20 27.35
N ALA B 542 16.31 80.37 26.70
CA ALA B 542 16.93 80.56 25.40
C ALA B 542 17.75 81.84 25.35
N LEU B 543 18.84 81.80 24.59
CA LEU B 543 19.69 82.94 24.31
C LEU B 543 19.84 83.06 22.80
N MET B 544 19.57 84.25 22.26
CA MET B 544 19.41 84.45 20.83
C MET B 544 20.31 85.57 20.33
N LEU B 545 20.96 85.35 19.19
CA LEU B 545 21.68 86.41 18.47
C LEU B 545 21.20 86.39 17.03
N GLN B 546 20.49 87.44 16.62
CA GLN B 546 19.78 87.40 15.34
C GLN B 546 19.93 88.72 14.60
N LEU B 547 19.71 88.64 13.29
CA LEU B 547 19.64 89.78 12.39
C LEU B 547 18.23 89.81 11.81
N VAL B 548 17.56 90.95 11.97
CA VAL B 548 16.15 91.09 11.63
C VAL B 548 16.01 92.12 10.52
N SER B 549 15.24 91.78 9.49
CA SER B 549 14.99 92.67 8.36
C SER B 549 13.51 92.77 8.10
N THR B 550 13.08 93.92 7.57
CA THR B 550 11.69 94.15 7.17
C THR B 550 11.63 94.38 5.67
N LEU B 551 10.77 93.63 4.98
CA LEU B 551 10.76 93.54 3.53
C LEU B 551 9.34 93.79 3.03
N ASP B 552 9.19 93.92 1.70
CA ASP B 552 7.87 94.09 1.07
C ASP B 552 7.80 93.21 -0.19
N GLU B 553 7.33 91.96 -0.02
CA GLU B 553 7.14 90.96 -1.07
C GLU B 553 8.39 90.61 -1.88
N ASN B 554 9.56 91.07 -1.44
CA ASN B 554 10.81 90.90 -2.17
C ASN B 554 11.95 90.85 -1.17
N GLY B 555 13.18 90.89 -1.68
CA GLY B 555 14.34 90.94 -0.84
C GLY B 555 14.81 92.37 -0.63
N GLN B 556 13.92 93.32 -0.87
CA GLN B 556 14.22 94.74 -0.75
C GLN B 556 13.67 95.26 0.58
N VAL B 557 14.50 95.99 1.30
CA VAL B 557 14.16 96.42 2.65
C VAL B 557 13.31 97.68 2.59
N VAL B 558 12.54 97.89 3.65
CA VAL B 558 11.82 99.14 3.88
C VAL B 558 12.14 99.62 5.29
N ALA B 559 11.92 100.90 5.51
CA ALA B 559 12.12 101.49 6.82
C ALA B 559 10.84 102.03 7.44
N LYS B 560 9.80 102.25 6.65
CA LYS B 560 8.52 102.76 7.15
C LYS B 560 7.38 101.92 6.59
N GLY B 561 6.29 101.86 7.34
CA GLY B 561 5.04 101.41 6.76
C GLY B 561 4.38 102.53 5.99
N THR B 562 3.46 102.17 5.10
CA THR B 562 2.81 103.16 4.26
C THR B 562 1.44 102.65 3.84
N LYS B 563 0.57 103.58 3.46
CA LYS B 563 -0.75 103.25 2.96
C LYS B 563 -0.98 104.00 1.66
N VAL B 564 -2.02 103.61 0.93
CA VAL B 564 -2.45 104.35 -0.26
C VAL B 564 -3.58 105.28 0.13
N GLN B 565 -3.56 106.49 -0.41
CA GLN B 565 -4.56 107.50 -0.08
C GLN B 565 -5.62 107.62 -1.18
N ARG B 566 -5.20 107.99 -2.39
CA ARG B 566 -6.06 107.86 -3.57
C ARG B 566 -5.47 106.88 -4.57
N GLY B 567 -4.25 107.13 -5.04
CA GLY B 567 -3.51 106.17 -5.83
C GLY B 567 -2.03 106.29 -5.53
N TYR B 568 -1.72 107.09 -4.51
CA TYR B 568 -0.35 107.44 -4.16
C TYR B 568 0.02 106.85 -2.81
N TYR B 569 1.27 106.44 -2.68
CA TYR B 569 1.79 105.97 -1.40
C TYR B 569 1.92 107.15 -0.43
N ALA B 570 1.58 106.92 0.83
CA ALA B 570 1.63 107.98 1.82
C ALA B 570 3.08 108.26 2.24
N ASP B 571 3.24 109.27 3.10
CA ASP B 571 4.54 109.83 3.41
C ASP B 571 4.94 109.56 4.86
N ASN B 572 6.22 109.23 5.03
CA ASN B 572 7.09 109.24 6.21
C ASN B 572 6.74 108.23 7.30
N GLY B 573 5.56 107.62 7.24
CA GLY B 573 5.26 106.36 7.90
C GLY B 573 5.40 106.25 9.41
N PRO B 574 5.05 105.08 9.94
CA PRO B 574 5.62 104.64 11.21
C PRO B 574 6.80 103.70 10.96
N PRO B 575 7.89 103.85 11.71
CA PRO B 575 9.09 103.04 11.44
C PRO B 575 8.91 101.58 11.82
N THR B 576 9.66 100.72 11.14
CA THR B 576 9.54 99.28 11.29
C THR B 576 10.60 98.67 12.19
N THR B 577 11.75 99.32 12.35
CA THR B 577 12.84 98.80 13.17
C THR B 577 13.27 99.82 14.21
N ASN B 578 14.40 99.57 14.88
CA ASN B 578 14.93 100.49 15.86
C ASN B 578 16.04 101.37 15.30
N SER B 579 16.77 100.89 14.30
CA SER B 579 17.85 101.68 13.70
C SER B 579 17.38 102.59 12.58
N GLY B 580 16.15 102.43 12.11
CA GLY B 580 15.59 103.31 11.10
C GLY B 580 16.00 103.02 9.67
N ASN B 581 16.78 101.96 9.44
CA ASN B 581 17.18 101.58 8.09
C ASN B 581 16.61 100.23 7.66
N GLY B 582 15.79 99.59 8.48
CA GLY B 582 15.15 98.35 8.12
C GLY B 582 15.91 97.09 8.46
N ARG B 583 17.09 97.19 9.07
CA ARG B 583 17.85 96.03 9.49
C ARG B 583 18.38 96.26 10.90
N ASP B 584 18.29 95.23 11.73
CA ASP B 584 18.70 95.29 13.13
C ASP B 584 19.51 94.06 13.49
N LEU B 585 20.36 94.20 14.50
CA LEU B 585 21.16 93.10 15.02
C LEU B 585 20.96 93.04 16.53
N SER B 586 20.40 91.95 17.03
CA SER B 586 19.89 91.88 18.39
C SER B 586 20.47 90.70 19.15
N LEU B 587 20.72 90.91 20.43
CA LEU B 587 21.04 89.86 21.39
C LEU B 587 19.98 89.86 22.48
N SER B 588 19.35 88.71 22.70
CA SER B 588 18.15 88.65 23.52
C SER B 588 18.17 87.39 24.40
N TYR B 589 17.40 87.46 25.48
CA TYR B 589 17.12 86.32 26.35
C TYR B 589 15.62 86.06 26.36
N GLN B 590 15.25 84.79 26.31
CA GLN B 590 13.85 84.38 26.25
C GLN B 590 13.56 83.31 27.28
N GLY B 591 12.60 83.55 28.16
CA GLY B 591 12.19 82.58 29.16
C GLY B 591 10.73 82.25 29.02
N PHE B 592 10.40 80.96 29.13
CA PHE B 592 9.03 80.50 28.94
C PHE B 592 8.68 79.43 29.97
N PHE B 593 7.56 79.63 30.67
CA PHE B 593 7.12 78.74 31.75
C PHE B 593 5.66 78.39 31.54
N ALA B 594 5.36 77.09 31.47
CA ALA B 594 4.00 76.62 31.24
C ALA B 594 3.61 75.59 32.30
N LEU B 595 2.48 75.81 32.96
CA LEU B 595 1.96 74.94 34.02
C LEU B 595 0.57 74.47 33.63
N ASP B 596 0.43 73.17 33.40
CA ASP B 596 -0.81 72.58 32.89
C ASP B 596 -1.39 71.61 33.92
N ASN B 597 -2.68 71.75 34.19
CA ASN B 597 -3.40 70.82 35.07
C ASN B 597 -4.76 70.54 34.41
N VAL B 598 -4.72 70.15 33.14
CA VAL B 598 -5.92 70.00 32.31
C VAL B 598 -6.01 68.55 31.84
N ARG B 599 -7.19 67.94 32.00
CA ARG B 599 -7.44 66.60 31.53
C ARG B 599 -8.82 66.51 30.90
N PHE B 600 -8.97 65.60 29.94
CA PHE B 600 -10.19 65.47 29.14
C PHE B 600 -11.08 64.40 29.75
N ILE B 601 -12.20 64.81 30.36
CA ILE B 601 -13.13 63.89 31.01
C ILE B 601 -14.21 63.56 29.99
N ASN B 602 -13.98 62.49 29.22
CA ASN B 602 -14.80 62.06 28.08
C ASN B 602 -15.00 63.19 27.07
N GLY B 603 -13.87 63.72 26.56
CA GLY B 603 -13.89 65.01 25.90
C GLY B 603 -13.89 66.09 26.97
N ASN B 604 -14.25 67.32 26.57
CA ASN B 604 -14.68 68.43 27.45
C ASN B 604 -13.78 68.65 28.66
N GLN B 605 -12.58 69.17 28.39
CA GLN B 605 -11.50 69.23 29.37
C GLN B 605 -11.87 70.09 30.59
N LEU B 606 -11.26 69.73 31.73
CA LEU B 606 -11.47 70.39 33.01
C LEU B 606 -10.14 70.71 33.65
N GLY B 607 -10.11 71.78 34.44
CA GLY B 607 -8.89 72.13 35.15
C GLY B 607 -8.44 73.57 34.99
N GLU B 608 -7.14 73.81 34.93
CA GLU B 608 -6.62 75.16 34.74
C GLU B 608 -5.23 75.09 34.12
N ARG B 609 -4.85 76.19 33.49
CA ARG B 609 -3.61 76.29 32.74
C ARG B 609 -3.06 77.70 32.86
N MET B 610 -1.76 77.83 33.11
CA MET B 610 -1.12 79.15 33.21
C MET B 610 0.15 79.19 32.37
N LEU B 611 0.35 80.30 31.65
CA LEU B 611 1.53 80.49 30.82
C LEU B 611 2.17 81.83 31.10
N PHE B 612 3.51 81.85 31.12
CA PHE B 612 4.29 83.05 31.38
C PHE B 612 5.45 83.13 30.40
N GLN B 613 5.72 84.33 29.90
CA GLN B 613 6.81 84.52 28.94
C GLN B 613 7.50 85.86 29.18
N VAL B 614 8.83 85.85 29.20
CA VAL B 614 9.63 87.06 29.40
C VAL B 614 10.65 87.17 28.26
N ASP B 615 10.74 88.36 27.66
CA ASP B 615 11.70 88.68 26.63
C ASP B 615 12.56 89.84 27.13
N GLN B 616 13.88 89.68 27.08
CA GLN B 616 14.76 90.74 27.58
C GLN B 616 15.83 91.05 26.55
N GLY B 617 16.03 92.33 26.26
CA GLY B 617 17.08 92.75 25.36
C GLY B 617 18.38 92.99 26.10
N LEU B 618 19.45 92.36 25.62
CA LEU B 618 20.74 92.34 26.28
C LEU B 618 21.80 93.17 25.57
N ASN B 619 21.41 93.98 24.60
CA ASN B 619 22.39 94.66 23.76
C ASN B 619 22.51 96.15 24.02
N PRO B 620 23.70 96.63 24.44
CA PRO B 620 23.94 98.05 24.65
C PRO B 620 24.31 98.78 23.36
N LEU B 632 25.19 97.31 19.52
CA LEU B 632 24.30 96.59 18.62
C LEU B 632 23.01 97.38 18.40
N SER B 633 22.33 97.09 17.30
CA SER B 633 21.26 97.94 16.79
C SER B 633 19.98 97.88 17.61
N GLY B 634 19.68 96.75 18.24
CA GLY B 634 18.48 96.64 19.05
C GLY B 634 18.60 97.41 20.35
N GLY B 635 17.46 97.60 21.00
CA GLY B 635 17.41 98.37 22.24
C GLY B 635 17.37 97.48 23.46
N ILE B 636 17.40 98.12 24.62
CA ILE B 636 17.17 97.45 25.89
C ILE B 636 15.68 97.52 26.18
N TYR B 637 15.05 96.34 26.27
CA TYR B 637 13.61 96.24 26.44
C TYR B 637 13.33 95.07 27.36
N ASN B 638 12.13 95.06 27.93
CA ASN B 638 11.66 93.92 28.72
C ASN B 638 10.18 93.77 28.45
N ARG B 639 9.78 92.61 27.93
CA ARG B 639 8.45 92.38 27.38
C ARG B 639 7.89 91.13 28.01
N ALA B 640 6.84 91.29 28.84
CA ALA B 640 6.33 90.21 29.68
C ALA B 640 4.86 89.95 29.39
N THR B 641 4.49 88.67 29.41
CA THR B 641 3.13 88.24 29.09
C THR B 641 2.71 87.13 30.05
N ALA B 642 1.47 87.22 30.56
CA ALA B 642 0.92 86.19 31.44
C ALA B 642 -0.52 85.89 31.07
N SER B 643 -0.85 84.60 30.96
CA SER B 643 -2.21 84.17 30.62
C SER B 643 -2.67 83.06 31.55
N TYR B 644 -3.98 83.04 31.81
CA TYR B 644 -4.57 82.15 32.80
C TYR B 644 -5.94 81.69 32.31
N THR B 645 -6.12 80.38 32.17
CA THR B 645 -7.37 79.80 31.67
C THR B 645 -7.88 78.77 32.66
N LYS B 646 -9.17 78.84 33.01
CA LYS B 646 -9.78 77.88 33.92
C LYS B 646 -11.00 77.25 33.26
N PHE B 647 -11.00 75.92 33.15
CA PHE B 647 -12.13 75.13 32.66
C PHE B 647 -12.87 74.60 33.88
N LEU B 648 -13.99 75.24 34.19
CA LEU B 648 -14.76 74.98 35.39
C LEU B 648 -16.07 74.30 35.03
N GLU B 649 -16.55 73.43 35.92
CA GLU B 649 -17.81 72.75 35.68
C GLU B 649 -18.96 73.71 35.98
N ALA B 650 -20.01 73.65 35.16
CA ALA B 650 -21.05 74.66 35.12
C ALA B 650 -21.87 74.69 36.41
N PRO B 651 -21.97 75.84 37.09
CA PRO B 651 -22.63 75.90 38.39
C PRO B 651 -24.13 76.14 38.36
N PHE B 652 -24.71 76.54 37.24
CA PHE B 652 -26.15 76.76 37.15
C PHE B 652 -26.90 75.53 36.67
N LEU B 653 -26.26 74.36 36.71
CA LEU B 653 -26.79 73.09 36.26
C LEU B 653 -26.50 72.03 37.31
N PRO B 654 -27.29 70.95 37.36
CA PRO B 654 -26.94 69.84 38.25
C PRO B 654 -25.64 69.17 37.84
N LYS B 655 -24.87 68.75 38.84
CA LYS B 655 -23.58 68.14 38.60
C LYS B 655 -23.75 66.64 38.32
N LEU B 656 -22.89 66.12 37.46
CA LEU B 656 -22.88 64.70 37.15
C LEU B 656 -22.35 63.89 38.33
N THR B 657 -22.80 62.64 38.38
CA THR B 657 -22.40 61.68 39.40
C THR B 657 -21.47 60.64 38.79
N THR B 658 -21.07 59.67 39.61
CA THR B 658 -20.04 58.72 39.20
C THR B 658 -20.57 57.66 38.25
N GLU B 659 -21.81 57.19 38.43
CA GLU B 659 -22.33 56.18 37.52
C GLU B 659 -22.67 56.77 36.16
N GLN B 660 -23.04 58.06 36.10
CA GLN B 660 -23.21 58.72 34.82
C GLN B 660 -21.87 58.89 34.11
N LEU B 661 -20.78 59.09 34.85
CA LEU B 661 -19.48 59.23 34.24
C LEU B 661 -18.94 57.88 33.76
N TRP B 662 -19.16 56.82 34.53
CA TRP B 662 -18.49 55.55 34.27
C TRP B 662 -19.31 54.58 33.43
N LYS B 663 -20.64 54.70 33.43
CA LYS B 663 -21.46 53.72 32.70
C LYS B 663 -21.91 54.21 31.33
N GLU B 664 -22.64 55.31 31.27
CA GLU B 664 -23.10 55.81 29.99
C GLU B 664 -22.15 56.81 29.37
N ARG B 665 -21.02 57.08 30.04
CA ARG B 665 -19.92 57.91 29.54
C ARG B 665 -20.39 59.31 29.16
N LYS B 666 -20.91 60.02 30.16
CA LYS B 666 -21.41 61.36 29.96
C LYS B 666 -20.33 62.39 30.32
N ALA B 667 -20.19 63.38 29.45
CA ALA B 667 -19.30 64.51 29.65
C ALA B 667 -20.06 65.67 30.27
N PRO B 668 -19.45 66.40 31.21
CA PRO B 668 -20.17 67.48 31.88
C PRO B 668 -20.25 68.74 31.03
N ASN B 669 -21.13 69.65 31.46
CA ASN B 669 -21.24 70.97 30.85
C ASN B 669 -20.23 71.88 31.53
N THR B 670 -19.53 72.69 30.74
CA THR B 670 -18.45 73.48 31.30
C THR B 670 -18.60 74.95 30.95
N VAL B 671 -17.99 75.79 31.79
CA VAL B 671 -17.69 77.17 31.45
C VAL B 671 -16.19 77.31 31.38
N VAL B 672 -15.73 78.23 30.54
CA VAL B 672 -14.32 78.55 30.40
C VAL B 672 -14.16 80.03 30.71
N LEU B 673 -13.25 80.34 31.62
CA LEU B 673 -12.88 81.73 31.94
C LEU B 673 -11.42 81.93 31.58
N HIS B 674 -11.13 82.95 30.76
CA HIS B 674 -9.78 83.17 30.26
C HIS B 674 -9.40 84.62 30.43
N ALA B 675 -8.17 84.84 30.91
CA ALA B 675 -7.59 86.17 31.01
C ALA B 675 -6.19 86.16 30.42
N LYS B 676 -5.78 87.30 29.88
CA LYS B 676 -4.42 87.48 29.38
C LYS B 676 -4.02 88.94 29.57
N ALA B 677 -2.75 89.17 29.88
CA ALA B 677 -2.27 90.53 30.03
C ALA B 677 -0.81 90.60 29.61
N GLY B 678 -0.38 91.78 29.19
CA GLY B 678 0.99 91.94 28.73
C GLY B 678 1.47 93.36 28.84
N ASN B 679 2.78 93.51 29.07
CA ASN B 679 3.43 94.81 29.23
C ASN B 679 4.77 94.80 28.51
N ALA B 680 5.22 95.98 28.08
CA ALA B 680 6.49 96.12 27.39
C ALA B 680 7.15 97.42 27.83
N LEU B 681 8.34 97.32 28.43
CA LEU B 681 9.13 98.47 28.86
C LEU B 681 10.35 98.63 27.97
N GLY B 682 10.77 99.87 27.80
CA GLY B 682 11.97 100.15 27.04
C GLY B 682 11.69 100.41 25.57
N ASP B 683 12.76 100.32 24.79
CA ASP B 683 12.68 100.55 23.35
C ASP B 683 12.29 99.26 22.64
N VAL B 684 11.01 99.12 22.35
CA VAL B 684 10.47 97.96 21.67
C VAL B 684 10.35 98.31 20.19
N ALA B 685 10.81 97.42 19.32
CA ALA B 685 10.71 97.67 17.90
C ALA B 685 9.37 97.18 17.36
N ALA B 686 9.02 97.62 16.15
CA ALA B 686 7.69 97.41 15.62
C ALA B 686 7.40 95.96 15.26
N TYR B 687 8.44 95.12 15.13
CA TYR B 687 8.23 93.70 14.92
C TYR B 687 8.05 92.94 16.22
N ASP B 688 7.98 93.65 17.35
CA ASP B 688 7.76 93.05 18.67
C ASP B 688 6.64 93.75 19.43
N TYR B 689 5.77 94.48 18.75
CA TYR B 689 4.61 95.05 19.41
C TYR B 689 3.56 93.97 19.64
N PHE B 690 2.64 94.25 20.57
CA PHE B 690 1.47 93.40 20.74
C PHE B 690 0.41 93.80 19.72
N SER B 691 -0.29 92.80 19.18
CA SER B 691 -1.33 93.01 18.18
C SER B 691 -2.63 92.40 18.67
N LEU B 692 -3.71 93.17 18.59
CA LEU B 692 -5.01 92.75 19.09
C LEU B 692 -5.95 92.46 17.93
N GLY B 693 -6.70 91.36 18.04
CA GLY B 693 -7.64 91.00 17.01
C GLY B 693 -7.29 89.69 16.32
N GLY B 694 -8.29 89.00 15.80
CA GLY B 694 -8.07 87.81 15.02
C GLY B 694 -8.45 86.54 15.75
N PRO B 695 -8.13 85.39 15.18
CA PRO B 695 -8.25 84.14 15.93
C PRO B 695 -7.23 84.10 17.05
N TYR B 696 -7.60 83.41 18.13
CA TYR B 696 -6.86 83.38 19.40
C TYR B 696 -6.67 84.77 20.00
N SER B 697 -7.65 85.62 19.73
CA SER B 697 -7.86 86.96 20.25
C SER B 697 -9.36 87.16 20.21
N VAL B 698 -9.82 88.40 20.14
CA VAL B 698 -11.23 88.65 19.86
C VAL B 698 -11.61 88.09 18.50
N ARG B 699 -12.45 87.05 18.50
CA ARG B 699 -12.92 86.43 17.28
C ARG B 699 -13.85 87.36 16.52
N GLY B 700 -13.97 87.13 15.22
CA GLY B 700 -14.80 87.96 14.38
C GLY B 700 -14.11 89.19 13.85
N TYR B 701 -12.84 89.39 14.15
CA TYR B 701 -12.05 90.50 13.64
C TYR B 701 -10.95 89.95 12.74
N SER B 702 -10.39 90.84 11.93
CA SER B 702 -9.20 90.49 11.16
C SER B 702 -8.01 90.33 12.09
N HIS B 703 -6.91 89.82 11.54
CA HIS B 703 -5.84 89.26 12.36
C HIS B 703 -5.06 90.32 13.13
N GLY B 704 -5.14 91.59 12.74
CA GLY B 704 -4.60 92.66 13.56
C GLY B 704 -5.47 93.89 13.53
N GLU B 705 -6.80 93.67 13.43
CA GLU B 705 -7.73 94.74 13.12
C GLU B 705 -7.81 95.78 14.24
N ILE B 706 -7.81 95.34 15.49
CA ILE B 706 -7.67 96.25 16.62
C ILE B 706 -6.22 96.68 16.69
N GLY B 707 -5.95 97.89 17.18
CA GLY B 707 -4.66 98.51 17.01
C GLY B 707 -3.52 97.83 17.78
N ALA B 708 -2.31 98.30 17.50
CA ALA B 708 -1.14 97.80 18.19
C ALA B 708 -1.09 98.37 19.61
N ALA B 709 -0.23 97.78 20.44
CA ALA B 709 -0.27 98.08 21.86
C ALA B 709 1.10 97.97 22.49
N ARG B 710 1.30 98.71 23.56
CA ARG B 710 2.42 98.54 24.47
C ARG B 710 2.02 97.75 25.72
N ARG B 711 0.85 98.03 26.28
CA ARG B 711 0.23 97.24 27.31
C ARG B 711 -1.13 96.76 26.81
N PHE B 712 -1.55 95.57 27.24
CA PHE B 712 -2.84 95.08 26.80
C PHE B 712 -3.45 94.15 27.84
N LEU B 713 -4.79 94.04 27.75
CA LEU B 713 -5.59 93.14 28.56
C LEU B 713 -6.64 92.47 27.69
N GLU B 714 -6.89 91.18 27.91
CA GLU B 714 -7.83 90.41 27.12
C GLU B 714 -8.63 89.51 28.04
N LEU B 715 -9.96 89.51 27.87
CA LEU B 715 -10.85 88.69 28.68
C LEU B 715 -11.78 87.89 27.79
N ALA B 716 -12.16 86.69 28.24
CA ALA B 716 -13.03 85.84 27.44
C ALA B 716 -13.78 84.87 28.34
N THR B 717 -15.03 84.56 27.99
CA THR B 717 -15.77 83.49 28.65
C THR B 717 -16.62 82.72 27.65
N GLU B 718 -16.86 81.45 27.98
CA GLU B 718 -17.48 80.51 27.05
C GLU B 718 -18.30 79.50 27.82
N VAL B 719 -19.40 79.06 27.22
CA VAL B 719 -20.26 78.00 27.77
C VAL B 719 -20.31 76.88 26.75
N ARG B 720 -19.97 75.66 27.18
CA ARG B 720 -19.89 74.49 26.32
C ARG B 720 -20.81 73.40 26.83
N VAL B 721 -21.65 72.87 25.94
CA VAL B 721 -22.44 71.67 26.22
C VAL B 721 -22.04 70.57 25.23
N PRO B 722 -21.84 69.34 25.68
CA PRO B 722 -21.64 68.25 24.73
C PRO B 722 -22.96 67.69 24.20
N LEU B 723 -22.98 67.43 22.90
CA LEU B 723 -24.17 66.89 22.28
C LEU B 723 -24.26 65.38 22.38
N LYS B 724 -23.16 64.71 22.75
CA LYS B 724 -23.15 63.25 22.86
C LYS B 724 -24.01 62.74 24.01
N ASN B 725 -24.38 63.59 24.95
CA ASN B 725 -25.36 63.24 25.98
C ASN B 725 -26.77 63.11 25.42
N TYR B 726 -27.01 63.57 24.20
CA TYR B 726 -28.31 63.44 23.55
C TYR B 726 -28.23 62.66 22.25
N GLY B 727 -27.15 61.90 22.05
CA GLY B 727 -26.97 61.07 20.89
C GLY B 727 -26.33 61.76 19.69
N LEU B 728 -26.52 63.07 19.56
CA LEU B 728 -25.97 63.80 18.44
C LEU B 728 -24.45 63.92 18.57
N PRO B 729 -23.72 63.99 17.46
CA PRO B 729 -22.27 64.19 17.54
C PRO B 729 -21.90 65.65 17.73
N GLY B 730 -20.70 65.87 18.25
CA GLY B 730 -20.14 67.19 18.39
C GLY B 730 -20.41 67.82 19.75
N THR B 731 -20.14 69.11 19.81
CA THR B 731 -20.41 69.91 21.00
C THR B 731 -20.75 71.33 20.57
N ALA B 732 -21.62 71.97 21.34
CA ALA B 732 -22.10 73.31 21.04
C ALA B 732 -21.57 74.30 22.08
N TYR B 733 -21.27 75.52 21.66
CA TYR B 733 -20.75 76.50 22.59
C TYR B 733 -21.18 77.90 22.21
N GLY B 734 -21.12 78.78 23.20
CA GLY B 734 -21.39 80.20 23.02
C GLY B 734 -20.38 81.03 23.77
N PHE B 735 -19.87 82.10 23.16
CA PHE B 735 -18.75 82.84 23.73
C PHE B 735 -18.98 84.34 23.68
N VAL B 736 -18.31 85.06 24.58
CA VAL B 736 -18.15 86.50 24.48
C VAL B 736 -16.72 86.88 24.90
N GLU B 737 -16.09 87.78 24.12
CA GLU B 737 -14.68 88.12 24.23
C GLU B 737 -14.49 89.63 24.14
N TYR B 738 -13.37 90.10 24.69
CA TYR B 738 -13.06 91.52 24.83
C TYR B 738 -11.55 91.72 24.93
N ALA B 739 -11.05 92.86 24.43
CA ALA B 739 -9.63 93.20 24.55
C ALA B 739 -9.43 94.70 24.45
N THR B 740 -8.51 95.22 25.27
CA THR B 740 -8.11 96.62 25.23
C THR B 740 -6.60 96.77 25.22
N ASP B 741 -6.14 97.89 24.66
CA ASP B 741 -4.77 98.35 24.75
C ASP B 741 -4.54 99.30 25.91
N LEU B 742 -5.58 99.55 26.71
CA LEU B 742 -5.52 100.35 27.94
C LEU B 742 -5.08 101.79 27.68
N GLY B 743 -5.46 102.31 26.51
CA GLY B 743 -5.11 103.66 26.10
C GLY B 743 -3.63 103.88 25.87
N SER B 744 -2.93 102.85 25.38
CA SER B 744 -1.50 102.92 25.16
C SER B 744 -1.15 102.89 23.68
N GLY B 745 -2.05 103.38 22.84
CA GLY B 745 -1.74 103.50 21.43
C GLY B 745 -0.76 104.62 21.14
N ARG B 746 -0.81 105.68 21.96
CA ARG B 746 0.08 106.82 21.79
C ARG B 746 1.51 106.50 22.20
N GLU B 747 1.71 105.42 22.96
CA GLU B 747 3.00 105.10 23.55
C GLU B 747 4.01 104.55 22.55
N LEU B 748 3.58 104.18 21.36
CA LEU B 748 4.44 103.55 20.38
C LEU B 748 5.06 104.58 19.45
N ASN B 749 6.18 104.21 18.84
CA ASN B 749 6.94 105.10 17.99
C ASN B 749 6.27 105.19 16.62
N GLY B 750 5.67 106.34 16.33
CA GLY B 750 5.01 106.57 15.08
C GLY B 750 3.49 106.44 15.11
N ASN B 751 2.93 105.90 16.20
CA ASN B 751 1.50 105.73 16.46
C ASN B 751 0.78 104.93 15.38
N PRO B 752 0.97 103.62 15.30
CA PRO B 752 0.31 102.84 14.23
C PRO B 752 -1.20 102.70 14.41
N THR B 753 -1.75 102.90 15.60
CA THR B 753 -3.18 102.69 15.78
C THR B 753 -4.02 103.86 15.26
N GLU B 754 -3.42 105.03 15.06
CA GLU B 754 -4.12 106.17 14.49
C GLU B 754 -3.76 106.41 13.03
N TYR B 755 -2.61 105.88 12.60
CA TYR B 755 -2.23 105.93 11.19
C TYR B 755 -3.19 105.12 10.34
N TYR B 756 -3.56 103.93 10.79
CA TYR B 756 -4.50 103.07 10.09
C TYR B 756 -5.92 103.17 10.63
N ARG B 757 -6.16 104.13 11.54
CA ARG B 757 -7.47 104.47 12.08
C ARG B 757 -8.14 103.31 12.80
N LYS B 758 -7.35 102.42 13.39
CA LYS B 758 -7.85 101.28 14.13
C LYS B 758 -8.34 101.71 15.50
N PRO B 759 -9.39 101.09 16.03
CA PRO B 759 -9.84 101.40 17.39
C PRO B 759 -8.99 100.68 18.41
N GLY B 760 -9.07 101.15 19.64
CA GLY B 760 -8.25 100.58 20.69
C GLY B 760 -8.90 99.41 21.41
N ARG B 761 -10.19 99.22 21.21
CA ARG B 761 -10.93 98.21 21.95
C ARG B 761 -11.92 97.51 21.03
N GLY B 762 -12.34 96.32 21.44
CA GLY B 762 -13.28 95.54 20.67
C GLY B 762 -13.90 94.42 21.46
N MET B 763 -15.20 94.22 21.29
CA MET B 763 -15.94 93.17 21.96
C MET B 763 -16.72 92.39 20.91
N SER B 764 -16.77 91.06 21.07
CA SER B 764 -17.53 90.25 20.14
C SER B 764 -18.17 89.08 20.88
N TYR B 765 -19.21 88.52 20.27
CA TYR B 765 -19.88 87.34 20.81
C TYR B 765 -20.30 86.44 19.66
N GLY B 766 -20.59 85.20 19.99
CA GLY B 766 -21.05 84.32 18.93
C GLY B 766 -21.37 82.92 19.43
N LEU B 767 -21.79 82.10 18.47
CA LEU B 767 -22.15 80.70 18.68
C LEU B 767 -21.23 79.82 17.86
N GLY B 768 -21.16 78.54 18.19
CA GLY B 768 -20.28 77.67 17.44
C GLY B 768 -20.52 76.21 17.72
N LEU B 769 -19.99 75.38 16.81
CA LEU B 769 -20.09 73.94 16.90
C LEU B 769 -18.73 73.32 16.62
N LYS B 770 -18.29 72.42 17.49
CA LYS B 770 -17.05 71.68 17.29
C LYS B 770 -17.40 70.23 17.00
N ALA B 771 -16.91 69.70 15.89
CA ALA B 771 -17.47 68.47 15.33
C ALA B 771 -16.50 67.30 15.33
N LEU B 772 -15.36 67.40 14.67
CA LEU B 772 -14.55 66.24 14.32
C LEU B 772 -13.17 66.41 14.92
N GLY B 773 -13.02 66.02 16.18
CA GLY B 773 -11.78 66.28 16.86
C GLY B 773 -11.72 67.73 17.29
N ALA B 774 -10.96 68.54 16.55
CA ALA B 774 -10.77 69.95 16.85
C ALA B 774 -11.06 70.82 15.64
N CYS B 775 -12.19 70.58 14.99
CA CYS B 775 -12.65 71.39 13.86
C CYS B 775 -13.82 72.23 14.35
N ARG B 776 -13.68 73.55 14.29
CA ARG B 776 -14.67 74.47 14.85
C ARG B 776 -15.32 75.28 13.74
N PHE B 777 -16.63 75.41 13.80
CA PHE B 777 -17.40 76.24 12.88
C PHE B 777 -18.15 77.27 13.72
N GLU B 778 -17.75 78.53 13.59
CA GLU B 778 -18.31 79.61 14.40
C GLU B 778 -19.15 80.55 13.56
N TYR B 779 -20.12 81.18 14.22
CA TYR B 779 -20.75 82.40 13.73
C TYR B 779 -20.47 83.47 14.78
N ALA B 780 -19.70 84.49 14.40
CA ALA B 780 -19.28 85.54 15.32
C ALA B 780 -19.81 86.88 14.84
N ARG B 781 -19.92 87.83 15.76
CA ARG B 781 -20.48 89.14 15.45
C ARG B 781 -19.55 90.24 15.96
N ASP B 782 -18.97 90.99 15.02
CA ASP B 782 -18.28 92.22 15.35
C ASP B 782 -19.27 93.23 15.92
N CYS B 783 -18.90 93.89 17.01
CA CYS B 783 -19.76 94.89 17.61
C CYS B 783 -19.28 96.32 17.38
N ASN B 784 -18.05 96.51 16.92
CA ASN B 784 -17.61 97.85 16.53
C ASN B 784 -18.27 98.28 15.23
N ALA B 785 -18.63 97.31 14.37
CA ALA B 785 -19.30 97.58 13.11
C ALA B 785 -20.75 97.10 13.08
N GLY B 786 -21.03 95.92 13.61
CA GLY B 786 -22.37 95.38 13.59
C GLY B 786 -22.61 94.29 12.57
N THR B 787 -21.56 93.58 12.13
CA THR B 787 -21.66 92.58 11.08
C THR B 787 -21.22 91.23 11.63
N GLY B 788 -21.89 90.17 11.22
CA GLY B 788 -21.58 88.81 11.64
C GLY B 788 -21.06 88.00 10.48
N THR B 789 -20.07 87.16 10.76
CA THR B 789 -19.45 86.29 9.75
C THR B 789 -19.32 84.87 10.28
N PHE B 790 -19.32 83.93 9.36
CA PHE B 790 -18.99 82.54 9.65
C PHE B 790 -17.49 82.33 9.53
N LEU B 791 -16.96 81.48 10.41
CA LEU B 791 -15.55 81.16 10.44
C LEU B 791 -15.38 79.65 10.54
N VAL B 792 -14.30 79.16 9.95
CA VAL B 792 -13.92 77.74 9.99
C VAL B 792 -12.49 77.67 10.46
N ASN B 793 -12.24 76.96 11.57
CA ASN B 793 -10.92 76.92 12.16
C ASN B 793 -10.56 75.51 12.59
N PHE B 794 -9.26 75.24 12.64
CA PHE B 794 -8.72 73.99 13.13
C PHE B 794 -8.03 74.22 14.46
N GLY B 795 -8.14 73.24 15.34
CA GLY B 795 -7.53 73.33 16.65
C GLY B 795 -8.43 74.02 17.64
N GLU B 796 -8.21 73.70 18.91
CA GLU B 796 -9.01 74.26 19.99
C GLU B 796 -8.28 75.45 20.61
N ARG B 797 -9.02 76.48 20.95
CA ARG B 797 -8.42 77.59 21.68
C ARG B 797 -8.58 77.37 23.17
N PHE B 798 -7.94 78.26 23.94
CA PHE B 798 -7.82 78.23 25.41
C PHE B 798 -7.09 76.99 25.96
N ALA C 256 -10.91 45.32 -61.25
CA ALA C 256 -10.29 44.13 -60.72
C ALA C 256 -10.25 43.02 -61.76
N VAL C 257 -10.38 43.43 -63.03
CA VAL C 257 -10.44 42.46 -64.13
C VAL C 257 -9.08 41.80 -64.33
N LYS C 258 -8.02 42.62 -64.42
CA LYS C 258 -6.69 42.12 -64.73
C LYS C 258 -6.07 41.34 -63.57
N ALA C 259 -6.61 41.46 -62.37
CA ALA C 259 -6.10 40.71 -61.22
C ALA C 259 -6.86 39.40 -61.04
N ALA C 260 -8.18 39.42 -61.17
CA ALA C 260 -9.00 38.26 -60.88
C ALA C 260 -9.25 37.38 -62.09
N ARG C 261 -8.96 37.84 -63.31
CA ARG C 261 -9.19 36.99 -64.48
C ARG C 261 -8.19 35.83 -64.58
N PRO C 262 -6.84 36.03 -64.56
CA PRO C 262 -5.95 34.87 -64.62
C PRO C 262 -5.98 34.03 -63.35
N VAL C 263 -6.42 34.57 -62.22
CA VAL C 263 -6.59 33.78 -61.01
C VAL C 263 -7.68 32.72 -61.22
N LEU C 264 -8.82 33.14 -61.76
CA LEU C 264 -9.91 32.20 -62.05
C LEU C 264 -9.52 31.21 -63.15
N VAL C 265 -8.85 31.69 -64.19
CA VAL C 265 -8.45 30.81 -65.30
C VAL C 265 -7.45 29.75 -64.82
N GLY C 266 -6.44 30.18 -64.05
CA GLY C 266 -5.48 29.25 -63.50
C GLY C 266 -6.06 28.34 -62.44
N PHE C 267 -7.10 28.80 -61.74
CA PHE C 267 -7.78 27.95 -60.76
C PHE C 267 -8.49 26.79 -61.45
N VAL C 268 -9.24 27.08 -62.52
CA VAL C 268 -9.93 26.01 -63.24
C VAL C 268 -8.93 25.07 -63.92
N LEU C 269 -7.87 25.63 -64.51
CA LEU C 269 -6.87 24.78 -65.17
C LEU C 269 -6.09 23.94 -64.17
N HIS C 270 -5.79 24.50 -63.00
CA HIS C 270 -5.08 23.74 -61.96
C HIS C 270 -5.98 22.67 -61.35
N ARG C 271 -7.28 22.95 -61.22
CA ARG C 271 -8.18 21.92 -60.72
C ARG C 271 -8.35 20.78 -61.72
N VAL C 272 -8.36 21.10 -63.03
CA VAL C 272 -8.40 20.07 -64.07
C VAL C 272 -7.13 19.22 -64.02
N LEU C 273 -5.97 19.87 -63.91
CA LEU C 273 -4.70 19.14 -63.91
C LEU C 273 -4.54 18.29 -62.65
N LYS C 274 -4.95 18.80 -61.49
CA LYS C 274 -4.79 18.06 -60.25
C LYS C 274 -5.95 17.13 -59.96
N THR C 275 -6.99 17.12 -60.79
CA THR C 275 -7.92 16.00 -60.77
C THR C 275 -7.47 14.90 -61.72
N LEU C 276 -6.92 15.30 -62.88
CA LEU C 276 -6.48 14.35 -63.89
C LEU C 276 -5.26 13.55 -63.42
N ASP C 277 -4.33 14.21 -62.74
CA ASP C 277 -3.15 13.54 -62.21
C ASP C 277 -3.50 12.65 -61.03
N ARG C 278 -4.56 13.00 -60.29
CA ARG C 278 -4.94 12.31 -59.08
C ARG C 278 -5.92 11.18 -59.37
N SER C 279 -6.19 10.94 -60.65
CA SER C 279 -7.06 9.84 -61.08
C SER C 279 -6.29 8.67 -61.69
N ARG C 280 -4.96 8.65 -61.63
CA ARG C 280 -4.19 7.64 -62.37
C ARG C 280 -3.19 6.88 -61.52
N GLN C 281 -3.22 7.05 -60.20
CA GLN C 281 -2.26 6.37 -59.32
C GLN C 281 -2.80 5.00 -58.91
N LEU C 282 -2.21 4.47 -57.84
CA LEU C 282 -2.29 3.05 -57.50
C LEU C 282 -3.71 2.57 -57.21
N GLU C 283 -4.43 3.26 -56.31
CA GLU C 283 -5.63 2.69 -55.72
C GLU C 283 -6.83 2.65 -56.66
N TYR C 284 -7.01 3.64 -57.54
CA TYR C 284 -8.16 3.61 -58.43
C TYR C 284 -7.95 2.62 -59.56
N ARG C 285 -6.71 2.50 -60.05
CA ARG C 285 -6.38 1.50 -61.05
C ARG C 285 -6.58 0.10 -60.50
N LEU C 286 -6.10 -0.14 -59.28
CA LEU C 286 -6.34 -1.42 -58.61
C LEU C 286 -7.81 -1.66 -58.29
N ALA C 287 -8.58 -0.58 -58.10
CA ALA C 287 -10.02 -0.71 -57.98
C ALA C 287 -10.67 -1.10 -59.30
N ARG C 288 -10.05 -0.77 -60.44
CA ARG C 288 -10.65 -1.06 -61.74
C ARG C 288 -10.13 -2.36 -62.38
N MET C 289 -9.52 -3.26 -61.62
CA MET C 289 -9.21 -4.59 -62.11
C MET C 289 -9.74 -5.65 -61.15
N GLY C 290 -9.87 -6.86 -61.67
CA GLY C 290 -10.33 -8.00 -60.90
C GLY C 290 -9.33 -8.46 -59.86
N PRO C 291 -9.76 -9.34 -58.94
CA PRO C 291 -9.01 -9.53 -57.69
C PRO C 291 -7.66 -10.23 -57.85
N GLU C 292 -7.55 -11.22 -58.73
CA GLU C 292 -6.28 -11.94 -58.85
C GLU C 292 -5.20 -11.07 -59.47
N GLU C 293 -5.51 -10.42 -60.61
CA GLU C 293 -4.55 -9.51 -61.21
C GLU C 293 -4.31 -8.28 -60.35
N ALA C 294 -5.25 -7.94 -59.48
CA ALA C 294 -4.96 -6.98 -58.42
C ALA C 294 -3.91 -7.51 -57.45
N ARG C 295 -3.97 -8.81 -57.14
CA ARG C 295 -2.97 -9.40 -56.25
C ARG C 295 -1.58 -9.42 -56.87
N GLU C 296 -1.46 -9.63 -58.19
CA GLU C 296 -0.11 -9.45 -58.74
C GLU C 296 0.27 -7.98 -58.87
N ALA C 297 -0.67 -7.10 -59.24
CA ALA C 297 -0.31 -5.71 -59.51
C ALA C 297 0.10 -4.96 -58.23
N TYR C 298 -0.46 -5.36 -57.09
CA TYR C 298 0.00 -4.88 -55.80
C TYR C 298 1.49 -5.15 -55.60
N TYR C 299 1.91 -6.39 -55.88
CA TYR C 299 3.31 -6.76 -55.75
C TYR C 299 4.18 -6.10 -56.80
N GLU C 300 3.63 -5.87 -57.99
CA GLU C 300 4.36 -5.14 -59.02
C GLU C 300 4.64 -3.71 -58.59
N ALA C 301 3.71 -3.11 -57.85
CA ALA C 301 3.92 -1.75 -57.36
C ALA C 301 4.89 -1.73 -56.18
N VAL C 302 4.54 -2.42 -55.09
CA VAL C 302 5.25 -2.19 -53.83
C VAL C 302 6.55 -2.96 -53.70
N LEU C 303 6.81 -3.97 -54.53
CA LEU C 303 7.98 -4.81 -54.36
C LEU C 303 8.89 -4.91 -55.56
N GLY C 304 8.51 -4.35 -56.70
CA GLY C 304 9.33 -4.43 -57.89
C GLY C 304 8.74 -5.37 -58.93
N LYS C 305 9.60 -5.77 -59.86
CA LYS C 305 9.17 -6.63 -60.96
C LYS C 305 9.32 -8.11 -60.61
N ASP C 306 10.48 -8.48 -60.07
CA ASP C 306 10.76 -9.86 -59.70
C ASP C 306 10.50 -10.09 -58.21
N TRP C 307 9.25 -9.86 -57.80
CA TRP C 307 8.91 -9.95 -56.39
C TRP C 307 8.98 -11.38 -55.87
N LYS C 308 8.78 -12.37 -56.74
CA LYS C 308 8.89 -13.77 -56.33
C LYS C 308 10.33 -14.10 -55.93
N GLN C 309 11.30 -13.59 -56.67
CA GLN C 309 12.69 -13.81 -56.32
C GLN C 309 13.08 -13.08 -55.04
N GLN C 310 12.48 -11.91 -54.78
CA GLN C 310 12.79 -11.18 -53.57
C GLN C 310 12.22 -11.88 -52.33
N LEU C 311 11.00 -12.42 -52.44
CA LEU C 311 10.47 -13.19 -51.32
C LEU C 311 11.24 -14.48 -51.12
N GLN C 312 11.78 -15.06 -52.19
CA GLN C 312 12.59 -16.26 -52.03
C GLN C 312 13.93 -15.94 -51.37
N ALA C 313 14.49 -14.76 -51.64
CA ALA C 313 15.71 -14.37 -50.94
C ALA C 313 15.45 -14.11 -49.46
N ASP C 314 14.30 -13.51 -49.12
CA ASP C 314 13.96 -13.30 -47.71
C ASP C 314 13.74 -14.63 -46.98
N TRP C 315 13.09 -15.59 -47.64
CA TRP C 315 12.91 -16.91 -47.05
C TRP C 315 14.23 -17.64 -46.86
N ASP C 316 15.12 -17.55 -47.84
CA ASP C 316 16.40 -18.24 -47.70
C ASP C 316 17.25 -17.60 -46.63
N LYS C 317 17.16 -16.28 -46.46
CA LYS C 317 17.88 -15.62 -45.38
C LYS C 317 17.32 -15.99 -44.02
N ALA C 318 16.00 -16.15 -43.92
CA ALA C 318 15.38 -16.64 -42.68
C ALA C 318 15.87 -18.03 -42.32
N LEU C 319 15.93 -18.93 -43.30
CA LEU C 319 16.39 -20.28 -43.01
C LEU C 319 17.89 -20.32 -42.70
N GLU C 320 18.69 -19.47 -43.34
CA GLU C 320 20.11 -19.38 -43.01
C GLU C 320 20.33 -18.88 -41.59
N ASP C 321 19.56 -17.86 -41.16
CA ASP C 321 19.68 -17.36 -39.80
C ASP C 321 19.26 -18.39 -38.77
N VAL C 322 18.18 -19.14 -39.04
CA VAL C 322 17.76 -20.18 -38.09
C VAL C 322 18.77 -21.32 -38.05
N ASP C 323 19.37 -21.68 -39.18
CA ASP C 323 20.36 -22.73 -39.18
C ASP C 323 21.69 -22.31 -38.55
N ALA C 324 21.99 -21.01 -38.53
CA ALA C 324 23.17 -20.53 -37.82
C ALA C 324 23.01 -20.57 -36.30
N GLY C 325 21.80 -20.79 -35.79
CA GLY C 325 21.57 -20.85 -34.36
C GLY C 325 21.04 -19.59 -33.73
N LEU C 326 20.62 -18.61 -34.52
CA LEU C 326 20.14 -17.34 -33.99
C LEU C 326 18.65 -17.37 -33.71
N VAL C 327 18.20 -18.40 -33.02
CA VAL C 327 16.82 -18.51 -32.59
C VAL C 327 16.62 -17.55 -31.44
N ASP C 329 14.15 -17.51 -29.13
CA ASP C 329 13.71 -18.19 -27.92
C ASP C 329 14.82 -18.59 -26.94
N GLU C 330 15.91 -19.14 -27.46
CA GLU C 330 17.02 -19.57 -26.60
C GLU C 330 17.84 -18.39 -26.10
N ILE C 331 18.13 -17.44 -26.98
CA ILE C 331 19.00 -16.31 -26.67
C ILE C 331 18.35 -15.41 -25.63
N ASN C 332 17.07 -15.10 -25.81
CA ASN C 332 16.36 -14.25 -24.86
C ASN C 332 16.15 -14.97 -23.54
N HIS C 333 16.05 -16.30 -23.55
CA HIS C 333 15.97 -17.06 -22.30
C HIS C 333 17.25 -16.92 -21.49
N GLU C 334 18.41 -16.99 -22.17
CA GLU C 334 19.68 -16.79 -21.48
C GLU C 334 19.83 -15.36 -20.93
N LYS C 335 19.41 -14.38 -21.73
CA LYS C 335 19.44 -12.98 -21.28
C LYS C 335 18.55 -12.75 -20.07
N ARG C 336 17.35 -13.35 -20.07
CA ARG C 336 16.43 -13.16 -18.95
C ARG C 336 16.90 -13.86 -17.69
N LEU C 337 17.57 -15.01 -17.83
CA LEU C 337 18.14 -15.69 -16.66
C LEU C 337 19.24 -14.84 -16.00
N MET C 338 20.14 -14.26 -16.81
CA MET C 338 21.18 -13.40 -16.26
C MET C 338 20.63 -12.12 -15.63
N THR C 339 19.60 -11.55 -16.27
CA THR C 339 18.96 -10.36 -15.71
C THR C 339 18.28 -10.65 -14.39
N ALA C 340 17.62 -11.81 -14.27
CA ALA C 340 16.97 -12.20 -13.01
C ALA C 340 17.98 -12.35 -11.89
N ALA C 341 19.15 -12.94 -12.17
CA ALA C 341 20.17 -13.10 -11.14
C ALA C 341 20.71 -11.75 -10.64
N GLN C 342 21.03 -10.85 -11.58
CA GLN C 342 21.57 -9.54 -11.19
C GLN C 342 20.54 -8.70 -10.45
N LEU C 343 19.29 -8.75 -10.89
CA LEU C 343 18.25 -7.93 -10.30
C LEU C 343 17.91 -8.41 -8.89
N ARG C 344 17.94 -9.74 -8.67
CA ARG C 344 17.73 -10.30 -7.34
C ARG C 344 18.82 -9.86 -6.36
N ARG C 345 20.09 -9.90 -6.79
CA ARG C 345 21.18 -9.46 -5.92
C ARG C 345 21.09 -7.97 -5.57
N LEU C 346 20.79 -7.12 -6.56
CA LEU C 346 20.73 -5.68 -6.30
C LEU C 346 19.56 -5.31 -5.37
N GLU C 347 18.42 -5.97 -5.54
CA GLU C 347 17.28 -5.70 -4.67
C GLU C 347 17.54 -6.15 -3.23
N VAL C 348 18.19 -7.31 -3.06
CA VAL C 348 18.53 -7.77 -1.71
C VAL C 348 19.49 -6.82 -1.01
N GLU C 349 20.47 -6.27 -1.73
CA GLU C 349 21.41 -5.34 -1.08
C GLU C 349 20.74 -4.03 -0.67
N GLU C 350 19.84 -3.50 -1.51
CA GLU C 350 19.11 -2.28 -1.13
C GLU C 350 18.17 -2.50 0.06
N TRP C 351 17.50 -3.66 0.11
CA TRP C 351 16.67 -4.02 1.25
C TRP C 351 17.49 -4.16 2.54
N ASP C 352 18.71 -4.68 2.41
CA ASP C 352 19.61 -4.78 3.56
C ASP C 352 19.97 -3.41 4.12
N LYS C 353 20.28 -2.46 3.23
CA LYS C 353 20.64 -1.11 3.69
C LYS C 353 19.47 -0.40 4.40
N GLN C 354 18.25 -0.56 3.86
CA GLN C 354 17.09 0.04 4.51
C GLN C 354 16.79 -0.57 5.88
N ARG C 355 16.93 -1.89 6.01
CA ARG C 355 16.73 -2.54 7.31
C ARG C 355 17.78 -2.10 8.33
N MET C 356 19.03 -1.93 7.88
CA MET C 356 20.09 -1.43 8.76
C MET C 356 19.77 -0.03 9.27
N LYS C 357 19.28 0.85 8.38
CA LYS C 357 18.96 2.22 8.77
C LYS C 357 17.81 2.28 9.76
N ASN C 358 16.77 1.48 9.57
CA ASN C 358 15.66 1.50 10.52
C ASN C 358 16.04 0.87 11.85
N PHE C 359 16.90 -0.15 11.83
CA PHE C 359 17.41 -0.72 13.08
C PHE C 359 18.23 0.29 13.88
N TYR C 360 19.06 1.09 13.21
CA TYR C 360 19.83 2.11 13.92
C TYR C 360 18.97 3.26 14.41
N LEU C 361 17.92 3.63 13.66
CA LEU C 361 17.04 4.70 14.13
C LEU C 361 16.21 4.25 15.32
N ALA C 362 15.84 2.97 15.38
CA ALA C 362 15.11 2.46 16.53
C ALA C 362 16.01 2.29 17.74
N SER C 363 17.23 1.79 17.55
CA SER C 363 18.10 1.44 18.68
C SER C 363 18.72 2.67 19.33
N PHE C 364 19.39 3.51 18.54
CA PHE C 364 20.07 4.67 19.10
C PHE C 364 19.17 5.89 19.21
N GLY C 365 17.95 5.84 18.67
CA GLY C 365 17.05 6.97 18.73
C GLY C 365 15.92 6.80 19.72
N GLY C 366 15.41 5.59 19.84
CA GLY C 366 14.43 5.28 20.87
C GLY C 366 12.98 5.40 20.47
N LEU C 367 12.66 5.63 19.20
CA LEU C 367 11.28 5.73 18.74
C LEU C 367 10.89 4.38 18.13
N ARG C 368 9.82 3.78 18.64
CA ARG C 368 9.56 2.40 18.24
C ARG C 368 8.79 2.28 16.95
N TRP C 369 8.44 3.40 16.29
CA TRP C 369 7.88 3.34 14.95
C TRP C 369 8.89 2.76 13.96
N PHE C 370 10.18 3.01 14.18
CA PHE C 370 11.20 2.45 13.31
C PHE C 370 11.44 0.97 13.58
N ASP C 371 11.15 0.50 14.81
CA ASP C 371 11.08 -0.93 15.07
C ASP C 371 9.96 -1.59 14.26
N GLN C 372 8.80 -0.94 14.19
CA GLN C 372 7.70 -1.47 13.39
C GLN C 372 8.00 -1.43 11.90
N MET C 373 8.71 -0.41 11.43
CA MET C 373 9.12 -0.39 10.03
C MET C 373 10.12 -1.49 9.73
N GLU C 374 11.06 -1.74 10.65
CA GLU C 374 12.00 -2.85 10.50
C GLU C 374 11.29 -4.21 10.53
N GLN C 375 10.23 -4.33 11.34
CA GLN C 375 9.45 -5.56 11.35
C GLN C 375 8.63 -5.73 10.08
N ALA C 376 8.12 -4.63 9.53
CA ALA C 376 7.36 -4.68 8.29
C ALA C 376 8.26 -5.00 7.10
N LEU C 377 9.53 -4.59 7.15
CA LEU C 377 10.45 -4.96 6.08
C LEU C 377 10.86 -6.42 6.14
N HIS C 378 10.57 -7.12 7.23
CA HIS C 378 11.15 -8.43 7.46
C HIS C 378 10.05 -9.49 7.39
N ASN C 379 8.92 -9.10 6.77
CA ASN C 379 7.69 -9.89 6.68
C ASN C 379 7.87 -11.06 5.70
N PRO C 380 7.47 -12.28 6.07
CA PRO C 380 7.59 -13.41 5.13
C PRO C 380 6.77 -13.27 3.84
N LEU C 381 5.58 -12.67 3.90
CA LEU C 381 4.80 -12.50 2.69
C LEU C 381 5.49 -11.58 1.70
N PHE C 382 6.11 -10.51 2.20
CA PHE C 382 6.86 -9.59 1.36
C PHE C 382 8.11 -10.27 0.77
N ILE C 383 8.79 -11.10 1.56
CA ILE C 383 10.04 -11.70 1.11
C ILE C 383 9.80 -12.76 0.03
N GLU C 384 8.88 -13.69 0.25
CA GLU C 384 8.54 -14.57 -0.87
C GLU C 384 7.64 -13.96 -1.94
N SER C 385 7.05 -12.78 -1.74
CA SER C 385 6.49 -12.10 -2.90
C SER C 385 7.58 -11.53 -3.78
N ARG C 386 8.67 -11.04 -3.19
CA ARG C 386 9.78 -10.51 -3.98
C ARG C 386 10.53 -11.62 -4.72
N GLY C 387 10.42 -12.86 -4.28
CA GLY C 387 11.07 -13.96 -4.96
C GLY C 387 12.53 -14.14 -4.66
N TRP C 388 13.02 -13.63 -3.52
CA TRP C 388 14.43 -13.66 -3.21
C TRP C 388 14.90 -15.00 -2.66
N THR C 389 13.98 -15.87 -2.21
CA THR C 389 14.37 -17.15 -1.66
C THR C 389 14.31 -18.30 -2.65
N ASP C 390 13.58 -18.11 -3.76
CA ASP C 390 13.48 -19.17 -4.81
C ASP C 390 14.64 -19.03 -5.78
N PRO C 391 15.18 -20.11 -6.39
CA PRO C 391 16.26 -19.97 -7.39
C PRO C 391 15.78 -19.22 -8.62
N VAL C 392 16.69 -18.48 -9.24
CA VAL C 392 16.31 -17.56 -10.32
C VAL C 392 15.87 -18.26 -11.59
N GLN C 393 16.17 -19.57 -11.74
CA GLN C 393 15.57 -20.38 -12.79
C GLN C 393 14.05 -20.32 -12.74
N ASN C 394 13.48 -20.36 -11.53
CA ASN C 394 12.04 -20.23 -11.36
C ASN C 394 11.50 -18.88 -11.84
N TRP C 395 12.35 -17.85 -11.91
CA TRP C 395 11.92 -16.56 -12.44
C TRP C 395 11.65 -16.65 -13.95
N VAL C 396 12.32 -17.55 -14.66
CA VAL C 396 12.10 -17.71 -16.08
C VAL C 396 11.35 -19.00 -16.39
N GLY C 397 10.62 -19.53 -15.42
CA GLY C 397 9.72 -20.64 -15.64
C GLY C 397 10.35 -22.01 -15.73
N GLN C 398 11.53 -22.22 -15.16
CA GLN C 398 12.21 -23.50 -15.22
C GLN C 398 12.55 -23.98 -13.82
N ASN C 399 12.37 -25.28 -13.58
CA ASN C 399 12.79 -25.88 -12.33
C ASN C 399 14.30 -26.04 -12.31
N ARG C 400 14.89 -25.97 -11.12
CA ARG C 400 16.32 -26.21 -10.99
C ARG C 400 16.59 -27.71 -11.10
N THR C 401 17.57 -28.07 -11.92
CA THR C 401 17.91 -29.47 -12.16
C THR C 401 19.31 -29.76 -11.67
N TYR C 402 19.59 -31.05 -11.45
CA TYR C 402 20.90 -31.56 -11.06
C TYR C 402 21.22 -32.72 -11.99
N MET C 403 21.72 -32.41 -13.17
CA MET C 403 21.93 -33.44 -14.19
C MET C 403 23.19 -34.25 -13.96
N ASP C 404 24.15 -33.73 -13.21
CA ASP C 404 25.37 -34.48 -12.92
C ASP C 404 25.19 -35.47 -11.78
N ASP C 405 24.09 -35.39 -11.03
CA ASP C 405 23.84 -36.36 -9.97
C ASP C 405 23.50 -37.73 -10.51
N LEU C 406 22.89 -37.79 -11.69
CA LEU C 406 22.55 -39.07 -12.30
C LEU C 406 23.81 -39.75 -12.81
N PRO C 407 23.86 -41.09 -12.76
CA PRO C 407 25.06 -41.80 -13.18
C PRO C 407 25.31 -41.71 -14.68
N ALA C 408 26.59 -41.67 -15.04
CA ALA C 408 27.03 -41.63 -16.42
C ALA C 408 27.73 -42.95 -16.73
N GLY C 409 26.93 -43.96 -17.07
CA GLY C 409 27.46 -45.26 -17.38
C GLY C 409 26.99 -45.74 -18.73
N GLN C 410 26.86 -47.06 -18.89
CA GLN C 410 26.37 -47.62 -20.15
C GLN C 410 24.85 -47.66 -20.21
N TYR C 411 24.18 -47.46 -19.08
CA TYR C 411 22.82 -47.96 -18.89
C TYR C 411 21.79 -47.15 -19.68
N MET C 412 21.64 -45.86 -19.37
CA MET C 412 20.74 -45.00 -20.12
C MET C 412 21.48 -43.74 -20.58
N ALA C 413 22.67 -43.91 -21.13
CA ALA C 413 23.42 -42.79 -21.62
C ALA C 413 22.93 -42.39 -23.02
N GLY C 414 23.37 -41.21 -23.46
CA GLY C 414 23.17 -40.81 -24.83
C GLY C 414 24.02 -41.65 -25.77
N VAL C 415 23.66 -41.60 -27.06
CA VAL C 415 24.24 -42.50 -28.04
C VAL C 415 25.74 -42.23 -28.24
N GLY C 416 26.14 -40.96 -28.30
CA GLY C 416 27.55 -40.64 -28.41
C GLY C 416 28.34 -41.01 -27.18
N ASN C 417 27.81 -40.70 -25.99
CA ASN C 417 28.48 -41.02 -24.73
C ASN C 417 28.62 -42.52 -24.54
N ALA C 418 27.55 -43.28 -24.84
CA ALA C 418 27.61 -44.73 -24.75
C ALA C 418 28.59 -45.30 -25.75
N ALA C 419 28.73 -44.68 -26.93
CA ALA C 419 29.77 -45.10 -27.86
C ALA C 419 31.18 -44.85 -27.31
N ILE C 420 31.38 -43.72 -26.61
CA ILE C 420 32.66 -43.47 -25.96
C ILE C 420 32.95 -44.52 -24.88
N ARG C 421 31.94 -44.92 -24.11
CA ARG C 421 32.17 -45.99 -23.12
C ARG C 421 32.40 -47.37 -23.74
N ILE C 422 31.76 -47.69 -24.88
CA ILE C 422 32.09 -48.93 -25.60
C ILE C 422 33.53 -48.89 -26.10
N LYS C 423 33.94 -47.76 -26.69
CA LYS C 423 35.32 -47.61 -27.16
C LYS C 423 36.32 -47.59 -26.00
N GLU C 424 35.91 -47.12 -24.82
CA GLU C 424 36.78 -47.04 -23.66
C GLU C 424 36.82 -48.30 -22.82
N ALA C 425 35.91 -49.25 -23.07
CA ALA C 425 35.97 -50.55 -22.42
C ALA C 425 37.23 -51.31 -22.81
N GLU C 426 37.36 -51.63 -24.09
CA GLU C 426 38.62 -52.13 -24.64
C GLU C 426 39.52 -50.95 -24.98
N LEU C 427 40.69 -51.26 -25.59
CA LEU C 427 41.73 -50.29 -25.94
C LEU C 427 42.14 -49.45 -24.74
N LYS C 428 42.86 -50.06 -23.79
CA LYS C 428 42.99 -49.56 -22.41
C LYS C 428 43.80 -48.27 -22.40
N ARG C 429 43.15 -47.20 -22.81
CA ARG C 429 43.66 -45.84 -22.83
C ARG C 429 42.48 -44.89 -22.81
N LYS C 430 42.25 -44.22 -21.70
CA LYS C 430 41.06 -43.38 -21.54
C LYS C 430 41.21 -42.12 -22.38
N LEU C 431 40.18 -41.83 -23.19
CA LEU C 431 40.25 -40.80 -24.22
C LEU C 431 40.32 -39.40 -23.63
N THR C 432 41.28 -38.59 -24.10
CA THR C 432 41.38 -37.21 -23.67
C THR C 432 40.34 -36.35 -24.39
N ASP C 433 40.42 -35.05 -24.14
CA ASP C 433 39.38 -34.13 -24.59
C ASP C 433 39.36 -33.95 -26.11
N VAL C 434 40.53 -33.93 -26.75
CA VAL C 434 40.59 -33.57 -28.16
C VAL C 434 40.05 -34.69 -29.06
N GLU C 435 40.37 -35.96 -28.74
CA GLU C 435 39.84 -37.03 -29.57
C GLU C 435 38.37 -37.31 -29.26
N ARG C 436 37.92 -37.07 -28.02
CA ARG C 436 36.49 -37.14 -27.73
C ARG C 436 35.72 -36.08 -28.49
N ALA C 437 36.26 -34.86 -28.56
CA ALA C 437 35.63 -33.79 -29.33
C ALA C 437 35.57 -34.13 -30.81
N HIS C 438 36.66 -34.70 -31.35
CA HIS C 438 36.66 -35.11 -32.76
C HIS C 438 35.66 -36.22 -33.04
N VAL C 439 35.54 -37.19 -32.13
CA VAL C 439 34.64 -38.32 -32.33
C VAL C 439 33.18 -37.87 -32.30
N LEU C 440 32.81 -37.04 -31.30
CA LEU C 440 31.44 -36.55 -31.26
C LEU C 440 31.14 -35.59 -32.40
N ALA C 441 32.12 -34.80 -32.84
CA ALA C 441 31.90 -33.90 -33.98
C ALA C 441 31.65 -34.68 -35.26
N ARG C 442 32.44 -35.72 -35.53
CA ARG C 442 32.24 -36.50 -36.74
C ARG C 442 30.94 -37.31 -36.68
N GLY C 443 30.63 -37.86 -35.51
CA GLY C 443 29.40 -38.63 -35.37
C GLY C 443 28.15 -37.78 -35.51
N GLY C 444 28.17 -36.55 -34.98
CA GLY C 444 27.09 -35.64 -35.24
C GLY C 444 27.06 -35.13 -36.67
N ALA C 445 28.22 -35.11 -37.33
CA ALA C 445 28.27 -34.70 -38.73
C ALA C 445 27.66 -35.75 -39.64
N VAL C 446 27.69 -37.03 -39.24
CA VAL C 446 27.10 -38.09 -40.05
C VAL C 446 25.58 -37.92 -40.17
N ALA C 447 24.90 -37.66 -39.06
CA ALA C 447 23.45 -37.59 -39.03
C ALA C 447 22.90 -36.19 -39.31
N GLY C 448 23.75 -35.26 -39.75
CA GLY C 448 23.30 -33.93 -40.09
C GLY C 448 23.02 -33.01 -38.93
N GLY C 449 23.38 -33.41 -37.71
CA GLY C 449 23.07 -32.63 -36.55
C GLY C 449 21.63 -32.69 -36.09
N LEU C 450 20.88 -33.69 -36.55
CA LEU C 450 19.46 -33.79 -36.22
C LEU C 450 19.18 -34.70 -35.03
N LEU C 451 20.19 -35.39 -34.51
CA LEU C 451 20.01 -36.18 -33.31
C LEU C 451 19.79 -35.26 -32.10
N PRO C 452 18.99 -35.69 -31.12
CA PRO C 452 18.67 -34.81 -29.99
C PRO C 452 19.88 -34.57 -29.09
N GLN C 453 20.11 -33.30 -28.76
CA GLN C 453 21.20 -32.90 -27.88
C GLN C 453 20.71 -32.21 -26.61
N GLN C 454 19.51 -31.65 -26.62
CA GLN C 454 18.95 -30.90 -25.50
C GLN C 454 17.80 -31.68 -24.88
N PRO C 455 17.24 -31.11 -23.79
CA PRO C 455 16.09 -31.68 -23.08
C PRO C 455 14.80 -31.30 -23.79
N THR C 456 14.81 -30.17 -24.50
CA THR C 456 13.63 -29.72 -25.23
C THR C 456 13.54 -30.30 -26.63
N ASP C 457 14.58 -31.01 -27.07
CA ASP C 457 14.55 -31.63 -28.39
C ASP C 457 13.56 -32.79 -28.41
N PRO C 458 12.69 -32.87 -29.40
CA PRO C 458 11.96 -34.12 -29.62
C PRO C 458 12.93 -35.19 -30.08
N ALA C 459 12.56 -36.45 -29.79
CA ALA C 459 13.33 -37.73 -29.82
C ALA C 459 14.21 -37.89 -28.60
N THR C 460 14.14 -37.01 -27.59
CA THR C 460 14.78 -37.30 -26.32
C THR C 460 14.10 -38.49 -25.65
N LEU C 461 12.76 -38.50 -25.65
CA LEU C 461 12.00 -39.60 -25.09
C LEU C 461 12.21 -40.88 -25.86
N ALA C 462 12.29 -40.80 -27.19
CA ALA C 462 12.51 -41.99 -28.02
C ALA C 462 13.87 -42.61 -27.78
N VAL C 463 14.91 -41.78 -27.65
CA VAL C 463 16.25 -42.28 -27.37
C VAL C 463 16.31 -42.88 -25.96
N ALA C 464 15.59 -42.28 -25.00
CA ALA C 464 15.54 -42.83 -23.66
C ALA C 464 14.82 -44.18 -23.60
N VAL C 465 13.73 -44.33 -24.38
CA VAL C 465 13.03 -45.62 -24.47
C VAL C 465 13.92 -46.67 -25.14
N GLY C 466 14.64 -46.27 -26.19
CA GLY C 466 15.43 -47.22 -26.95
C GLY C 466 16.63 -47.80 -26.23
N GLY C 467 17.03 -47.22 -25.10
CA GLY C 467 18.16 -47.75 -24.36
C GLY C 467 17.82 -48.23 -22.96
N ALA C 468 16.56 -48.57 -22.73
CA ALA C 468 16.08 -48.91 -21.39
C ALA C 468 16.15 -50.41 -21.07
N PHE C 469 16.61 -51.25 -22.00
CA PHE C 469 16.60 -52.69 -21.81
C PHE C 469 18.02 -53.23 -21.81
N VAL C 470 18.37 -53.97 -20.77
CA VAL C 470 19.70 -54.52 -20.58
C VAL C 470 19.70 -55.95 -21.08
N PRO C 471 20.50 -56.29 -22.10
CA PRO C 471 20.52 -57.67 -22.60
C PRO C 471 21.25 -58.59 -21.63
N SER C 472 20.93 -59.88 -21.70
CA SER C 472 21.61 -60.89 -20.90
C SER C 472 21.75 -62.18 -21.69
N THR D 27 -24.29 -37.58 56.52
CA THR D 27 -23.77 -36.47 55.74
C THR D 27 -24.52 -36.33 54.42
N VAL D 28 -24.75 -37.46 53.75
CA VAL D 28 -25.50 -37.44 52.49
C VAL D 28 -26.97 -37.13 52.75
N ALA D 29 -27.58 -37.82 53.72
CA ALA D 29 -28.96 -37.53 54.08
C ALA D 29 -29.06 -36.23 54.86
N ALA D 30 -28.08 -35.95 55.72
CA ALA D 30 -28.06 -34.69 56.46
C ALA D 30 -27.87 -33.49 55.53
N GLY D 31 -27.02 -33.64 54.51
CA GLY D 31 -26.91 -32.59 53.51
C GLY D 31 -28.16 -32.47 52.65
N ALA D 32 -28.76 -33.61 52.30
CA ALA D 32 -29.96 -33.61 51.46
C ALA D 32 -31.16 -33.01 52.17
N ALA D 33 -31.18 -33.04 53.50
CA ALA D 33 -32.21 -32.32 54.25
C ALA D 33 -32.08 -30.81 54.05
N ILE D 34 -30.84 -30.29 54.01
CA ILE D 34 -30.63 -28.88 53.76
C ILE D 34 -30.92 -28.51 52.31
N VAL D 35 -30.49 -29.35 51.38
CA VAL D 35 -30.42 -28.95 49.97
C VAL D 35 -31.78 -29.08 49.28
N VAL D 36 -32.46 -30.20 49.45
CA VAL D 36 -33.62 -30.56 48.62
C VAL D 36 -34.80 -29.64 48.87
N PRO D 37 -35.28 -28.93 47.85
CA PRO D 37 -36.39 -27.99 48.04
C PRO D 37 -37.76 -28.62 47.85
N SER D 38 -38.77 -27.90 48.33
CA SER D 38 -40.16 -28.29 48.15
C SER D 38 -40.71 -27.68 46.87
N GLY D 39 -42.01 -27.86 46.65
CA GLY D 39 -42.63 -27.42 45.41
C GLY D 39 -42.74 -25.91 45.27
N LYS D 40 -42.89 -25.20 46.39
CA LYS D 40 -43.02 -23.74 46.34
C LYS D 40 -41.71 -23.06 45.98
N GLN D 41 -40.57 -23.59 46.43
CA GLN D 41 -39.29 -23.05 45.99
C GLN D 41 -39.05 -23.30 44.51
N VAL D 42 -39.47 -24.47 44.01
CA VAL D 42 -39.29 -24.81 42.61
C VAL D 42 -40.17 -23.94 41.72
N GLU D 43 -41.40 -23.66 42.17
CA GLU D 43 -42.23 -22.68 41.46
C GLU D 43 -41.66 -21.28 41.57
N ALA D 44 -41.04 -20.95 42.72
CA ALA D 44 -40.46 -19.63 42.89
C ALA D 44 -39.22 -19.45 42.04
N ALA D 45 -38.35 -20.47 41.98
CA ALA D 45 -37.15 -20.39 41.18
C ALA D 45 -37.43 -20.48 39.68
N SER D 46 -38.55 -21.08 39.29
CA SER D 46 -38.89 -21.14 37.88
C SER D 46 -39.48 -19.83 37.38
N LEU D 47 -40.29 -19.17 38.22
CA LEU D 47 -41.07 -18.02 37.77
C LEU D 47 -40.25 -16.74 37.63
N ASP D 48 -39.05 -16.67 38.22
CA ASP D 48 -38.22 -15.48 38.04
C ASP D 48 -37.09 -15.70 37.04
N ILE D 49 -36.48 -16.89 37.03
CA ILE D 49 -35.46 -17.21 36.03
C ILE D 49 -36.09 -17.34 34.66
N TYR D 50 -37.19 -18.09 34.57
CA TYR D 50 -37.94 -18.24 33.33
C TYR D 50 -39.26 -17.48 33.46
N GLY D 51 -39.91 -17.29 32.31
CA GLY D 51 -41.23 -16.66 32.32
C GLY D 51 -42.37 -17.62 32.52
N ARG D 52 -42.08 -18.91 32.73
CA ARG D 52 -43.19 -19.85 32.72
C ARG D 52 -43.30 -20.60 34.04
N PRO D 53 -44.52 -20.98 34.43
CA PRO D 53 -44.70 -21.85 35.60
C PRO D 53 -44.18 -23.25 35.32
N PRO D 54 -43.90 -24.05 36.37
CA PRO D 54 -43.35 -25.40 36.15
C PRO D 54 -44.32 -26.35 35.46
N SER D 55 -43.78 -27.51 35.08
CA SER D 55 -44.42 -28.51 34.21
C SER D 55 -44.84 -27.92 32.87
N GLN D 56 -44.03 -26.99 32.34
CA GLN D 56 -44.17 -26.47 30.99
C GLN D 56 -42.82 -26.29 30.32
N LEU D 57 -41.82 -27.06 30.76
CA LEU D 57 -40.43 -26.79 30.43
C LEU D 57 -39.77 -28.02 29.84
N LEU D 58 -38.61 -27.82 29.22
CA LEU D 58 -37.77 -28.93 28.83
C LEU D 58 -37.15 -29.57 30.07
N PRO D 59 -36.76 -30.85 29.98
CA PRO D 59 -36.11 -31.50 31.13
C PRO D 59 -34.82 -30.85 31.60
N ASN D 60 -34.02 -30.28 30.70
CA ASN D 60 -32.75 -29.70 31.11
C ASN D 60 -32.94 -28.35 31.80
N GLU D 61 -34.03 -27.64 31.50
CA GLU D 61 -34.29 -26.35 32.11
C GLU D 61 -35.19 -26.44 33.34
N ARG D 62 -35.67 -27.63 33.69
CA ARG D 62 -36.26 -27.86 35.01
C ARG D 62 -35.18 -28.02 36.07
N ARG D 63 -34.08 -28.68 35.69
CA ARG D 63 -32.97 -28.93 36.62
C ARG D 63 -32.28 -27.64 37.03
N ALA D 64 -32.29 -26.63 36.16
CA ALA D 64 -31.73 -25.33 36.52
C ALA D 64 -32.54 -24.67 37.63
N ALA D 65 -33.86 -24.74 37.55
CA ALA D 65 -34.72 -24.18 38.59
C ALA D 65 -34.57 -24.95 39.90
N GLU D 66 -34.50 -26.28 39.82
CA GLU D 66 -34.29 -27.11 41.01
C GLU D 66 -32.95 -26.80 41.68
N PHE D 67 -31.90 -26.63 40.86
CA PHE D 67 -30.58 -26.30 41.39
C PHE D 67 -30.57 -24.92 42.03
N ALA D 68 -31.26 -23.95 41.40
CA ALA D 68 -31.31 -22.60 41.96
C ALA D 68 -32.02 -22.58 43.30
N ALA D 69 -33.12 -23.34 43.42
CA ALA D 69 -33.81 -23.44 44.69
C ALA D 69 -32.94 -24.09 45.77
N GLY D 70 -32.23 -25.17 45.41
CA GLY D 70 -31.36 -25.82 46.37
C GLY D 70 -30.17 -24.97 46.79
N HIS D 71 -29.61 -24.22 45.84
CA HIS D 71 -28.49 -23.33 46.14
C HIS D 71 -28.94 -22.17 47.02
N ARG D 72 -30.15 -21.65 46.79
CA ARG D 72 -30.71 -20.63 47.67
C ARG D 72 -30.91 -21.16 49.08
N ARG D 73 -31.39 -22.41 49.21
CA ARG D 73 -31.54 -23.02 50.53
C ARG D 73 -30.20 -23.18 51.24
N TRP D 74 -29.16 -23.58 50.49
CA TRP D 74 -27.82 -23.74 51.06
C TRP D 74 -27.26 -22.41 51.54
N LYS D 75 -27.35 -21.36 50.71
CA LYS D 75 -26.83 -20.06 51.08
C LYS D 75 -27.61 -19.46 52.26
N GLY D 76 -28.93 -19.66 52.29
CA GLY D 76 -29.71 -19.19 53.42
C GLY D 76 -29.39 -19.90 54.71
N PHE D 77 -29.19 -21.22 54.66
CA PHE D 77 -28.79 -21.99 55.84
C PHE D 77 -27.43 -21.55 56.36
N VAL D 78 -26.47 -21.36 55.45
CA VAL D 78 -25.12 -20.94 55.85
C VAL D 78 -25.16 -19.53 56.45
N ASP D 79 -26.02 -18.67 55.92
CA ASP D 79 -26.09 -17.30 56.42
C ASP D 79 -26.77 -17.21 57.79
N ASN D 80 -27.87 -17.95 58.00
CA ASN D 80 -28.60 -17.76 59.24
C ASN D 80 -28.23 -18.76 60.34
N SER D 81 -27.53 -19.84 60.03
CA SER D 81 -27.29 -20.88 61.02
C SER D 81 -25.82 -21.19 61.29
N ILE D 82 -24.90 -20.77 60.42
CA ILE D 82 -23.49 -21.00 60.66
C ILE D 82 -22.77 -19.66 60.83
N TYR D 83 -23.26 -18.64 60.13
CA TYR D 83 -22.57 -17.35 60.10
C TYR D 83 -23.15 -16.32 61.06
N SER D 84 -24.21 -16.67 61.79
CA SER D 84 -24.77 -15.73 62.75
C SER D 84 -23.94 -15.61 64.02
N TRP D 85 -23.21 -16.65 64.40
CA TRP D 85 -22.48 -16.67 65.65
C TRP D 85 -20.97 -16.86 65.51
N THR D 86 -20.46 -17.08 64.31
CA THR D 86 -19.02 -17.21 64.13
C THR D 86 -18.33 -15.91 63.78
N ARG D 87 -19.09 -14.82 63.62
CA ARG D 87 -18.52 -13.50 63.31
C ARG D 87 -18.50 -12.67 64.59
N THR D 88 -17.53 -12.98 65.46
CA THR D 88 -17.29 -12.21 66.68
C THR D 88 -16.04 -11.35 66.58
N LEU D 89 -15.47 -11.23 65.38
CA LEU D 89 -14.23 -10.50 65.12
C LEU D 89 -13.02 -10.82 66.00
N PRO D 90 -12.43 -12.04 65.88
CA PRO D 90 -11.04 -12.17 66.39
C PRO D 90 -10.01 -11.88 65.31
N GLY D 91 -9.85 -10.61 64.95
CA GLY D 91 -8.97 -10.26 63.85
C GLY D 91 -7.49 -10.38 64.16
N HIS D 92 -6.87 -11.45 63.65
CA HIS D 92 -5.44 -11.74 63.79
C HIS D 92 -5.10 -12.86 62.81
N ASP D 93 -3.88 -13.39 62.94
CA ASP D 93 -3.37 -14.58 62.23
C ASP D 93 -3.36 -14.36 60.71
N ASN D 94 -2.48 -13.43 60.31
CA ASN D 94 -2.36 -12.98 58.92
C ASN D 94 -1.57 -13.93 57.99
N PRO D 95 -0.29 -14.27 58.26
CA PRO D 95 0.44 -14.80 57.11
C PRO D 95 0.22 -16.29 56.86
N ARG E 529 -8.60 84.64 -19.17
CA ARG E 529 -8.73 84.44 -17.74
C ARG E 529 -8.61 82.96 -17.42
N LEU E 530 -8.84 82.13 -18.44
CA LEU E 530 -8.62 80.70 -18.33
C LEU E 530 -7.13 80.41 -18.21
N PRO E 531 -6.74 79.27 -17.62
CA PRO E 531 -5.32 78.89 -17.57
C PRO E 531 -4.73 78.67 -18.95
N PRO E 532 -3.40 78.75 -19.09
CA PRO E 532 -2.79 78.47 -20.39
C PRO E 532 -3.00 77.02 -20.81
N MET E 533 -2.94 76.81 -22.11
CA MET E 533 -3.28 75.51 -22.66
C MET E 533 -2.18 74.47 -22.44
N THR E 534 -0.96 74.90 -22.13
CA THR E 534 0.08 73.97 -21.70
C THR E 534 -0.25 73.31 -20.38
N PHE E 535 -1.01 73.99 -19.51
CA PHE E 535 -1.51 73.39 -18.28
C PHE E 535 -2.43 72.21 -18.57
N PHE E 536 -3.33 72.38 -19.52
CA PHE E 536 -4.23 71.29 -19.91
C PHE E 536 -3.49 70.16 -20.60
N VAL E 537 -2.50 70.49 -21.44
CA VAL E 537 -1.74 69.46 -22.14
C VAL E 537 -0.90 68.64 -21.18
N GLU E 538 -0.27 69.30 -20.19
CA GLU E 538 0.45 68.58 -19.14
C GLU E 538 -0.49 67.74 -18.28
N GLN E 539 -1.71 68.24 -18.03
CA GLN E 539 -2.64 67.52 -17.18
C GLN E 539 -3.22 66.29 -17.88
N MET E 540 -3.37 66.33 -19.19
CA MET E 540 -3.98 65.22 -19.93
C MET E 540 -2.98 64.19 -20.43
N SER E 541 -1.68 64.39 -20.22
CA SER E 541 -0.66 63.45 -20.68
C SER E 541 0.36 63.30 -19.55
N GLU E 542 0.18 62.30 -18.70
CA GLU E 542 1.04 62.14 -17.54
C GLU E 542 1.46 60.70 -17.29
N GLY E 543 1.29 59.80 -18.25
CA GLY E 543 1.70 58.43 -18.12
C GLY E 543 0.54 57.48 -18.27
N VAL E 544 0.82 56.19 -18.09
CA VAL E 544 -0.20 55.15 -18.16
C VAL E 544 -0.88 55.07 -16.80
N LEU E 545 -2.19 55.27 -16.80
CA LEU E 545 -2.96 55.33 -15.56
C LEU E 545 -3.59 53.99 -15.23
N LYS E 546 -4.31 53.96 -14.10
CA LYS E 546 -5.00 52.77 -13.63
C LYS E 546 -6.09 53.21 -12.66
N PRO E 547 -7.34 52.80 -12.88
CA PRO E 547 -8.44 53.33 -12.07
C PRO E 547 -8.63 52.64 -10.72
N GLU E 548 -9.67 53.07 -9.99
CA GLU E 548 -10.04 52.57 -8.68
C GLU E 548 -10.94 51.35 -8.77
N GLY E 549 -10.69 50.37 -7.90
CA GLY E 549 -11.45 49.14 -7.87
C GLY E 549 -12.22 48.90 -6.58
N TRP E 550 -12.78 47.70 -6.53
CA TRP E 550 -13.45 47.11 -5.38
C TRP E 550 -12.52 46.63 -4.27
N ALA E 551 -12.91 46.96 -3.05
CA ALA E 551 -12.26 46.49 -1.83
C ALA E 551 -13.15 45.47 -1.15
N THR E 552 -12.55 44.42 -0.61
CA THR E 552 -13.29 43.27 -0.12
C THR E 552 -13.30 43.21 1.41
N MET E 553 -14.38 42.67 1.95
CA MET E 553 -14.51 42.45 3.38
C MET E 553 -13.85 41.12 3.70
N GLU E 554 -12.76 41.17 4.48
CA GLU E 554 -11.81 40.06 4.51
C GLU E 554 -12.34 38.84 5.26
N THR E 555 -13.29 39.03 6.18
CA THR E 555 -13.77 37.89 6.96
C THR E 555 -14.79 37.05 6.19
N VAL E 556 -15.48 37.62 5.20
CA VAL E 556 -16.48 36.86 4.47
C VAL E 556 -15.90 36.31 3.16
N ALA E 557 -14.87 36.95 2.62
CA ALA E 557 -14.15 36.40 1.48
C ALA E 557 -13.13 35.40 1.99
N GLY E 558 -13.22 34.15 1.53
CA GLY E 558 -12.45 33.12 2.19
C GLY E 558 -13.06 32.83 3.54
N LEU E 559 -14.19 32.13 3.54
CA LEU E 559 -15.15 32.05 4.64
C LEU E 559 -14.54 31.44 5.90
N GLY E 560 -14.26 32.29 6.89
CA GLY E 560 -13.66 31.86 8.14
C GLY E 560 -12.14 31.82 8.12
N GLU E 561 -11.58 31.01 7.22
CA GLU E 561 -10.15 30.76 7.20
C GLU E 561 -9.41 31.97 6.61
N GLU E 562 -8.16 32.15 7.04
CA GLU E 562 -7.35 33.29 6.61
C GLU E 562 -7.02 33.22 5.13
N VAL E 563 -6.86 34.40 4.52
CA VAL E 563 -6.66 34.53 3.08
C VAL E 563 -5.33 35.19 2.75
N GLU E 565 -3.71 38.11 -0.57
CA GLU E 565 -4.12 39.09 -1.56
C GLU E 565 -3.87 38.66 -3.00
N ASP E 566 -4.87 38.91 -3.86
CA ASP E 566 -4.78 38.72 -5.30
C ASP E 566 -5.94 39.46 -5.93
N GLU E 567 -5.65 40.25 -6.97
CA GLU E 567 -6.65 41.14 -7.55
C GLU E 567 -7.75 40.37 -8.28
N GLY E 568 -7.36 39.37 -9.06
CA GLY E 568 -8.33 38.62 -9.86
C GLY E 568 -9.30 37.82 -9.02
N ALA E 569 -8.84 37.27 -7.90
CA ALA E 569 -9.71 36.49 -7.04
C ALA E 569 -10.77 37.35 -6.36
N GLU E 570 -10.38 38.53 -5.86
CA GLU E 570 -11.35 39.43 -5.23
C GLU E 570 -12.36 39.96 -6.24
N SER E 571 -11.86 40.35 -7.42
CA SER E 571 -12.74 40.81 -8.49
C SER E 571 -13.69 39.71 -8.95
N PHE E 572 -13.23 38.46 -8.95
CA PHE E 572 -14.11 37.33 -9.26
C PHE E 572 -15.19 37.16 -8.21
N ASN E 573 -14.82 37.28 -6.93
CA ASN E 573 -15.77 37.01 -5.84
C ASN E 573 -16.90 38.03 -5.82
N HIS E 574 -16.58 39.30 -6.11
CA HIS E 574 -17.58 40.36 -6.06
C HIS E 574 -18.70 40.16 -7.09
N VAL E 575 -18.35 39.75 -8.31
CA VAL E 575 -19.37 39.52 -9.34
C VAL E 575 -19.99 38.13 -9.20
N TYR E 576 -19.23 37.17 -8.67
CA TYR E 576 -19.71 35.82 -8.43
C TYR E 576 -20.86 35.80 -7.42
N TYR E 577 -20.77 36.60 -6.37
CA TYR E 577 -21.84 36.53 -5.37
C TYR E 577 -23.10 37.26 -5.79
N ARG E 578 -22.98 38.31 -6.61
CA ARG E 578 -24.17 38.91 -7.22
C ARG E 578 -24.85 37.92 -8.18
N GLN E 579 -24.05 37.19 -8.96
CA GLN E 579 -24.60 36.18 -9.86
C GLN E 579 -25.31 35.07 -9.10
N MET E 580 -24.69 34.57 -8.03
CA MET E 580 -25.31 33.51 -7.23
C MET E 580 -26.53 34.01 -6.50
N TYR E 581 -26.57 35.30 -6.13
CA TYR E 581 -27.80 35.85 -5.56
C TYR E 581 -28.94 35.85 -6.57
N GLU E 582 -28.66 36.25 -7.82
CA GLU E 582 -29.70 36.26 -8.84
C GLU E 582 -30.22 34.85 -9.14
N LEU E 583 -29.30 33.88 -9.22
CA LEU E 583 -29.71 32.50 -9.45
C LEU E 583 -30.45 31.91 -8.26
N ALA E 584 -30.07 32.28 -7.04
CA ALA E 584 -30.75 31.76 -5.85
C ALA E 584 -32.15 32.34 -5.73
N VAL E 585 -32.33 33.60 -6.12
CA VAL E 585 -33.67 34.19 -6.14
C VAL E 585 -34.52 33.51 -7.20
N ALA E 586 -33.93 33.19 -8.37
CA ALA E 586 -34.68 32.53 -9.42
C ALA E 586 -35.08 31.09 -9.10
N GLY E 587 -34.45 30.46 -8.10
CA GLY E 587 -34.69 29.07 -7.77
C GLY E 587 -33.39 28.41 -7.37
N ASP E 588 -33.04 27.31 -8.03
CA ASP E 588 -31.66 26.82 -8.14
C ASP E 588 -30.96 26.50 -6.83
N PRO E 589 -31.17 25.30 -6.26
CA PRO E 589 -30.64 24.98 -4.93
C PRO E 589 -29.12 25.04 -4.78
N TRP E 590 -28.37 24.81 -5.87
CA TRP E 590 -26.91 24.89 -5.79
C TRP E 590 -26.43 26.31 -5.55
N ALA E 591 -27.14 27.30 -6.08
CA ALA E 591 -26.81 28.69 -5.80
C ALA E 591 -27.25 29.10 -4.40
N GLN E 592 -28.37 28.54 -3.94
CA GLN E 592 -28.88 28.83 -2.60
C GLN E 592 -27.94 28.33 -1.52
N ARG E 593 -27.29 27.18 -1.74
CA ARG E 593 -26.27 26.70 -0.80
C ARG E 593 -25.11 27.68 -0.65
N GLU E 594 -24.58 28.15 -1.78
CA GLU E 594 -23.43 29.04 -1.77
C GLU E 594 -23.78 30.37 -1.12
N TYR E 595 -24.96 30.89 -1.43
CA TYR E 595 -25.35 32.18 -0.88
C TYR E 595 -25.65 32.07 0.61
N ALA E 596 -26.23 30.95 1.05
CA ALA E 596 -26.48 30.73 2.48
C ALA E 596 -25.19 30.53 3.26
N ALA E 597 -24.21 29.85 2.66
CA ALA E 597 -22.92 29.67 3.31
C ALA E 597 -22.19 31.00 3.47
N MET E 598 -22.30 31.87 2.46
CA MET E 598 -21.73 33.21 2.55
C MET E 598 -22.44 34.01 3.64
N LEU E 599 -23.76 33.86 3.75
CA LEU E 599 -24.52 34.56 4.79
C LEU E 599 -24.11 34.11 6.19
N ARG E 600 -23.84 32.81 6.35
CA ARG E 600 -23.39 32.27 7.64
C ARG E 600 -22.04 32.85 8.04
N ALA E 601 -21.09 32.88 7.09
CA ALA E 601 -19.78 33.47 7.38
C ALA E 601 -19.88 34.96 7.64
N TYR E 602 -20.80 35.63 6.96
CA TYR E 602 -21.02 37.07 7.13
C TYR E 602 -21.50 37.40 8.54
N ASP E 603 -22.50 36.63 9.02
CA ASP E 603 -23.01 36.83 10.38
C ASP E 603 -21.96 36.55 11.44
N LYS E 604 -21.19 35.46 11.25
CA LYS E 604 -20.17 35.09 12.23
C LYS E 604 -19.06 36.15 12.32
N GLY E 605 -18.61 36.65 11.16
CA GLY E 605 -17.58 37.68 11.17
C GLY E 605 -18.07 39.00 11.74
N CYS E 606 -19.33 39.38 11.45
CA CYS E 606 -19.86 40.63 11.99
C CYS E 606 -19.99 40.57 13.52
N GLU E 607 -20.50 39.46 14.06
CA GLU E 607 -20.62 39.34 15.52
C GLU E 607 -19.25 39.30 16.20
N SER E 608 -18.28 38.64 15.57
CA SER E 608 -16.91 38.65 16.11
C SER E 608 -16.32 40.04 16.14
N TYR E 609 -16.60 40.85 15.12
CA TYR E 609 -15.97 42.16 15.03
C TYR E 609 -16.60 43.14 16.02
N ARG E 610 -17.93 43.07 16.23
CA ARG E 610 -18.53 43.86 17.31
C ARG E 610 -18.10 43.39 18.70
N ALA E 611 -17.82 42.09 18.88
CA ALA E 611 -17.24 41.64 20.15
C ALA E 611 -15.86 42.24 20.38
N SER E 612 -15.06 42.37 19.31
CA SER E 612 -13.75 43.02 19.42
C SER E 612 -13.88 44.50 19.77
N TYR E 613 -14.89 45.18 19.22
CA TYR E 613 -15.16 46.57 19.63
C TYR E 613 -15.52 46.69 21.11
N GLU E 614 -16.34 45.77 21.62
CA GLU E 614 -16.70 45.81 23.04
C GLU E 614 -15.49 45.56 23.94
N GLU E 615 -14.62 44.62 23.53
CA GLU E 615 -13.41 44.32 24.29
C GLU E 615 -12.44 45.50 24.31
N ALA E 616 -12.30 46.18 23.16
CA ALA E 616 -11.43 47.36 23.10
C ALA E 616 -11.97 48.51 23.95
N ASP E 617 -13.30 48.69 23.96
CA ASP E 617 -13.89 49.73 24.79
C ASP E 617 -13.70 49.46 26.29
N VAL E 618 -13.85 48.20 26.69
CA VAL E 618 -13.64 47.83 28.10
C VAL E 618 -12.17 48.01 28.49
N ASP E 619 -11.25 47.65 27.60
CA ASP E 619 -9.83 47.81 27.88
C ASP E 619 -9.44 49.27 28.00
N ALA E 620 -10.03 50.15 27.17
CA ALA E 620 -9.76 51.57 27.29
C ALA E 620 -10.37 52.16 28.56
N ASN E 621 -11.53 51.67 28.99
CA ASN E 621 -12.15 52.16 30.22
C ASN E 621 -11.39 51.64 31.44
N VAL E 622 -10.61 50.58 31.28
CA VAL E 622 -9.76 50.11 32.38
C VAL E 622 -8.45 50.90 32.43
N GLU E 623 -7.78 51.08 31.28
CA GLU E 623 -6.43 51.64 31.27
C GLU E 623 -6.40 53.11 31.67
N TYR E 624 -7.25 53.93 31.07
CA TYR E 624 -7.53 55.27 31.57
C TYR E 624 -8.83 55.23 32.34
N GLY E 625 -9.14 56.30 33.04
CA GLY E 625 -10.34 56.26 33.84
C GLY E 625 -11.52 56.73 33.05
N VAL E 626 -12.06 57.90 33.42
CA VAL E 626 -13.01 58.60 32.58
C VAL E 626 -12.24 59.58 31.70
N GLU E 627 -10.92 59.45 31.68
CA GLU E 627 -10.06 60.28 30.86
C GLU E 627 -9.97 59.73 29.44
N SER E 628 -9.52 60.59 28.53
CA SER E 628 -9.45 60.27 27.12
C SER E 628 -8.00 60.31 26.65
N TYR E 629 -7.77 59.77 25.47
CA TYR E 629 -6.44 59.76 24.87
C TYR E 629 -6.24 60.99 23.99
N VAL E 630 -5.02 61.52 23.99
CA VAL E 630 -4.71 62.84 23.43
C VAL E 630 -3.61 62.69 22.38
N VAL E 631 -3.81 63.31 21.22
CA VAL E 631 -2.90 63.23 20.08
C VAL E 631 -1.62 64.02 20.34
N ASP E 632 -0.61 63.82 19.49
CA ASP E 632 0.60 64.63 19.41
C ASP E 632 0.31 65.95 18.71
N PRO E 633 0.85 67.07 19.20
CA PRO E 633 0.75 68.32 18.46
C PRO E 633 1.66 68.30 17.23
N ILE E 634 1.30 69.14 16.26
CA ILE E 634 2.01 69.21 14.99
C ILE E 634 3.36 69.91 15.17
N ASP E 635 4.37 69.41 14.47
CA ASP E 635 5.70 70.00 14.49
C ASP E 635 5.86 70.90 13.27
N PHE E 636 6.16 72.18 13.52
CA PHE E 636 6.30 73.19 12.48
C PHE E 636 7.76 73.53 12.19
N GLY E 637 8.71 72.84 12.81
CA GLY E 637 10.10 73.14 12.63
C GLY E 637 10.59 74.19 13.61
N PRO E 638 11.84 74.62 13.48
CA PRO E 638 12.38 75.60 14.42
C PRO E 638 11.83 77.00 14.18
N SER E 639 11.93 77.82 15.22
CA SER E 639 11.47 79.20 15.18
C SER E 639 12.24 79.99 16.22
N PHE E 640 12.12 81.31 16.16
CA PHE E 640 12.66 82.18 17.22
C PHE E 640 11.59 82.45 18.27
N ASP E 641 10.94 81.37 18.71
CA ASP E 641 9.81 81.36 19.61
C ASP E 641 9.96 80.14 20.51
N PRO E 642 9.34 80.15 21.71
CA PRO E 642 9.61 79.06 22.67
C PRO E 642 9.00 77.70 22.35
N GLU E 643 8.37 77.52 21.19
CA GLU E 643 7.95 76.27 20.52
C GLU E 643 6.97 75.39 21.29
N ASP E 644 6.63 75.75 22.53
CA ASP E 644 5.43 75.28 23.20
C ASP E 644 4.52 76.43 23.58
N MET E 645 4.71 77.58 22.94
CA MET E 645 3.84 78.73 23.15
C MET E 645 2.42 78.45 22.66
N TYR E 646 2.28 77.68 21.59
CA TYR E 646 0.96 77.35 21.06
C TYR E 646 0.78 75.86 20.80
N SER E 647 1.63 75.02 21.39
CA SER E 647 1.51 73.58 21.16
C SER E 647 0.35 72.96 21.92
N HIS E 648 -0.20 73.67 22.91
CA HIS E 648 -1.35 73.16 23.64
C HIS E 648 -2.64 73.27 22.85
N ARG E 649 -2.63 73.94 21.69
CA ARG E 649 -3.85 74.06 20.90
C ARG E 649 -4.04 72.90 19.94
N HIS E 650 -2.99 72.14 19.64
CA HIS E 650 -3.06 71.03 18.71
C HIS E 650 -3.00 69.67 19.40
N ALA E 651 -3.15 69.64 20.72
CA ALA E 651 -3.28 68.41 21.48
C ALA E 651 -4.73 68.30 21.94
N TYR E 652 -5.45 67.33 21.38
CA TYR E 652 -6.88 67.23 21.57
C TYR E 652 -7.26 65.77 21.75
N ALA E 653 -8.47 65.54 22.26
CA ALA E 653 -9.01 64.20 22.38
C ALA E 653 -9.31 63.63 20.99
N GLU E 654 -9.24 62.30 20.85
CA GLU E 654 -9.31 61.68 19.50
C GLU E 654 -10.68 61.70 18.82
N ALA E 655 -11.71 61.06 19.41
CA ALA E 655 -13.03 60.86 18.73
C ALA E 655 -12.91 59.53 18.00
N ALA E 656 -11.68 59.06 17.76
CA ALA E 656 -11.44 57.71 17.19
C ALA E 656 -11.84 57.58 15.72
N ASP E 657 -13.13 57.67 15.39
CA ASP E 657 -13.54 57.34 14.03
C ASP E 657 -14.97 57.80 13.78
N ALA E 658 -15.16 58.51 12.67
CA ALA E 658 -16.47 58.93 12.22
C ALA E 658 -16.70 58.72 10.74
N GLY E 659 -15.68 58.30 9.98
CA GLY E 659 -15.83 58.10 8.56
C GLY E 659 -14.94 59.02 7.73
N VAL E 660 -14.84 60.28 8.13
CA VAL E 660 -14.07 61.26 7.39
C VAL E 660 -12.72 61.43 8.06
N THR E 661 -11.76 61.97 7.31
CA THR E 661 -10.48 62.35 7.86
C THR E 661 -10.26 63.84 7.63
N VAL E 662 -9.60 64.50 8.58
CA VAL E 662 -9.29 65.91 8.50
C VAL E 662 -7.78 66.09 8.56
N ILE E 663 -7.26 66.98 7.73
CA ILE E 663 -5.90 67.48 7.95
C ILE E 663 -5.95 69.00 7.93
N PRO E 664 -5.10 69.68 8.68
CA PRO E 664 -5.01 71.13 8.56
C PRO E 664 -4.11 71.52 7.40
N SER E 665 -4.45 72.64 6.76
CA SER E 665 -3.70 73.15 5.64
C SER E 665 -3.05 74.47 6.03
N GLN E 666 -1.76 74.58 5.71
CA GLN E 666 -0.82 75.60 6.13
C GLN E 666 -0.39 76.45 4.93
N ASP E 667 -0.06 77.71 5.19
CA ASP E 667 0.42 78.61 4.15
C ASP E 667 1.93 78.78 4.26
N TYR E 668 2.50 79.41 3.23
CA TYR E 668 3.96 79.52 3.15
C TYR E 668 4.49 80.56 4.12
N TYR E 669 3.82 81.70 4.24
CA TYR E 669 4.20 82.75 5.17
C TYR E 669 3.06 82.93 6.17
N GLY E 670 3.26 82.44 7.39
CA GLY E 670 2.26 82.60 8.41
C GLY E 670 2.43 83.92 9.13
N PRO E 671 1.54 84.20 10.07
CA PRO E 671 1.72 85.38 10.93
C PRO E 671 2.88 85.20 11.88
N GLU E 672 3.37 86.32 12.40
CA GLU E 672 4.67 86.35 13.06
C GLU E 672 4.65 85.66 14.41
N HIS E 673 3.64 85.93 15.24
CA HIS E 673 3.58 85.40 16.60
C HIS E 673 2.44 84.40 16.78
N ASP E 674 2.16 83.58 15.76
CA ASP E 674 1.05 82.65 15.82
C ASP E 674 1.39 81.41 14.99
N ASP E 675 0.45 80.46 14.97
CA ASP E 675 0.60 79.23 14.19
C ASP E 675 0.19 79.47 12.74
N PRO E 676 0.87 78.84 11.78
CA PRO E 676 0.62 79.16 10.36
C PRO E 676 -0.57 78.47 9.74
N LEU E 677 -1.17 77.47 10.37
CA LEU E 677 -2.24 76.71 9.72
C LEU E 677 -3.52 77.53 9.64
N ASN E 678 -4.19 77.48 8.48
CA ASN E 678 -5.36 78.31 8.28
C ASN E 678 -6.62 77.54 7.86
N GLY E 679 -6.48 76.50 7.03
CA GLY E 679 -7.64 75.84 6.46
C GLY E 679 -7.74 74.39 6.88
N ILE E 680 -8.82 73.74 6.43
CA ILE E 680 -9.09 72.34 6.77
C ILE E 680 -9.39 71.59 5.49
N VAL E 681 -8.76 70.43 5.31
CA VAL E 681 -9.05 69.53 4.20
C VAL E 681 -9.77 68.30 4.75
N PHE E 682 -10.97 68.05 4.22
CA PHE E 682 -11.79 66.89 4.54
C PHE E 682 -11.66 65.83 3.46
N GLN E 683 -11.63 64.57 3.86
CA GLN E 683 -11.52 63.46 2.93
C GLN E 683 -12.50 62.36 3.32
N TYR E 684 -13.27 61.88 2.34
CA TYR E 684 -14.26 60.83 2.55
C TYR E 684 -14.13 59.78 1.45
N GLU E 685 -14.41 58.53 1.80
CA GLU E 685 -14.20 57.40 0.89
C GLU E 685 -15.17 56.29 1.24
N ALA E 686 -15.89 55.76 0.25
CA ALA E 686 -16.95 54.79 0.52
C ALA E 686 -17.16 53.89 -0.68
N GLN E 687 -18.06 52.91 -0.49
CA GLN E 687 -18.47 52.00 -1.55
C GLN E 687 -19.96 51.71 -1.38
N PRO E 688 -20.84 52.64 -1.86
CA PRO E 688 -22.26 52.62 -1.44
C PRO E 688 -23.11 51.41 -1.80
N PHE E 689 -23.22 51.03 -3.07
CA PHE E 689 -24.25 50.08 -3.49
C PHE E 689 -23.71 48.65 -3.49
N SER E 690 -23.49 48.13 -2.29
CA SER E 690 -23.09 46.75 -2.08
C SER E 690 -24.25 46.01 -1.41
N ARG E 691 -24.25 44.68 -1.51
CA ARG E 691 -25.35 43.89 -0.96
C ARG E 691 -24.99 43.28 0.39
N HIS E 692 -23.98 42.40 0.46
CA HIS E 692 -23.40 42.01 1.75
C HIS E 692 -21.90 42.06 1.58
N GLY E 693 -21.33 43.26 1.61
CA GLY E 693 -19.92 43.41 1.35
C GLY E 693 -19.45 43.12 -0.05
N TRP E 694 -20.39 42.86 -0.96
CA TRP E 694 -20.05 42.73 -2.41
C TRP E 694 -20.37 44.09 -2.98
N GLY E 695 -19.39 44.99 -3.02
CA GLY E 695 -19.66 46.40 -3.35
C GLY E 695 -20.08 46.80 -4.74
N GLY E 696 -20.47 48.08 -4.88
CA GLY E 696 -20.86 48.64 -6.20
C GLY E 696 -20.60 50.13 -6.21
N VAL E 697 -19.82 50.63 -7.17
CA VAL E 697 -19.47 52.05 -7.29
C VAL E 697 -18.50 52.46 -6.19
N PRO E 698 -17.20 52.20 -6.32
CA PRO E 698 -16.21 52.89 -5.47
C PRO E 698 -16.30 54.41 -5.63
N PHE E 699 -16.23 55.14 -4.51
CA PHE E 699 -16.50 56.57 -4.52
C PHE E 699 -15.62 57.26 -3.51
N ASP E 700 -15.08 58.43 -3.87
CA ASP E 700 -14.39 59.24 -2.87
C ASP E 700 -14.48 60.73 -3.20
N LEU E 701 -14.24 61.54 -2.17
CA LEU E 701 -14.47 62.98 -2.21
C LEU E 701 -13.46 63.69 -1.31
N THR E 702 -13.02 64.88 -1.75
CA THR E 702 -12.03 65.66 -1.02
C THR E 702 -12.39 67.14 -1.16
N VAL E 703 -12.50 67.83 -0.03
CA VAL E 703 -12.86 69.26 0.00
C VAL E 703 -11.87 70.02 0.86
N CYS E 704 -11.23 71.04 0.30
CA CYS E 704 -10.44 71.99 1.07
C CYS E 704 -11.22 73.27 1.27
N CYS E 705 -11.33 73.71 2.53
CA CYS E 705 -12.07 74.92 2.88
C CYS E 705 -11.21 75.81 3.77
N GLU E 706 -11.09 77.09 3.38
CA GLU E 706 -10.53 78.13 4.22
C GLU E 706 -11.52 79.29 4.25
N LYS E 707 -12.08 79.58 5.41
CA LYS E 707 -13.06 80.65 5.57
C LYS E 707 -12.60 81.58 6.68
N ASP E 708 -12.57 82.88 6.38
CA ASP E 708 -12.37 83.92 7.38
C ASP E 708 -13.26 85.08 6.99
N LYS E 709 -13.06 86.23 7.63
CA LYS E 709 -13.94 87.36 7.36
C LYS E 709 -13.54 88.13 6.12
N THR E 710 -12.38 87.85 5.52
CA THR E 710 -11.93 88.53 4.33
C THR E 710 -12.11 87.69 3.06
N SER E 711 -11.55 86.49 3.04
CA SER E 711 -11.46 85.68 1.83
C SER E 711 -12.25 84.39 2.00
N LEU E 712 -12.26 83.59 0.92
CA LEU E 712 -12.92 82.29 0.94
C LEU E 712 -12.26 81.41 -0.11
N CYS E 713 -11.71 80.28 0.32
CA CYS E 713 -11.11 79.29 -0.57
C CYS E 713 -11.90 78.00 -0.44
N LEU E 714 -12.29 77.43 -1.58
CA LEU E 714 -13.12 76.23 -1.58
C LEU E 714 -12.75 75.40 -2.81
N GLN E 715 -11.97 74.34 -2.60
CA GLN E 715 -11.63 73.43 -3.68
C GLN E 715 -12.26 72.08 -3.42
N GLY E 716 -12.61 71.38 -4.49
CA GLY E 716 -13.21 70.07 -4.31
C GLY E 716 -12.98 69.14 -5.48
N GLU E 717 -12.95 67.85 -5.16
CA GLU E 717 -12.67 66.79 -6.13
C GLU E 717 -13.47 65.56 -5.75
N THR E 718 -14.05 64.89 -6.75
CA THR E 718 -14.75 63.64 -6.53
C THR E 718 -14.45 62.65 -7.64
N HIS E 719 -14.31 61.37 -7.27
CA HIS E 719 -14.09 60.30 -8.22
C HIS E 719 -15.11 59.19 -7.99
N VAL E 720 -15.63 58.67 -9.10
CA VAL E 720 -16.58 57.56 -9.12
C VAL E 720 -16.07 56.52 -10.11
N SER E 721 -15.94 55.28 -9.68
CA SER E 721 -15.44 54.21 -10.53
C SER E 721 -16.55 53.22 -10.84
N LEU E 722 -16.67 52.83 -12.12
CA LEU E 722 -17.68 51.89 -12.56
C LEU E 722 -17.04 50.72 -13.29
N VAL E 723 -17.30 49.51 -12.82
CA VAL E 723 -16.69 48.29 -13.33
C VAL E 723 -17.71 47.58 -14.20
N HIS E 724 -17.37 47.33 -15.46
CA HIS E 724 -18.28 46.66 -16.37
C HIS E 724 -18.09 45.16 -16.41
N SER E 725 -16.84 44.70 -16.43
CA SER E 725 -16.57 43.26 -16.46
C SER E 725 -15.18 43.00 -15.89
N VAL E 726 -15.02 41.82 -15.30
CA VAL E 726 -13.72 41.30 -14.88
C VAL E 726 -13.60 39.87 -15.40
N PRO E 727 -12.39 39.35 -15.63
CA PRO E 727 -12.27 37.95 -16.02
C PRO E 727 -12.56 37.03 -14.86
N PRO E 728 -13.08 35.83 -15.11
CA PRO E 728 -13.43 35.20 -16.40
C PRO E 728 -14.79 35.56 -16.98
N PHE E 729 -15.48 36.55 -16.43
CA PHE E 729 -16.76 36.95 -16.99
C PHE E 729 -16.60 37.83 -18.22
N GLY E 730 -15.40 38.36 -18.46
CA GLY E 730 -15.08 39.18 -19.60
C GLY E 730 -13.60 39.50 -19.58
N PRO E 731 -13.21 40.61 -20.18
CA PRO E 731 -11.94 41.26 -19.82
C PRO E 731 -12.16 42.36 -18.80
N ARG E 732 -11.05 42.86 -18.25
CA ARG E 732 -11.12 43.92 -17.27
C ARG E 732 -11.45 45.24 -17.96
N HIS E 733 -12.62 45.79 -17.65
CA HIS E 733 -13.19 46.92 -18.36
C HIS E 733 -13.75 47.90 -17.34
N ILE E 734 -13.07 49.02 -17.12
CA ILE E 734 -13.43 49.94 -16.04
C ILE E 734 -13.47 51.37 -16.57
N THR E 735 -14.56 52.09 -16.28
CA THR E 735 -14.61 53.51 -16.56
C THR E 735 -14.54 54.31 -15.26
N GLN E 736 -14.14 55.58 -15.38
CA GLN E 736 -13.96 56.44 -14.23
C GLN E 736 -14.40 57.85 -14.56
N VAL E 737 -15.16 58.45 -13.65
CA VAL E 737 -15.67 59.82 -13.79
C VAL E 737 -15.07 60.66 -12.66
N THR E 738 -14.49 61.80 -13.02
CA THR E 738 -13.89 62.73 -12.08
C THR E 738 -14.50 64.11 -12.25
N GLY E 739 -14.86 64.74 -11.14
CA GLY E 739 -15.32 66.11 -11.17
C GLY E 739 -14.53 66.95 -10.20
N SER E 740 -14.34 68.22 -10.55
CA SER E 740 -13.60 69.10 -9.66
C SER E 740 -14.08 70.54 -9.83
N TRP E 741 -14.00 71.29 -8.73
CA TRP E 741 -14.43 72.68 -8.73
C TRP E 741 -13.50 73.53 -7.88
N GLU E 742 -13.41 74.81 -8.23
CA GLU E 742 -12.48 75.77 -7.64
C GLU E 742 -13.22 77.08 -7.42
N VAL E 743 -13.27 77.53 -6.17
CA VAL E 743 -13.79 78.85 -5.80
C VAL E 743 -12.73 79.58 -4.98
N LEU E 744 -12.44 80.82 -5.36
CA LEU E 744 -11.45 81.64 -4.64
C LEU E 744 -11.91 83.09 -4.65
N ARG E 745 -12.55 83.51 -3.58
CA ARG E 745 -13.08 84.84 -3.37
C ARG E 745 -12.18 85.63 -2.44
N PRO E 746 -12.05 86.97 -2.63
CA PRO E 746 -12.65 87.82 -3.66
C PRO E 746 -11.70 88.11 -4.80
N ASN E 747 -10.72 87.23 -5.01
CA ASN E 747 -9.69 87.48 -6.00
C ASN E 747 -10.18 87.30 -7.43
N ILE E 748 -10.97 86.26 -7.68
CA ILE E 748 -11.18 85.78 -9.04
C ILE E 748 -12.58 86.10 -9.56
N LYS E 749 -13.58 86.06 -8.67
CA LYS E 749 -15.03 86.25 -8.89
C LYS E 749 -15.61 85.36 -10.01
N ASP E 750 -14.89 84.33 -10.44
CA ASP E 750 -15.38 83.30 -11.34
C ASP E 750 -15.02 81.96 -10.73
N VAL E 751 -15.77 80.91 -11.08
CA VAL E 751 -15.44 79.60 -10.53
C VAL E 751 -15.03 78.68 -11.66
N MET E 752 -14.30 77.62 -11.30
CA MET E 752 -13.70 76.74 -12.29
C MET E 752 -14.28 75.35 -12.14
N TYR E 753 -14.80 74.80 -13.25
CA TYR E 753 -15.35 73.45 -13.29
C TYR E 753 -14.56 72.57 -14.25
N GLN E 754 -14.26 71.35 -13.82
CA GLN E 754 -13.64 70.36 -14.68
C GLN E 754 -14.36 69.02 -14.54
N LEU E 755 -14.48 68.32 -15.66
CA LEU E 755 -15.09 66.99 -15.69
C LEU E 755 -14.25 66.12 -16.61
N GLU E 756 -13.94 64.90 -16.15
CA GLU E 756 -13.13 63.95 -16.90
C GLU E 756 -13.85 62.62 -16.94
N VAL E 757 -13.99 62.04 -18.13
CA VAL E 757 -14.54 60.70 -18.29
C VAL E 757 -13.49 59.89 -19.04
N ASP E 758 -13.03 58.80 -18.43
CA ASP E 758 -11.97 58.02 -19.07
C ASP E 758 -12.12 56.53 -18.78
N THR E 759 -11.81 55.72 -19.80
CA THR E 759 -12.17 54.31 -19.85
C THR E 759 -10.93 53.49 -20.17
N PHE E 760 -10.78 52.36 -19.47
CA PHE E 760 -9.62 51.48 -19.60
C PHE E 760 -10.07 50.05 -19.88
N LYS E 761 -9.26 49.35 -20.69
CA LYS E 761 -9.46 47.94 -20.95
C LYS E 761 -8.11 47.26 -21.11
N ASP E 762 -8.00 46.03 -20.60
CA ASP E 762 -6.78 45.23 -20.74
C ASP E 762 -6.90 44.36 -21.98
N GLY E 763 -6.23 44.76 -23.05
CA GLY E 763 -6.29 44.03 -24.30
C GLY E 763 -6.15 44.92 -25.51
N LEU E 764 -7.01 44.67 -26.52
CA LEU E 764 -7.22 45.41 -27.76
C LEU E 764 -6.08 45.24 -28.78
N LEU E 765 -4.93 44.74 -28.39
CA LEU E 765 -3.87 44.46 -29.35
C LEU E 765 -3.27 43.10 -29.08
N GLY E 766 -3.29 42.69 -27.82
CA GLY E 766 -2.77 41.41 -27.42
C GLY E 766 -3.29 41.05 -26.04
N LYS E 767 -2.81 39.96 -25.48
CA LYS E 767 -3.18 39.60 -24.12
C LYS E 767 -2.48 40.54 -23.13
N SER E 768 -3.25 41.02 -22.15
CA SER E 768 -2.77 41.88 -21.06
C SER E 768 -2.11 43.16 -21.56
N ASP E 769 -2.81 43.91 -22.40
CA ASP E 769 -2.31 45.19 -22.88
C ASP E 769 -3.19 46.31 -22.37
N HIS E 770 -2.61 47.20 -21.57
CA HIS E 770 -3.38 48.15 -20.76
C HIS E 770 -3.63 49.41 -21.59
N ALA E 771 -4.74 49.43 -22.31
CA ALA E 771 -5.09 50.57 -23.14
C ALA E 771 -6.17 51.40 -22.45
N GLY E 772 -6.25 52.66 -22.85
CA GLY E 772 -7.22 53.56 -22.27
C GLY E 772 -7.40 54.81 -23.11
N CYS E 773 -8.60 55.36 -23.09
CA CYS E 773 -8.93 56.59 -23.78
C CYS E 773 -9.69 57.49 -22.83
N GLY E 774 -9.76 58.78 -23.14
CA GLY E 774 -10.50 59.66 -22.25
C GLY E 774 -10.76 61.02 -22.84
N LEU E 775 -11.78 61.69 -22.29
CA LEU E 775 -12.09 63.07 -22.65
C LEU E 775 -12.26 63.92 -21.41
N MET E 776 -12.08 65.22 -21.61
CA MET E 776 -12.04 66.23 -20.56
C MET E 776 -12.78 67.46 -21.05
N LEU E 777 -13.64 68.01 -20.19
CA LEU E 777 -14.29 69.28 -20.43
C LEU E 777 -14.00 70.20 -19.25
N ALA E 778 -13.88 71.50 -19.54
CA ALA E 778 -13.59 72.46 -18.49
C ALA E 778 -14.23 73.80 -18.84
N ARG E 779 -14.63 74.54 -17.81
CA ARG E 779 -15.23 75.85 -18.02
C ARG E 779 -14.85 76.77 -16.87
N LEU E 780 -14.81 78.06 -17.16
CA LEU E 780 -14.68 79.12 -16.17
C LEU E 780 -16.03 79.84 -16.10
N GLY E 781 -16.87 79.40 -15.17
CA GLY E 781 -18.19 79.97 -15.01
C GLY E 781 -18.12 81.38 -14.47
N GLU E 782 -18.75 82.31 -15.19
CA GLU E 782 -18.71 83.73 -14.87
C GLU E 782 -19.82 84.05 -13.88
N GLY E 783 -19.46 84.50 -12.69
CA GLY E 783 -20.42 84.68 -11.63
C GLY E 783 -20.87 83.40 -10.98
N GLY E 784 -20.19 82.29 -11.23
CA GLY E 784 -20.57 81.00 -10.70
C GLY E 784 -21.48 80.18 -11.60
N ASP E 785 -22.08 80.80 -12.60
CA ASP E 785 -23.04 80.11 -13.46
C ASP E 785 -22.30 79.24 -14.47
N PRO E 786 -22.56 77.94 -14.54
CA PRO E 786 -21.81 77.07 -15.45
C PRO E 786 -22.29 77.09 -16.89
N ARG E 787 -23.13 78.05 -17.28
CA ARG E 787 -23.65 78.13 -18.64
C ARG E 787 -22.96 79.20 -19.48
N LYS E 788 -22.09 80.01 -18.88
CA LYS E 788 -21.43 81.10 -19.59
C LYS E 788 -19.95 81.08 -19.25
N GLY E 789 -19.11 81.31 -20.27
CA GLY E 789 -17.68 81.42 -20.06
C GLY E 789 -16.86 80.66 -21.07
N PRO E 790 -15.54 80.90 -21.07
CA PRO E 790 -14.66 80.14 -21.96
C PRO E 790 -14.59 78.66 -21.60
N THR E 791 -14.37 77.84 -22.62
CA THR E 791 -14.43 76.39 -22.48
C THR E 791 -13.15 75.75 -22.98
N ALA E 792 -12.89 74.54 -22.50
CA ALA E 792 -11.76 73.74 -22.94
C ALA E 792 -12.22 72.30 -23.12
N VAL E 793 -11.87 71.72 -24.27
CA VAL E 793 -12.20 70.34 -24.61
C VAL E 793 -10.90 69.61 -24.96
N GLY E 794 -10.70 68.42 -24.41
CA GLY E 794 -9.51 67.67 -24.71
C GLY E 794 -9.74 66.17 -24.71
N VAL E 795 -8.89 65.45 -25.45
CA VAL E 795 -8.94 63.99 -25.49
C VAL E 795 -7.53 63.42 -25.34
N ARG E 796 -7.47 62.18 -24.86
CA ARG E 796 -6.19 61.54 -24.55
C ARG E 796 -6.26 60.04 -24.82
N LEU E 797 -5.09 59.46 -25.10
CA LEU E 797 -4.87 58.04 -25.28
C LEU E 797 -3.67 57.58 -24.49
N GLN E 798 -3.69 56.31 -24.08
CA GLN E 798 -2.52 55.67 -23.49
C GLN E 798 -2.37 54.26 -24.06
N ASP E 799 -1.14 53.75 -24.04
CA ASP E 799 -0.88 52.37 -24.42
C ASP E 799 0.49 51.95 -23.90
N THR E 800 0.69 50.63 -23.83
CA THR E 800 1.98 50.00 -23.61
C THR E 800 2.23 49.00 -24.73
N LEU E 801 3.51 48.69 -24.96
CA LEU E 801 3.87 47.77 -26.03
C LEU E 801 5.23 47.17 -25.72
N ARG E 802 5.48 45.97 -26.25
CA ARG E 802 6.72 45.23 -26.03
C ARG E 802 7.19 44.69 -27.37
N VAL E 803 8.23 45.30 -27.94
CA VAL E 803 8.80 44.82 -29.20
C VAL E 803 10.30 44.62 -29.02
N GLY E 804 10.80 43.45 -29.42
CA GLY E 804 12.18 43.09 -29.25
C GLY E 804 12.58 43.02 -27.79
N PRO E 805 13.68 43.69 -27.44
CA PRO E 805 14.02 43.90 -26.03
C PRO E 805 13.51 45.22 -25.45
N PHE E 806 12.70 45.96 -26.19
CA PHE E 806 12.23 47.27 -25.79
C PHE E 806 10.79 47.20 -25.31
N LYS E 807 10.53 47.57 -24.06
CA LYS E 807 9.19 47.80 -23.58
C LYS E 807 8.97 49.30 -23.46
N LEU E 808 7.87 49.79 -24.05
CA LEU E 808 7.59 51.21 -24.07
C LEU E 808 6.20 51.49 -23.53
N GLU E 809 6.07 52.57 -22.78
CA GLU E 809 4.80 53.08 -22.30
C GLU E 809 4.61 54.49 -22.85
N ALA E 810 3.54 54.71 -23.59
CA ALA E 810 3.34 55.99 -24.27
C ALA E 810 1.94 56.52 -24.02
N CYS E 811 1.82 57.84 -24.01
CA CYS E 811 0.52 58.49 -23.92
C CYS E 811 0.55 59.78 -24.73
N ALA E 812 -0.63 60.21 -25.18
CA ALA E 812 -0.71 61.38 -26.04
C ALA E 812 -2.05 62.08 -25.82
N SER E 813 -2.09 63.36 -26.17
CA SER E 813 -3.26 64.18 -25.88
C SER E 813 -3.35 65.35 -26.84
N LYS E 814 -4.59 65.81 -27.05
CA LYS E 814 -4.85 67.02 -27.84
C LYS E 814 -5.94 67.83 -27.16
N VAL E 815 -5.68 69.14 -27.01
CA VAL E 815 -6.57 70.07 -26.35
C VAL E 815 -6.95 71.19 -27.33
N ALA E 816 -8.21 71.62 -27.28
CA ALA E 816 -8.83 72.54 -28.23
C ALA E 816 -9.47 73.71 -27.51
N VAL E 817 -8.68 74.42 -26.70
CA VAL E 817 -9.18 75.44 -25.79
C VAL E 817 -9.75 76.63 -26.56
N GLN E 818 -10.73 77.31 -25.96
CA GLN E 818 -11.22 78.59 -26.44
C GLN E 818 -10.54 79.71 -25.68
N GLY E 819 -10.15 80.75 -26.40
CA GLY E 819 -9.50 81.88 -25.78
C GLY E 819 -10.51 82.83 -25.15
N PRO E 820 -10.03 83.94 -24.60
CA PRO E 820 -10.96 84.96 -24.07
C PRO E 820 -11.76 85.62 -25.17
N THR E 821 -11.08 86.01 -26.26
CA THR E 821 -11.75 86.54 -27.44
C THR E 821 -11.18 86.03 -28.75
N GLY E 822 -10.01 85.41 -28.77
CA GLY E 822 -9.35 85.04 -30.01
C GLY E 822 -9.89 83.82 -30.71
N GLY E 823 -10.51 82.89 -29.99
CA GLY E 823 -11.04 81.71 -30.63
C GLY E 823 -10.25 80.44 -30.37
N LYS E 824 -10.16 79.59 -31.40
CA LYS E 824 -9.54 78.28 -31.24
C LYS E 824 -8.04 78.38 -31.00
N GLU E 825 -7.57 77.66 -29.98
CA GLU E 825 -6.16 77.41 -29.76
C GLU E 825 -6.01 75.92 -29.46
N GLU E 826 -5.10 75.26 -30.16
CA GLU E 826 -4.99 73.81 -30.09
C GLU E 826 -3.57 73.41 -29.76
N GLY E 827 -3.43 72.29 -29.05
CA GLY E 827 -2.12 71.82 -28.65
C GLY E 827 -2.05 70.32 -28.57
N TRP E 828 -0.84 69.81 -28.81
CA TRP E 828 -0.54 68.38 -28.82
C TRP E 828 0.54 68.07 -27.82
N GLY E 829 0.38 66.97 -27.09
CA GLY E 829 1.38 66.56 -26.12
C GLY E 829 1.55 65.05 -26.16
N ALA E 830 2.76 64.61 -25.79
CA ALA E 830 3.06 63.19 -25.80
C ALA E 830 4.19 62.88 -24.82
N ARG E 831 4.10 61.71 -24.19
CA ARG E 831 5.11 61.22 -23.25
C ARG E 831 5.43 59.76 -23.55
N ALA E 832 6.70 59.39 -23.36
CA ALA E 832 7.11 58.02 -23.59
C ALA E 832 8.22 57.62 -22.61
N PHE E 833 8.12 56.40 -22.08
CA PHE E 833 9.16 55.79 -21.27
C PHE E 833 9.61 54.50 -21.94
N VAL E 834 10.91 54.35 -22.14
CA VAL E 834 11.41 53.15 -22.89
C VAL E 834 12.14 52.20 -21.94
N GLY E 835 11.42 51.25 -21.35
CA GLY E 835 12.07 50.23 -20.49
C GLY E 835 12.93 49.30 -21.33
N TYR E 836 14.06 48.84 -20.78
CA TYR E 836 14.99 48.00 -21.56
C TYR E 836 15.51 46.84 -20.71
N ASP E 837 15.32 45.61 -21.20
CA ASP E 837 15.80 44.40 -20.48
C ASP E 837 17.29 44.52 -20.16
N TRP E 838 18.16 44.25 -21.15
CA TRP E 838 19.62 44.41 -20.92
C TRP E 838 19.88 45.78 -20.31
N LEU E 839 20.95 45.92 -19.53
CA LEU E 839 21.20 47.20 -18.81
C LEU E 839 19.90 47.61 -18.10
N PRO E 840 19.35 46.78 -17.18
CA PRO E 840 18.05 47.04 -16.58
C PRO E 840 18.13 48.24 -15.61
N GLY E 841 19.22 49.01 -15.62
CA GLY E 841 19.22 50.12 -14.69
C GLY E 841 19.18 51.49 -15.31
N LEU E 842 19.12 51.60 -16.63
CA LEU E 842 19.07 52.89 -17.30
C LEU E 842 17.62 53.27 -17.54
N GLY E 843 17.22 54.44 -17.02
CA GLY E 843 15.88 54.95 -17.24
C GLY E 843 15.93 56.06 -18.27
N MET E 844 15.02 56.02 -19.22
CA MET E 844 15.03 57.03 -20.26
C MET E 844 13.62 57.34 -20.75
N ALA E 845 13.32 58.64 -20.75
CA ALA E 845 12.01 59.20 -20.99
C ALA E 845 12.12 60.34 -21.99
N PHE E 846 11.05 60.50 -22.77
CA PHE E 846 11.00 61.49 -23.84
C PHE E 846 9.66 62.19 -23.77
N ASP E 847 9.67 63.47 -24.12
CA ASP E 847 8.47 64.29 -23.98
C ASP E 847 8.37 65.27 -25.13
N PHE E 848 7.14 65.59 -25.54
CA PHE E 848 6.93 66.47 -26.69
C PHE E 848 5.67 67.30 -26.51
N ILE E 849 5.76 68.58 -26.91
CA ILE E 849 4.62 69.49 -27.09
C ILE E 849 4.70 70.13 -28.47
N GLN E 850 3.54 70.36 -29.07
CA GLN E 850 3.41 71.18 -30.26
C GLN E 850 2.30 72.20 -30.04
N GLU E 851 2.61 73.45 -30.36
CA GLU E 851 1.75 74.60 -30.14
C GLU E 851 1.26 75.12 -31.49
N ARG E 852 -0.04 75.42 -31.57
CA ARG E 852 -0.63 75.95 -32.79
C ARG E 852 -1.46 77.19 -32.42
N THR E 853 -0.79 78.33 -32.40
CA THR E 853 -1.41 79.64 -32.18
C THR E 853 -2.07 80.09 -33.47
N PRO E 854 -2.97 81.12 -33.45
CA PRO E 854 -3.49 81.70 -34.71
C PRO E 854 -2.42 82.20 -35.69
N GLU E 855 -2.84 82.40 -36.94
CA GLU E 855 -1.99 82.34 -38.13
C GLU E 855 -1.26 80.99 -38.10
N GLU E 856 -2.04 79.92 -38.23
CA GLU E 856 -1.55 78.57 -37.98
C GLU E 856 -0.58 78.08 -39.05
N GLY E 857 -0.56 78.72 -40.22
CA GLY E 857 0.29 78.28 -41.30
C GLY E 857 1.76 78.53 -41.09
N GLY E 858 2.12 79.45 -40.20
CA GLY E 858 3.51 79.75 -39.94
C GLY E 858 3.85 79.99 -38.49
N LYS E 859 3.05 79.42 -37.57
CA LYS E 859 3.29 79.56 -36.14
C LYS E 859 3.24 78.21 -35.43
N ARG E 860 3.70 77.15 -36.09
CA ARG E 860 3.86 75.85 -35.44
C ARG E 860 5.06 75.92 -34.51
N LEU E 861 4.83 75.81 -33.20
CA LEU E 861 5.88 75.99 -32.21
C LEU E 861 6.11 74.68 -31.49
N ARG E 862 7.19 73.98 -31.84
CA ARG E 862 7.48 72.67 -31.31
C ARG E 862 8.31 72.75 -30.03
N GLY E 863 8.40 71.63 -29.32
CA GLY E 863 9.29 71.50 -28.19
C GLY E 863 9.41 70.06 -27.75
N TYR E 864 10.61 69.58 -27.48
CA TYR E 864 10.78 68.18 -27.10
C TYR E 864 11.98 68.04 -26.19
N GLY E 865 11.94 67.06 -25.30
CA GLY E 865 13.00 66.89 -24.32
C GLY E 865 13.25 65.44 -23.98
N ALA E 866 14.46 65.19 -23.49
CA ALA E 866 14.91 63.85 -23.15
C ALA E 866 15.49 63.83 -21.73
N ASN E 867 15.36 62.68 -21.08
CA ASN E 867 15.78 62.52 -19.70
C ASN E 867 16.33 61.12 -19.49
N PHE E 868 17.53 61.03 -18.93
CA PHE E 868 18.22 59.76 -18.67
C PHE E 868 18.65 59.74 -17.21
N THR E 869 18.49 58.59 -16.54
CA THR E 869 19.05 58.42 -15.20
C THR E 869 19.73 57.05 -15.10
N TYR E 870 20.74 56.99 -14.24
CA TYR E 870 21.47 55.77 -13.91
C TYR E 870 21.91 55.83 -12.45
N ASP E 871 22.47 54.72 -11.97
CA ASP E 871 22.72 54.56 -10.53
C ASP E 871 23.88 53.59 -10.32
N TRP E 872 24.90 54.02 -9.57
CA TRP E 872 26.08 53.24 -9.25
C TRP E 872 26.26 53.11 -7.74
N GLU E 873 27.20 52.26 -7.34
CA GLU E 873 27.71 52.24 -5.97
C GLU E 873 29.23 52.07 -6.01
N ALA E 874 29.93 52.96 -5.32
CA ALA E 874 31.39 52.93 -5.27
C ALA E 874 31.87 53.69 -4.06
N LEU E 875 33.05 53.30 -3.55
CA LEU E 875 33.72 53.91 -2.40
C LEU E 875 32.86 53.90 -1.14
N GLY E 876 32.05 52.85 -0.97
CA GLY E 876 31.13 52.82 0.16
C GLY E 876 29.97 53.79 0.06
N ALA E 877 29.67 54.27 -1.14
CA ALA E 877 28.66 55.30 -1.33
C ALA E 877 27.73 54.90 -2.48
N ALA E 878 26.53 55.47 -2.46
CA ALA E 878 25.52 55.22 -3.48
C ALA E 878 25.40 56.47 -4.36
N PHE E 879 25.75 56.33 -5.64
CA PHE E 879 25.75 57.44 -6.59
C PHE E 879 24.53 57.36 -7.49
N GLY E 880 23.95 58.50 -7.81
CA GLY E 880 22.89 58.55 -8.80
C GLY E 880 23.07 59.69 -9.78
N MET E 881 22.97 59.43 -11.07
CA MET E 881 23.26 60.43 -12.09
C MET E 881 22.02 60.67 -12.95
N GLU E 882 21.74 61.94 -13.25
CA GLU E 882 20.60 62.32 -14.06
C GLU E 882 21.03 63.34 -15.11
N VAL E 883 20.76 63.04 -16.38
CA VAL E 883 21.13 63.87 -17.51
C VAL E 883 19.86 64.32 -18.20
N ASP E 884 19.72 65.62 -18.42
CA ASP E 884 18.50 66.22 -18.93
C ASP E 884 18.81 67.11 -20.13
N TYR E 885 17.98 67.00 -21.17
CA TYR E 885 18.19 67.72 -22.41
C TYR E 885 16.89 68.37 -22.85
N VAL E 886 16.96 69.66 -23.20
CA VAL E 886 15.77 70.50 -23.35
C VAL E 886 15.54 70.77 -24.84
N ALA E 887 16.63 70.76 -25.62
CA ALA E 887 16.66 70.68 -27.08
C ALA E 887 16.12 71.89 -27.83
N ALA E 888 15.59 72.89 -27.12
CA ALA E 888 15.30 74.17 -27.74
C ALA E 888 16.50 75.10 -27.57
N SER E 889 16.86 75.37 -26.32
CA SER E 889 18.19 75.84 -25.98
C SER E 889 19.06 74.61 -25.75
N GLU E 890 20.11 74.46 -26.55
CA GLU E 890 20.89 73.22 -26.58
C GLU E 890 21.75 73.14 -25.31
N SER E 891 21.11 72.73 -24.22
CA SER E 891 21.73 72.67 -22.91
C SER E 891 21.62 71.26 -22.34
N VAL E 892 22.71 70.78 -21.75
CA VAL E 892 22.74 69.49 -21.07
C VAL E 892 22.92 69.76 -19.58
N PHE E 893 21.97 69.29 -18.77
CA PHE E 893 22.03 69.44 -17.33
C PHE E 893 22.38 68.10 -16.70
N VAL E 894 23.50 68.04 -15.99
CA VAL E 894 23.95 66.83 -15.30
C VAL E 894 23.87 67.10 -13.81
N SER E 895 23.36 66.14 -13.05
CA SER E 895 23.23 66.28 -11.60
C SER E 895 23.54 64.94 -10.95
N VAL E 896 24.59 64.89 -10.13
CA VAL E 896 25.01 63.69 -9.44
C VAL E 896 24.82 63.90 -7.94
N ASN E 897 24.17 62.97 -7.27
CA ASN E 897 24.11 62.97 -5.82
C ASN E 897 24.68 61.67 -5.25
N ALA E 898 25.30 61.80 -4.09
CA ALA E 898 25.97 60.68 -3.44
C ALA E 898 25.58 60.63 -1.97
N PHE E 899 25.77 59.47 -1.36
CA PHE E 899 25.42 59.27 0.04
C PHE E 899 26.33 58.21 0.62
N SER E 900 27.20 58.61 1.54
CA SER E 900 28.14 57.70 2.20
C SER E 900 27.75 57.58 3.67
N GLY E 901 27.13 56.47 4.03
CA GLY E 901 26.80 56.19 5.41
C GLY E 901 27.89 55.47 6.18
N ASN E 902 29.11 55.43 5.67
CA ASN E 902 30.20 54.66 6.25
C ASN E 902 31.35 55.52 6.74
N ASP E 903 31.76 56.53 5.98
CA ASP E 903 32.96 57.29 6.31
C ASP E 903 32.82 58.66 5.64
N TYR E 904 33.85 59.50 5.79
CA TYR E 904 33.91 60.81 5.17
C TYR E 904 34.92 60.85 4.03
N ARG E 905 35.09 59.73 3.31
CA ARG E 905 35.97 59.72 2.14
C ARG E 905 35.40 60.53 0.99
N LEU E 906 34.10 60.77 1.00
CA LEU E 906 33.41 61.50 -0.05
C LEU E 906 33.65 63.00 0.03
N GLY E 907 34.25 63.49 1.11
CA GLY E 907 34.50 64.90 1.32
C GLY E 907 35.78 65.45 0.73
N TRP E 908 36.55 64.63 0.03
CA TRP E 908 37.80 65.07 -0.59
C TRP E 908 37.58 66.10 -1.68
N LEU E 909 36.41 66.11 -2.31
CA LEU E 909 36.04 67.13 -3.28
C LEU E 909 35.69 68.46 -2.62
N LEU E 910 35.51 68.48 -1.30
CA LEU E 910 35.20 69.71 -0.57
C LEU E 910 36.34 70.73 -0.60
N LEU E 911 37.54 70.31 -0.99
CA LEU E 911 38.65 71.24 -1.20
C LEU E 911 38.48 72.08 -2.46
N LEU E 912 37.52 71.76 -3.33
CA LEU E 912 37.33 72.55 -4.55
C LEU E 912 36.74 73.94 -4.29
N PRO E 913 35.60 74.12 -3.58
CA PRO E 913 35.13 75.50 -3.38
C PRO E 913 35.81 76.24 -2.24
N ALA E 914 36.57 75.54 -1.39
CA ALA E 914 37.23 76.21 -0.28
C ALA E 914 38.45 77.01 -0.72
N VAL E 915 39.08 76.62 -1.83
CA VAL E 915 40.22 77.39 -2.35
C VAL E 915 39.74 78.73 -2.89
N ASN E 916 38.70 78.70 -3.73
CA ASN E 916 38.25 79.89 -4.46
C ASN E 916 37.72 80.97 -3.52
N TYR E 917 37.09 80.56 -2.42
CA TYR E 917 36.66 81.51 -1.39
C TYR E 917 37.85 82.27 -0.82
N PHE E 918 38.96 81.56 -0.57
CA PHE E 918 40.20 82.23 -0.17
C PHE E 918 40.68 83.18 -1.25
N LYS E 919 40.56 82.77 -2.52
CA LYS E 919 40.92 83.65 -3.62
C LYS E 919 39.93 84.80 -3.80
N GLU E 920 38.74 84.71 -3.19
CA GLU E 920 37.84 85.83 -3.13
C GLU E 920 37.87 86.54 -1.79
N THR E 921 38.74 86.11 -0.88
CA THR E 921 38.89 86.80 0.40
C THR E 921 40.10 87.72 0.39
N VAL E 922 41.26 87.20 0.02
CA VAL E 922 42.49 87.99 -0.07
C VAL E 922 42.33 89.10 -1.10
N SER E 923 41.73 88.79 -2.25
CA SER E 923 41.40 89.80 -3.25
C SER E 923 40.40 90.82 -2.73
N SER E 924 39.53 90.43 -1.80
CA SER E 924 38.76 91.44 -1.08
C SER E 924 39.63 92.18 -0.08
N LEU E 925 40.44 91.44 0.69
CA LEU E 925 41.27 92.03 1.74
C LEU E 925 42.37 92.91 1.18
N TRP E 926 42.81 92.66 -0.05
CA TRP E 926 43.65 93.63 -0.74
C TRP E 926 42.88 94.90 -1.03
N ALA E 927 41.68 94.76 -1.63
CA ALA E 927 40.91 95.91 -2.04
C ALA E 927 40.29 96.66 -0.86
N ARG E 928 40.11 95.98 0.27
CA ARG E 928 39.68 96.65 1.48
C ARG E 928 40.85 97.30 2.23
N LEU E 929 42.09 97.06 1.80
CA LEU E 929 43.24 97.72 2.39
C LEU E 929 43.80 98.83 1.52
N ARG E 930 43.14 99.18 0.43
CA ARG E 930 43.62 100.24 -0.44
C ARG E 930 42.83 101.53 -0.20
N TRP F 328 15.11 103.32 34.37
CA TRP F 328 14.15 103.80 35.36
C TRP F 328 13.49 102.65 36.12
N LEU F 329 12.32 102.22 35.66
CA LEU F 329 11.57 101.16 36.39
C LEU F 329 12.04 99.77 35.95
N LEU F 330 12.72 99.69 34.80
CA LEU F 330 13.11 98.38 34.27
C LEU F 330 13.86 97.46 35.26
N PRO F 331 14.81 97.93 36.09
CA PRO F 331 15.34 97.01 37.12
C PRO F 331 14.31 96.56 38.15
N VAL F 332 13.30 97.36 38.43
CA VAL F 332 12.20 96.91 39.29
C VAL F 332 11.41 95.80 38.62
N ALA F 333 11.25 95.88 37.29
CA ALA F 333 10.60 94.81 36.54
C ALA F 333 11.43 93.53 36.56
N ILE F 334 12.75 93.65 36.42
CA ILE F 334 13.62 92.48 36.47
C ILE F 334 13.59 91.83 37.85
N ALA F 335 13.67 92.64 38.91
CA ALA F 335 13.62 92.12 40.27
C ALA F 335 12.27 91.48 40.58
N ALA F 336 11.18 92.07 40.07
CA ALA F 336 9.86 91.48 40.25
C ALA F 336 9.73 90.15 39.52
N GLU F 337 10.32 90.03 38.33
CA GLU F 337 10.27 88.76 37.60
C GLU F 337 11.08 87.67 38.31
N VAL F 338 12.27 88.01 38.81
CA VAL F 338 13.08 87.05 39.54
C VAL F 338 12.39 86.64 40.85
N LEU F 339 11.80 87.60 41.56
CA LEU F 339 11.10 87.30 42.81
C LEU F 339 9.86 86.45 42.57
N PHE F 340 9.12 86.74 41.49
CA PHE F 340 7.94 85.97 41.15
C PHE F 340 8.29 84.53 40.82
N TYR F 341 9.37 84.33 40.04
CA TYR F 341 9.84 82.98 39.76
C TYR F 341 10.25 82.26 41.04
N ARG F 342 11.16 82.87 41.81
CA ARG F 342 11.77 82.21 42.96
C ARG F 342 10.81 82.01 44.12
N ARG F 343 9.68 82.70 44.15
CA ARG F 343 8.72 82.50 45.22
C ARG F 343 7.41 81.87 44.77
N PHE F 344 7.18 81.70 43.47
CA PHE F 344 5.91 81.11 43.08
C PHE F 344 6.06 79.93 42.13
N LEU F 345 7.01 79.96 41.22
CA LEU F 345 7.04 78.95 40.16
C LEU F 345 7.90 77.75 40.53
N HIS F 346 9.02 77.96 41.22
CA HIS F 346 9.89 76.84 41.58
C HIS F 346 9.28 75.84 42.57
N PRO F 347 8.63 76.23 43.69
CA PRO F 347 8.06 75.19 44.57
C PRO F 347 6.91 74.41 43.97
N ARG F 348 6.13 75.01 43.06
CA ARG F 348 5.03 74.31 42.43
C ARG F 348 5.52 73.18 41.52
N LEU F 349 6.53 73.46 40.71
CA LEU F 349 7.13 72.44 39.86
C LEU F 349 7.86 71.38 40.69
N ASP F 350 8.51 71.80 41.78
CA ASP F 350 9.16 70.84 42.67
C ASP F 350 8.15 69.89 43.32
N ASP F 351 7.01 70.43 43.75
CA ASP F 351 5.96 69.61 44.34
C ASP F 351 5.38 68.61 43.36
N ASN F 352 5.14 69.05 42.11
CA ASN F 352 4.61 68.15 41.09
C ASN F 352 5.60 67.03 40.75
N GLN F 353 6.88 67.38 40.66
CA GLN F 353 7.89 66.36 40.38
C GLN F 353 7.99 65.35 41.52
N ARG F 354 7.94 65.82 42.77
CA ARG F 354 8.00 64.92 43.93
C ARG F 354 6.83 63.96 43.96
N ARG F 355 5.63 64.43 43.58
CA ARG F 355 4.49 63.53 43.42
C ARG F 355 4.76 62.48 42.34
N VAL F 356 5.47 62.85 41.27
CA VAL F 356 5.79 61.88 40.22
C VAL F 356 6.74 60.79 40.74
N GLU F 357 7.79 61.14 41.52
CA GLU F 357 8.64 60.04 42.01
C GLU F 357 7.94 59.19 43.06
N ARG F 358 7.03 59.77 43.85
CA ARG F 358 6.30 58.93 44.80
C ARG F 358 5.37 57.95 44.10
N GLU F 359 4.77 58.37 42.98
CA GLU F 359 3.97 57.46 42.15
C GLU F 359 4.82 56.35 41.55
N GLU F 360 6.05 56.67 41.13
CA GLU F 360 6.95 55.63 40.59
C GLU F 360 7.36 54.61 41.67
N GLU F 361 7.61 55.09 42.89
CA GLU F 361 7.93 54.18 43.99
C GLU F 361 6.74 53.30 44.36
N ARG F 362 5.52 53.83 44.25
CA ARG F 362 4.32 53.02 44.43
C ARG F 362 4.24 51.90 43.38
N VAL F 363 4.60 52.21 42.13
CA VAL F 363 4.63 51.21 41.05
C VAL F 363 5.59 50.08 41.40
N TRP F 364 6.80 50.41 41.83
CA TRP F 364 7.76 49.36 42.11
C TRP F 364 7.44 48.57 43.38
N ALA F 365 6.78 49.20 44.35
CA ALA F 365 6.29 48.48 45.52
C ALA F 365 5.21 47.46 45.14
N LEU F 366 4.30 47.84 44.25
CA LEU F 366 3.27 46.91 43.78
C LEU F 366 3.88 45.75 42.99
N ARG F 367 4.91 46.01 42.18
CA ARG F 367 5.56 44.92 41.44
C ARG F 367 6.26 43.94 42.38
N GLY F 368 6.93 44.46 43.42
CA GLY F 368 7.53 43.59 44.41
C GLY F 368 6.51 42.78 45.19
N GLN F 369 5.36 43.39 45.48
CA GLN F 369 4.27 42.67 46.16
C GLN F 369 3.69 41.56 45.29
N GLN F 370 3.58 41.82 43.97
CA GLN F 370 3.09 40.79 43.04
C GLN F 370 4.05 39.61 42.97
N ARG F 371 5.35 39.88 42.91
CA ARG F 371 6.27 38.76 42.87
C ARG F 371 6.49 38.13 44.24
N ARG F 372 6.07 38.79 45.32
CA ARG F 372 6.03 38.15 46.64
C ARG F 372 4.80 37.27 46.81
N ALA F 373 3.73 37.54 46.04
CA ALA F 373 2.54 36.70 46.11
C ALA F 373 2.79 35.30 45.56
N LEU F 374 3.66 35.17 44.57
CA LEU F 374 4.19 33.88 44.15
C LEU F 374 5.40 33.53 45.02
N GLY F 375 6.21 32.58 44.56
CA GLY F 375 7.45 32.30 45.23
C GLY F 375 8.65 32.76 44.41
N LEU F 376 8.53 33.92 43.76
CA LEU F 376 9.54 34.37 42.81
C LEU F 376 10.49 35.36 43.46
N HIS F 377 11.34 35.94 42.63
CA HIS F 377 12.39 36.86 43.04
C HIS F 377 11.93 38.30 42.82
N ARG F 378 12.83 39.26 43.05
CA ARG F 378 12.51 40.67 43.01
C ARG F 378 12.62 41.21 41.57
N PRO F 379 11.84 42.24 41.23
CA PRO F 379 11.73 42.65 39.81
C PRO F 379 12.97 43.28 39.18
N HIS F 380 13.99 43.65 39.97
CA HIS F 380 15.28 44.17 39.49
C HIS F 380 15.09 45.47 38.67
N ARG F 381 14.71 46.53 39.38
CA ARG F 381 14.59 47.83 38.77
C ARG F 381 15.96 48.39 38.39
N PRO F 382 16.03 49.25 37.37
CA PRO F 382 17.30 49.90 37.03
C PRO F 382 17.53 51.14 37.90
N ASP F 383 18.77 51.62 37.85
CA ASP F 383 19.17 52.75 38.67
C ASP F 383 18.61 54.08 38.12
N LYS F 384 18.96 55.17 38.80
CA LYS F 384 18.32 56.46 38.52
C LYS F 384 18.81 57.06 37.20
N ASP F 385 20.08 56.83 36.85
CA ASP F 385 20.61 57.30 35.58
C ASP F 385 19.85 56.71 34.41
N ALA F 386 19.60 55.39 34.47
CA ALA F 386 18.74 54.72 33.52
C ALA F 386 17.32 55.26 33.57
N ALA F 387 16.86 55.71 34.73
CA ALA F 387 15.48 56.21 34.84
C ALA F 387 15.29 57.50 34.07
N TRP F 388 16.19 58.48 34.25
CA TRP F 388 16.00 59.71 33.47
C TRP F 388 16.39 59.54 32.00
N ARG F 389 17.33 58.64 31.70
CA ARG F 389 17.67 58.41 30.30
C ARG F 389 16.53 57.74 29.55
N LEU F 390 15.93 56.68 30.10
CA LEU F 390 14.70 56.12 29.53
C LEU F 390 13.53 57.09 29.54
N GLU F 391 13.51 58.05 30.48
CA GLU F 391 12.51 59.10 30.39
C GLU F 391 12.70 59.96 29.15
N GLN F 392 13.93 60.02 28.61
CA GLN F 392 14.10 60.64 27.30
C GLN F 392 13.90 59.70 26.10
N MET F 393 13.89 58.37 26.28
CA MET F 393 14.02 57.49 25.11
C MET F 393 13.09 56.26 25.17
N TYR F 394 11.89 56.42 25.75
CA TYR F 394 10.85 55.40 25.65
C TYR F 394 10.34 55.17 24.23
N ASP F 395 9.72 54.00 24.07
CA ASP F 395 8.98 53.60 22.89
C ASP F 395 7.48 53.43 23.15
N ASP F 396 7.11 53.03 24.37
CA ASP F 396 5.73 52.83 24.77
C ASP F 396 5.46 53.66 26.01
N ASP F 397 4.76 54.78 25.82
CA ASP F 397 4.41 55.77 26.86
C ASP F 397 5.61 56.32 27.63
N LEU G 74 56.82 -59.92 17.50
CA LEU G 74 56.53 -61.05 18.36
C LEU G 74 55.99 -60.59 19.71
N THR G 75 56.70 -59.64 20.32
CA THR G 75 56.35 -59.18 21.67
C THR G 75 54.95 -58.58 21.72
N SER G 76 54.58 -57.80 20.69
CA SER G 76 53.26 -57.21 20.66
C SER G 76 52.16 -58.26 20.55
N VAL G 77 52.34 -59.23 19.65
CA VAL G 77 51.34 -60.28 19.48
C VAL G 77 51.20 -61.10 20.75
N TYR G 78 52.33 -61.48 21.34
CA TYR G 78 52.28 -62.25 22.58
C TYR G 78 51.64 -61.46 23.72
N ALA G 79 51.95 -60.17 23.81
CA ALA G 79 51.36 -59.35 24.87
C ALA G 79 49.85 -59.24 24.69
N ARG G 80 49.39 -59.04 23.45
CA ARG G 80 47.95 -58.97 23.20
C ARG G 80 47.28 -60.31 23.51
N THR G 81 47.92 -61.41 23.12
CA THR G 81 47.36 -62.74 23.39
C THR G 81 47.28 -63.00 24.89
N PHE G 82 48.32 -62.63 25.63
CA PHE G 82 48.32 -62.81 27.08
C PHE G 82 47.24 -61.96 27.74
N GLU G 83 47.09 -60.71 27.27
CA GLU G 83 46.04 -59.86 27.82
C GLU G 83 44.66 -60.45 27.56
N ARG G 84 44.41 -60.95 26.34
CA ARG G 84 43.12 -61.53 26.02
C ARG G 84 42.86 -62.78 26.86
N ALA G 85 43.87 -63.65 26.99
CA ALA G 85 43.70 -64.87 27.77
C ALA G 85 43.45 -64.57 29.24
N ALA G 86 44.20 -63.61 29.81
CA ALA G 86 43.99 -63.23 31.20
C ALA G 86 42.61 -62.62 31.40
N PHE G 87 42.17 -61.79 30.46
CA PHE G 87 40.83 -61.22 30.55
C PHE G 87 39.77 -62.30 30.52
N GLY G 88 39.93 -63.29 29.63
CA GLY G 88 38.96 -64.38 29.57
C GLY G 88 38.94 -65.20 30.84
N PHE G 89 40.12 -65.54 31.37
CA PHE G 89 40.19 -66.30 32.61
C PHE G 89 39.57 -65.51 33.76
N ALA G 90 39.79 -64.19 33.79
CA ALA G 90 39.22 -63.37 34.85
C ALA G 90 37.71 -63.29 34.73
N LYS G 91 37.19 -63.11 33.53
CA LYS G 91 35.74 -63.13 33.33
C LYS G 91 35.16 -64.46 33.76
N MET G 92 35.84 -65.56 33.43
CA MET G 92 35.36 -66.85 33.85
C MET G 92 35.34 -66.97 35.36
N TYR G 93 36.35 -66.43 36.03
CA TYR G 93 36.37 -66.54 37.48
C TYR G 93 35.27 -65.70 38.10
N LEU G 94 34.96 -64.56 37.48
CA LEU G 94 33.80 -63.79 37.91
C LEU G 94 32.54 -64.58 37.74
N PHE G 95 32.42 -65.33 36.65
CA PHE G 95 31.24 -66.16 36.47
C PHE G 95 31.16 -67.22 37.56
N CYS G 96 32.30 -67.78 37.94
CA CYS G 96 32.30 -68.81 38.98
C CYS G 96 31.88 -68.25 40.32
N LEU G 97 32.38 -67.08 40.68
CA LEU G 97 31.96 -66.45 41.91
C LEU G 97 30.49 -66.08 41.86
N PHE G 98 30.02 -65.63 40.71
CA PHE G 98 28.62 -65.32 40.54
C PHE G 98 27.77 -66.54 40.84
N MET G 99 28.19 -67.67 40.31
CA MET G 99 27.51 -68.92 40.60
C MET G 99 27.51 -69.21 42.10
N ARG G 100 28.63 -68.98 42.76
CA ARG G 100 28.68 -69.27 44.19
C ARG G 100 27.62 -68.49 44.95
N VAL G 101 27.51 -67.21 44.68
CA VAL G 101 26.48 -66.45 45.37
C VAL G 101 25.10 -67.03 45.08
N LEU G 102 24.80 -67.18 43.80
CA LEU G 102 23.45 -67.51 43.39
C LEU G 102 23.04 -68.86 43.94
N LEU G 103 23.97 -69.80 44.06
CA LEU G 103 23.63 -71.07 44.66
C LEU G 103 23.57 -70.97 46.16
N SER G 104 24.34 -70.06 46.75
CA SER G 104 24.30 -69.93 48.19
C SER G 104 22.94 -69.52 48.64
N TRP G 105 22.13 -68.99 47.74
CA TRP G 105 20.72 -68.83 48.10
C TRP G 105 20.01 -70.13 48.42
N PHE G 106 20.39 -71.26 47.82
CA PHE G 106 19.63 -72.50 47.96
C PHE G 106 20.26 -73.39 49.02
N PRO G 107 19.53 -73.75 50.09
CA PRO G 107 20.17 -74.46 51.21
C PRO G 107 20.21 -75.99 51.07
N SER G 108 19.28 -76.62 50.38
CA SER G 108 19.21 -78.07 50.38
C SER G 108 20.06 -78.71 49.28
N ILE G 109 21.19 -78.09 48.93
CA ILE G 109 22.04 -78.66 47.90
C ILE G 109 22.87 -79.79 48.45
N ASP G 110 23.30 -80.64 47.53
CA ASP G 110 24.45 -81.52 47.67
C ASP G 110 25.66 -80.76 47.20
N TRP G 111 26.47 -80.24 48.12
CA TRP G 111 27.74 -79.70 47.67
C TRP G 111 28.69 -80.79 47.28
N ASN G 112 28.38 -82.02 47.64
CA ASN G 112 29.25 -83.13 47.33
C ASN G 112 29.28 -83.43 45.85
N SER G 113 28.13 -83.86 45.31
CA SER G 113 27.95 -84.22 43.89
C SER G 113 28.77 -83.45 42.86
N GLN G 114 29.49 -84.23 42.04
CA GLN G 114 30.38 -83.79 40.94
C GLN G 114 30.45 -82.30 40.57
N PRO G 115 29.41 -81.81 39.86
CA PRO G 115 29.32 -80.43 39.41
C PRO G 115 29.65 -79.42 40.51
N TRP G 116 29.03 -79.59 41.67
CA TRP G 116 29.25 -78.69 42.80
C TRP G 116 30.68 -78.79 43.35
N ALA G 117 31.21 -80.00 43.39
CA ALA G 117 32.55 -80.21 43.91
C ALA G 117 33.58 -79.42 43.10
N PHE G 118 33.47 -79.47 41.78
CA PHE G 118 34.45 -78.78 40.94
C PHE G 118 34.37 -77.27 41.12
N LEU G 119 33.15 -76.74 41.20
CA LEU G 119 32.98 -75.30 41.42
C LEU G 119 33.58 -74.90 42.74
N ARG G 120 33.26 -75.62 43.81
CA ARG G 120 33.88 -75.29 45.08
C ARG G 120 35.39 -75.34 44.96
N LEU G 121 35.91 -76.42 44.39
CA LEU G 121 37.35 -76.55 44.21
C LEU G 121 37.96 -75.30 43.63
N ILE G 122 37.56 -74.95 42.41
CA ILE G 122 38.21 -73.80 41.77
C ILE G 122 37.94 -72.52 42.56
N THR G 123 36.90 -72.49 43.39
CA THR G 123 36.70 -71.39 44.32
C THR G 123 37.14 -71.73 45.73
N GLU G 124 37.72 -72.91 45.92
CA GLU G 124 38.13 -73.34 47.25
C GLU G 124 39.12 -72.38 47.87
N PRO G 125 40.23 -72.06 47.22
CA PRO G 125 41.28 -71.37 47.94
C PRO G 125 40.97 -69.91 48.16
N TYR G 126 40.36 -69.24 47.19
CA TYR G 126 40.21 -67.80 47.26
C TYR G 126 39.29 -67.42 48.42
N LEU G 127 38.11 -68.02 48.51
CA LEU G 127 37.29 -67.79 49.70
C LEU G 127 38.01 -68.26 50.95
N GLN G 128 38.84 -69.31 50.81
CA GLN G 128 39.67 -69.74 51.94
C GLN G 128 40.72 -68.71 52.29
N ILE G 129 41.02 -67.79 51.39
CA ILE G 129 41.98 -66.74 51.72
C ILE G 129 41.37 -65.78 52.74
N TYR G 130 40.09 -65.46 52.61
CA TYR G 130 39.58 -64.28 53.28
C TYR G 130 38.60 -64.56 54.41
N ARG G 131 38.44 -65.84 54.78
CA ARG G 131 37.47 -66.16 55.84
C ARG G 131 38.08 -65.78 57.20
N GLY G 132 38.51 -64.52 57.33
CA GLY G 132 39.00 -64.07 58.61
C GLY G 132 38.84 -62.57 58.77
N ILE G 133 38.42 -61.89 57.70
CA ILE G 133 38.16 -60.47 57.75
C ILE G 133 36.70 -60.18 58.10
N LEU G 134 35.78 -60.75 57.34
CA LEU G 134 34.38 -60.67 57.71
C LEU G 134 34.20 -61.46 58.99
N PRO G 135 33.78 -60.84 60.09
CA PRO G 135 33.56 -61.60 61.30
C PRO G 135 32.41 -62.55 61.11
N PRO G 136 32.38 -63.66 61.85
CA PRO G 136 31.26 -64.59 61.71
C PRO G 136 29.98 -63.98 62.25
N LEU G 137 29.65 -62.78 61.76
CA LEU G 137 28.42 -62.13 62.19
C LEU G 137 27.21 -62.95 61.80
N PHE G 138 27.20 -63.46 60.56
CA PHE G 138 26.13 -64.30 60.04
C PHE G 138 26.78 -65.26 59.06
N GLY G 139 26.69 -66.55 59.36
CA GLY G 139 27.50 -67.52 58.62
C GLY G 139 26.95 -67.85 57.25
N GLN G 140 25.80 -67.24 56.94
CA GLN G 140 24.97 -67.50 55.72
C GLN G 140 25.57 -67.12 54.36
N LEU G 141 26.37 -66.06 54.24
CA LEU G 141 26.73 -65.62 52.89
C LEU G 141 27.82 -64.55 52.94
N ASP G 142 28.71 -64.61 51.94
CA ASP G 142 29.69 -63.57 51.66
C ASP G 142 29.55 -63.12 50.21
N PHE G 143 29.09 -61.88 50.01
CA PHE G 143 29.21 -61.25 48.70
C PHE G 143 30.61 -60.71 48.43
N THR G 144 31.46 -60.62 49.45
CA THR G 144 32.72 -59.86 49.33
C THR G 144 33.56 -60.22 48.12
N PRO G 145 33.73 -61.48 47.74
CA PRO G 145 34.54 -61.76 46.56
C PRO G 145 34.02 -61.05 45.32
N LEU G 146 32.71 -60.81 45.26
CA LEU G 146 32.17 -60.19 44.06
C LEU G 146 32.67 -58.77 43.92
N PHE G 147 32.50 -57.94 44.94
CA PHE G 147 33.03 -56.60 44.86
C PHE G 147 34.52 -56.62 44.65
N GLY G 148 35.22 -57.52 45.35
CA GLY G 148 36.67 -57.55 45.23
C GLY G 148 37.14 -57.76 43.80
N PHE G 149 36.63 -58.80 43.15
CA PHE G 149 37.13 -59.09 41.81
C PHE G 149 36.54 -58.16 40.76
N LEU G 150 35.31 -57.68 40.93
CA LEU G 150 34.85 -56.64 40.02
C LEU G 150 35.82 -55.47 40.02
N ILE G 151 36.16 -54.97 41.20
CA ILE G 151 37.09 -53.86 41.27
C ILE G 151 38.44 -54.29 40.74
N LEU G 152 38.79 -55.55 40.92
CA LEU G 152 40.10 -55.99 40.46
C LEU G 152 40.22 -55.93 38.95
N GLN G 153 39.25 -56.47 38.21
CA GLN G 153 39.32 -56.36 36.76
C GLN G 153 39.13 -54.93 36.31
N ASP G 154 38.42 -54.14 37.09
CA ASP G 154 38.31 -52.72 36.74
C ASP G 154 39.66 -52.04 36.82
N VAL G 155 40.39 -52.24 37.90
CA VAL G 155 41.75 -51.72 38.00
C VAL G 155 42.61 -52.30 36.88
N VAL G 156 42.39 -53.56 36.52
CA VAL G 156 43.12 -54.14 35.40
C VAL G 156 42.89 -53.31 34.14
N GLU G 157 41.65 -52.87 33.92
CA GLU G 157 41.39 -51.91 32.87
C GLU G 157 42.14 -50.60 33.12
N LEU G 158 42.19 -50.17 34.38
CA LEU G 158 42.73 -48.84 34.70
C LEU G 158 44.24 -48.83 34.77
N MET G 159 44.84 -49.72 35.56
CA MET G 159 46.28 -49.68 35.83
C MET G 159 47.12 -50.07 34.62
N SER G 160 46.51 -50.71 33.61
CA SER G 160 47.23 -51.10 32.41
C SER G 160 47.73 -49.89 31.63
N SER G 172 31.04 -38.08 34.82
CA SER G 172 30.99 -38.14 33.33
C SER G 172 32.34 -37.67 32.76
N MET G 173 32.49 -37.72 31.43
CA MET G 173 33.75 -37.30 30.76
C MET G 173 33.46 -36.11 29.85
N PHE G 174 34.23 -35.03 29.98
CA PHE G 174 34.05 -33.81 29.16
C PHE G 174 35.08 -33.80 28.03
N TRP G 175 34.61 -33.84 26.78
CA TRP G 175 35.48 -33.83 25.63
C TRP G 175 35.25 -32.58 24.83
N ASP G 179 33.41 -38.37 21.50
CA ASP G 179 34.50 -39.28 21.26
C ASP G 179 33.99 -40.66 20.90
N ILE G 180 34.59 -41.24 19.86
CA ILE G 180 34.21 -42.55 19.36
C ILE G 180 34.97 -43.66 20.07
N MET G 181 36.05 -43.33 20.77
CA MET G 181 36.87 -44.34 21.37
C MET G 181 36.34 -44.78 22.70
N CYS G 182 35.14 -44.37 23.04
CA CYS G 182 34.56 -44.81 24.28
C CYS G 182 33.58 -45.95 24.11
N TYR G 183 33.37 -46.44 22.90
CA TYR G 183 32.55 -47.60 22.65
C TYR G 183 33.39 -48.86 22.50
N PHE G 184 34.68 -48.77 22.75
CA PHE G 184 35.57 -49.91 22.74
C PHE G 184 35.81 -50.38 24.15
N ASP G 185 36.13 -51.67 24.29
CA ASP G 185 36.22 -52.30 25.59
C ASP G 185 37.43 -51.81 26.38
N MET H 1 -30.51 4.26 -61.95
CA MET H 1 -31.00 3.49 -63.09
C MET H 1 -31.21 4.39 -64.30
N GLY H 2 -31.45 3.76 -65.45
CA GLY H 2 -31.66 4.50 -66.69
C GLY H 2 -30.43 5.24 -67.18
N ALA H 3 -29.25 4.64 -67.05
CA ALA H 3 -28.01 5.29 -67.45
C ALA H 3 -27.84 5.15 -68.95
N SER H 4 -27.98 6.25 -69.66
CA SER H 4 -27.82 6.26 -71.11
C SER H 4 -26.33 6.25 -71.48
N GLN H 5 -26.07 5.89 -72.74
CA GLN H 5 -24.70 5.88 -73.26
C GLN H 5 -24.37 7.29 -73.74
N GLU H 6 -24.03 8.14 -72.77
CA GLU H 6 -23.68 9.52 -73.07
C GLU H 6 -22.23 9.61 -73.53
N SER H 7 -21.85 10.80 -73.99
CA SER H 7 -20.48 11.04 -74.39
C SER H 7 -19.58 11.09 -73.16
N GLU H 8 -18.45 10.38 -73.24
CA GLU H 8 -17.48 10.39 -72.14
C GLU H 8 -16.66 11.67 -72.12
N LEU H 9 -16.68 12.46 -73.19
CA LEU H 9 -15.99 13.74 -73.20
C LEU H 9 -16.90 14.91 -72.86
N ASP H 10 -18.18 14.81 -73.20
CA ASP H 10 -19.15 15.82 -72.82
C ASP H 10 -19.58 15.60 -71.38
N PHE H 11 -19.79 16.69 -70.66
CA PHE H 11 -20.16 16.68 -69.25
C PHE H 11 -21.54 17.27 -69.00
N VAL H 12 -21.83 18.40 -69.63
CA VAL H 12 -22.98 19.23 -69.29
C VAL H 12 -24.18 18.72 -70.08
N PRO H 13 -25.29 18.38 -69.42
CA PRO H 13 -26.55 18.21 -70.16
C PRO H 13 -27.02 19.53 -70.73
N ARG H 14 -27.67 19.45 -71.89
CA ARG H 14 -28.31 20.55 -72.61
C ARG H 14 -27.34 21.67 -73.02
N LEU H 15 -26.03 21.38 -73.06
CA LEU H 15 -25.03 22.35 -73.47
C LEU H 15 -23.85 21.59 -74.07
N SER H 16 -23.40 22.03 -75.24
CA SER H 16 -22.28 21.41 -75.95
C SER H 16 -21.16 22.42 -76.13
N PHE H 17 -19.93 21.98 -75.87
CA PHE H 17 -18.78 22.87 -76.00
C PHE H 17 -17.58 22.20 -76.66
N LEU H 18 -17.75 21.00 -77.25
CA LEU H 18 -16.74 20.20 -77.92
C LEU H 18 -16.91 20.27 -79.43
N PRO H 19 -15.85 20.05 -80.20
CA PRO H 19 -16.03 19.81 -81.64
C PRO H 19 -16.78 18.51 -81.87
N ILE H 20 -17.51 18.46 -82.99
CA ILE H 20 -18.38 17.33 -83.27
C ILE H 20 -17.58 16.07 -83.61
N GLU H 21 -16.38 16.23 -84.16
CA GLU H 21 -15.55 15.06 -84.49
C GLU H 21 -15.04 14.37 -83.25
N TRP H 22 -14.69 15.14 -82.21
CA TRP H 22 -14.25 14.52 -80.96
C TRP H 22 -15.41 13.89 -80.21
N ARG H 23 -16.61 14.43 -80.36
CA ARG H 23 -17.79 13.77 -79.79
C ARG H 23 -18.06 12.45 -80.52
N SER H 24 -17.83 12.42 -81.84
CA SER H 24 -17.98 11.17 -82.58
C SER H 24 -16.93 10.13 -82.17
N ILE H 25 -15.70 10.57 -81.95
CA ILE H 25 -14.65 9.65 -81.47
C ILE H 25 -14.97 9.14 -80.07
N GLY H 26 -15.41 10.02 -79.17
CA GLY H 26 -15.78 9.60 -77.84
C GLY H 26 -16.99 8.68 -77.80
N SER H 27 -17.94 8.89 -78.72
CA SER H 27 -19.07 7.98 -78.82
C SER H 27 -18.67 6.65 -79.45
N ALA H 28 -17.67 6.65 -80.32
CA ALA H 28 -17.22 5.39 -80.92
C ALA H 28 -16.42 4.56 -79.93
N PHE H 29 -15.60 5.20 -79.10
CA PHE H 29 -14.90 4.49 -78.03
C PHE H 29 -15.78 4.27 -76.80
N GLY H 30 -17.00 4.80 -76.78
CA GLY H 30 -17.94 4.50 -75.72
C GLY H 30 -18.77 3.27 -75.95
N LEU H 31 -18.46 2.50 -76.99
CA LEU H 31 -19.19 1.26 -77.27
C LEU H 31 -18.87 0.20 -76.23
N LYS H 32 -19.90 -0.55 -75.81
CA LYS H 32 -19.68 -1.68 -74.92
C LYS H 32 -18.98 -2.81 -75.64
N ASP H 33 -19.30 -3.01 -76.91
CA ASP H 33 -18.62 -4.01 -77.72
C ASP H 33 -17.22 -3.53 -78.09
N LYS H 34 -16.36 -4.48 -78.47
CA LYS H 34 -14.99 -4.17 -78.84
C LYS H 34 -14.86 -3.73 -80.30
N SER H 35 -15.95 -3.74 -81.06
CA SER H 35 -15.95 -3.22 -82.41
C SER H 35 -17.36 -2.77 -82.77
N GLY H 36 -17.44 -1.87 -83.74
CA GLY H 36 -18.73 -1.38 -84.20
C GLY H 36 -18.60 0.02 -84.74
N ALA H 37 -19.71 0.51 -85.28
CA ALA H 37 -19.80 1.84 -85.85
C ALA H 37 -20.83 2.66 -85.08
N ALA H 38 -20.60 3.97 -85.02
CA ALA H 38 -21.46 4.88 -84.29
C ALA H 38 -21.75 6.11 -85.14
N ALA H 39 -22.90 6.75 -84.86
CA ALA H 39 -23.29 7.96 -85.55
C ALA H 39 -23.87 8.94 -84.53
N ASN H 40 -23.78 10.23 -84.85
CA ASN H 40 -24.18 11.27 -83.93
C ASN H 40 -24.59 12.49 -84.74
N GLY H 41 -25.41 13.35 -84.13
CA GLY H 41 -25.89 14.52 -84.83
C GLY H 41 -26.36 15.62 -83.91
N ARG H 42 -26.38 16.82 -84.46
CA ARG H 42 -26.95 18.01 -83.84
C ARG H 42 -27.71 18.80 -84.89
N ALA H 43 -28.75 19.51 -84.46
CA ALA H 43 -29.43 20.45 -85.33
C ALA H 43 -30.06 21.54 -84.47
N THR H 44 -30.12 22.75 -85.03
CA THR H 44 -30.80 23.86 -84.37
C THR H 44 -31.60 24.64 -85.41
N PHE H 45 -32.77 25.11 -84.98
CA PHE H 45 -33.72 25.81 -85.82
C PHE H 45 -34.09 27.13 -85.18
N THR H 46 -34.01 28.21 -85.95
CA THR H 46 -34.40 29.54 -85.49
C THR H 46 -35.59 30.01 -86.28
N VAL H 47 -36.68 30.36 -85.58
CA VAL H 47 -37.90 30.91 -86.15
C VAL H 47 -38.18 32.23 -85.45
N ARG H 48 -38.53 33.26 -86.22
CA ARG H 48 -38.96 34.53 -85.64
C ARG H 48 -39.79 35.26 -86.67
N GLN H 49 -40.22 36.46 -86.31
CA GLN H 49 -40.74 37.43 -87.26
C GLN H 49 -39.60 38.37 -87.64
N GLY H 50 -39.34 38.48 -88.95
CA GLY H 50 -38.19 39.24 -89.42
C GLY H 50 -38.41 40.73 -89.28
N VAL H 51 -37.45 41.40 -88.65
CA VAL H 51 -37.45 42.85 -88.51
C VAL H 51 -36.32 43.39 -89.36
N ASP H 52 -36.64 44.38 -90.21
CA ASP H 52 -35.63 44.96 -91.08
C ASP H 52 -34.67 45.84 -90.29
N ALA H 53 -33.39 45.81 -90.68
CA ALA H 53 -32.36 46.55 -89.97
C ALA H 53 -32.35 48.04 -90.30
N ALA H 54 -33.05 48.46 -91.36
CA ALA H 54 -33.01 49.86 -91.78
C ALA H 54 -34.16 50.66 -91.21
N GLU H 55 -35.40 50.27 -91.53
CA GLU H 55 -36.57 51.04 -91.14
C GLU H 55 -37.31 50.45 -89.95
N LEU H 56 -36.79 49.38 -89.35
CA LEU H 56 -37.33 48.71 -88.16
C LEU H 56 -38.76 48.22 -88.38
N THR H 57 -39.10 47.84 -89.61
CA THR H 57 -40.43 47.33 -89.93
C THR H 57 -40.39 45.82 -90.10
N SER H 58 -41.54 45.20 -89.86
CA SER H 58 -41.65 43.74 -89.97
C SER H 58 -41.88 43.37 -91.42
N THR H 59 -41.03 42.49 -91.95
CA THR H 59 -41.09 42.08 -93.35
C THR H 59 -41.62 40.66 -93.55
N GLY H 60 -41.29 39.74 -92.65
CA GLY H 60 -41.74 38.36 -92.81
C GLY H 60 -41.23 37.49 -91.69
N ARG H 61 -40.97 36.23 -92.02
CA ARG H 61 -40.47 35.25 -91.07
C ARG H 61 -39.18 34.64 -91.59
N VAL H 62 -38.20 34.46 -90.69
CA VAL H 62 -36.90 33.92 -91.05
C VAL H 62 -36.70 32.62 -90.29
N ILE H 63 -36.52 31.52 -91.03
CA ILE H 63 -36.27 30.20 -90.47
C ILE H 63 -34.88 29.77 -90.93
N ASP H 64 -34.03 29.39 -89.98
CA ASP H 64 -32.70 28.89 -90.30
C ASP H 64 -32.48 27.54 -89.61
N GLY H 65 -31.77 26.65 -90.30
CA GLY H 65 -31.47 25.33 -89.74
C GLY H 65 -30.01 24.94 -89.91
N GLN H 66 -29.32 24.72 -88.79
CA GLN H 66 -27.90 24.42 -88.78
C GLN H 66 -27.69 22.99 -88.29
N ALA H 67 -26.74 22.28 -88.92
CA ALA H 67 -26.62 20.85 -88.72
C ALA H 67 -25.18 20.42 -88.51
N ASP H 68 -25.01 19.40 -87.66
CA ASP H 68 -23.74 18.73 -87.43
C ASP H 68 -23.99 17.23 -87.54
N VAL H 69 -23.15 16.54 -88.29
CA VAL H 69 -23.30 15.11 -88.55
C VAL H 69 -21.95 14.45 -88.34
N GLY H 70 -21.91 13.35 -87.60
CA GLY H 70 -20.68 12.62 -87.39
C GLY H 70 -20.90 11.13 -87.51
N ALA H 71 -19.91 10.45 -88.09
CA ALA H 71 -19.94 9.00 -88.21
C ALA H 71 -18.55 8.46 -87.96
N SER H 72 -18.46 7.35 -87.24
CA SER H 72 -17.17 6.71 -86.99
C SER H 72 -17.35 5.21 -86.96
N LEU H 73 -16.24 4.50 -87.10
CA LEU H 73 -16.24 3.06 -86.89
C LEU H 73 -14.92 2.66 -86.24
N LYS H 74 -14.94 1.53 -85.55
CA LYS H 74 -13.88 1.14 -84.64
C LYS H 74 -13.32 -0.22 -85.02
N LEU H 75 -12.00 -0.28 -85.15
CA LEU H 75 -11.22 -1.50 -85.31
C LEU H 75 -10.91 -2.10 -83.94
N ASN H 76 -9.85 -2.91 -83.86
CA ASN H 76 -9.43 -3.49 -82.58
C ASN H 76 -9.14 -2.42 -81.53
N THR H 77 -8.47 -1.33 -81.90
CA THR H 77 -8.32 -0.23 -80.97
C THR H 77 -8.52 1.15 -81.61
N LEU H 78 -8.38 1.25 -82.93
CA LEU H 78 -8.43 2.56 -83.59
C LEU H 78 -9.85 2.89 -84.04
N ALA H 79 -10.06 4.16 -84.38
CA ALA H 79 -11.31 4.60 -84.99
C ALA H 79 -11.03 5.45 -86.21
N ILE H 80 -11.84 5.30 -87.24
CA ILE H 80 -11.83 6.21 -88.37
C ILE H 80 -13.16 6.95 -88.40
N GLY H 81 -13.10 8.26 -88.67
CA GLY H 81 -14.29 9.07 -88.58
C GLY H 81 -14.43 10.11 -89.67
N VAL H 82 -15.63 10.23 -90.21
CA VAL H 82 -15.98 11.23 -91.20
C VAL H 82 -17.09 12.09 -90.63
N SER H 83 -16.90 13.40 -90.68
CA SER H 83 -17.86 14.34 -90.12
C SER H 83 -18.19 15.41 -91.13
N ALA H 84 -19.43 15.90 -91.06
CA ALA H 84 -19.90 17.03 -91.85
C ALA H 84 -20.51 18.03 -90.89
N SER H 85 -19.82 19.13 -90.64
CA SER H 85 -20.24 20.08 -89.63
C SER H 85 -20.68 21.40 -90.25
N ASN H 86 -21.57 22.09 -89.52
CA ASN H 86 -21.87 23.51 -89.71
C ASN H 86 -22.53 23.80 -91.06
N ILE H 87 -23.37 22.86 -91.52
CA ILE H 87 -24.12 23.06 -92.75
C ILE H 87 -25.34 23.91 -92.42
N THR H 88 -25.48 25.03 -93.12
CA THR H 88 -26.52 26.01 -92.87
C THR H 88 -27.57 25.95 -93.95
N PHE H 89 -28.84 25.85 -93.55
CA PHE H 89 -29.97 25.97 -94.44
C PHE H 89 -30.71 27.27 -94.12
N HIS H 90 -30.92 28.09 -95.14
CA HIS H 90 -31.46 29.43 -94.95
C HIS H 90 -32.74 29.62 -95.76
N SER H 91 -33.76 30.14 -95.10
CA SER H 91 -35.00 30.55 -95.75
C SER H 91 -35.33 31.97 -95.31
N GLY H 92 -35.72 32.81 -96.26
CA GLY H 92 -36.01 34.20 -95.98
C GLY H 92 -35.69 35.07 -97.17
N LEU H 93 -36.36 36.21 -97.24
CA LEU H 93 -36.23 37.14 -98.35
C LEU H 93 -35.98 38.55 -97.84
N ASP H 94 -35.07 39.24 -98.52
CA ASP H 94 -34.74 40.66 -98.29
C ASP H 94 -34.26 40.92 -96.85
N ASP H 95 -33.14 40.30 -96.52
CA ASP H 95 -32.56 40.41 -95.17
C ASP H 95 -31.05 40.60 -95.27
N PRO H 96 -30.52 41.78 -94.92
CA PRO H 96 -29.06 41.93 -94.86
C PRO H 96 -28.44 41.19 -93.68
N THR H 97 -29.19 40.96 -92.61
CA THR H 97 -28.67 40.22 -91.47
C THR H 97 -28.44 38.76 -91.79
N ALA H 98 -29.32 38.16 -92.60
CA ALA H 98 -29.13 36.78 -93.03
C ALA H 98 -27.89 36.64 -93.91
N ALA H 99 -27.66 37.60 -94.81
CA ALA H 99 -26.47 37.56 -95.65
C ALA H 99 -25.20 37.80 -94.83
N ALA H 100 -25.27 38.72 -93.85
CA ALA H 100 -24.11 38.97 -93.00
C ALA H 100 -23.80 37.79 -92.09
N ALA H 101 -24.83 37.05 -91.65
CA ALA H 101 -24.60 35.81 -90.91
C ALA H 101 -24.06 34.71 -91.82
N GLN H 102 -24.51 34.67 -93.08
CA GLN H 102 -24.00 33.69 -94.03
C GLN H 102 -22.53 33.92 -94.37
N ARG H 103 -22.11 35.19 -94.43
CA ARG H 103 -20.70 35.48 -94.67
C ARG H 103 -19.84 35.12 -93.46
N SER H 104 -20.36 35.34 -92.25
CA SER H 104 -19.61 35.12 -91.02
C SER H 104 -20.10 33.90 -90.24
N SER H 105 -20.48 32.83 -90.94
CA SER H 105 -20.91 31.61 -90.28
C SER H 105 -19.74 30.64 -90.13
N LEU H 106 -19.97 29.60 -89.33
CA LEU H 106 -19.11 28.43 -89.37
C LEU H 106 -19.36 27.69 -90.69
N ILE H 107 -18.30 27.49 -91.47
CA ILE H 107 -18.41 27.04 -92.85
C ILE H 107 -18.80 25.56 -92.88
N PRO H 108 -19.73 25.14 -93.75
CA PRO H 108 -20.01 23.70 -93.92
C PRO H 108 -18.81 22.91 -94.37
N SER H 109 -18.28 22.04 -93.50
CA SER H 109 -16.99 21.40 -93.74
C SER H 109 -17.11 19.89 -93.59
N LEU H 110 -16.22 19.18 -94.28
CA LEU H 110 -16.09 17.73 -94.19
C LEU H 110 -14.72 17.40 -93.64
N LYS H 111 -14.67 16.45 -92.71
CA LYS H 111 -13.45 16.14 -91.97
C LYS H 111 -13.23 14.63 -91.91
N LEU H 112 -11.99 14.22 -92.20
CA LEU H 112 -11.47 12.90 -91.84
C LEU H 112 -10.74 13.00 -90.50
N THR H 113 -10.81 11.93 -89.72
CA THR H 113 -10.01 11.85 -88.49
C THR H 113 -9.63 10.40 -88.23
N ALA H 114 -8.35 10.18 -87.95
CA ALA H 114 -7.82 8.86 -87.60
C ALA H 114 -7.39 8.88 -86.14
N ALA H 115 -8.16 8.22 -85.29
CA ALA H 115 -7.98 8.31 -83.84
C ALA H 115 -7.40 7.01 -83.30
N LYS H 116 -6.42 7.13 -82.41
CA LYS H 116 -5.82 6.00 -81.71
C LYS H 116 -5.99 6.18 -80.22
N GLN H 117 -6.59 5.18 -79.58
CA GLN H 117 -6.68 5.12 -78.12
C GLN H 117 -5.34 4.65 -77.61
N PHE H 118 -4.42 5.59 -77.38
CA PHE H 118 -3.06 5.19 -77.02
C PHE H 118 -2.97 4.72 -75.57
N LYS H 119 -3.79 5.23 -74.67
CA LYS H 119 -3.94 4.66 -73.33
C LYS H 119 -5.41 4.60 -72.99
N ARG H 120 -5.74 3.88 -71.92
CA ARG H 120 -7.13 3.77 -71.49
C ARG H 120 -7.63 5.12 -71.00
N ASP H 121 -8.69 5.61 -71.66
CA ASP H 121 -9.22 6.97 -71.50
C ASP H 121 -8.17 8.04 -71.78
N ASN H 122 -7.25 7.79 -72.71
CA ASN H 122 -6.28 8.79 -73.17
C ASN H 122 -6.10 8.62 -74.66
N TYR H 123 -6.52 9.62 -75.44
CA TYR H 123 -6.69 9.46 -76.87
C TYR H 123 -5.88 10.52 -77.61
N ILE H 124 -5.45 10.19 -78.82
CA ILE H 124 -4.75 11.11 -79.70
C ILE H 124 -5.36 10.98 -81.09
N ALA H 125 -5.41 12.09 -81.82
CA ALA H 125 -6.01 12.07 -83.15
C ALA H 125 -5.31 13.07 -84.06
N VAL H 126 -5.35 12.78 -85.35
CA VAL H 126 -4.90 13.68 -86.40
C VAL H 126 -6.04 13.83 -87.39
N SER H 127 -6.57 15.05 -87.52
CA SER H 127 -7.69 15.28 -88.42
C SER H 127 -7.26 16.20 -89.55
N TYR H 128 -8.07 16.21 -90.60
CA TYR H 128 -7.68 16.88 -91.85
C TYR H 128 -8.96 17.21 -92.60
N ASP H 129 -9.33 18.49 -92.65
CA ASP H 129 -10.55 18.85 -93.37
C ASP H 129 -10.30 18.95 -94.87
N LEU H 130 -11.31 18.50 -95.63
CA LEU H 130 -11.18 18.17 -97.04
C LEU H 130 -11.53 19.34 -97.96
N LYS H 131 -12.58 20.10 -97.62
CA LYS H 131 -12.98 21.22 -98.48
C LYS H 131 -11.97 22.35 -98.41
N HIS H 132 -11.47 22.66 -97.21
CA HIS H 132 -10.42 23.65 -97.05
C HIS H 132 -9.04 23.03 -97.00
N GLN H 133 -8.98 21.69 -96.99
CA GLN H 133 -7.78 20.83 -96.96
C GLN H 133 -6.71 21.34 -95.97
N LYS H 134 -7.07 21.34 -94.69
CA LYS H 134 -6.13 21.75 -93.66
C LYS H 134 -5.94 20.64 -92.63
N PRO H 135 -4.70 20.29 -92.29
CA PRO H 135 -4.47 19.28 -91.24
C PRO H 135 -4.24 19.87 -89.86
N GLU H 136 -4.56 19.11 -88.82
CA GLU H 136 -4.33 19.54 -87.44
C GLU H 136 -4.25 18.30 -86.55
N LEU H 137 -3.67 18.49 -85.37
CA LEU H 137 -3.45 17.41 -84.42
C LEU H 137 -4.25 17.71 -83.15
N SER H 138 -4.52 16.67 -82.37
CA SER H 138 -5.34 16.83 -81.19
C SER H 138 -5.06 15.72 -80.18
N ALA H 139 -5.32 16.03 -78.91
CA ALA H 139 -5.14 15.09 -77.82
C ALA H 139 -6.26 15.27 -76.80
N CYS H 140 -6.53 14.20 -76.05
CA CYS H 140 -7.60 14.21 -75.07
C CYS H 140 -7.23 13.31 -73.90
N TRP H 141 -7.41 13.83 -72.68
CA TRP H 141 -7.17 13.06 -71.48
C TRP H 141 -8.38 13.21 -70.57
N THR H 142 -9.04 12.09 -70.26
CA THR H 142 -10.15 12.07 -69.32
C THR H 142 -9.79 11.19 -68.13
N GLY H 143 -10.34 11.54 -66.97
CA GLY H 143 -10.03 10.80 -65.77
C GLY H 143 -11.12 10.82 -64.71
N GLU H 144 -11.25 9.72 -63.97
CA GLU H 144 -12.18 9.61 -62.87
C GLU H 144 -11.41 9.32 -61.59
N ALA H 145 -11.63 10.14 -60.57
CA ALA H 145 -11.01 9.92 -59.25
C ALA H 145 -12.15 9.94 -58.23
N GLY H 146 -12.75 8.77 -58.01
CA GLY H 146 -13.76 8.61 -56.99
C GLY H 146 -14.98 9.48 -57.23
N ALA H 147 -15.05 10.55 -56.44
CA ALA H 147 -16.14 11.52 -56.58
C ALA H 147 -16.02 12.36 -57.85
N ASP H 148 -14.83 12.81 -58.23
CA ASP H 148 -14.78 13.83 -59.27
C ASP H 148 -14.21 13.29 -60.58
N ARG H 149 -14.35 14.09 -61.63
CA ARG H 149 -14.06 13.63 -62.99
C ARG H 149 -13.63 14.83 -63.82
N ALA H 150 -12.57 14.63 -64.62
CA ALA H 150 -11.96 15.73 -65.36
C ALA H 150 -11.75 15.34 -66.82
N THR H 151 -11.72 16.36 -67.68
CA THR H 151 -11.52 16.16 -69.11
C THR H 151 -10.76 17.35 -69.68
N LEU H 152 -9.66 17.05 -70.39
CA LEU H 152 -8.83 18.08 -71.01
C LEU H 152 -8.66 17.73 -72.47
N LEU H 153 -8.84 18.73 -73.34
CA LEU H 153 -8.83 18.55 -74.79
C LEU H 153 -7.96 19.63 -75.41
N VAL H 154 -7.02 19.22 -76.26
CA VAL H 154 -6.07 20.12 -76.91
C VAL H 154 -6.19 19.95 -78.41
N ASN H 155 -6.34 21.06 -79.14
CA ASN H 155 -6.38 21.05 -80.60
C ASN H 155 -5.34 22.05 -81.10
N VAL H 156 -4.41 21.58 -81.93
CA VAL H 156 -3.32 22.40 -82.44
C VAL H 156 -3.37 22.36 -83.97
N ASP H 157 -3.44 23.54 -84.59
CA ASP H 157 -3.44 23.67 -86.04
C ASP H 157 -2.28 24.55 -86.47
N PRO H 158 -1.32 24.04 -87.26
CA PRO H 158 -0.19 24.87 -87.67
C PRO H 158 -0.46 25.77 -88.86
N VAL H 159 -1.61 25.61 -89.54
CA VAL H 159 -1.91 26.42 -90.71
C VAL H 159 -2.28 27.84 -90.30
N MET H 160 -3.36 27.98 -89.52
CA MET H 160 -3.71 29.24 -88.88
C MET H 160 -2.99 29.48 -87.56
N ARG H 161 -2.14 28.53 -87.15
CA ARG H 161 -1.42 28.55 -85.87
C ARG H 161 -2.38 28.68 -84.69
N SER H 162 -3.51 27.99 -84.78
CA SER H 162 -4.58 28.11 -83.79
C SER H 162 -4.41 27.04 -82.71
N VAL H 163 -4.43 27.47 -81.45
CA VAL H 163 -4.30 26.57 -80.31
C VAL H 163 -5.55 26.69 -79.47
N LYS H 164 -6.31 25.60 -79.38
CA LYS H 164 -7.56 25.55 -78.63
C LYS H 164 -7.41 24.59 -77.46
N LEU H 165 -7.82 25.02 -76.27
CA LEU H 165 -7.92 24.15 -75.12
C LEU H 165 -9.33 24.19 -74.58
N ALA H 166 -9.83 23.02 -74.19
CA ALA H 166 -11.07 22.90 -73.45
C ALA H 166 -10.79 22.08 -72.21
N ALA H 167 -11.42 22.45 -71.10
CA ALA H 167 -11.17 21.75 -69.85
C ALA H 167 -12.41 21.79 -68.99
N ALA H 168 -12.68 20.69 -68.29
CA ALA H 168 -13.89 20.61 -67.47
C ALA H 168 -13.66 19.70 -66.29
N VAL H 169 -14.29 20.05 -65.17
CA VAL H 169 -14.29 19.25 -63.95
C VAL H 169 -15.70 19.16 -63.41
N ARG H 170 -16.18 17.95 -63.17
CA ARG H 170 -17.38 17.71 -62.41
C ARG H 170 -16.96 17.22 -61.03
N THR H 171 -17.32 17.98 -59.99
CA THR H 171 -16.86 17.67 -58.64
C THR H 171 -17.98 18.01 -57.67
N PRO H 172 -18.07 17.31 -56.53
CA PRO H 172 -19.06 17.69 -55.52
C PRO H 172 -18.78 19.02 -54.84
N GLY H 173 -17.55 19.52 -54.90
CA GLY H 173 -17.24 20.83 -54.37
C GLY H 173 -17.07 20.85 -52.87
N PRO H 174 -17.55 21.90 -52.22
CA PRO H 174 -17.39 22.02 -50.77
C PRO H 174 -18.37 21.12 -50.02
N GLU H 175 -17.86 20.50 -48.96
CA GLU H 175 -18.62 19.58 -48.14
C GLU H 175 -18.81 20.15 -46.74
N TRP H 176 -20.02 20.00 -46.20
CA TRP H 176 -20.33 20.47 -44.86
C TRP H 176 -20.68 19.35 -43.89
N ARG H 177 -20.90 18.13 -44.37
CA ARG H 177 -21.31 17.05 -43.49
C ARG H 177 -20.12 16.51 -42.70
N LYS H 178 -20.41 16.03 -41.50
CA LYS H 178 -19.40 15.53 -40.59
C LYS H 178 -19.31 14.01 -40.68
N VAL H 179 -18.10 13.48 -40.45
CA VAL H 179 -17.91 12.05 -40.31
C VAL H 179 -18.22 11.70 -38.86
N LEU H 180 -19.33 11.03 -38.61
CA LEU H 180 -19.74 10.77 -37.25
C LEU H 180 -19.07 9.51 -36.71
N TYR H 181 -19.10 9.36 -35.39
CA TYR H 181 -18.65 8.15 -34.73
C TYR H 181 -19.83 7.57 -33.95
N ASN H 182 -20.15 6.31 -34.20
CA ASN H 182 -21.23 5.67 -33.47
C ASN H 182 -20.71 5.19 -32.13
N ASP H 183 -21.29 5.72 -31.04
CA ASP H 183 -20.82 5.39 -29.71
C ASP H 183 -21.14 3.96 -29.31
N GLU H 184 -22.13 3.34 -29.94
CA GLU H 184 -22.57 1.99 -29.58
C GLU H 184 -21.78 0.91 -30.32
N THR H 185 -21.68 1.00 -31.64
CA THR H 185 -21.08 -0.05 -32.45
C THR H 185 -19.60 0.15 -32.70
N ASP H 186 -19.01 1.22 -32.16
CA ASP H 186 -17.57 1.52 -32.23
C ASP H 186 -17.07 1.61 -33.67
N LEU H 187 -17.86 2.25 -34.53
CA LEU H 187 -17.50 2.37 -35.93
C LEU H 187 -17.85 3.76 -36.43
N LEU H 188 -17.13 4.20 -37.45
CA LEU H 188 -17.41 5.49 -38.07
C LEU H 188 -18.61 5.40 -38.99
N GLU H 189 -19.23 6.56 -39.23
CA GLU H 189 -20.35 6.69 -40.14
C GLU H 189 -20.05 7.84 -41.08
N TYR H 190 -19.84 7.52 -42.33
CA TYR H 190 -19.52 8.44 -43.40
C TYR H 190 -20.80 8.98 -44.03
N PRO H 191 -20.79 10.23 -44.50
CA PRO H 191 -21.99 10.78 -45.14
C PRO H 191 -22.24 10.16 -46.51
N ALA H 192 -23.50 9.87 -46.79
CA ALA H 192 -23.88 9.23 -48.04
C ALA H 192 -23.81 10.24 -49.19
N ASP H 193 -23.67 9.72 -50.40
CA ASP H 193 -23.56 10.55 -51.58
C ASP H 193 -24.93 11.03 -52.04
N ASP H 194 -24.95 12.18 -52.71
CA ASP H 194 -26.17 12.77 -53.23
C ASP H 194 -26.34 12.57 -54.73
N GLY H 195 -25.24 12.54 -55.48
CA GLY H 195 -25.29 12.45 -56.92
C GLY H 195 -25.22 13.78 -57.64
N ALA H 196 -25.51 14.88 -56.96
CA ALA H 196 -25.47 16.21 -57.55
C ALA H 196 -24.07 16.79 -57.47
N ARG H 197 -23.71 17.59 -58.47
CA ARG H 197 -22.33 18.04 -58.60
C ARG H 197 -22.28 19.43 -59.22
N HIS H 198 -21.16 20.09 -58.98
CA HIS H 198 -20.83 21.38 -59.58
C HIS H 198 -19.87 21.17 -60.74
N THR H 199 -20.10 21.90 -61.83
CA THR H 199 -19.33 21.76 -63.06
C THR H 199 -18.58 23.07 -63.34
N LEU H 200 -17.28 22.96 -63.59
CA LEU H 200 -16.44 24.09 -63.95
C LEU H 200 -15.83 23.83 -65.31
N TYR H 201 -15.95 24.77 -66.24
CA TYR H 201 -15.34 24.56 -67.54
C TYR H 201 -14.71 25.84 -68.07
N VAL H 202 -13.66 25.67 -68.87
CA VAL H 202 -12.94 26.78 -69.47
C VAL H 202 -12.58 26.41 -70.92
N GLN H 203 -12.72 27.38 -71.81
CA GLN H 203 -12.27 27.29 -73.19
C GLN H 203 -11.30 28.43 -73.46
N HIS H 204 -10.20 28.11 -74.14
CA HIS H 204 -9.10 29.05 -74.32
C HIS H 204 -8.60 28.91 -75.75
N GLU H 205 -8.89 29.89 -76.59
CA GLU H 205 -8.55 29.83 -78.02
C GLU H 205 -7.56 30.93 -78.37
N VAL H 206 -6.48 30.55 -79.03
CA VAL H 206 -5.47 31.46 -79.55
C VAL H 206 -5.48 31.35 -81.06
N ARG H 207 -5.69 32.49 -81.73
CA ARG H 207 -5.68 32.57 -83.19
C ARG H 207 -4.56 33.54 -83.60
N GLY H 208 -3.44 33.00 -84.06
CA GLY H 208 -2.34 33.83 -84.50
C GLY H 208 -1.44 34.31 -83.39
N ARG H 209 -0.94 35.53 -83.51
CA ARG H 209 -0.01 36.11 -82.54
C ARG H 209 -0.70 36.72 -81.34
N ASP H 210 -2.04 36.75 -81.33
CA ASP H 210 -2.79 37.22 -80.17
C ASP H 210 -2.80 36.10 -79.15
N LEU H 211 -1.96 36.23 -78.12
CA LEU H 211 -1.74 35.14 -77.15
C LEU H 211 -2.92 34.92 -76.21
N LEU H 212 -3.88 35.84 -76.16
CA LEU H 212 -5.10 35.70 -75.36
C LEU H 212 -6.30 36.13 -76.18
N HIS H 213 -6.40 35.57 -77.40
CA HIS H 213 -7.37 36.05 -78.38
C HIS H 213 -8.81 35.78 -77.97
N ALA H 214 -9.08 34.64 -77.35
CA ALA H 214 -10.43 34.34 -76.88
C ALA H 214 -10.35 33.45 -75.65
N THR H 215 -11.22 33.73 -74.69
CA THR H 215 -11.32 32.92 -73.47
C THR H 215 -12.75 32.98 -72.96
N ARG H 216 -13.35 31.82 -72.72
CA ARG H 216 -14.70 31.72 -72.19
C ARG H 216 -14.66 30.83 -70.96
N LEU H 217 -15.43 31.17 -69.94
CA LEU H 217 -15.46 30.37 -68.72
C LEU H 217 -16.91 30.19 -68.28
N GLY H 218 -17.16 29.08 -67.58
CA GLY H 218 -18.51 28.76 -67.16
C GLY H 218 -18.53 27.96 -65.88
N CYS H 219 -19.57 28.22 -65.08
CA CYS H 219 -19.72 27.63 -63.75
C CYS H 219 -21.18 27.25 -63.55
N ARG H 220 -21.42 26.00 -63.16
CA ARG H 220 -22.76 25.47 -62.98
C ARG H 220 -22.85 24.87 -61.59
N LEU H 221 -23.77 25.39 -60.79
CA LEU H 221 -23.83 25.11 -59.36
C LEU H 221 -25.18 24.54 -58.96
N ASP H 222 -25.16 23.47 -58.17
CA ASP H 222 -26.35 23.02 -57.49
C ASP H 222 -26.69 24.02 -56.39
N LEU H 223 -27.94 24.48 -56.37
CA LEU H 223 -28.31 25.49 -55.39
C LEU H 223 -28.49 24.91 -54.00
N GLY H 224 -29.00 23.68 -53.89
CA GLY H 224 -29.28 23.10 -52.59
C GLY H 224 -28.03 22.87 -51.77
N ARG H 225 -26.95 22.41 -52.41
CA ARG H 225 -25.68 22.21 -51.72
C ARG H 225 -25.12 23.52 -51.20
N LEU H 226 -25.22 24.59 -52.01
CA LEU H 226 -24.69 25.88 -51.61
C LEU H 226 -25.49 26.51 -50.47
N VAL H 227 -26.83 26.42 -50.53
CA VAL H 227 -27.67 26.95 -49.47
C VAL H 227 -27.45 26.18 -48.17
N ASN H 228 -27.35 24.85 -48.23
CA ASN H 228 -27.13 24.07 -47.01
C ASN H 228 -25.73 24.32 -46.43
N TYR H 229 -24.72 24.52 -47.29
CA TYR H 229 -23.39 24.84 -46.82
C TYR H 229 -23.35 26.20 -46.13
N VAL H 230 -24.03 27.20 -46.70
CA VAL H 230 -24.05 28.54 -46.10
C VAL H 230 -24.79 28.53 -44.77
N VAL H 231 -25.92 27.81 -44.71
CA VAL H 231 -26.71 27.73 -43.48
C VAL H 231 -25.93 26.99 -42.39
N ASP H 232 -25.19 25.94 -42.76
CA ASP H 232 -24.35 25.23 -41.80
C ASP H 232 -23.23 26.12 -41.27
N PHE H 233 -22.57 26.89 -42.14
CA PHE H 233 -21.49 27.78 -41.69
C PHE H 233 -22.02 28.86 -40.76
N VAL H 234 -23.17 29.44 -41.09
CA VAL H 234 -23.77 30.48 -40.26
C VAL H 234 -24.17 29.91 -38.89
N ASP H 235 -24.73 28.70 -38.88
CA ASP H 235 -25.18 28.10 -37.62
C ASP H 235 -24.02 27.66 -36.74
N TYR H 236 -22.88 27.29 -37.33
CA TYR H 236 -21.82 26.72 -36.49
C TYR H 236 -20.68 27.68 -36.19
N ARG H 237 -20.45 28.72 -37.00
CA ARG H 237 -19.31 29.60 -36.78
C ARG H 237 -19.65 31.07 -36.58
N ILE H 238 -20.90 31.48 -36.76
CA ILE H 238 -21.22 32.91 -36.75
C ILE H 238 -22.23 33.21 -35.64
N GLU H 239 -23.09 32.22 -35.32
CA GLU H 239 -24.22 32.47 -34.42
C GLU H 239 -23.77 32.72 -32.99
N GLU H 240 -22.68 32.09 -32.57
CA GLU H 240 -22.17 32.33 -31.22
C GLU H 240 -21.47 33.68 -31.07
N ASN H 241 -21.20 34.38 -32.17
CA ASN H 241 -20.49 35.65 -32.13
C ASN H 241 -21.41 36.86 -32.26
N ILE H 242 -22.71 36.63 -32.44
CA ILE H 242 -23.66 37.74 -32.51
C ILE H 242 -23.81 38.36 -31.12
N PRO H 243 -23.74 39.68 -30.97
CA PRO H 243 -24.00 40.31 -29.67
C PRO H 243 -25.43 40.09 -29.19
N SER H 244 -25.60 40.20 -27.87
CA SER H 244 -26.82 39.75 -27.20
C SER H 244 -28.01 40.64 -27.55
N PHE H 245 -27.80 41.96 -27.56
CA PHE H 245 -28.88 42.93 -27.75
C PHE H 245 -29.56 42.80 -29.12
N VAL H 246 -28.86 42.21 -30.09
CA VAL H 246 -29.41 41.92 -31.41
C VAL H 246 -30.67 41.06 -31.29
N TRP H 247 -30.68 40.11 -30.37
CA TRP H 247 -31.86 39.27 -30.24
C TRP H 247 -33.01 39.95 -29.53
N ASN H 248 -32.81 41.12 -28.92
CA ASN H 248 -33.92 41.72 -28.18
C ASN H 248 -34.86 42.52 -29.05
N VAL H 249 -34.57 42.73 -30.33
CA VAL H 249 -35.51 43.39 -31.22
C VAL H 249 -36.61 42.39 -31.53
N PRO H 250 -37.83 42.82 -31.82
CA PRO H 250 -38.91 41.86 -32.04
C PRO H 250 -38.73 41.04 -33.31
N LEU H 251 -39.24 39.80 -33.26
CA LEU H 251 -39.41 38.84 -34.34
C LEU H 251 -38.10 38.30 -34.91
N LEU H 252 -36.94 38.76 -34.46
CA LEU H 252 -35.67 38.35 -35.05
C LEU H 252 -35.21 36.93 -34.69
N PRO H 253 -35.35 36.42 -33.44
CA PRO H 253 -35.05 34.99 -33.23
C PRO H 253 -35.98 34.05 -33.99
N GLN H 254 -37.25 34.41 -34.15
CA GLN H 254 -38.16 33.57 -34.94
C GLN H 254 -37.78 33.57 -36.41
N LEU H 255 -37.37 34.74 -36.93
CA LEU H 255 -36.89 34.82 -38.31
C LEU H 255 -35.61 34.00 -38.48
N TYR H 256 -34.73 34.01 -37.49
CA TYR H 256 -33.54 33.18 -37.55
C TYR H 256 -33.90 31.69 -37.44
N SER H 257 -35.01 31.36 -36.79
CA SER H 257 -35.46 29.98 -36.76
C SER H 257 -35.99 29.52 -38.11
N LEU H 258 -36.72 30.39 -38.81
CA LEU H 258 -37.18 30.04 -40.17
C LEU H 258 -36.01 29.92 -41.15
N LEU H 259 -35.09 30.89 -41.16
CA LEU H 259 -33.98 30.82 -42.10
C LEU H 259 -32.99 29.71 -41.74
N VAL H 260 -32.60 29.62 -40.48
CA VAL H 260 -31.68 28.55 -40.06
C VAL H 260 -32.42 27.57 -39.14
N PRO H 261 -32.81 26.40 -39.63
CA PRO H 261 -33.54 25.46 -38.78
C PRO H 261 -32.61 24.56 -38.00
N ALA H 262 -33.17 23.64 -37.23
CA ALA H 262 -32.37 22.73 -36.42
C ALA H 262 -31.70 21.68 -37.30
N ASP H 263 -30.61 21.12 -36.78
CA ASP H 263 -29.88 20.08 -37.46
C ASP H 263 -30.57 18.74 -37.23
N ASN H 264 -30.37 17.79 -38.14
CA ASN H 264 -31.03 16.50 -38.07
C ASN H 264 -30.03 15.38 -38.40
N ASP H 265 -30.56 14.17 -38.59
CA ASP H 265 -29.70 12.99 -38.72
C ASP H 265 -29.01 12.94 -40.08
N GLU H 266 -29.71 13.29 -41.15
CA GLU H 266 -29.14 13.26 -42.48
C GLU H 266 -28.35 14.52 -42.82
N GLN H 267 -28.29 15.49 -41.89
CA GLN H 267 -27.41 16.66 -41.94
C GLN H 267 -27.67 17.55 -43.15
N VAL H 268 -28.94 17.68 -43.54
CA VAL H 268 -29.37 18.74 -44.45
C VAL H 268 -30.45 19.54 -43.75
N ARG H 269 -30.31 20.87 -43.80
CA ARG H 269 -31.28 21.75 -43.15
C ARG H 269 -32.44 22.06 -44.08
N HIS H 270 -32.15 22.41 -45.33
CA HIS H 270 -33.15 22.77 -46.32
C HIS H 270 -33.14 21.71 -47.42
N ARG H 271 -34.30 21.10 -47.68
CA ARG H 271 -34.41 20.03 -48.67
C ARG H 271 -34.73 20.65 -50.02
N ILE H 272 -33.68 21.13 -50.69
CA ILE H 272 -33.79 21.75 -52.00
C ILE H 272 -33.04 20.87 -52.99
N THR H 273 -33.74 20.44 -54.04
CA THR H 273 -33.12 19.63 -55.07
C THR H 273 -33.75 19.95 -56.42
N GLY H 274 -32.99 19.70 -57.48
CA GLY H 274 -33.44 19.96 -58.83
C GLY H 274 -33.21 21.37 -59.33
N TRP H 275 -32.82 22.30 -58.47
CA TRP H 275 -32.57 23.67 -58.88
C TRP H 275 -31.08 23.86 -59.15
N GLU H 276 -30.77 24.66 -60.17
CA GLU H 276 -29.38 24.77 -60.56
C GLU H 276 -29.15 26.12 -61.23
N LEU H 277 -27.94 26.66 -61.06
CA LEU H 277 -27.62 28.02 -61.47
C LEU H 277 -26.43 28.00 -62.42
N ASP H 278 -26.56 28.65 -63.57
CA ASP H 278 -25.54 28.67 -64.60
C ASP H 278 -25.04 30.11 -64.76
N VAL H 279 -23.74 30.31 -64.62
CA VAL H 279 -23.10 31.60 -64.86
C VAL H 279 -22.02 31.37 -65.92
N SER H 280 -22.22 31.94 -67.10
CA SER H 280 -21.28 31.77 -68.19
C SER H 280 -20.88 33.14 -68.72
N HIS H 281 -19.59 33.31 -69.01
CA HIS H 281 -19.10 34.60 -69.46
C HIS H 281 -17.87 34.45 -70.35
N ASP H 282 -17.84 35.21 -71.43
CA ASP H 282 -16.73 35.21 -72.37
C ASP H 282 -16.02 36.57 -72.38
N PHE H 283 -14.72 36.54 -72.64
CA PHE H 283 -13.89 37.74 -72.52
C PHE H 283 -13.63 38.41 -73.86
N ALA H 284 -13.67 37.67 -74.97
CA ALA H 284 -13.46 38.28 -76.27
C ALA H 284 -14.66 39.14 -76.68
N ARG H 285 -15.86 38.77 -76.25
CA ARG H 285 -17.03 39.62 -76.46
C ARG H 285 -16.93 40.82 -75.53
N SER H 286 -17.30 41.99 -76.05
CA SER H 286 -17.05 43.25 -75.36
C SER H 286 -17.99 43.44 -74.18
N GLY H 287 -17.53 44.26 -73.22
CA GLY H 287 -18.37 44.76 -72.16
C GLY H 287 -18.25 44.02 -70.84
N LEU H 288 -17.85 42.74 -70.86
CA LEU H 288 -17.77 41.85 -69.69
C LEU H 288 -19.12 41.78 -68.96
N LEU H 289 -20.11 41.23 -69.65
CA LEU H 289 -21.44 41.09 -69.11
C LEU H 289 -21.81 39.61 -69.01
N PRO H 290 -22.34 39.16 -67.89
CA PRO H 290 -22.53 37.73 -67.68
C PRO H 290 -23.83 37.22 -68.31
N VAL H 291 -23.88 35.90 -68.47
CA VAL H 291 -25.08 35.19 -68.87
C VAL H 291 -25.51 34.35 -67.69
N VAL H 292 -26.69 34.65 -67.14
CA VAL H 292 -27.14 34.05 -65.89
C VAL H 292 -28.44 33.32 -66.14
N ALA H 293 -28.46 32.03 -65.82
CA ALA H 293 -29.63 31.20 -66.04
C ALA H 293 -29.97 30.44 -64.77
N ILE H 294 -31.26 30.28 -64.49
CA ILE H 294 -31.75 29.41 -63.44
C ILE H 294 -32.53 28.28 -64.09
N SER H 295 -32.33 27.06 -63.60
CA SER H 295 -32.89 25.88 -64.23
C SER H 295 -33.52 25.00 -63.17
N LYS H 296 -34.67 24.42 -63.49
CA LYS H 296 -35.28 23.38 -62.66
C LYS H 296 -35.37 22.11 -63.49
N THR H 297 -34.73 21.05 -63.01
CA THR H 297 -34.78 19.74 -63.66
C THR H 297 -35.89 18.94 -62.98
N SER H 298 -37.13 19.27 -63.33
CA SER H 298 -38.29 18.65 -62.70
C SER H 298 -38.54 17.28 -63.33
N LYS H 299 -38.68 16.27 -62.46
CA LYS H 299 -38.88 14.91 -62.94
C LYS H 299 -40.29 14.69 -63.47
N LYS H 300 -41.29 15.31 -62.84
CA LYS H 300 -42.69 15.03 -63.17
C LYS H 300 -43.13 15.66 -64.47
N LEU H 301 -42.43 16.68 -64.97
CA LEU H 301 -42.86 17.41 -66.16
C LEU H 301 -42.20 16.79 -67.38
N LEU H 302 -42.98 15.95 -68.07
CA LEU H 302 -42.59 15.27 -69.33
C LEU H 302 -41.34 14.41 -69.17
N GLY H 303 -41.19 13.77 -68.01
CA GLY H 303 -40.09 12.86 -67.78
C GLY H 303 -38.74 13.52 -67.64
N GLY H 304 -38.53 14.25 -66.55
CA GLY H 304 -37.25 14.91 -66.33
C GLY H 304 -37.05 16.16 -67.15
N GLY H 305 -38.12 16.91 -67.41
CA GLY H 305 -37.99 18.12 -68.20
C GLY H 305 -37.36 19.24 -67.40
N THR H 306 -36.55 20.03 -68.09
CA THR H 306 -35.84 21.15 -67.49
C THR H 306 -36.48 22.44 -67.97
N LEU H 307 -36.94 23.27 -67.03
CA LEU H 307 -37.46 24.59 -67.32
C LEU H 307 -36.40 25.62 -66.95
N THR H 308 -36.00 26.44 -67.91
CA THR H 308 -34.86 27.34 -67.78
C THR H 308 -35.31 28.77 -68.03
N ALA H 309 -34.88 29.69 -67.16
CA ALA H 309 -35.10 31.11 -67.36
C ALA H 309 -33.76 31.82 -67.31
N SER H 310 -33.45 32.57 -68.36
CA SER H 310 -32.10 33.07 -68.56
C SER H 310 -32.11 34.54 -68.94
N TYR H 311 -30.98 35.21 -68.67
CA TYR H 311 -30.79 36.60 -69.06
C TYR H 311 -29.35 36.82 -69.52
N ASP H 312 -29.20 37.56 -70.61
CA ASP H 312 -27.92 38.12 -71.04
C ASP H 312 -28.02 39.63 -71.11
N ALA H 313 -27.03 40.31 -70.52
CA ALA H 313 -27.03 41.76 -70.46
C ALA H 313 -26.42 42.40 -71.70
N ALA H 314 -25.58 41.67 -72.44
CA ALA H 314 -24.98 42.23 -73.65
C ALA H 314 -26.01 42.39 -74.75
N ALA H 315 -26.79 41.34 -75.01
CA ALA H 315 -27.89 41.43 -75.97
C ALA H 315 -29.19 41.88 -75.35
N ARG H 316 -29.21 42.06 -74.02
CA ARG H 316 -30.38 42.48 -73.25
C ARG H 316 -31.56 41.52 -73.45
N GLU H 317 -31.27 40.23 -73.49
CA GLU H 317 -32.25 39.23 -73.89
C GLU H 317 -32.62 38.34 -72.70
N ALA H 318 -33.88 37.93 -72.69
CA ALA H 318 -34.41 36.99 -71.72
C ALA H 318 -34.82 35.72 -72.44
N GLY H 319 -34.82 34.61 -71.72
CA GLY H 319 -35.14 33.34 -72.34
C GLY H 319 -35.94 32.41 -71.45
N VAL H 320 -36.93 31.74 -72.04
CA VAL H 320 -37.70 30.69 -71.39
C VAL H 320 -37.56 29.44 -72.23
N SER H 321 -37.00 28.38 -71.66
CA SER H 321 -36.71 27.18 -72.43
C SER H 321 -37.24 25.93 -71.73
N LEU H 322 -37.80 25.03 -72.51
CA LEU H 322 -38.19 23.69 -72.06
C LEU H 322 -37.30 22.67 -72.75
N SER H 323 -36.64 21.82 -71.97
CA SER H 323 -35.67 20.90 -72.53
C SER H 323 -35.90 19.49 -72.01
N ARG H 324 -35.63 18.51 -72.87
CA ARG H 324 -35.73 17.09 -72.51
C ARG H 324 -34.89 16.30 -73.50
N LYS H 325 -33.78 15.73 -73.01
CA LYS H 325 -32.97 14.71 -73.70
C LYS H 325 -32.45 15.18 -75.07
N GLY H 326 -31.93 16.41 -75.10
CA GLY H 326 -31.44 17.00 -76.32
C GLY H 326 -32.49 17.72 -77.14
N VAL H 327 -33.75 17.67 -76.74
CA VAL H 327 -34.81 18.45 -77.35
C VAL H 327 -34.92 19.75 -76.57
N SER H 328 -34.96 20.88 -77.27
CA SER H 328 -34.93 22.17 -76.59
C SER H 328 -35.81 23.15 -77.34
N VAL H 329 -36.91 23.57 -76.71
CA VAL H 329 -37.79 24.61 -77.23
C VAL H 329 -37.52 25.86 -76.41
N GLY H 330 -36.79 26.81 -76.99
CA GLY H 330 -36.43 28.03 -76.29
C GLY H 330 -36.96 29.28 -76.93
N ALA H 331 -37.86 29.97 -76.24
CA ALA H 331 -38.40 31.25 -76.69
C ALA H 331 -37.64 32.36 -75.99
N ARG H 332 -36.88 33.15 -76.77
CA ARG H 332 -36.14 34.27 -76.21
C ARG H 332 -36.72 35.57 -76.73
N VAL H 333 -36.68 36.59 -75.89
CA VAL H 333 -37.22 37.91 -76.17
C VAL H 333 -36.09 38.92 -75.99
N ALA H 334 -36.05 39.92 -76.86
CA ALA H 334 -34.96 40.89 -76.88
C ALA H 334 -35.48 42.26 -76.50
N ARG H 335 -34.90 42.83 -75.45
CA ARG H 335 -35.15 44.23 -75.13
C ARG H 335 -34.36 45.10 -76.11
N ALA H 336 -35.08 45.81 -76.97
CA ALA H 336 -34.41 46.66 -77.95
C ALA H 336 -33.86 47.92 -77.29
N GLU H 337 -32.98 48.61 -78.00
CA GLU H 337 -32.46 49.88 -77.54
C GLU H 337 -33.53 50.95 -77.68
N GLY H 338 -33.86 51.61 -76.58
CA GLY H 338 -34.99 52.51 -76.56
C GLY H 338 -34.71 53.83 -77.28
N ALA H 339 -35.77 54.63 -77.39
CA ALA H 339 -35.67 55.92 -78.05
C ALA H 339 -34.92 56.92 -77.16
N ALA H 340 -34.60 58.07 -77.75
CA ALA H 340 -33.76 59.07 -77.10
C ALA H 340 -34.54 59.79 -76.02
N GLY H 341 -34.67 59.17 -74.85
CA GLY H 341 -35.17 59.85 -73.67
C GLY H 341 -36.60 59.55 -73.27
N GLY H 342 -36.77 58.67 -72.29
CA GLY H 342 -38.03 58.55 -71.56
C GLY H 342 -38.96 57.42 -71.95
N LEU H 343 -38.87 56.32 -71.20
CA LEU H 343 -39.89 55.26 -71.13
C LEU H 343 -40.18 54.62 -72.49
N SER H 344 -39.11 54.23 -73.18
CA SER H 344 -39.25 53.71 -74.54
C SER H 344 -38.47 52.40 -74.71
N ALA H 345 -38.08 51.75 -73.62
CA ALA H 345 -37.34 50.50 -73.67
C ALA H 345 -38.30 49.35 -73.35
N GLY H 346 -39.01 48.90 -74.39
CA GLY H 346 -39.99 47.85 -74.26
C GLY H 346 -39.51 46.53 -74.85
N TRP H 347 -40.32 45.50 -74.61
CA TRP H 347 -40.02 44.14 -75.03
C TRP H 347 -40.73 43.83 -76.35
N GLY H 348 -39.94 43.59 -77.39
CA GLY H 348 -40.46 43.07 -78.65
C GLY H 348 -39.63 41.87 -79.07
N ARG H 349 -39.87 41.37 -80.29
CA ARG H 349 -39.16 40.25 -80.92
C ARG H 349 -39.19 38.95 -80.12
N PRO H 350 -40.31 38.22 -80.06
CA PRO H 350 -40.22 36.82 -79.64
C PRO H 350 -39.56 35.98 -80.72
N SER H 351 -38.74 35.01 -80.29
CA SER H 351 -38.03 34.15 -81.24
C SER H 351 -37.93 32.75 -80.65
N ILE H 352 -38.39 31.76 -81.40
CA ILE H 352 -38.48 30.37 -80.93
C ILE H 352 -37.40 29.56 -81.63
N HIS H 353 -36.56 28.88 -80.85
CA HIS H 353 -35.52 28.01 -81.39
C HIS H 353 -35.74 26.59 -80.88
N VAL H 354 -35.40 25.63 -81.74
CA VAL H 354 -35.55 24.21 -81.44
C VAL H 354 -34.20 23.53 -81.67
N ALA H 355 -33.64 22.97 -80.60
CA ALA H 355 -32.43 22.18 -80.69
C ALA H 355 -32.78 20.70 -80.59
N VAL H 356 -32.17 19.87 -81.43
CA VAL H 356 -32.54 18.46 -81.50
C VAL H 356 -31.31 17.63 -81.87
N GLU H 357 -31.29 16.39 -81.38
CA GLU H 357 -30.39 15.34 -81.86
C GLU H 357 -31.26 14.18 -82.27
N PRO H 358 -31.41 13.90 -83.58
CA PRO H 358 -32.38 12.89 -84.01
C PRO H 358 -31.96 11.47 -83.68
N LEU H 359 -30.67 11.22 -83.46
CA LEU H 359 -30.23 9.93 -82.96
C LEU H 359 -30.34 9.82 -81.45
N GLY H 360 -30.49 10.95 -80.75
CA GLY H 360 -30.91 10.93 -79.36
C GLY H 360 -32.41 10.86 -79.17
N LEU H 361 -33.18 10.93 -80.25
CA LEU H 361 -34.62 10.81 -80.19
C LEU H 361 -35.10 9.36 -80.07
N LEU H 362 -34.23 8.39 -80.33
CA LEU H 362 -34.60 6.99 -80.23
C LEU H 362 -34.64 6.49 -78.79
N GLN H 363 -34.07 7.23 -77.85
CA GLN H 363 -34.05 6.81 -76.45
C GLN H 363 -35.41 7.00 -75.78
N ALA I 26 48.30 65.86 7.18
CA ALA I 26 49.22 66.96 6.94
C ALA I 26 49.71 66.95 5.49
N VAL I 27 50.19 65.78 5.05
CA VAL I 27 50.63 65.62 3.66
C VAL I 27 49.43 65.65 2.72
N LYS I 28 48.31 65.05 3.14
CA LYS I 28 47.12 64.96 2.30
C LYS I 28 46.47 66.33 2.10
N VAL I 29 46.32 67.10 3.18
CA VAL I 29 45.73 68.43 3.06
C VAL I 29 46.65 69.44 2.41
N ALA I 30 47.94 69.11 2.25
CA ALA I 30 48.82 69.95 1.46
C ALA I 30 48.75 69.59 -0.01
N LEU I 31 48.77 68.29 -0.32
CA LEU I 31 48.78 67.85 -1.71
C LEU I 31 47.44 68.09 -2.40
N GLY I 32 46.33 67.96 -1.66
CA GLY I 32 45.03 68.24 -2.26
C GLY I 32 44.84 69.70 -2.61
N VAL I 33 45.33 70.60 -1.76
CA VAL I 33 45.26 72.03 -2.04
C VAL I 33 46.23 72.40 -3.14
N ALA I 34 47.40 71.75 -3.18
CA ALA I 34 48.37 72.01 -4.24
C ALA I 34 47.87 71.56 -5.61
N PHE I 35 47.14 70.44 -5.67
CA PHE I 35 46.53 70.04 -6.94
C PHE I 35 45.35 70.92 -7.30
N ALA I 36 44.61 71.42 -6.30
CA ALA I 36 43.48 72.31 -6.55
C ALA I 36 43.94 73.65 -7.11
N PHE I 37 45.12 74.12 -6.69
CA PHE I 37 45.68 75.34 -7.26
C PHE I 37 45.96 75.21 -8.76
N TRP I 38 46.49 74.06 -9.18
CA TRP I 38 46.76 73.86 -10.60
C TRP I 38 45.48 73.62 -11.39
N TRP I 39 44.58 72.81 -10.85
CA TRP I 39 43.38 72.43 -11.60
C TRP I 39 42.37 73.57 -11.68
N THR I 40 42.34 74.46 -10.68
CA THR I 40 41.39 75.56 -10.67
C THR I 40 41.87 76.75 -11.51
N SER I 41 43.15 76.78 -11.90
CA SER I 41 43.73 77.91 -12.61
C SER I 41 43.61 77.77 -14.12
N GLY I 42 42.56 77.12 -14.62
CA GLY I 42 42.36 76.93 -16.04
C GLY I 42 42.10 78.21 -16.79
N PRO I 43 42.28 78.19 -18.11
CA PRO I 43 42.21 79.43 -18.88
C PRO I 43 40.78 79.91 -19.08
N GLY I 44 40.64 81.22 -19.24
CA GLY I 44 39.35 81.86 -19.46
C GLY I 44 38.59 82.12 -18.18
N ALA I 45 37.96 81.06 -17.64
CA ALA I 45 37.35 81.00 -16.31
C ALA I 45 36.17 81.95 -16.07
N ASP I 46 35.79 82.74 -17.06
CA ASP I 46 34.66 83.66 -16.92
C ASP I 46 33.61 83.52 -18.01
N GLU I 47 33.94 82.94 -19.16
CA GLU I 47 32.95 82.69 -20.20
C GLU I 47 31.97 81.60 -19.77
N GLU I 48 32.41 80.66 -18.93
CA GLU I 48 31.50 79.63 -18.43
C GLU I 48 30.58 80.17 -17.35
N MET I 49 31.02 81.20 -16.62
CA MET I 49 30.10 81.95 -15.75
C MET I 49 28.98 82.59 -16.57
N ASP I 50 29.33 83.20 -17.70
CA ASP I 50 28.33 83.81 -18.57
C ASP I 50 27.44 82.75 -19.22
N ALA I 51 28.01 81.59 -19.53
CA ALA I 51 27.22 80.52 -20.13
C ALA I 51 26.23 79.92 -19.14
N LYS I 52 26.64 79.75 -17.89
CA LYS I 52 25.75 79.21 -16.87
C LYS I 52 24.68 80.23 -16.48
N ALA I 53 25.07 81.49 -16.28
CA ALA I 53 24.11 82.51 -15.84
C ALA I 53 23.27 83.05 -16.99
N GLN I 54 23.64 82.77 -18.24
CA GLN I 54 22.84 83.23 -19.37
C GLN I 54 21.53 82.46 -19.48
N GLN I 55 21.49 81.24 -18.95
CA GLN I 55 20.25 80.49 -18.86
C GLN I 55 19.55 80.75 -17.53
N GLU I 56 19.11 82.00 -17.37
CA GLU I 56 18.25 82.42 -16.26
C GLU I 56 16.95 81.64 -16.13
N PRO I 57 16.32 81.09 -17.21
CA PRO I 57 15.35 80.01 -16.99
C PRO I 57 15.96 78.83 -16.26
N ASP I 58 15.31 78.42 -15.18
CA ASP I 58 15.86 77.40 -14.29
C ASP I 58 15.78 76.01 -14.90
N ARG I 59 16.39 75.04 -14.23
CA ARG I 59 16.22 73.65 -14.59
C ARG I 59 14.77 73.24 -14.38
N ARG I 60 14.27 72.38 -15.27
CA ARG I 60 12.86 72.03 -15.29
C ARG I 60 12.49 71.21 -14.07
N SER I 61 11.42 71.61 -13.38
CA SER I 61 11.07 71.07 -12.07
C SER I 61 9.98 70.01 -12.20
N GLN I 62 9.85 69.21 -11.16
CA GLN I 62 9.02 68.01 -11.18
C GLN I 62 7.54 68.35 -11.27
N TYR I 63 6.83 67.66 -12.16
CA TYR I 63 5.43 67.92 -12.41
C TYR I 63 4.55 67.25 -11.36
N THR I 64 3.55 67.99 -10.88
CA THR I 64 2.49 67.45 -10.04
C THR I 64 1.15 67.98 -10.54
N ARG I 65 0.11 67.16 -10.40
CA ARG I 65 -1.24 67.64 -10.64
C ARG I 65 -1.62 68.62 -9.54
N HIS I 66 -2.14 69.77 -9.93
CA HIS I 66 -2.51 70.80 -8.98
C HIS I 66 -3.74 71.53 -9.47
N TYR I 67 -4.38 72.24 -8.55
CA TYR I 67 -5.52 73.07 -8.89
C TYR I 67 -5.05 74.30 -9.65
N ALA I 68 -5.95 74.85 -10.47
CA ALA I 68 -5.59 75.98 -11.32
C ALA I 68 -5.44 77.27 -10.53
N PHE I 69 -6.33 77.51 -9.57
CA PHE I 69 -6.35 78.79 -8.88
C PHE I 69 -5.24 78.90 -7.85
N LYS I 70 -4.97 77.83 -7.09
CA LYS I 70 -4.09 77.92 -5.93
C LYS I 70 -2.96 76.91 -5.92
N GLY I 71 -2.97 75.89 -6.78
CA GLY I 71 -1.81 75.04 -6.92
C GLY I 71 -1.57 74.04 -5.81
N ARG I 72 -2.60 73.68 -5.07
CA ARG I 72 -2.50 72.60 -4.09
C ARG I 72 -2.58 71.28 -4.84
N GLY I 73 -1.78 70.30 -4.41
CA GLY I 73 -1.71 69.03 -5.12
C GLY I 73 -2.99 68.24 -5.03
N ARG I 74 -3.30 67.51 -6.10
CA ARG I 74 -4.46 66.65 -6.21
C ARG I 74 -4.01 65.28 -6.69
N LYS I 75 -4.78 64.25 -6.35
CA LYS I 75 -4.25 62.89 -6.30
C LYS I 75 -4.16 62.27 -7.69
N GLU I 76 -3.19 61.38 -7.85
CA GLU I 76 -2.79 60.81 -9.13
C GLU I 76 -3.09 59.32 -9.17
N PHE I 77 -3.24 58.80 -10.40
CA PHE I 77 -3.62 57.41 -10.63
C PHE I 77 -2.59 56.69 -11.48
N LEU I 78 -1.29 56.94 -11.25
CA LEU I 78 -0.25 56.29 -12.02
C LEU I 78 -0.18 54.81 -11.69
N ARG I 79 -0.06 53.99 -12.75
CA ARG I 79 -0.27 52.54 -12.63
C ARG I 79 0.80 51.87 -11.78
N SER I 80 2.06 52.30 -11.92
CA SER I 80 3.17 51.71 -11.18
C SER I 80 3.10 51.98 -9.69
N ASP I 81 2.33 52.97 -9.27
CA ASP I 81 2.03 53.21 -7.87
C ASP I 81 0.67 52.66 -7.46
N MET I 82 -0.29 52.66 -8.36
CA MET I 82 -1.65 52.26 -8.04
C MET I 82 -1.77 50.74 -7.93
N LYS I 83 -0.87 50.00 -8.57
CA LYS I 83 -0.92 48.54 -8.56
C LYS I 83 -0.47 47.93 -7.22
N ASN I 84 0.08 48.71 -6.30
CA ASN I 84 0.50 48.22 -4.99
C ASN I 84 -0.56 48.42 -3.90
N ASP I 85 -1.67 49.07 -4.22
CA ASP I 85 -2.62 49.51 -3.20
C ASP I 85 -3.67 48.44 -2.93
N ALA I 86 -4.00 48.25 -1.65
CA ALA I 86 -5.03 47.32 -1.23
C ALA I 86 -5.85 47.96 -0.12
N ASN I 87 -7.17 47.83 -0.21
CA ASN I 87 -8.08 48.34 0.80
C ASN I 87 -9.00 47.21 1.26
N GLU I 88 -9.76 47.47 2.32
CA GLU I 88 -10.74 46.50 2.81
C GLU I 88 -11.94 47.24 3.37
N LEU I 89 -12.96 46.48 3.75
CA LEU I 89 -14.18 47.02 4.34
C LEU I 89 -14.38 46.43 5.73
N VAL I 90 -14.72 47.28 6.69
CA VAL I 90 -15.00 46.88 8.06
C VAL I 90 -16.34 47.43 8.50
N PRO I 91 -17.04 46.78 9.43
CA PRO I 91 -18.26 47.38 9.99
C PRO I 91 -17.95 48.60 10.83
N THR I 92 -18.94 49.48 10.92
CA THR I 92 -18.84 50.68 11.74
C THR I 92 -19.38 50.41 13.15
N ARG I 93 -19.08 51.34 14.05
CA ARG I 93 -19.54 51.24 15.43
C ARG I 93 -20.81 52.04 15.66
N VAL J 13 10.01 -73.71 57.25
CA VAL J 13 9.09 -74.80 56.96
C VAL J 13 7.68 -74.33 57.33
N TYR J 14 7.62 -73.27 58.15
CA TYR J 14 6.34 -72.67 58.51
C TYR J 14 5.89 -71.75 57.39
N LYS J 15 4.74 -72.06 56.80
CA LYS J 15 4.21 -71.28 55.67
C LYS J 15 3.25 -70.20 56.10
N GLY J 16 2.31 -70.51 56.99
CA GLY J 16 1.31 -69.55 57.41
C GLY J 16 0.22 -70.22 58.24
N PRO J 17 -0.82 -69.46 58.60
CA PRO J 17 -1.84 -69.99 59.51
C PRO J 17 -2.83 -70.95 58.88
N ALA J 18 -2.77 -71.17 57.57
CA ALA J 18 -3.61 -72.04 56.75
C ALA J 18 -5.07 -71.61 56.67
N SER J 19 -5.46 -70.51 57.32
CA SER J 19 -6.76 -69.90 57.10
C SER J 19 -6.69 -68.76 56.10
N ILE J 20 -5.49 -68.28 55.81
CA ILE J 20 -5.24 -67.32 54.73
C ILE J 20 -4.91 -68.13 53.49
N PRO J 21 -5.56 -67.88 52.35
CA PRO J 21 -5.34 -68.71 51.17
C PRO J 21 -3.94 -68.57 50.58
N HIS J 22 -3.39 -69.70 50.13
CA HIS J 22 -2.12 -69.75 49.44
C HIS J 22 -2.35 -70.11 47.98
N ALA J 23 -1.83 -69.31 47.08
CA ALA J 23 -1.84 -69.63 45.66
C ALA J 23 -0.63 -70.50 45.33
N SER J 24 -0.85 -71.54 44.53
CA SER J 24 0.20 -72.48 44.21
C SER J 24 1.14 -71.91 43.15
N ALA J 25 2.29 -72.58 42.96
CA ALA J 25 3.27 -72.15 41.97
C ALA J 25 2.83 -72.49 40.55
N GLU J 26 1.93 -73.45 40.40
CA GLU J 26 1.41 -73.78 39.07
C GLU J 26 0.57 -72.65 38.49
N VAL J 27 -0.11 -71.89 39.35
CA VAL J 27 -0.90 -70.75 38.90
C VAL J 27 0.00 -69.68 38.28
N PHE J 28 1.13 -69.38 38.95
CA PHE J 28 2.07 -68.41 38.38
C PHE J 28 2.76 -68.95 37.14
N GLY J 29 3.08 -70.25 37.12
CA GLY J 29 3.70 -70.82 35.93
C GLY J 29 2.80 -70.76 34.72
N ALA J 30 1.52 -71.07 34.90
CA ALA J 30 0.54 -70.94 33.82
C ALA J 30 0.35 -69.50 33.40
N PHE J 31 0.34 -68.57 34.36
CA PHE J 31 0.20 -67.14 34.06
C PHE J 31 1.37 -66.61 33.24
N PHE J 32 2.59 -66.98 33.64
CA PHE J 32 3.80 -66.53 32.97
C PHE J 32 3.88 -67.06 31.54
N LEU J 33 3.69 -68.38 31.38
CA LEU J 33 3.75 -68.99 30.05
C LEU J 33 2.61 -68.51 29.16
N ALA J 34 1.42 -68.26 29.72
CA ALA J 34 0.29 -67.84 28.92
C ALA J 34 0.45 -66.41 28.45
N THR J 35 0.99 -65.52 29.28
CA THR J 35 1.23 -64.15 28.84
C THR J 35 2.28 -64.09 27.73
N ASN J 36 3.38 -64.85 27.88
CA ASN J 36 4.41 -64.85 26.85
C ASN J 36 3.91 -65.46 25.55
N THR J 37 3.11 -66.53 25.63
CA THR J 37 2.59 -67.18 24.43
C THR J 37 1.54 -66.31 23.75
N ALA J 38 0.74 -65.57 24.53
CA ALA J 38 -0.23 -64.65 23.93
C ALA J 38 0.46 -63.53 23.16
N LEU J 39 1.56 -62.99 23.71
CA LEU J 39 2.31 -61.97 22.99
C LEU J 39 2.92 -62.52 21.70
N LEU J 40 3.51 -63.73 21.75
CA LEU J 40 4.10 -64.34 20.56
C LEU J 40 3.04 -64.66 19.51
N ALA J 41 1.86 -65.09 19.94
CA ALA J 41 0.79 -65.40 19.00
C ALA J 41 0.22 -64.14 18.37
N HIS J 42 0.23 -63.02 19.08
CA HIS J 42 -0.21 -61.77 18.47
C HIS J 42 0.81 -61.23 17.47
N MET J 43 2.12 -61.45 17.70
CA MET J 43 3.11 -60.93 16.77
C MET J 43 3.17 -61.67 15.43
N PHE J 44 2.74 -62.92 15.36
CA PHE J 44 2.95 -63.75 14.16
C PHE J 44 1.64 -64.38 13.68
N PRO J 45 0.80 -63.61 12.98
CA PRO J 45 -0.43 -64.19 12.44
C PRO J 45 -0.15 -65.05 11.21
N GLY J 46 -0.76 -66.23 11.19
CA GLY J 46 -0.55 -67.19 10.14
C GLY J 46 0.36 -68.34 10.49
N LYS J 47 1.01 -68.31 11.65
CA LYS J 47 1.96 -69.34 12.03
C LYS J 47 1.48 -70.16 13.23
N LEU J 48 0.23 -70.00 13.65
CA LEU J 48 -0.34 -70.82 14.72
C LEU J 48 -0.97 -72.08 14.12
N PHE J 49 -0.10 -72.98 13.67
CA PHE J 49 -0.45 -74.13 12.84
C PHE J 49 -1.23 -73.69 11.60
N GLY J 50 -0.77 -72.62 10.97
CA GLY J 50 -1.44 -72.03 9.84
C GLY J 50 -2.53 -71.03 10.17
N SER J 51 -2.75 -70.71 11.44
CA SER J 51 -3.87 -69.87 11.85
C SER J 51 -3.44 -68.66 12.66
N GLU J 52 -4.42 -67.98 13.27
CA GLU J 52 -4.15 -66.84 14.14
C GLU J 52 -5.13 -66.85 15.30
N LEU J 53 -4.93 -65.91 16.22
CA LEU J 53 -5.69 -65.83 17.46
C LEU J 53 -6.59 -64.61 17.44
N HIS J 54 -7.89 -64.81 17.57
CA HIS J 54 -8.88 -63.74 17.66
C HIS J 54 -9.43 -63.66 19.07
N VAL J 55 -9.95 -62.49 19.42
CA VAL J 55 -10.48 -62.23 20.74
C VAL J 55 -12.00 -62.20 20.78
N ARG J 56 -12.66 -62.41 19.65
CA ARG J 56 -14.12 -62.48 19.60
C ARG J 56 -14.52 -63.27 18.36
N LYS J 57 -15.79 -63.66 18.31
CA LYS J 57 -16.35 -64.36 17.17
C LYS J 57 -17.04 -63.42 16.19
N TRP J 58 -17.87 -62.49 16.68
CA TRP J 58 -18.60 -61.58 15.84
C TRP J 58 -18.45 -60.14 16.32
N ASP J 59 -18.37 -59.22 15.36
CA ASP J 59 -18.42 -57.78 15.63
C ASP J 59 -19.77 -57.42 16.22
N PRO J 60 -19.83 -56.61 17.29
CA PRO J 60 -21.13 -56.17 17.83
C PRO J 60 -21.98 -55.36 16.87
N ASP J 61 -21.35 -54.54 16.01
CA ASP J 61 -22.09 -53.77 15.02
C ASP J 61 -22.72 -54.70 13.97
N TYR J 62 -22.00 -55.76 13.59
CA TYR J 62 -22.52 -56.75 12.65
C TYR J 62 -23.72 -57.49 13.23
N LEU J 63 -23.63 -57.90 14.50
CA LEU J 63 -24.74 -58.57 15.18
C LEU J 63 -25.96 -57.67 15.32
N ALA J 64 -25.74 -56.41 15.70
CA ALA J 64 -26.85 -55.49 15.84
C ALA J 64 -27.49 -55.15 14.49
N SER J 65 -26.70 -55.06 13.42
CA SER J 65 -27.27 -54.81 12.10
C SER J 65 -28.09 -56.00 11.61
N CYS J 66 -27.64 -57.23 11.89
CA CYS J 66 -28.46 -58.40 11.56
C CYS J 66 -29.76 -58.42 12.35
N CYS J 67 -29.68 -58.10 13.65
CA CYS J 67 -30.89 -58.14 14.48
C CYS J 67 -31.87 -57.04 14.08
N ASN J 68 -31.38 -55.84 13.77
CA ASN J 68 -32.24 -54.79 13.23
C ASN J 68 -32.85 -55.17 11.89
N GLU J 69 -32.09 -55.85 11.01
CA GLU J 69 -32.64 -56.31 9.74
C GLU J 69 -33.83 -57.24 9.93
N GLN J 70 -33.66 -58.26 10.77
CA GLN J 70 -34.76 -59.21 11.00
C GLN J 70 -35.92 -58.56 11.73
N GLY J 71 -35.64 -57.64 12.65
CA GLY J 71 -36.70 -56.96 13.39
C GLY J 71 -37.57 -56.07 12.53
N MET J 72 -36.96 -55.21 11.70
CA MET J 72 -37.78 -54.39 10.81
C MET J 72 -38.43 -55.18 9.69
N ARG J 73 -37.83 -56.29 9.24
CA ARG J 73 -38.51 -57.13 8.26
C ARG J 73 -39.75 -57.79 8.85
N ARG J 74 -39.65 -58.28 10.10
CA ARG J 74 -40.81 -58.86 10.76
C ARG J 74 -41.86 -57.81 11.10
N GLU J 75 -41.44 -56.58 11.43
CA GLU J 75 -42.39 -55.50 11.64
C GLU J 75 -43.12 -55.12 10.35
N ALA J 76 -42.41 -55.12 9.22
CA ALA J 76 -43.02 -54.75 7.95
C ALA J 76 -44.01 -55.80 7.47
N LEU J 77 -43.68 -57.08 7.64
CA LEU J 77 -44.60 -58.12 7.19
C LEU J 77 -45.84 -58.24 8.07
N SER J 78 -45.86 -57.65 9.26
CA SER J 78 -47.02 -57.65 10.13
C SER J 78 -47.92 -56.42 9.92
N GLY J 79 -47.58 -55.56 8.97
CA GLY J 79 -48.42 -54.41 8.68
C GLY J 79 -48.22 -53.22 9.59
N LYS J 80 -46.99 -52.99 10.05
CA LYS J 80 -46.68 -51.83 10.88
C LYS J 80 -45.50 -51.07 10.30
N LYS J 81 -45.33 -49.84 10.77
CA LYS J 81 -44.17 -49.05 10.38
C LYS J 81 -42.96 -49.50 11.19
N PRO J 82 -41.86 -49.83 10.53
CA PRO J 82 -40.71 -50.41 11.25
C PRO J 82 -39.92 -49.39 12.05
N ASN J 83 -39.28 -49.88 13.11
CA ASN J 83 -38.47 -49.06 14.02
C ASN J 83 -37.04 -49.56 14.04
N LEU J 84 -36.09 -48.64 14.00
CA LEU J 84 -34.68 -48.94 14.12
C LEU J 84 -34.24 -48.73 15.56
N TRP J 85 -33.64 -49.75 16.17
CA TRP J 85 -33.15 -49.67 17.54
C TRP J 85 -31.68 -49.25 17.53
N LEU J 86 -31.33 -48.29 18.38
CA LEU J 86 -30.04 -47.62 18.32
C LEU J 86 -29.13 -48.08 19.44
N LEU J 87 -27.91 -48.48 19.08
CA LEU J 87 -26.89 -48.82 20.06
C LEU J 87 -26.48 -47.58 20.84
N GLY J 88 -26.41 -47.71 22.16
CA GLY J 88 -26.06 -46.59 23.00
C GLY J 88 -27.27 -45.93 23.64
N GLY J 89 -28.33 -45.73 22.87
CA GLY J 89 -29.52 -45.10 23.39
C GLY J 89 -30.22 -44.21 22.39
N GLY J 90 -31.45 -43.80 22.70
CA GLY J 90 -32.22 -42.93 21.85
C GLY J 90 -31.98 -41.46 22.10
N PRO J 91 -32.80 -40.60 21.51
CA PRO J 91 -32.54 -39.16 21.56
C PRO J 91 -32.88 -38.51 22.89
N ARG J 92 -32.16 -37.42 23.20
CA ARG J 92 -32.49 -36.51 24.28
C ARG J 92 -33.38 -35.40 23.75
N LEU J 93 -34.34 -34.95 24.56
CA LEU J 93 -35.27 -33.92 24.14
C LEU J 93 -34.71 -32.56 24.53
N VAL J 94 -33.94 -31.97 23.62
CA VAL J 94 -33.33 -30.67 23.80
C VAL J 94 -33.68 -29.80 22.59
N ASN J 95 -33.13 -28.58 22.57
CA ASN J 95 -33.38 -27.69 21.45
C ASN J 95 -32.19 -26.83 21.09
N ASP J 96 -30.97 -27.18 21.52
CA ASP J 96 -29.83 -26.33 21.26
C ASP J 96 -28.87 -26.87 20.20
N SER J 97 -28.71 -28.19 20.08
CA SER J 97 -27.92 -28.72 18.97
C SER J 97 -28.36 -30.12 18.59
N TRP J 98 -28.07 -30.47 17.33
CA TRP J 98 -28.32 -31.82 16.83
C TRP J 98 -27.40 -32.84 17.49
N GLU J 99 -26.16 -32.44 17.79
CA GLU J 99 -25.19 -33.35 18.40
C GLU J 99 -25.55 -33.67 19.84
N ARG J 100 -26.14 -32.71 20.57
CA ARG J 100 -26.60 -32.99 21.92
C ARG J 100 -27.84 -33.87 21.93
N MET J 101 -28.71 -33.71 20.93
CA MET J 101 -29.92 -34.53 20.85
C MET J 101 -29.58 -36.00 20.62
N TRP J 102 -28.60 -36.28 19.77
CA TRP J 102 -28.26 -37.63 19.36
C TRP J 102 -26.91 -38.08 19.92
N TRP J 103 -26.63 -37.73 21.18
CA TRP J 103 -25.28 -37.88 21.70
C TRP J 103 -24.91 -39.34 21.97
N ASN J 104 -25.86 -40.16 22.41
CA ASN J 104 -25.52 -41.51 22.87
C ASN J 104 -25.15 -42.42 21.71
N ASN J 105 -25.93 -42.39 20.64
CA ASN J 105 -25.62 -43.17 19.45
C ASN J 105 -24.38 -42.64 18.74
N LEU J 106 -24.19 -41.32 18.75
CA LEU J 106 -22.96 -40.73 18.22
C LEU J 106 -21.74 -41.17 19.01
N HIS J 107 -21.90 -41.31 20.33
CA HIS J 107 -20.80 -41.75 21.18
C HIS J 107 -20.46 -43.21 20.94
N TRP J 108 -21.47 -44.05 20.69
CA TRP J 108 -21.18 -45.42 20.30
C TRP J 108 -20.47 -45.48 18.95
N LYS J 109 -20.93 -44.72 17.96
CA LYS J 109 -20.37 -44.81 16.63
C LYS J 109 -19.00 -44.18 16.51
N ARG J 110 -18.67 -43.20 17.36
CA ARG J 110 -17.34 -42.60 17.30
C ARG J 110 -16.25 -43.53 17.80
N TRP J 111 -16.59 -44.58 18.54
CA TRP J 111 -15.60 -45.49 19.11
C TRP J 111 -15.35 -46.72 18.25
N LYS J 112 -15.64 -46.64 16.94
CA LYS J 112 -15.72 -47.82 16.09
C LYS J 112 -14.36 -48.48 15.88
N VAL J 113 -13.37 -47.70 15.44
CA VAL J 113 -12.04 -48.22 15.11
C VAL J 113 -11.29 -48.80 16.32
N PRO J 114 -11.24 -48.18 17.52
CA PRO J 114 -10.63 -48.88 18.65
C PRO J 114 -11.45 -50.05 19.18
N ARG J 115 -12.77 -50.06 18.99
CA ARG J 115 -13.56 -51.23 19.36
C ARG J 115 -13.25 -52.42 18.45
N THR J 116 -12.99 -52.16 17.17
CA THR J 116 -12.62 -53.23 16.26
C THR J 116 -11.21 -53.76 16.56
N GLY J 117 -10.27 -52.86 16.82
CA GLY J 117 -8.91 -53.24 17.15
C GLY J 117 -8.14 -53.77 15.96
N PRO J 118 -6.93 -54.30 16.19
CA PRO J 118 -6.15 -54.34 17.42
C PRO J 118 -5.33 -53.07 17.65
N ALA J 119 -4.77 -52.91 18.85
CA ALA J 119 -3.94 -51.76 19.18
C ALA J 119 -2.45 -52.02 18.96
N PHE J 120 -2.09 -53.17 18.42
CA PHE J 120 -0.72 -53.52 18.09
C PHE J 120 -0.58 -53.65 16.57
N PRO J 121 0.64 -53.58 16.02
CA PRO J 121 0.81 -53.72 14.56
C PRO J 121 0.34 -55.06 14.01
N GLN J 122 -0.32 -55.01 12.86
CA GLN J 122 -0.94 -56.16 12.25
C GLN J 122 0.02 -57.01 11.43
N ASP J 123 1.23 -56.54 11.19
CA ASP J 123 2.20 -57.25 10.37
C ASP J 123 3.56 -57.12 11.03
N MET J 124 4.45 -58.07 10.75
CA MET J 124 5.73 -58.18 11.45
C MET J 124 6.83 -57.46 10.69
N TYR J 125 7.61 -56.66 11.40
CA TYR J 125 8.76 -55.95 10.87
C TYR J 125 9.98 -56.28 11.72
N TRP J 126 11.12 -56.50 11.06
CA TRP J 126 12.36 -56.91 11.72
C TRP J 126 13.30 -55.72 11.85
N GLN J 127 13.50 -55.27 13.08
CA GLN J 127 14.38 -54.14 13.36
C GLN J 127 15.85 -54.54 13.36
N LYS K 1 -6.39 64.48 -37.47
CA LYS K 1 -4.93 64.39 -37.47
C LYS K 1 -4.47 63.09 -36.81
N PHE K 2 -4.08 63.17 -35.55
CA PHE K 2 -3.59 62.02 -34.81
C PHE K 2 -4.33 61.78 -33.50
N ILE K 3 -4.68 62.83 -32.76
CA ILE K 3 -5.41 62.63 -31.51
C ILE K 3 -6.79 63.25 -31.67
N PHE K 4 -7.35 63.12 -32.87
CA PHE K 4 -8.80 63.18 -32.99
C PHE K 4 -9.38 61.90 -33.58
N TRP K 5 -8.81 61.41 -34.69
CA TRP K 5 -9.32 60.18 -35.28
C TRP K 5 -8.90 58.97 -34.45
N ALA K 6 -7.61 58.88 -34.10
CA ALA K 6 -7.16 57.76 -33.27
C ALA K 6 -7.58 57.92 -31.82
N ALA K 7 -7.99 59.11 -31.41
CA ALA K 7 -8.68 59.26 -30.14
C ALA K 7 -10.16 58.85 -30.25
N MET K 8 -10.67 58.60 -31.46
CA MET K 8 -11.96 57.93 -31.60
C MET K 8 -11.85 56.51 -32.14
N VAL K 9 -10.68 56.08 -32.63
CA VAL K 9 -10.49 54.66 -32.93
C VAL K 9 -10.62 53.83 -31.65
N TYR K 10 -10.00 54.29 -30.56
CA TYR K 10 -10.13 53.61 -29.28
C TYR K 10 -11.54 53.71 -28.73
N ALA K 11 -12.20 54.85 -28.92
CA ALA K 11 -13.58 55.01 -28.45
C ALA K 11 -14.54 54.10 -29.20
N THR K 12 -14.37 53.98 -30.51
CA THR K 12 -15.21 53.09 -31.31
C THR K 12 -14.94 51.64 -30.98
N LEU K 13 -13.68 51.26 -30.77
CA LEU K 13 -13.43 49.85 -30.49
C LEU K 13 -13.71 49.49 -29.02
N TYR K 14 -13.79 50.49 -28.13
CA TYR K 14 -14.35 50.23 -26.81
C TYR K 14 -15.86 50.13 -26.84
N GLY K 15 -16.51 50.90 -27.73
CA GLY K 15 -17.93 50.71 -27.93
C GLY K 15 -18.28 49.43 -28.64
N ASN K 16 -17.33 48.86 -29.40
CA ASN K 16 -17.57 47.60 -30.10
C ASN K 16 -17.73 46.43 -29.14
N TYR K 17 -17.13 46.51 -27.96
CA TYR K 17 -17.36 45.47 -26.98
C TYR K 17 -18.69 45.66 -26.24
N GLU K 18 -18.80 46.72 -25.46
CA GLU K 18 -19.94 46.93 -24.57
C GLU K 18 -21.20 47.29 -25.36
N GLU L 135 -20.57 -73.45 49.45
CA GLU L 135 -21.18 -74.32 48.44
C GLU L 135 -22.54 -73.86 47.82
N PRO L 136 -23.47 -73.25 48.56
CA PRO L 136 -24.62 -72.64 47.89
C PRO L 136 -24.22 -71.46 47.02
N ILE L 137 -25.10 -71.15 46.05
CA ILE L 137 -24.84 -70.09 45.08
C ILE L 137 -24.77 -68.73 45.77
N GLN L 138 -25.65 -68.50 46.75
CA GLN L 138 -25.67 -67.23 47.48
C GLN L 138 -24.36 -66.99 48.25
N ASP L 139 -23.84 -68.02 48.90
CA ASP L 139 -22.59 -67.89 49.65
C ASP L 139 -21.41 -67.61 48.73
N GLU L 140 -21.37 -68.27 47.57
CA GLU L 140 -20.30 -68.05 46.61
C GLU L 140 -20.35 -66.65 46.03
N LEU L 141 -21.56 -66.16 45.70
CA LEU L 141 -21.69 -64.80 45.18
C LEU L 141 -21.30 -63.76 46.22
N LEU L 142 -21.70 -63.96 47.48
CA LEU L 142 -21.30 -63.02 48.54
C LEU L 142 -19.81 -63.03 48.79
N LYS L 143 -19.16 -64.20 48.75
CA LYS L 143 -17.73 -64.26 49.02
C LYS L 143 -16.95 -63.63 47.86
N LEU L 144 -17.43 -63.84 46.63
CA LEU L 144 -16.85 -63.18 45.46
C LEU L 144 -17.03 -61.66 45.53
N LEU L 145 -18.19 -61.20 46.00
CA LEU L 145 -18.45 -59.77 46.13
C LEU L 145 -17.54 -59.13 47.16
N ARG L 146 -17.33 -59.78 48.31
CA ARG L 146 -16.44 -59.24 49.33
C ARG L 146 -14.99 -59.19 48.85
N GLY L 147 -14.53 -60.25 48.15
CA GLY L 147 -13.17 -60.23 47.63
C GLY L 147 -12.95 -59.17 46.57
N GLY L 148 -13.92 -58.98 45.68
CA GLY L 148 -13.83 -57.93 44.69
C GLY L 148 -13.84 -56.54 45.30
N TRP L 149 -14.66 -56.34 46.35
CA TRP L 149 -14.71 -55.05 47.02
C TRP L 149 -13.40 -54.72 47.72
N VAL L 150 -12.80 -55.69 48.42
CA VAL L 150 -11.56 -55.40 49.15
C VAL L 150 -10.40 -55.15 48.18
N LEU L 151 -10.34 -55.91 47.06
CA LEU L 151 -9.32 -55.67 46.06
C LEU L 151 -9.47 -54.29 45.42
N LEU L 152 -10.70 -53.93 45.05
CA LEU L 152 -10.92 -52.66 44.36
C LEU L 152 -10.67 -51.47 45.29
N SER L 153 -11.03 -51.60 46.56
CA SER L 153 -10.82 -50.50 47.50
C SER L 153 -9.34 -50.28 47.78
N ASN L 154 -8.56 -51.36 47.93
CA ASN L 154 -7.13 -51.16 48.18
C ASN L 154 -6.40 -50.66 46.94
N LEU L 155 -6.81 -51.12 45.75
CA LEU L 155 -6.23 -50.60 44.51
C LEU L 155 -6.56 -49.12 44.32
N ALA L 156 -7.78 -48.71 44.68
CA ALA L 156 -8.16 -47.30 44.59
C ALA L 156 -7.37 -46.45 45.57
N LEU L 157 -7.11 -46.96 46.78
CA LEU L 157 -6.28 -46.22 47.73
C LEU L 157 -4.85 -46.03 47.23
N PHE L 158 -4.27 -47.09 46.62
CA PHE L 158 -2.94 -46.98 46.03
C PHE L 158 -2.93 -45.98 44.87
N LEU L 159 -3.97 -45.98 44.03
CA LEU L 159 -4.02 -45.03 42.92
C LEU L 159 -4.22 -43.60 43.40
N VAL L 160 -4.95 -43.40 44.51
CA VAL L 160 -5.12 -42.05 45.05
C VAL L 160 -3.81 -41.52 45.64
N PHE L 161 -3.05 -42.38 46.33
CA PHE L 161 -1.74 -41.99 46.81
C PHE L 161 -0.77 -41.69 45.66
N SER L 162 -0.81 -42.51 44.61
CA SER L 162 0.04 -42.27 43.45
C SER L 162 -0.34 -40.99 42.70
N SER L 163 -1.64 -40.68 42.68
CA SER L 163 -2.09 -39.43 42.06
C SER L 163 -1.61 -38.22 42.84
N PHE L 164 -1.71 -38.28 44.17
CA PHE L 164 -1.16 -37.20 45.01
C PHE L 164 0.34 -37.05 44.80
N LEU L 165 1.05 -38.17 44.67
CA LEU L 165 2.49 -38.12 44.49
C LEU L 165 2.87 -37.56 43.12
N HIS L 166 2.03 -37.79 42.11
CA HIS L 166 2.24 -37.17 40.79
C HIS L 166 1.93 -35.67 40.83
N ARG L 167 0.91 -35.26 41.59
CA ARG L 167 0.46 -33.86 41.56
C ARG L 167 1.43 -32.94 42.28
N SER L 168 2.02 -33.40 43.39
CA SER L 168 2.71 -32.54 44.32
C SER L 168 4.21 -32.47 44.10
N LEU L 169 4.71 -33.01 42.99
CA LEU L 169 6.15 -33.18 42.81
C LEU L 169 6.86 -31.85 42.61
N ASN L 170 6.22 -30.91 41.89
CA ASN L 170 6.83 -29.61 41.60
C ASN L 170 7.07 -28.79 42.85
N TRP L 171 6.17 -28.86 43.83
CA TRP L 171 6.33 -28.12 45.07
C TRP L 171 7.52 -28.62 45.88
N PHE L 172 7.67 -29.94 45.99
CA PHE L 172 8.81 -30.52 46.69
C PHE L 172 10.11 -30.22 45.95
N VAL L 173 10.08 -30.23 44.62
CA VAL L 173 11.27 -29.90 43.84
C VAL L 173 11.68 -28.44 44.04
N GLN L 174 10.70 -27.52 44.09
CA GLN L 174 11.04 -26.11 44.32
C GLN L 174 11.57 -25.87 45.74
N THR L 175 11.01 -26.58 46.73
CA THR L 175 11.54 -26.50 48.09
C THR L 175 12.96 -27.03 48.18
N GLU L 176 13.23 -28.16 47.51
CA GLU L 176 14.57 -28.74 47.49
C GLU L 176 15.57 -27.83 46.76
N LEU L 177 15.14 -27.18 45.68
CA LEU L 177 16.01 -26.24 44.98
C LEU L 177 16.27 -25.00 45.81
N LEU L 178 15.28 -24.56 46.59
CA LEU L 178 15.48 -23.44 47.51
C LEU L 178 16.46 -23.78 48.62
N VAL L 179 16.47 -25.03 49.08
CA VAL L 179 17.50 -25.47 50.01
C VAL L 179 18.86 -25.49 49.33
N ALA L 180 18.93 -26.07 48.13
CA ALA L 180 20.21 -26.31 47.47
C ALA L 180 20.86 -25.06 46.88
N VAL L 181 20.10 -23.99 46.68
CA VAL L 181 20.69 -22.77 46.12
C VAL L 181 21.56 -22.05 47.15
N GLY L 182 21.32 -22.29 48.44
CA GLY L 182 22.10 -21.65 49.49
C GLY L 182 21.26 -20.80 50.41
N ALA L 183 19.98 -21.12 50.53
CA ALA L 183 19.06 -20.43 51.43
C ALA L 183 18.25 -21.45 52.21
N PRO L 184 18.85 -22.07 53.24
CA PRO L 184 18.13 -23.16 53.94
C PRO L 184 17.00 -22.67 54.83
N GLN L 185 17.00 -21.40 55.24
CA GLN L 185 15.97 -20.93 56.15
C GLN L 185 14.69 -20.56 55.42
N GLN L 186 14.76 -20.24 54.13
CA GLN L 186 13.58 -19.82 53.39
C GLN L 186 12.66 -20.98 53.03
N ALA L 187 13.16 -22.22 53.08
CA ALA L 187 12.32 -23.37 52.77
C ALA L 187 11.35 -23.66 53.90
N GLY L 188 11.80 -23.49 55.15
CA GLY L 188 10.92 -23.61 56.29
C GLY L 188 9.82 -22.57 56.28
N GLU L 189 10.11 -21.38 55.75
CA GLU L 189 9.09 -20.37 55.54
C GLU L 189 8.04 -20.83 54.54
N ARG L 190 8.47 -21.54 53.49
CA ARG L 190 7.53 -22.09 52.50
C ARG L 190 6.64 -23.17 53.12
N VAL L 191 7.22 -24.05 53.94
CA VAL L 191 6.43 -25.12 54.56
C VAL L 191 5.42 -24.55 55.57
N VAL L 192 5.88 -23.65 56.45
CA VAL L 192 4.94 -23.04 57.40
C VAL L 192 3.98 -22.09 56.70
N GLY L 193 4.33 -21.58 55.51
CA GLY L 193 3.36 -20.84 54.73
C GLY L 193 2.27 -21.72 54.18
N LYS L 194 2.60 -22.97 53.84
CA LYS L 194 1.55 -23.92 53.45
C LYS L 194 0.62 -24.23 54.62
N PHE L 195 1.19 -24.42 55.82
CA PHE L 195 0.34 -24.57 57.01
C PHE L 195 -0.52 -23.33 57.28
N PHE L 196 0.07 -22.15 57.12
CA PHE L 196 -0.67 -20.92 57.40
C PHE L 196 -1.70 -20.64 56.31
N GLU L 197 -1.48 -21.14 55.09
CA GLU L 197 -2.49 -21.06 54.04
C GLU L 197 -3.67 -21.95 54.35
N ALA L 198 -3.41 -23.15 54.89
CA ALA L 198 -4.50 -24.02 55.35
C ALA L 198 -5.28 -23.36 56.49
N ILE L 199 -4.57 -22.71 57.42
CA ILE L 199 -5.21 -21.99 58.53
C ILE L 199 -6.07 -20.84 58.01
N GLU L 200 -5.56 -20.09 57.02
CA GLU L 200 -6.31 -18.99 56.43
C GLU L 200 -7.54 -19.47 55.69
N TRP L 201 -7.44 -20.63 55.03
CA TRP L 201 -8.61 -21.22 54.38
C TRP L 201 -9.69 -21.60 55.39
N VAL L 202 -9.27 -22.19 56.52
CA VAL L 202 -10.21 -22.55 57.58
C VAL L 202 -10.86 -21.29 58.17
N GLU L 203 -10.08 -20.23 58.33
CA GLU L 203 -10.62 -18.97 58.86
C GLU L 203 -11.61 -18.32 57.89
N ARG L 204 -11.29 -18.33 56.59
CA ARG L 204 -12.12 -17.62 55.61
C ARG L 204 -13.42 -18.37 55.33
N ASN L 205 -13.36 -19.70 55.15
CA ASN L 205 -14.51 -20.41 54.63
C ASN L 205 -15.46 -20.92 55.70
N ILE L 206 -14.96 -21.55 56.76
CA ILE L 206 -15.84 -22.09 57.78
C ILE L 206 -16.32 -20.98 58.70
N LEU L 207 -15.38 -20.24 59.30
CA LEU L 207 -15.74 -19.20 60.27
C LEU L 207 -16.32 -17.97 59.58
N GLY L 208 -15.74 -17.56 58.46
CA GLY L 208 -16.25 -16.44 57.71
C GLY L 208 -15.63 -15.09 57.99
N TRP L 209 -14.42 -15.06 58.57
CA TRP L 209 -13.80 -13.80 58.94
C TRP L 209 -13.25 -13.10 57.71
N LYS L 210 -13.00 -11.79 57.84
CA LYS L 210 -12.68 -10.97 56.68
C LYS L 210 -11.29 -11.22 56.14
N LEU L 211 -10.27 -11.28 57.04
CA LEU L 211 -8.86 -11.48 56.72
C LEU L 211 -8.38 -10.40 55.77
N PRO L 212 -8.13 -9.18 56.26
CA PRO L 212 -7.96 -8.01 55.37
C PRO L 212 -6.78 -8.12 54.42
N GLY L 213 -6.95 -7.49 53.25
CA GLY L 213 -6.10 -7.72 52.10
C GLY L 213 -6.75 -8.59 51.05
N ASP L 214 -7.93 -9.15 51.32
CA ASP L 214 -8.62 -9.99 50.36
C ASP L 214 -9.25 -9.18 49.23
N GLU L 215 -9.54 -7.89 49.47
CA GLU L 215 -10.12 -7.05 48.45
C GLU L 215 -9.10 -6.77 47.33
N GLU L 216 -7.83 -6.61 47.69
CA GLU L 216 -6.79 -6.43 46.67
C GLU L 216 -6.53 -7.73 45.90
N ALA L 217 -6.77 -8.89 46.53
CA ALA L 217 -6.64 -10.16 45.83
C ALA L 217 -7.82 -10.43 44.90
N GLU L 218 -9.02 -9.99 45.29
CA GLU L 218 -10.21 -10.21 44.47
C GLU L 218 -10.17 -9.38 43.19
N ASP L 219 -9.56 -8.20 43.24
CA ASP L 219 -9.51 -7.33 42.07
C ASP L 219 -8.42 -7.72 41.08
N ALA L 220 -7.56 -8.68 41.42
CA ALA L 220 -6.46 -9.04 40.54
C ALA L 220 -6.89 -9.88 39.35
N THR L 221 -7.99 -10.61 39.46
CA THR L 221 -8.42 -11.55 38.43
C THR L 221 -9.82 -11.21 37.96
N SER L 222 -10.19 -11.78 36.81
CA SER L 222 -11.51 -11.56 36.23
C SER L 222 -11.86 -12.74 35.34
N LYS L 223 -13.14 -12.85 35.02
CA LYS L 223 -13.65 -13.90 34.15
C LYS L 223 -13.62 -13.44 32.69
N VAL L 224 -13.90 -14.39 31.80
CA VAL L 224 -13.82 -14.11 30.35
C VAL L 224 -14.94 -13.18 29.91
N TYR L 225 -16.17 -13.44 30.38
CA TYR L 225 -17.29 -12.62 29.96
C TYR L 225 -17.23 -11.21 30.56
N GLU L 226 -16.61 -11.07 31.74
CA GLU L 226 -16.42 -9.74 32.31
C GLU L 226 -15.40 -8.94 31.52
N VAL L 227 -14.35 -9.60 31.04
CA VAL L 227 -13.39 -8.95 30.14
C VAL L 227 -14.06 -8.54 28.84
N LEU L 228 -14.96 -9.38 28.32
CA LEU L 228 -15.72 -9.01 27.12
C LEU L 228 -16.64 -7.81 27.39
N GLN L 229 -17.24 -7.75 28.57
CA GLN L 229 -18.12 -6.64 28.91
C GLN L 229 -17.36 -5.33 29.11
N ASN L 230 -16.17 -5.38 29.70
CA ASN L 230 -15.53 -4.17 30.19
C ASN L 230 -14.31 -3.72 29.40
N TYR L 231 -13.62 -4.60 28.69
CA TYR L 231 -12.31 -4.27 28.15
C TYR L 231 -12.17 -4.46 26.65
N THR L 232 -13.21 -4.89 25.94
CA THR L 232 -12.97 -5.19 24.54
C THR L 232 -13.71 -4.20 23.65
N PRO L 233 -13.12 -3.80 22.52
CA PRO L 233 -13.85 -2.96 21.57
C PRO L 233 -14.93 -3.74 20.85
N ALA L 234 -15.93 -3.01 20.35
CA ALA L 234 -16.99 -3.64 19.58
C ALA L 234 -16.54 -4.05 18.19
N GLU L 235 -15.42 -3.51 17.71
CA GLU L 235 -14.89 -3.87 16.40
C GLU L 235 -14.15 -5.20 16.40
N ALA L 236 -13.97 -5.83 17.56
CA ALA L 236 -13.36 -7.15 17.64
C ALA L 236 -14.40 -8.26 17.72
N ALA L 237 -15.56 -8.06 17.11
CA ALA L 237 -16.61 -9.06 17.05
C ALA L 237 -17.44 -8.82 15.80
N TYR L 238 -17.79 -9.90 15.10
CA TYR L 238 -18.52 -9.84 13.84
C TYR L 238 -19.48 -11.02 13.78
N SER L 239 -20.41 -10.99 12.83
CA SER L 239 -21.56 -11.89 12.87
C SER L 239 -21.74 -12.71 11.59
N PHE L 240 -20.70 -12.89 10.78
CA PHE L 240 -20.64 -13.74 9.57
C PHE L 240 -21.56 -13.28 8.44
N ALA L 241 -22.47 -12.35 8.71
CA ALA L 241 -23.46 -11.87 7.76
C ALA L 241 -23.22 -10.43 7.35
N GLN L 242 -22.43 -9.69 8.13
CA GLN L 242 -21.92 -8.40 7.71
C GLN L 242 -20.80 -8.55 6.69
N LEU L 243 -20.21 -9.73 6.59
CA LEU L 243 -19.24 -10.04 5.55
C LEU L 243 -19.88 -10.70 4.34
N LYS L 244 -21.02 -11.37 4.53
CA LYS L 244 -21.69 -12.12 3.49
C LYS L 244 -22.62 -11.27 2.64
N TYR L 245 -23.34 -10.33 3.27
CA TYR L 245 -24.34 -9.52 2.60
C TYR L 245 -23.89 -8.06 2.61
N LYS L 246 -23.74 -7.48 1.42
CA LYS L 246 -23.40 -6.07 1.28
C LYS L 246 -24.62 -5.16 1.30
N ASP L 247 -25.82 -5.74 1.27
CA ASP L 247 -27.06 -5.00 1.16
C ASP L 247 -27.57 -4.52 2.53
N LEU L 248 -26.92 -4.93 3.61
CA LEU L 248 -27.41 -4.66 4.95
C LEU L 248 -27.29 -3.19 5.33
N THR L 249 -28.33 -2.67 5.99
CA THR L 249 -28.28 -1.35 6.57
C THR L 249 -27.60 -1.40 7.93
N HIS L 250 -27.54 -0.25 8.60
CA HIS L 250 -26.87 -0.17 9.89
C HIS L 250 -27.69 -0.84 11.00
N LYS L 251 -29.03 -0.72 10.90
CA LYS L 251 -29.90 -1.30 11.92
C LYS L 251 -29.91 -2.82 11.88
N GLU L 252 -29.96 -3.39 10.67
CA GLU L 252 -29.86 -4.84 10.54
C GLU L 252 -28.48 -5.34 10.94
N ARG L 253 -27.45 -4.53 10.68
CA ARG L 253 -26.10 -4.89 11.08
C ARG L 253 -25.97 -4.97 12.60
N GLU L 254 -26.54 -3.99 13.32
CA GLU L 254 -26.45 -4.06 14.79
C GLU L 254 -27.38 -5.12 15.36
N LEU L 255 -28.50 -5.42 14.68
CA LEU L 255 -29.35 -6.53 15.09
C LEU L 255 -28.64 -7.88 14.98
N PHE L 256 -27.95 -8.11 13.87
CA PHE L 256 -27.13 -9.32 13.71
C PHE L 256 -25.98 -9.34 14.70
N HIS L 257 -25.40 -8.16 15.01
CA HIS L 257 -24.32 -8.08 15.98
C HIS L 257 -24.77 -8.47 17.38
N LYS L 258 -25.96 -8.00 17.80
CA LYS L 258 -26.49 -8.36 19.10
C LYS L 258 -27.00 -9.79 19.15
N ALA L 259 -27.47 -10.34 18.03
CA ALA L 259 -27.91 -11.73 18.04
C ALA L 259 -26.74 -12.71 18.06
N TYR L 260 -25.69 -12.48 17.25
CA TYR L 260 -24.71 -13.53 17.00
C TYR L 260 -23.27 -13.20 17.39
N ALA L 261 -22.89 -11.94 17.50
CA ALA L 261 -21.49 -11.62 17.78
C ALA L 261 -21.24 -11.42 19.28
N LEU L 262 -21.91 -10.42 19.87
CA LEU L 262 -21.83 -10.16 21.30
C LEU L 262 -23.24 -10.31 21.87
N ARG L 263 -23.44 -11.32 22.70
CA ARG L 263 -24.75 -11.65 23.21
C ARG L 263 -25.05 -10.81 24.46
N HIS L 264 -26.19 -11.09 25.09
CA HIS L 264 -26.64 -10.26 26.20
C HIS L 264 -25.78 -10.43 27.45
N PHE L 265 -25.13 -11.58 27.59
CA PHE L 265 -24.22 -11.80 28.71
C PHE L 265 -22.82 -11.25 28.45
N GLU L 266 -22.50 -10.91 27.21
CA GLU L 266 -21.21 -10.35 26.85
C GLU L 266 -21.23 -8.83 26.71
N ARG L 267 -22.35 -8.20 27.03
CA ARG L 267 -22.47 -6.75 26.96
C ARG L 267 -22.87 -6.21 28.33
N ARG L 268 -22.63 -4.91 28.53
CA ARG L 268 -22.85 -4.29 29.83
C ARG L 268 -24.34 -4.12 30.13
N ASP L 269 -25.04 -3.37 29.29
CA ASP L 269 -26.47 -3.13 29.47
C ASP L 269 -27.23 -4.13 28.59
N GLY L 270 -27.05 -5.40 28.89
CA GLY L 270 -27.66 -6.46 28.11
C GLY L 270 -28.59 -7.34 28.91
N ARG L 271 -29.87 -7.29 28.60
CA ARG L 271 -30.84 -8.17 29.21
C ARG L 271 -31.23 -9.27 28.21
N PRO L 272 -31.62 -10.46 28.69
CA PRO L 272 -32.14 -11.47 27.77
C PRO L 272 -33.43 -11.03 27.10
N GLY L 273 -33.57 -11.37 25.83
CA GLY L 273 -34.67 -10.88 25.03
C GLY L 273 -34.45 -9.54 24.37
N ASP L 274 -33.20 -9.12 24.22
CA ASP L 274 -32.89 -7.88 23.51
C ASP L 274 -33.27 -7.97 22.04
N VAL L 275 -32.89 -9.06 21.39
CA VAL L 275 -33.24 -9.27 19.99
C VAL L 275 -34.65 -9.85 19.91
N ASP L 276 -35.41 -9.39 18.91
CA ASP L 276 -36.83 -9.74 18.84
C ASP L 276 -37.03 -11.16 18.35
N ALA L 277 -36.18 -11.62 17.43
CA ALA L 277 -36.21 -12.87 16.66
C ALA L 277 -37.39 -12.97 15.69
N ALA L 278 -38.25 -11.96 15.62
CA ALA L 278 -39.22 -11.83 14.54
C ALA L 278 -38.78 -10.81 13.51
N GLU L 279 -38.12 -9.72 13.95
CA GLU L 279 -37.47 -8.83 13.01
C GLU L 279 -36.25 -9.48 12.39
N LEU L 280 -35.55 -10.33 13.15
CA LEU L 280 -34.41 -11.07 12.62
C LEU L 280 -34.85 -12.06 11.55
N GLN L 281 -36.00 -12.71 11.76
CA GLN L 281 -36.56 -13.59 10.73
C GLN L 281 -37.01 -12.80 9.50
N ALA L 282 -37.52 -11.58 9.70
CA ALA L 282 -37.91 -10.75 8.57
C ALA L 282 -36.71 -10.31 7.74
N VAL L 283 -35.60 -9.99 8.41
CA VAL L 283 -34.38 -9.64 7.69
C VAL L 283 -33.81 -10.87 6.98
N LYS L 284 -33.85 -12.03 7.64
CA LYS L 284 -33.39 -13.26 7.01
C LYS L 284 -34.31 -13.73 5.89
N ASP L 285 -35.55 -13.24 5.83
CA ASP L 285 -36.42 -13.52 4.70
C ASP L 285 -36.28 -12.51 3.57
N ARG L 286 -35.88 -11.27 3.89
CA ARG L 286 -35.62 -10.28 2.84
C ARG L 286 -34.39 -10.67 2.02
N LEU L 287 -33.33 -11.10 2.68
CA LEU L 287 -32.18 -11.69 2.01
C LEU L 287 -32.50 -13.14 1.70
N ASP L 288 -32.22 -13.57 0.47
CA ASP L 288 -32.59 -14.89 -0.08
C ASP L 288 -34.08 -15.20 0.09
N PRO L 289 -34.99 -14.56 -0.67
CA PRO L 289 -36.42 -14.80 -0.45
C PRO L 289 -36.94 -16.11 -1.02
N LEU L 290 -36.21 -16.75 -1.95
CA LEU L 290 -36.72 -17.96 -2.58
C LEU L 290 -36.63 -19.16 -1.65
N GLU L 291 -35.67 -19.17 -0.72
CA GLU L 291 -35.64 -20.20 0.31
C GLU L 291 -36.82 -20.07 1.27
N ALA L 292 -37.22 -18.83 1.56
CA ALA L 292 -38.42 -18.59 2.37
C ALA L 292 -39.67 -19.04 1.62
N ASP L 293 -39.71 -18.84 0.31
CA ASP L 293 -40.82 -19.32 -0.52
C ASP L 293 -40.89 -20.84 -0.51
N ARG L 294 -39.72 -21.50 -0.59
CA ARG L 294 -39.67 -22.97 -0.52
C ARG L 294 -40.17 -23.50 0.82
N ARG L 295 -39.76 -22.84 1.92
CA ARG L 295 -40.24 -23.25 3.24
C ARG L 295 -41.74 -23.01 3.41
N ALA L 296 -42.25 -21.93 2.82
CA ALA L 296 -43.70 -21.67 2.83
C ALA L 296 -44.46 -22.72 2.04
N TYR L 297 -43.91 -23.17 0.90
CA TYR L 297 -44.52 -24.25 0.14
C TYR L 297 -44.56 -25.54 0.95
N ALA L 298 -43.46 -25.87 1.61
CA ALA L 298 -43.41 -27.12 2.39
C ALA L 298 -44.38 -27.08 3.56
N ALA L 299 -44.51 -25.91 4.20
CA ALA L 299 -45.49 -25.74 5.27
C ALA L 299 -46.92 -25.88 4.75
N ALA L 300 -47.21 -25.30 3.58
CA ALA L 300 -48.56 -25.40 3.02
C ALA L 300 -48.87 -26.82 2.53
N LYS L 301 -47.85 -27.55 2.10
CA LYS L 301 -48.05 -28.93 1.67
C LYS L 301 -48.23 -29.87 2.84
N ALA L 302 -47.56 -29.60 3.97
CA ALA L 302 -47.77 -30.39 5.18
C ALA L 302 -49.19 -30.24 5.71
N ALA L 303 -49.73 -29.03 5.64
CA ALA L 303 -51.14 -28.78 5.90
C ALA L 303 -51.94 -29.01 4.61
N GLY L 304 -53.18 -28.55 4.57
CA GLY L 304 -53.96 -28.66 3.35
C GLY L 304 -54.27 -27.32 2.72
N ARG L 305 -53.30 -26.43 2.72
CA ARG L 305 -53.48 -25.05 2.27
C ARG L 305 -52.67 -24.75 1.01
N LEU L 306 -52.70 -25.68 0.05
CA LEU L 306 -51.82 -25.58 -1.11
C LEU L 306 -52.35 -24.56 -2.12
N ASP L 307 -53.66 -24.56 -2.37
CA ASP L 307 -54.24 -23.50 -3.19
C ASP L 307 -54.27 -22.15 -2.48
N GLU L 308 -54.19 -22.15 -1.14
CA GLU L 308 -53.96 -20.90 -0.44
C GLU L 308 -52.53 -20.42 -0.59
N TYR L 309 -51.58 -21.34 -0.81
CA TYR L 309 -50.23 -20.94 -1.18
C TYR L 309 -50.22 -20.31 -2.57
N TRP L 310 -50.90 -20.95 -3.52
CA TRP L 310 -50.82 -20.44 -4.90
C TRP L 310 -51.65 -19.18 -5.12
N ALA L 311 -52.51 -18.80 -4.19
CA ALA L 311 -53.34 -17.61 -4.33
C ALA L 311 -52.71 -16.38 -3.71
N ALA L 312 -51.49 -16.48 -3.20
CA ALA L 312 -50.74 -15.31 -2.75
C ALA L 312 -50.41 -14.43 -3.96
N PRO L 313 -50.31 -13.10 -3.76
CA PRO L 313 -50.29 -12.19 -4.93
C PRO L 313 -49.04 -12.25 -5.80
N GLY L 314 -47.99 -12.99 -5.43
CA GLY L 314 -46.81 -13.01 -6.25
C GLY L 314 -46.38 -14.36 -6.79
N ARG L 315 -47.07 -15.43 -6.37
CA ARG L 315 -46.58 -16.78 -6.65
C ARG L 315 -46.79 -17.18 -8.11
N GLU L 316 -47.94 -16.84 -8.69
CA GLU L 316 -48.16 -17.13 -10.10
C GLU L 316 -47.27 -16.27 -10.99
N ALA L 317 -47.01 -15.04 -10.58
CA ALA L 317 -46.11 -14.16 -11.33
C ALA L 317 -44.68 -14.67 -11.31
N THR L 318 -44.21 -15.16 -10.16
CA THR L 318 -42.84 -15.69 -10.13
C THR L 318 -42.75 -17.07 -10.78
N TYR L 319 -43.84 -17.85 -10.83
CA TYR L 319 -43.86 -19.03 -11.69
C TYR L 319 -43.71 -18.64 -13.15
N GLN L 320 -44.43 -17.60 -13.58
CA GLN L 320 -44.35 -17.12 -14.95
C GLN L 320 -42.95 -16.59 -15.28
N ARG L 321 -42.30 -15.93 -14.32
CA ARG L 321 -40.98 -15.39 -14.56
C ARG L 321 -39.91 -16.48 -14.62
N ILE L 322 -39.94 -17.43 -13.68
CA ILE L 322 -38.89 -18.46 -13.65
C ILE L 322 -39.09 -19.47 -14.77
N VAL L 323 -40.27 -20.07 -14.85
CA VAL L 323 -40.62 -21.00 -15.90
C VAL L 323 -41.40 -20.24 -16.96
N GLY L 324 -40.96 -20.33 -18.23
CA GLY L 324 -41.42 -19.40 -19.25
C GLY L 324 -42.84 -19.60 -19.73
N ALA L 325 -43.55 -20.58 -19.19
CA ALA L 325 -44.94 -20.92 -19.49
C ALA L 325 -45.83 -20.66 -18.29
N PRO L 326 -47.11 -20.35 -18.49
CA PRO L 326 -48.02 -20.21 -17.36
C PRO L 326 -48.29 -21.55 -16.70
N ARG L 327 -48.70 -21.49 -15.43
CA ARG L 327 -48.94 -22.70 -14.65
C ARG L 327 -50.27 -23.31 -15.06
N ILE L 328 -50.22 -24.49 -15.68
CA ILE L 328 -51.43 -25.14 -16.19
C ILE L 328 -52.28 -25.66 -15.05
N ALA L 329 -51.66 -26.30 -14.06
CA ALA L 329 -52.37 -26.88 -12.94
C ALA L 329 -52.89 -25.80 -11.99
N THR M 79 25.93 -42.92 -49.02
CA THR M 79 24.48 -43.03 -48.94
C THR M 79 24.03 -43.27 -47.50
N GLN M 80 25.00 -43.47 -46.61
CA GLN M 80 24.68 -43.63 -45.20
C GLN M 80 24.21 -42.34 -44.55
N GLN M 81 24.56 -41.19 -45.13
CA GLN M 81 24.18 -39.91 -44.54
C GLN M 81 22.69 -39.65 -44.74
N GLU M 82 22.18 -39.97 -45.93
CA GLU M 82 20.74 -39.89 -46.19
C GLU M 82 19.96 -40.82 -45.27
N LEU M 83 20.48 -42.03 -45.06
CA LEU M 83 19.86 -43.00 -44.15
C LEU M 83 19.85 -42.48 -42.72
N ALA M 84 20.94 -41.86 -42.28
CA ALA M 84 21.03 -41.38 -40.91
C ALA M 84 20.12 -40.19 -40.67
N GLN M 85 20.02 -39.27 -41.64
CA GLN M 85 19.06 -38.17 -41.49
C GLN M 85 17.61 -38.64 -41.52
N MET M 86 17.28 -39.61 -42.37
CA MET M 86 15.92 -40.16 -42.34
C MET M 86 15.60 -40.87 -41.03
N GLU M 87 16.55 -41.62 -40.48
CA GLU M 87 16.29 -42.27 -39.20
C GLU M 87 16.21 -41.28 -38.04
N ALA M 88 16.98 -40.18 -38.10
CA ALA M 88 16.87 -39.15 -37.07
C ALA M 88 15.52 -38.43 -37.12
N MET M 89 15.03 -38.09 -38.32
CA MET M 89 13.70 -37.49 -38.40
C MET M 89 12.59 -38.49 -38.09
N GLU M 90 12.84 -39.78 -38.30
CA GLU M 90 11.89 -40.79 -37.85
C GLU M 90 11.84 -40.88 -36.33
N LEU M 91 13.00 -40.77 -35.68
CA LEU M 91 13.06 -40.78 -34.22
C LEU M 91 12.37 -39.56 -33.64
N ALA M 92 12.42 -38.43 -34.34
CA ALA M 92 11.80 -37.19 -33.85
C ALA M 92 10.27 -37.29 -33.71
N THR M 93 9.61 -38.10 -34.54
CA THR M 93 8.16 -38.21 -34.50
C THR M 93 7.68 -39.64 -34.22
N LEU M 94 8.49 -40.46 -33.55
CA LEU M 94 8.14 -41.87 -33.37
C LEU M 94 7.04 -42.06 -32.34
N PHE M 95 7.08 -41.30 -31.24
CA PHE M 95 6.07 -41.45 -30.20
C PHE M 95 5.00 -40.37 -30.25
N ASP M 96 4.88 -39.69 -31.39
CA ASP M 96 3.69 -38.90 -31.69
C ASP M 96 2.55 -39.86 -31.99
N MET M 97 1.61 -39.98 -31.06
CA MET M 97 0.60 -41.02 -31.14
C MET M 97 -0.48 -40.73 -32.18
N SER M 98 -0.56 -39.49 -32.66
CA SER M 98 -1.56 -39.12 -33.66
C SER M 98 -1.03 -39.19 -35.09
N LYS M 99 0.27 -39.38 -35.28
CA LYS M 99 0.84 -39.51 -36.61
C LYS M 99 1.03 -40.98 -36.92
N PRO M 100 0.37 -41.53 -37.95
CA PRO M 100 0.46 -42.97 -38.23
C PRO M 100 1.84 -43.40 -38.72
N HIS M 101 2.15 -44.66 -38.46
CA HIS M 101 3.42 -45.29 -38.80
C HIS M 101 3.14 -46.53 -39.62
N PRO M 102 4.02 -46.87 -40.56
CA PRO M 102 3.82 -48.11 -41.35
C PRO M 102 3.86 -49.39 -40.55
N LEU M 103 4.56 -49.41 -39.41
CA LEU M 103 4.68 -50.61 -38.59
C LEU M 103 3.53 -50.77 -37.59
N ASP M 104 2.59 -49.83 -37.55
CA ASP M 104 1.50 -49.86 -36.57
C ASP M 104 0.56 -51.04 -36.79
N ASN M 105 0.42 -51.50 -38.03
CA ASN M 105 -0.46 -52.61 -38.35
C ASN M 105 0.22 -53.63 -39.25
N ALA M 106 1.55 -53.69 -39.23
CA ALA M 106 2.28 -54.66 -40.02
C ALA M 106 2.09 -56.06 -39.45
N ALA M 107 2.17 -57.05 -40.33
CA ALA M 107 2.01 -58.43 -39.91
C ALA M 107 3.20 -58.88 -39.09
N PRO M 108 3.00 -59.72 -38.09
CA PRO M 108 4.13 -60.27 -37.34
C PRO M 108 4.87 -61.32 -38.16
N ALA M 109 6.09 -61.62 -37.71
CA ALA M 109 6.94 -62.58 -38.43
C ALA M 109 6.35 -63.98 -38.36
N THR M 110 5.97 -64.43 -37.18
CA THR M 110 5.22 -65.65 -37.01
C THR M 110 3.74 -65.32 -36.84
N PRO M 111 2.83 -66.25 -37.14
CA PRO M 111 1.42 -66.02 -36.85
C PRO M 111 1.17 -65.87 -35.36
N TRP M 112 0.09 -65.15 -35.02
CA TRP M 112 -0.09 -64.55 -33.71
C TRP M 112 -0.22 -65.58 -32.59
N LYS M 113 -1.29 -66.40 -32.63
CA LYS M 113 -1.59 -67.52 -31.72
C LYS M 113 -1.39 -67.14 -30.24
N GLY M 114 -2.18 -66.16 -29.80
CA GLY M 114 -1.97 -65.41 -28.57
C GLY M 114 -1.76 -66.18 -27.29
N GLU M 115 -0.51 -66.17 -26.82
CA GLU M 115 -0.04 -67.05 -25.78
C GLU M 115 0.16 -66.30 -24.48
N LEU M 116 0.24 -67.04 -23.39
CA LEU M 116 0.40 -66.47 -22.07
C LEU M 116 1.88 -66.43 -21.69
N ARG M 117 2.19 -65.53 -20.76
CA ARG M 117 3.53 -65.48 -20.20
C ARG M 117 3.78 -66.75 -19.38
N PRO M 118 4.91 -67.43 -19.58
CA PRO M 118 5.18 -68.64 -18.80
C PRO M 118 5.45 -68.34 -17.33
N VAL M 119 5.03 -69.29 -16.50
CA VAL M 119 5.15 -69.18 -15.04
C VAL M 119 6.61 -69.29 -14.65
N PRO M 120 7.15 -68.37 -13.83
CA PRO M 120 8.60 -68.34 -13.60
C PRO M 120 9.16 -69.49 -12.76
N ARG M 121 8.42 -70.05 -11.80
CA ARG M 121 8.71 -71.28 -11.03
C ARG M 121 10.01 -71.28 -10.20
N LYS M 122 10.84 -70.24 -10.30
CA LYS M 122 12.08 -70.17 -9.54
C LYS M 122 12.56 -68.73 -9.38
N ILE M 123 12.54 -68.22 -8.16
CA ILE M 123 12.89 -66.84 -7.87
C ILE M 123 13.99 -66.83 -6.80
N VAL M 124 15.09 -66.17 -7.10
CA VAL M 124 16.16 -65.95 -6.13
C VAL M 124 16.23 -64.45 -5.86
N LEU M 125 15.89 -64.04 -4.65
CA LEU M 125 15.88 -62.63 -4.29
C LEU M 125 17.25 -62.17 -3.80
N SER M 126 17.60 -60.94 -4.14
CA SER M 126 18.80 -60.28 -3.66
C SER M 126 18.58 -59.75 -2.24
N PRO M 127 19.65 -59.45 -1.50
CA PRO M 127 19.49 -58.75 -0.21
C PRO M 127 18.82 -57.39 -0.31
N TYR M 128 19.03 -56.69 -1.43
CA TYR M 128 18.33 -55.44 -1.71
C TYR M 128 16.82 -55.62 -1.71
N GLN M 129 16.35 -56.70 -2.34
CA GLN M 129 14.92 -56.97 -2.41
C GLN M 129 14.35 -57.35 -1.04
N TYR M 130 15.13 -58.11 -0.25
CA TYR M 130 14.72 -58.48 1.11
C TYR M 130 14.53 -57.24 1.97
N GLU M 131 15.50 -56.32 1.92
CA GLU M 131 15.38 -55.11 2.75
C GLU M 131 14.28 -54.19 2.24
N MET M 132 14.03 -54.15 0.93
CA MET M 132 12.91 -53.36 0.42
C MET M 132 11.55 -53.93 0.86
N ILE M 133 11.42 -55.25 0.87
CA ILE M 133 10.18 -55.88 1.34
C ILE M 133 9.98 -55.61 2.84
N ASN M 134 11.06 -55.68 3.61
CA ASN M 134 10.98 -55.41 5.05
C ASN M 134 10.61 -53.96 5.34
N TYR M 135 11.18 -53.02 4.59
CA TYR M 135 10.85 -51.61 4.75
C TYR M 135 9.39 -51.32 4.38
N GLN M 136 8.90 -51.92 3.29
CA GLN M 136 7.50 -51.75 2.92
C GLN M 136 6.57 -52.36 3.96
N ARG M 137 6.96 -53.49 4.55
CA ARG M 137 6.16 -54.10 5.59
C ARG M 137 6.10 -53.22 6.83
N MET M 138 7.20 -52.53 7.15
CA MET M 138 7.20 -51.58 8.25
C MET M 138 6.26 -50.41 7.97
N LEU M 139 6.24 -49.92 6.73
CA LEU M 139 5.37 -48.78 6.44
C LEU M 139 3.88 -49.15 6.47
N MET M 140 3.54 -50.42 6.22
CA MET M 140 2.16 -50.84 6.04
C MET M 140 1.56 -51.53 7.27
N ARG M 141 2.24 -51.48 8.42
CA ARG M 141 1.84 -52.27 9.60
C ARG M 141 0.51 -51.81 10.18
N LYS M 142 0.23 -50.51 10.11
CA LYS M 142 -0.88 -49.91 10.83
C LYS M 142 -2.01 -49.51 9.90
N ASN M 143 -2.10 -50.11 8.72
CA ASN M 143 -3.03 -49.65 7.69
C ASN M 143 -4.44 -50.11 7.99
N ILE M 144 -5.41 -49.23 7.72
CA ILE M 144 -6.83 -49.54 7.72
C ILE M 144 -7.31 -49.41 6.28
N TRP M 145 -7.91 -50.47 5.77
CA TRP M 145 -8.28 -50.55 4.36
C TRP M 145 -9.76 -50.22 4.15
N TYR M 146 -10.09 -49.92 2.89
CA TYR M 146 -11.45 -49.68 2.44
C TYR M 146 -11.58 -50.20 1.03
N TYR M 147 -12.77 -50.69 0.67
CA TYR M 147 -13.03 -51.14 -0.69
C TYR M 147 -14.33 -50.53 -1.21
N ARG M 148 -14.53 -50.62 -2.53
CA ARG M 148 -15.76 -50.19 -3.17
C ARG M 148 -16.58 -51.40 -3.62
N ASP M 149 -17.89 -51.23 -3.66
CA ASP M 149 -18.80 -52.25 -4.16
C ASP M 149 -19.20 -51.96 -5.61
N ARG M 150 -20.23 -52.65 -6.09
CA ARG M 150 -20.71 -52.51 -7.46
C ARG M 150 -21.53 -51.25 -7.70
N MET M 151 -21.87 -50.50 -6.66
CA MET M 151 -22.52 -49.21 -6.81
C MET M 151 -21.56 -48.04 -6.62
N ASN M 152 -20.24 -48.33 -6.60
CA ASN M 152 -19.17 -47.35 -6.31
C ASN M 152 -19.36 -46.69 -4.93
N VAL M 153 -19.79 -47.47 -3.95
CA VAL M 153 -19.95 -47.00 -2.57
C VAL M 153 -18.83 -47.59 -1.73
N PRO M 154 -18.09 -46.77 -0.97
CA PRO M 154 -17.04 -47.33 -0.12
C PRO M 154 -17.61 -48.05 1.10
N ARG M 155 -16.99 -49.18 1.42
CA ARG M 155 -17.46 -50.04 2.51
C ARG M 155 -16.50 -49.93 3.68
N GLY M 156 -16.93 -50.50 4.81
CA GLY M 156 -16.51 -50.13 6.15
C GLY M 156 -15.05 -50.23 6.48
N PRO M 157 -14.68 -49.79 7.68
CA PRO M 157 -13.27 -49.83 8.08
C PRO M 157 -12.77 -51.26 8.17
N CYS M 158 -11.70 -51.53 7.45
CA CYS M 158 -11.21 -52.90 7.29
C CYS M 158 -9.79 -53.00 7.80
N PRO M 159 -9.60 -53.44 9.03
CA PRO M 159 -8.29 -54.00 9.41
C PRO M 159 -8.04 -55.33 8.71
N LEU M 160 -6.85 -55.91 8.91
CA LEU M 160 -6.42 -57.05 8.12
C LEU M 160 -7.30 -58.28 8.33
N HIS M 161 -7.74 -58.51 9.58
CA HIS M 161 -8.59 -59.68 9.84
C HIS M 161 -9.99 -59.52 9.23
N VAL M 162 -10.49 -58.29 9.14
CA VAL M 162 -11.76 -58.05 8.45
C VAL M 162 -11.61 -58.29 6.94
N VAL M 163 -10.47 -57.92 6.37
CA VAL M 163 -10.17 -58.22 4.97
C VAL M 163 -10.10 -59.72 4.74
N LYS M 164 -9.51 -60.45 5.69
CA LYS M 164 -9.44 -61.91 5.58
C LYS M 164 -10.82 -62.55 5.64
N GLU M 165 -11.70 -62.06 6.53
CA GLU M 165 -13.07 -62.57 6.61
C GLU M 165 -13.85 -62.31 5.33
N ALA M 166 -13.70 -61.10 4.77
CA ALA M 166 -14.37 -60.77 3.52
C ALA M 166 -13.85 -61.58 2.35
N TRP M 167 -12.54 -61.86 2.33
CA TRP M 167 -11.95 -62.69 1.29
C TRP M 167 -12.46 -64.13 1.37
N VAL M 168 -12.49 -64.70 2.58
CA VAL M 168 -12.93 -66.08 2.76
C VAL M 168 -14.41 -66.23 2.40
N SER M 169 -15.23 -65.25 2.77
CA SER M 169 -16.65 -65.31 2.49
C SER M 169 -16.99 -65.12 1.01
N GLY M 170 -16.04 -64.66 0.19
CA GLY M 170 -16.32 -64.37 -1.21
C GLY M 170 -16.90 -63.01 -1.48
N ILE M 171 -16.92 -62.12 -0.49
CA ILE M 171 -17.45 -60.77 -0.69
C ILE M 171 -16.49 -59.94 -1.53
N VAL M 172 -15.18 -60.09 -1.33
CA VAL M 172 -14.19 -59.45 -2.17
C VAL M 172 -13.33 -60.53 -2.82
N ASP M 173 -12.63 -60.15 -3.88
CA ASP M 173 -11.62 -61.00 -4.51
C ASP M 173 -10.47 -60.10 -4.95
N GLU M 174 -9.60 -60.63 -5.81
CA GLU M 174 -8.37 -59.94 -6.20
C GLU M 174 -8.60 -58.77 -7.15
N ASN M 175 -9.81 -58.62 -7.72
CA ASN M 175 -10.10 -57.53 -8.63
C ASN M 175 -10.83 -56.36 -7.96
N THR M 176 -11.11 -56.45 -6.67
CA THR M 176 -11.83 -55.39 -5.97
C THR M 176 -10.95 -54.16 -5.77
N LEU M 177 -11.51 -52.98 -6.02
CA LEU M 177 -10.80 -51.73 -5.79
C LEU M 177 -10.58 -51.48 -4.29
N PHE M 178 -9.34 -51.15 -3.91
CA PHE M 178 -8.98 -50.90 -2.52
C PHE M 178 -8.24 -49.56 -2.39
N TRP M 179 -8.23 -49.01 -1.18
CA TRP M 179 -7.38 -47.87 -0.85
C TRP M 179 -6.78 -48.05 0.54
N GLY M 180 -5.52 -47.63 0.69
CA GLY M 180 -4.87 -47.53 1.98
C GLY M 180 -3.83 -46.42 1.93
N HIS M 181 -3.12 -46.25 3.04
CA HIS M 181 -2.04 -45.26 3.13
C HIS M 181 -0.88 -45.62 2.21
N GLY M 182 -0.33 -44.60 1.55
CA GLY M 182 0.68 -44.79 0.53
C GLY M 182 0.17 -44.65 -0.89
N LEU M 183 -1.15 -44.68 -1.08
CA LEU M 183 -1.76 -44.54 -2.40
C LEU M 183 -2.49 -43.21 -2.52
N TYR M 184 -2.56 -42.71 -3.75
CA TYR M 184 -3.35 -41.54 -4.08
C TYR M 184 -4.76 -41.89 -4.53
N ASP M 185 -4.95 -43.07 -5.10
CA ASP M 185 -6.22 -43.42 -5.72
C ASP M 185 -6.50 -44.91 -5.54
N TRP M 186 -7.70 -45.29 -5.95
CA TRP M 186 -8.21 -46.63 -5.71
C TRP M 186 -7.71 -47.60 -6.77
N LEU M 187 -7.20 -48.75 -6.33
CA LEU M 187 -6.56 -49.71 -7.19
C LEU M 187 -7.12 -51.10 -6.94
N PRO M 188 -7.10 -51.99 -7.94
CA PRO M 188 -7.43 -53.40 -7.67
C PRO M 188 -6.37 -54.04 -6.79
N ALA M 189 -6.83 -55.03 -6.01
CA ALA M 189 -6.03 -55.60 -4.91
C ALA M 189 -4.77 -56.31 -5.39
N LYS M 190 -4.82 -56.95 -6.55
CA LYS M 190 -3.64 -57.60 -7.10
C LYS M 190 -2.56 -56.61 -7.52
N ASN M 191 -2.92 -55.37 -7.81
CA ASN M 191 -1.98 -54.35 -8.23
C ASN M 191 -1.46 -53.51 -7.07
N ILE M 192 -1.96 -53.74 -5.87
CA ILE M 192 -1.41 -53.12 -4.68
C ILE M 192 -0.37 -54.06 -4.10
N LYS M 193 0.84 -53.54 -3.89
CA LYS M 193 1.95 -54.37 -3.48
C LYS M 193 1.79 -54.85 -2.03
N LEU M 194 2.03 -56.15 -1.82
CA LEU M 194 2.05 -56.90 -0.57
C LEU M 194 0.69 -57.09 0.09
N LEU M 195 -0.41 -56.65 -0.52
CA LEU M 195 -1.73 -56.85 0.08
C LEU M 195 -2.15 -58.31 0.03
N LEU M 196 -2.04 -58.94 -1.14
CA LEU M 196 -2.34 -60.36 -1.28
C LEU M 196 -1.45 -61.28 -0.45
N PRO M 197 -0.11 -61.10 -0.34
CA PRO M 197 0.63 -61.90 0.66
C PRO M 197 0.21 -61.69 2.10
N MET M 198 -0.26 -60.49 2.48
CA MET M 198 -0.78 -60.31 3.83
C MET M 198 -2.09 -61.06 4.03
N VAL M 199 -2.95 -61.10 3.01
CA VAL M 199 -4.25 -61.74 3.17
C VAL M 199 -4.13 -63.26 3.19
N ARG M 200 -3.32 -63.83 2.31
CA ARG M 200 -3.42 -65.26 1.96
C ARG M 200 -2.63 -66.13 2.95
N THR M 201 -3.16 -66.18 4.17
CA THR M 201 -2.81 -67.16 5.19
C THR M 201 -3.23 -68.56 4.72
N PRO M 202 -2.50 -69.63 5.11
CA PRO M 202 -2.91 -70.99 4.73
C PRO M 202 -4.32 -71.39 5.15
N GLU M 203 -4.75 -70.99 6.35
CA GLU M 203 -6.13 -71.20 6.77
C GLU M 203 -7.10 -70.45 5.88
N VAL M 204 -6.73 -69.22 5.48
CA VAL M 204 -7.56 -68.42 4.60
C VAL M 204 -7.70 -69.07 3.22
N ARG M 205 -6.59 -69.60 2.68
CA ARG M 205 -6.62 -70.26 1.38
C ARG M 205 -7.47 -71.51 1.40
N PHE M 206 -7.34 -72.31 2.46
CA PHE M 206 -8.15 -73.52 2.60
C PHE M 206 -9.64 -73.20 2.75
N ALA M 207 -9.97 -72.20 3.57
CA ALA M 207 -11.38 -71.87 3.78
C ALA M 207 -11.99 -71.19 2.57
N THR M 208 -11.20 -70.41 1.83
CA THR M 208 -11.66 -69.83 0.57
C THR M 208 -11.95 -70.90 -0.46
N TRP M 209 -11.10 -71.93 -0.54
CA TRP M 209 -11.36 -73.04 -1.44
C TRP M 209 -12.62 -73.82 -1.05
N ILE M 210 -12.82 -74.05 0.25
CA ILE M 210 -14.02 -74.75 0.74
C ILE M 210 -15.28 -73.97 0.40
N LYS M 211 -15.26 -72.66 0.66
CA LYS M 211 -16.42 -71.81 0.41
C LYS M 211 -16.72 -71.67 -1.08
N ARG M 212 -15.68 -71.60 -1.91
CA ARG M 212 -15.89 -71.51 -3.35
C ARG M 212 -16.42 -72.81 -3.92
N THR M 213 -15.88 -73.95 -3.47
CA THR M 213 -16.24 -75.23 -4.08
C THR M 213 -17.63 -75.68 -3.67
N PHE M 214 -17.95 -75.61 -2.38
CA PHE M 214 -19.13 -76.29 -1.89
C PHE M 214 -20.29 -75.37 -1.51
N SER M 215 -20.13 -74.06 -1.63
CA SER M 215 -21.22 -73.15 -1.33
C SER M 215 -21.60 -72.24 -2.49
N LEU M 216 -20.63 -71.60 -3.14
CA LEU M 216 -20.96 -70.56 -4.11
C LEU M 216 -21.18 -71.10 -5.52
N LYS M 217 -20.35 -72.04 -5.98
CA LYS M 217 -20.55 -72.64 -7.31
C LYS M 217 -21.82 -73.49 -7.45
N PRO M 218 -22.21 -74.36 -6.49
CA PRO M 218 -23.54 -74.97 -6.60
C PRO M 218 -24.68 -73.96 -6.59
N SER M 219 -24.55 -72.88 -5.81
CA SER M 219 -25.56 -71.83 -5.81
C SER M 219 -25.59 -71.08 -7.13
N LEU M 220 -24.43 -70.91 -7.77
CA LEU M 220 -24.38 -70.25 -9.08
C LEU M 220 -25.02 -71.11 -10.15
N ASN M 221 -24.77 -72.42 -10.12
CA ASN M 221 -25.42 -73.32 -11.08
C ASN M 221 -26.92 -73.41 -10.83
N ARG M 222 -27.33 -73.38 -9.56
CA ARG M 222 -28.75 -73.38 -9.21
C ARG M 222 -29.44 -72.10 -9.68
N ILE M 223 -28.80 -70.93 -9.48
CA ILE M 223 -29.42 -69.68 -9.91
C ILE M 223 -29.35 -69.50 -11.42
N ARG M 224 -28.44 -70.20 -12.10
CA ARG M 224 -28.46 -70.19 -13.56
C ARG M 224 -29.58 -71.08 -14.10
N GLU M 225 -29.84 -72.21 -13.45
CA GLU M 225 -30.93 -73.08 -13.92
C GLU M 225 -32.30 -72.53 -13.54
N GLN M 226 -32.44 -71.93 -12.35
CA GLN M 226 -33.74 -71.48 -11.89
C GLN M 226 -34.18 -70.20 -12.60
N ARG M 227 -33.25 -69.44 -13.14
CA ARG M 227 -33.58 -68.23 -13.87
C ARG M 227 -32.76 -68.10 -15.15
N THR N 14 16.27 -61.36 -29.17
CA THR N 14 16.07 -60.35 -30.20
C THR N 14 14.89 -59.46 -29.84
N ASP N 15 13.81 -60.08 -29.36
CA ASP N 15 12.64 -59.34 -28.93
C ASP N 15 12.77 -59.02 -27.45
N PRO N 16 12.89 -57.75 -27.06
CA PRO N 16 13.10 -57.43 -25.64
C PRO N 16 11.87 -57.59 -24.77
N LEU N 17 10.68 -57.57 -25.36
CA LEU N 17 9.44 -57.60 -24.62
C LEU N 17 8.94 -59.01 -24.37
N LYS N 18 9.65 -60.03 -24.83
CA LYS N 18 9.27 -61.42 -24.65
C LYS N 18 10.45 -62.25 -24.20
N GLU N 19 11.23 -61.74 -23.25
CA GLU N 19 12.29 -62.52 -22.65
C GLU N 19 11.72 -63.62 -21.76
N ASP N 20 12.46 -64.71 -21.65
CA ASP N 20 11.97 -65.88 -20.93
C ASP N 20 12.12 -65.68 -19.43
N PRO N 21 11.03 -65.70 -18.65
CA PRO N 21 11.12 -65.42 -17.22
C PRO N 21 11.32 -66.63 -16.32
N THR N 22 11.74 -67.77 -16.87
CA THR N 22 11.78 -69.03 -16.13
C THR N 22 12.87 -69.04 -15.04
N VAL N 23 13.86 -68.15 -15.10
CA VAL N 23 14.76 -67.94 -13.97
C VAL N 23 14.82 -66.45 -13.68
N ILE N 24 14.37 -66.04 -12.50
CA ILE N 24 14.45 -64.66 -12.05
C ILE N 24 15.44 -64.59 -10.90
N ARG N 25 16.54 -63.86 -11.10
CA ARG N 25 17.54 -63.70 -10.05
C ARG N 25 18.18 -62.32 -10.16
N ASP N 26 18.50 -61.75 -9.00
CA ASP N 26 19.11 -60.44 -8.89
C ASP N 26 20.36 -60.54 -8.03
N GLU N 27 21.39 -59.79 -8.41
CA GLU N 27 22.64 -59.73 -7.66
C GLU N 27 22.90 -58.26 -7.32
N ALA N 28 22.28 -57.79 -6.24
CA ALA N 28 22.45 -56.43 -5.77
C ALA N 28 22.60 -56.47 -4.26
N GLN N 29 23.60 -55.78 -3.74
CA GLN N 29 23.90 -55.80 -2.33
C GLN N 29 23.16 -54.69 -1.60
N PHE N 30 23.05 -54.83 -0.28
CA PHE N 30 22.52 -53.78 0.58
C PHE N 30 23.54 -53.49 1.67
N PRO N 31 24.03 -52.24 1.80
CA PRO N 31 23.74 -51.09 0.96
C PRO N 31 24.44 -51.13 -0.40
N GLU N 32 23.80 -50.54 -1.40
CA GLU N 32 24.35 -50.53 -2.74
C GLU N 32 25.43 -49.46 -2.84
N PRO N 33 26.66 -49.80 -3.26
CA PRO N 33 27.76 -48.81 -3.25
C PRO N 33 27.57 -47.62 -4.18
N SER N 34 26.81 -47.77 -5.26
CA SER N 34 26.61 -46.65 -6.17
C SER N 34 25.61 -45.64 -5.62
N LEU N 35 24.83 -46.00 -4.61
CA LEU N 35 23.91 -45.06 -3.97
C LEU N 35 24.43 -44.53 -2.65
N TYR N 36 25.31 -45.27 -1.98
CA TYR N 36 25.76 -44.92 -0.64
C TYR N 36 27.00 -44.02 -0.66
N PHE N 37 28.01 -44.37 -1.45
CA PHE N 37 29.32 -43.71 -1.41
C PHE N 37 29.39 -42.50 -2.34
N LYS N 38 28.45 -41.58 -2.21
CA LYS N 38 28.47 -40.38 -3.05
C LYS N 38 27.73 -39.25 -2.34
N VAL N 39 28.14 -38.03 -2.63
CA VAL N 39 27.49 -36.83 -2.12
C VAL N 39 26.82 -36.14 -3.30
N PHE N 40 25.52 -35.90 -3.18
CA PHE N 40 24.75 -35.32 -4.27
C PHE N 40 24.85 -33.80 -4.25
N GLU N 41 24.73 -33.20 -5.43
CA GLU N 41 24.77 -31.75 -5.60
C GLU N 41 23.54 -31.10 -5.01
N GLU N 43 22.37 -31.89 -2.21
CA GLU N 43 22.58 -31.89 -0.76
C GLU N 43 23.40 -30.69 -0.29
N ALA N 44 23.42 -29.63 -1.08
CA ALA N 44 24.03 -28.38 -0.63
C ALA N 44 23.14 -27.71 0.41
N GLY N 45 23.77 -27.23 1.48
CA GLY N 45 23.05 -26.68 2.60
C GLY N 45 22.92 -27.58 3.80
N GLU N 46 23.63 -28.71 3.81
CA GLU N 46 23.66 -29.63 4.94
C GLU N 46 25.11 -29.80 5.38
N PRO N 47 25.45 -29.55 6.65
CA PRO N 47 26.87 -29.56 7.06
C PRO N 47 27.48 -30.95 7.19
N GLU N 48 26.63 -31.92 7.54
CA GLU N 48 27.04 -33.32 7.58
C GLU N 48 27.45 -33.82 6.19
N ALA N 49 26.86 -33.25 5.14
CA ALA N 49 27.30 -33.56 3.78
C ALA N 49 28.72 -33.07 3.52
N LYS N 50 29.12 -31.95 4.13
CA LYS N 50 30.50 -31.49 3.99
C LYS N 50 31.48 -32.43 4.68
N ILE N 51 31.12 -32.91 5.87
CA ILE N 51 31.94 -33.92 6.55
C ILE N 51 32.03 -35.21 5.73
N ARG N 52 30.89 -35.64 5.18
CA ARG N 52 30.84 -36.85 4.35
C ARG N 52 31.63 -36.70 3.06
N ALA N 53 31.65 -35.51 2.47
CA ALA N 53 32.42 -35.28 1.25
C ALA N 53 33.92 -35.38 1.51
N ASP N 54 34.38 -34.85 2.65
CA ASP N 54 35.80 -35.01 3.00
C ASP N 54 36.15 -36.48 3.26
N VAL N 55 35.26 -37.22 3.92
CA VAL N 55 35.51 -38.64 4.18
C VAL N 55 35.49 -39.45 2.88
N ASN N 56 34.62 -39.10 1.94
CA ASN N 56 34.57 -39.78 0.65
C ASN N 56 35.83 -39.51 -0.18
N LYS N 57 36.39 -38.29 -0.09
CA LYS N 57 37.68 -38.02 -0.70
C LYS N 57 38.78 -38.87 -0.10
N LEU N 58 38.75 -39.07 1.22
CA LEU N 58 39.72 -39.97 1.86
C LEU N 58 39.55 -41.42 1.39
N TYR N 59 38.30 -41.87 1.20
CA TYR N 59 38.03 -43.21 0.68
C TYR N 59 38.61 -43.40 -0.71
N ASP N 60 38.45 -42.41 -1.59
CA ASP N 60 38.99 -42.51 -2.95
C ASP N 60 40.51 -42.51 -2.95
N ARG N 61 41.13 -41.70 -2.08
CA ARG N 61 42.59 -41.69 -1.96
C ARG N 61 43.12 -43.03 -1.47
N TRP N 62 42.44 -43.63 -0.48
CA TRP N 62 42.86 -44.94 0.02
C TRP N 62 42.64 -46.04 -1.02
N ILE N 63 41.60 -45.91 -1.84
CA ILE N 63 41.36 -46.88 -2.91
C ILE N 63 42.46 -46.81 -3.95
N GLU N 64 42.87 -45.60 -4.36
CA GLU N 64 43.91 -45.53 -5.39
C GLU N 64 45.28 -45.86 -4.83
N LYS N 65 45.48 -45.75 -3.51
CA LYS N 65 46.77 -46.21 -2.98
C LYS N 65 46.81 -47.72 -2.74
N TYR N 66 45.74 -48.31 -2.19
CA TYR N 66 45.84 -49.70 -1.75
C TYR N 66 44.78 -50.64 -2.30
N GLY N 67 43.85 -50.16 -3.13
CA GLY N 67 42.83 -51.04 -3.68
C GLY N 67 41.68 -51.33 -2.76
N ARG N 68 41.55 -50.62 -1.64
CA ARG N 68 40.46 -50.84 -0.70
C ARG N 68 40.16 -49.51 -0.02
N ARG N 69 39.04 -49.46 0.71
CA ARG N 69 38.63 -48.27 1.44
C ARG N 69 39.22 -48.20 2.84
N TRP N 70 40.42 -48.76 3.03
CA TRP N 70 41.01 -48.92 4.33
C TRP N 70 42.50 -48.55 4.29
N PRO N 71 42.99 -47.76 5.24
CA PRO N 71 44.42 -47.48 5.30
C PRO N 71 45.21 -48.65 5.85
N GLU N 72 46.51 -48.64 5.56
CA GLU N 72 47.37 -49.69 6.09
C GLU N 72 47.71 -49.47 7.56
N ASP N 73 47.86 -48.22 7.99
CA ASP N 73 48.10 -47.91 9.39
C ASP N 73 46.95 -47.14 10.02
N GLY N 74 46.61 -45.99 9.46
CA GLY N 74 45.56 -45.16 10.02
C GLY N 74 45.54 -43.82 9.32
N ILE N 75 44.75 -42.90 9.87
CA ILE N 75 44.82 -41.52 9.43
C ILE N 75 46.13 -40.93 9.93
N ASN N 76 46.96 -40.47 9.01
CA ASN N 76 48.24 -39.86 9.35
C ASN N 76 48.08 -38.36 9.45
N GLU N 78 49.83 -36.42 7.42
CA GLU N 78 49.86 -36.04 6.01
C GLU N 78 48.51 -36.18 5.31
N ASP N 79 47.61 -37.04 5.80
CA ASP N 79 46.24 -37.06 5.32
C ASP N 79 45.50 -35.78 5.72
N MET N 80 45.77 -35.28 6.93
CA MET N 80 45.15 -34.05 7.40
C MET N 80 45.61 -32.84 6.60
N VAL N 81 46.91 -32.78 6.30
CA VAL N 81 47.46 -31.70 5.48
C VAL N 81 46.92 -31.77 4.06
N TRP N 82 46.83 -32.99 3.50
CA TRP N 82 46.30 -33.18 2.16
C TRP N 82 44.82 -32.79 2.08
N LEU N 83 44.06 -33.09 3.13
CA LEU N 83 42.67 -32.70 3.18
C LEU N 83 42.51 -31.19 3.29
N ALA N 84 43.38 -30.54 4.06
CA ALA N 84 43.25 -29.10 4.25
C ALA N 84 43.71 -28.30 3.02
N GLU N 85 44.75 -28.77 2.33
CA GLU N 85 45.38 -27.97 1.30
C GLU N 85 45.10 -28.48 -0.11
N GLU N 86 45.28 -29.77 -0.37
CA GLU N 86 45.26 -30.27 -1.74
C GLU N 86 43.86 -30.67 -2.22
N ALA N 87 43.01 -31.18 -1.33
CA ALA N 87 41.71 -31.70 -1.74
C ALA N 87 40.74 -30.57 -2.09
N ASN N 88 40.43 -29.70 -1.14
CA ASN N 88 39.57 -28.57 -1.44
C ASN N 88 40.42 -27.38 -1.91
N LYS N 89 40.14 -26.93 -3.14
CA LYS N 89 40.97 -25.91 -3.78
C LYS N 89 40.10 -24.83 -4.38
N ARG N 90 39.22 -24.25 -3.55
CA ARG N 90 38.21 -23.27 -3.97
C ARG N 90 38.81 -22.06 -4.68
N LYS N 91 38.02 -21.48 -5.58
CA LYS N 91 38.53 -20.55 -6.57
C LYS N 91 38.49 -19.12 -6.04
N ARG N 92 39.61 -18.41 -6.22
CA ARG N 92 39.79 -17.06 -5.73
C ARG N 92 39.78 -16.07 -6.89
N ALA N 93 40.04 -14.81 -6.59
CA ALA N 93 40.24 -13.81 -7.61
C ALA N 93 41.68 -13.86 -8.12
N LYS N 94 42.02 -12.95 -9.04
CA LYS N 94 43.39 -12.88 -9.51
C LYS N 94 44.30 -12.36 -8.41
N PRO N 95 45.52 -12.89 -8.29
CA PRO N 95 46.41 -12.48 -7.18
C PRO N 95 46.91 -11.05 -7.37
N ARG N 96 47.18 -10.41 -6.24
CA ARG N 96 47.72 -9.07 -6.16
C ARG N 96 49.16 -9.05 -6.67
N PRO N 97 49.66 -7.87 -7.13
CA PRO N 97 51.06 -7.75 -7.53
C PRO N 97 52.07 -8.12 -6.45
N ARG N 98 52.95 -9.06 -6.81
CA ARG N 98 53.91 -9.60 -5.87
C ARG N 98 54.98 -8.56 -5.53
N GLY N 99 55.41 -8.55 -4.27
CA GLY N 99 56.43 -7.65 -3.80
C GLY N 99 57.77 -8.36 -3.68
N THR N 100 58.82 -7.69 -4.15
CA THR N 100 60.16 -8.26 -4.13
C THR N 100 61.06 -7.65 -3.05
N VAL N 101 60.68 -6.49 -2.50
CA VAL N 101 61.45 -5.83 -1.46
C VAL N 101 60.53 -5.50 -0.29
N ALA N 102 61.12 -5.33 0.88
CA ALA N 102 60.37 -5.06 2.09
C ALA N 102 60.22 -3.55 2.28
N ALA N 103 59.01 -3.13 2.61
CA ALA N 103 58.69 -1.73 2.82
C ALA N 103 58.70 -1.35 4.30
N GLU N 104 59.15 -2.25 5.16
CA GLU N 104 59.22 -2.00 6.60
C GLU N 104 60.60 -2.39 7.10
N LYS N 105 60.92 -1.94 8.32
CA LYS N 105 62.20 -2.21 8.93
C LYS N 105 61.98 -2.80 10.33
N THR N 106 62.79 -3.81 10.67
CA THR N 106 62.72 -4.44 11.98
C THR N 106 63.17 -3.45 13.05
N GLU N 107 62.34 -3.28 14.08
CA GLU N 107 62.66 -2.33 15.15
C GLU N 107 63.07 -3.02 16.43
N TYR N 108 62.24 -3.93 16.94
CA TYR N 108 62.62 -4.78 18.07
C TYR N 108 62.71 -6.22 17.60
N GLU N 109 63.13 -7.10 18.51
CA GLU N 109 63.39 -8.49 18.18
C GLU N 109 62.08 -9.26 18.04
N ASP N 110 62.03 -10.12 17.01
CA ASP N 110 60.88 -10.98 16.67
C ASP N 110 59.60 -10.16 16.44
N GLU N 111 59.74 -9.04 15.74
CA GLU N 111 58.57 -8.25 15.40
C GLU N 111 57.75 -8.90 14.29
N PHE N 112 58.42 -9.44 13.27
CA PHE N 112 57.75 -9.94 12.09
C PHE N 112 57.98 -11.44 11.93
N MET N 113 57.04 -12.07 11.23
CA MET N 113 57.25 -13.43 10.76
C MET N 113 58.37 -13.42 9.71
N PRO N 114 59.21 -14.46 9.68
CA PRO N 114 60.33 -14.47 8.74
C PRO N 114 59.88 -14.63 7.29
N ASP N 115 60.68 -14.05 6.39
CA ASP N 115 60.47 -14.17 4.95
C ASP N 115 61.36 -15.25 4.36
N ARG N 154 58.36 -26.24 -3.21
CA ARG N 154 57.65 -27.39 -2.66
C ARG N 154 56.75 -26.99 -1.50
N THR N 155 55.63 -27.71 -1.36
CA THR N 155 54.51 -27.29 -0.54
C THR N 155 54.54 -27.98 0.82
N ASN N 156 53.52 -27.69 1.65
CA ASN N 156 53.45 -28.26 2.99
C ASN N 156 53.16 -29.75 2.97
N TYR N 157 52.32 -30.21 2.03
CA TYR N 157 51.96 -31.62 1.96
C TYR N 157 53.16 -32.49 1.59
N GLU N 158 53.91 -32.10 0.56
CA GLU N 158 55.05 -32.90 0.18
C GLU N 158 56.29 -32.61 1.01
N LYS N 159 56.26 -31.60 1.88
CA LYS N 159 57.24 -31.51 2.96
C LYS N 159 56.88 -32.45 4.10
N THR N 160 55.58 -32.67 4.34
CA THR N 160 55.16 -33.59 5.39
C THR N 160 55.39 -35.04 4.96
N VAL N 161 55.19 -35.33 3.67
CA VAL N 161 55.40 -36.67 3.15
C VAL N 161 56.88 -37.06 3.25
N ALA N 162 57.78 -36.13 2.91
CA ALA N 162 59.21 -36.37 2.95
C ALA N 162 59.81 -36.23 4.35
N GLY N 163 59.02 -36.31 5.40
CA GLY N 163 59.53 -36.20 6.76
C GLY N 163 59.43 -34.80 7.29
N GLY N 164 58.42 -34.56 8.12
CA GLY N 164 58.22 -33.25 8.68
C GLY N 164 57.20 -33.28 9.79
N LYS N 165 57.55 -32.73 10.94
CA LYS N 165 56.68 -32.74 12.10
C LYS N 165 56.11 -31.34 12.35
N TRP N 166 54.92 -31.31 12.92
CA TRP N 166 54.24 -30.07 13.25
C TRP N 166 54.17 -29.95 14.77
N VAL N 167 54.95 -29.02 15.32
CA VAL N 167 54.96 -28.78 16.76
C VAL N 167 54.27 -27.45 17.06
N ASP N 169 53.16 -23.75 18.23
CA ASP N 169 53.63 -22.37 18.29
C ASP N 169 53.12 -21.68 19.55
N GLU N 170 53.77 -20.59 19.96
CA GLU N 170 53.43 -19.92 21.22
C GLU N 170 52.49 -18.73 21.06
N PHE N 171 52.30 -18.21 19.84
CA PHE N 171 51.46 -17.04 19.67
C PHE N 171 49.99 -17.43 19.66
N GLU N 172 49.15 -16.50 20.10
CA GLU N 172 47.73 -16.75 20.19
C GLU N 172 47.04 -16.44 18.86
N ALA N 174 44.50 -14.58 18.01
CA ALA N 174 44.06 -13.22 17.74
C ALA N 174 45.17 -12.36 17.14
N ASP N 175 46.43 -12.69 17.44
CA ASP N 175 47.54 -11.98 16.82
C ASP N 175 47.66 -12.27 15.34
N TYR N 176 47.49 -13.54 14.96
CA TYR N 176 47.56 -13.94 13.56
C TYR N 176 46.40 -13.35 12.76
N GLU N 177 45.21 -13.32 13.34
CA GLU N 177 44.06 -12.75 12.63
C GLU N 177 44.18 -11.24 12.48
N ALA N 178 44.81 -10.58 13.46
CA ALA N 178 45.11 -9.16 13.34
C ALA N 178 46.12 -8.90 12.22
N GLY N 179 47.15 -9.74 12.12
CA GLY N 179 48.09 -9.62 11.02
C GLY N 179 47.46 -9.87 9.66
N ASN N 180 46.53 -10.84 9.60
CA ASN N 180 45.82 -11.12 8.36
C ASN N 180 44.94 -9.95 7.94
N LEU N 181 44.25 -9.32 8.90
CA LEU N 181 43.42 -8.16 8.57
C LEU N 181 44.26 -6.98 8.12
N GLU N 182 45.45 -6.80 8.71
CA GLU N 182 46.34 -5.74 8.26
C GLU N 182 46.87 -6.00 6.86
N LYS N 183 47.13 -7.26 6.51
CA LYS N 183 47.56 -7.55 5.14
C LYS N 183 46.42 -7.40 4.13
N LEU N 184 45.17 -7.70 4.52
CA LEU N 184 44.06 -7.48 3.60
C LEU N 184 43.79 -5.99 3.38
N TRP N 185 43.74 -5.20 4.45
CA TRP N 185 43.46 -3.78 4.31
C TRP N 185 44.61 -3.01 3.67
N ASP N 186 45.83 -3.58 3.73
CA ASP N 186 47.08 -2.93 3.31
C ASP N 186 47.30 -1.60 4.03
N MET N 187 46.97 -1.56 5.32
CA MET N 187 47.17 -0.36 6.12
C MET N 187 47.27 -0.76 7.58
N TYR N 188 47.82 0.14 8.39
CA TYR N 188 48.00 -0.08 9.81
C TYR N 188 46.66 0.05 10.54
N LEU N 189 46.26 -1.00 11.24
CA LEU N 189 44.99 -1.03 11.95
C LEU N 189 45.15 -0.91 13.46
N TRP N 190 46.37 -0.94 13.99
CA TRP N 190 46.65 -0.65 15.38
C TRP N 190 47.90 0.21 15.43
N ASP N 191 48.03 1.02 16.47
CA ASP N 191 49.23 1.83 16.62
C ASP N 191 50.24 1.09 17.48
N ARG N 192 51.36 1.74 17.81
CA ARG N 192 52.46 1.13 18.54
C ARG N 192 52.09 0.79 19.97
N GLU N 193 51.09 1.46 20.53
CA GLU N 193 50.66 1.24 21.90
C GLU N 193 49.58 0.16 22.02
N GLY N 194 49.10 -0.37 20.90
CA GLY N 194 48.12 -1.43 20.93
C GLY N 194 46.69 -1.00 20.69
N LYS N 195 46.43 0.26 20.44
CA LYS N 195 45.11 0.86 20.28
C LYS N 195 44.73 0.91 18.79
N PRO N 196 43.46 0.65 18.46
CA PRO N 196 43.06 0.65 17.05
C PRO N 196 43.04 2.05 16.44
N THR N 197 43.34 2.10 15.14
CA THR N 197 43.31 3.34 14.39
C THR N 197 41.97 3.58 13.70
N MET N 198 41.38 2.54 13.11
CA MET N 198 40.16 2.69 12.33
C MET N 198 38.91 2.32 13.10
N MET N 199 39.05 2.03 14.39
CA MET N 199 37.99 1.53 15.26
C MET N 199 37.95 2.39 16.52
N PRO N 200 36.76 2.59 17.09
CA PRO N 200 36.69 3.34 18.37
C PRO N 200 37.28 2.51 19.52
N ASP N 201 38.18 3.14 20.26
CA ASP N 201 38.91 2.47 21.33
C ASP N 201 38.34 2.69 22.72
N THR N 202 37.26 3.42 22.82
CA THR N 202 36.57 3.60 24.09
C THR N 202 35.55 2.49 24.31
N PRO N 203 35.20 2.17 25.56
CA PRO N 203 34.10 1.22 25.79
C PRO N 203 32.77 1.81 25.34
N ALA N 204 31.86 0.91 24.97
CA ALA N 204 30.60 1.31 24.36
C ALA N 204 29.67 1.94 25.39
N ALA N 205 28.96 2.98 24.95
CA ALA N 205 28.02 3.69 25.82
C ALA N 205 26.73 2.89 25.93
N GLN N 206 26.54 2.23 27.07
CA GLN N 206 25.39 1.34 27.24
C GLN N 206 24.08 2.11 27.31
N GLN N 207 24.11 3.35 27.79
CA GLN N 207 22.90 4.17 27.86
C GLN N 207 22.53 4.80 26.53
N GLU N 208 23.47 4.87 25.58
CA GLU N 208 23.16 5.36 24.25
C GLU N 208 22.54 4.28 23.36
N GLY N 209 22.48 3.03 23.82
CA GLY N 209 21.95 1.96 23.05
C GLY N 209 22.98 1.07 22.37
N GLU N 210 24.25 1.21 22.71
CA GLU N 210 25.34 0.50 22.05
C GLU N 210 25.77 -0.70 22.87
N GLU N 211 26.41 -1.65 22.19
CA GLU N 211 27.06 -2.79 22.84
C GLU N 211 28.50 -2.92 22.36
N GLU N 213 31.92 -4.65 20.72
CA GLU N 213 32.27 -5.49 19.58
C GLU N 213 33.75 -5.82 19.58
N ASP N 214 34.07 -7.05 19.21
CA ASP N 214 35.45 -7.46 19.03
C ASP N 214 35.97 -6.96 17.69
N PHE N 215 37.30 -6.99 17.53
CA PHE N 215 37.91 -6.37 16.34
C PHE N 215 37.64 -7.17 15.07
N ASP N 216 37.49 -8.49 15.18
CA ASP N 216 37.25 -9.31 13.99
C ASP N 216 35.89 -9.00 13.38
N ASP N 217 34.86 -8.87 14.23
CA ASP N 217 33.53 -8.51 13.75
C ASP N 217 33.50 -7.11 13.15
N PHE N 218 34.16 -6.14 13.78
CA PHE N 218 34.11 -4.77 13.29
C PHE N 218 34.90 -4.60 12.01
N TYR N 219 36.11 -5.13 11.96
CA TYR N 219 36.94 -4.96 10.78
C TYR N 219 36.58 -5.91 9.65
N THR N 220 35.64 -6.85 9.86
CA THR N 220 35.07 -7.53 8.72
C THR N 220 33.74 -6.93 8.26
N ALA N 221 32.94 -6.37 9.17
CA ALA N 221 31.67 -5.79 8.71
C ALA N 221 31.85 -4.40 8.12
N TYR N 222 32.86 -3.65 8.56
CA TYR N 222 33.23 -2.36 8.01
C TYR N 222 34.61 -2.52 7.40
N ARG N 223 34.71 -2.46 6.07
CA ARG N 223 35.88 -2.95 5.36
C ARG N 223 36.08 -2.13 4.08
N PRO N 224 37.29 -2.20 3.43
CA PRO N 224 37.58 -1.29 2.30
C PRO N 224 37.04 -1.56 0.89
N ARG N 225 35.99 -2.36 0.69
CA ARG N 225 35.24 -2.48 -0.57
C ARG N 225 36.00 -3.18 -1.70
N ASP N 226 37.30 -3.39 -1.57
CA ASP N 226 38.01 -4.32 -2.43
C ASP N 226 38.35 -5.60 -1.69
N VAL N 227 37.76 -5.79 -0.51
CA VAL N 227 37.79 -7.05 0.23
C VAL N 227 36.38 -7.59 0.26
N ASP N 228 36.20 -8.84 -0.20
CA ASP N 228 34.89 -9.47 -0.14
C ASP N 228 34.75 -10.37 1.09
N GLU N 230 34.34 -13.54 1.65
CA GLU N 230 34.93 -14.88 1.75
C GLU N 230 36.40 -14.84 2.14
N GLU N 231 37.16 -13.89 1.62
CA GLU N 231 38.53 -13.73 2.10
C GLU N 231 38.57 -13.06 3.46
N ALA N 232 37.54 -12.28 3.80
CA ALA N 232 37.40 -11.75 5.15
C ALA N 232 37.16 -12.86 6.16
N ARG N 233 36.38 -13.87 5.79
CA ARG N 233 36.17 -15.03 6.67
C ARG N 233 37.44 -15.86 6.79
N GLU N 234 38.22 -15.95 5.71
CA GLU N 234 39.45 -16.72 5.74
C GLU N 234 40.50 -16.05 6.61
N ALA N 235 40.55 -14.71 6.59
CA ALA N 235 41.55 -14.00 7.39
C ALA N 235 41.30 -14.12 8.89
N VAL N 236 40.04 -14.24 9.31
CA VAL N 236 39.73 -14.31 10.74
C VAL N 236 39.59 -15.75 11.22
N TRP N 237 39.97 -16.73 10.38
CA TRP N 237 39.97 -18.16 10.70
C TRP N 237 38.58 -18.66 11.10
N ALA N 238 37.58 -18.36 10.29
CA ALA N 238 36.23 -18.84 10.52
C ALA N 238 36.08 -20.24 9.91
N ASP N 240 34.60 -23.50 11.72
CA ASP N 240 33.70 -24.54 12.23
C ASP N 240 32.40 -24.66 11.44
N GLU N 241 32.07 -25.88 11.04
CA GLU N 241 30.95 -26.14 10.15
C GLU N 241 29.61 -25.95 10.83
N PHE N 242 29.53 -26.07 12.15
CA PHE N 242 28.26 -26.04 12.85
C PHE N 242 27.98 -24.76 13.62
N GLU N 243 29.01 -24.05 14.06
CA GLU N 243 28.79 -22.93 14.95
C GLU N 243 29.36 -21.61 14.42
N ASP N 245 29.01 -20.65 11.29
CA ASP N 245 28.30 -20.37 10.06
C ASP N 245 26.81 -20.30 10.32
N GLU N 246 26.16 -19.30 9.73
CA GLU N 246 24.73 -19.11 9.82
C GLU N 246 24.19 -18.79 8.44
N ASP N 247 22.97 -19.25 8.18
CA ASP N 247 22.29 -18.96 6.92
C ASP N 247 21.60 -17.60 6.99
N ASN N 248 21.68 -16.85 5.89
CA ASN N 248 20.95 -15.60 5.77
C ASN N 248 19.50 -15.90 5.44
N GLU N 250 17.57 -14.47 3.10
CA GLU N 250 17.31 -14.50 1.66
C GLU N 250 17.98 -15.68 0.94
N GLU N 252 18.35 -18.99 2.53
CA GLU N 252 18.06 -20.28 3.15
C GLU N 252 17.20 -21.13 2.23
N TRP N 253 17.38 -22.43 2.29
CA TRP N 253 16.69 -23.36 1.40
C TRP N 253 15.20 -23.41 1.70
N ALA N 254 14.40 -23.45 0.64
CA ALA N 254 12.95 -23.57 0.70
C ALA N 254 12.48 -24.57 -0.33
N PRO N 255 11.35 -25.24 -0.09
CA PRO N 255 10.76 -26.08 -1.14
C PRO N 255 10.32 -25.26 -2.35
N GLU N 256 10.44 -25.88 -3.52
CA GLU N 256 10.08 -25.22 -4.76
C GLU N 256 8.58 -25.04 -4.88
N TYR N 257 8.17 -23.95 -5.52
CA TYR N 257 6.80 -23.77 -5.98
C TYR N 257 6.74 -24.23 -7.42
N VAL N 258 5.84 -25.16 -7.72
CA VAL N 258 5.68 -25.68 -9.08
C VAL N 258 4.29 -25.45 -9.64
N GLY N 259 3.34 -25.00 -8.85
CA GLY N 259 1.98 -24.82 -9.35
C GLY N 259 1.29 -26.14 -9.62
N ALA N 260 0.72 -26.26 -10.82
CA ALA N 260 0.08 -27.51 -11.22
C ALA N 260 1.08 -28.60 -11.54
N GLY N 261 2.34 -28.25 -11.77
CA GLY N 261 3.38 -29.23 -12.01
C GLY N 261 3.66 -29.53 -13.46
N LEU N 262 3.10 -28.78 -14.39
CA LEU N 262 3.27 -29.04 -15.81
C LEU N 262 4.32 -28.11 -16.40
N GLY N 263 4.96 -28.55 -17.48
CA GLY N 263 5.95 -27.74 -18.14
C GLY N 263 7.33 -27.77 -17.52
N LEU N 264 7.62 -28.73 -16.66
CA LEU N 264 8.91 -28.82 -16.01
C LEU N 264 9.90 -29.58 -16.90
N VAL N 265 11.18 -29.35 -16.64
CA VAL N 265 12.25 -30.12 -17.28
C VAL N 265 12.45 -31.40 -16.47
N ALA N 266 12.37 -32.53 -17.15
CA ALA N 266 12.49 -33.83 -16.50
C ALA N 266 13.95 -34.25 -16.48
N GLU N 267 14.50 -34.48 -15.28
CA GLU N 267 15.81 -35.09 -15.19
C GLU N 267 15.79 -36.51 -15.75
N ASP N 268 14.77 -37.28 -15.39
CA ASP N 268 14.50 -38.58 -15.98
C ASP N 268 13.37 -38.42 -16.98
N PRO N 269 13.61 -38.61 -18.29
CA PRO N 269 12.53 -38.44 -19.27
C PRO N 269 11.39 -39.45 -19.13
N LEU N 270 11.67 -40.66 -18.67
CA LEU N 270 10.61 -41.64 -18.48
C LEU N 270 9.77 -41.39 -17.24
N ASN N 271 10.26 -40.63 -16.26
CA ASN N 271 9.59 -40.41 -14.99
C ASN N 271 9.62 -38.91 -14.68
N PRO N 272 8.64 -38.14 -15.17
CA PRO N 272 8.61 -36.70 -14.85
C PRO N 272 8.31 -36.39 -13.40
N GLN N 273 7.65 -37.31 -12.69
CA GLN N 273 7.28 -37.12 -11.28
C GLN N 273 8.50 -36.97 -10.38
N TYR N 274 9.64 -37.50 -10.81
CA TYR N 274 10.91 -37.34 -10.08
C TYR N 274 11.35 -35.89 -10.00
N SER N 275 10.92 -35.05 -10.95
CA SER N 275 11.21 -33.63 -10.87
C SER N 275 10.37 -32.90 -9.83
N LEU N 276 9.35 -33.53 -9.25
CA LEU N 276 8.53 -32.92 -8.22
C LEU N 276 9.07 -33.15 -6.81
N ARG N 277 10.23 -33.80 -6.66
CA ARG N 277 10.68 -34.30 -5.36
C ARG N 277 11.12 -33.20 -4.40
N HIS N 278 11.32 -31.97 -4.86
CA HIS N 278 11.77 -30.89 -4.00
C HIS N 278 10.65 -29.90 -3.68
N SER N 279 9.41 -30.33 -3.80
CA SER N 279 8.26 -29.44 -3.67
C SER N 279 7.22 -30.07 -2.76
N ASN N 280 6.17 -29.31 -2.49
CA ASN N 280 5.02 -29.79 -1.72
C ASN N 280 3.82 -30.06 -2.61
N HIS N 281 4.05 -30.43 -3.87
CA HIS N 281 3.00 -30.88 -4.77
C HIS N 281 2.37 -32.16 -4.20
N PRO N 282 1.06 -32.37 -4.38
CA PRO N 282 0.42 -33.58 -3.84
C PRO N 282 0.92 -34.89 -4.43
N LEU N 283 1.53 -34.88 -5.61
CA LEU N 283 2.12 -36.08 -6.19
C LEU N 283 3.64 -36.11 -6.07
N ALA N 284 4.21 -35.29 -5.20
CA ALA N 284 5.63 -35.36 -4.92
C ALA N 284 5.97 -36.67 -4.23
N PRO N 285 7.02 -37.38 -4.67
CA PRO N 285 7.31 -38.69 -4.08
C PRO N 285 7.88 -38.58 -2.68
N PHE N 286 7.35 -39.42 -1.78
CA PHE N 286 7.75 -39.64 -0.40
C PHE N 286 7.71 -38.40 0.47
N PRO N 287 6.53 -37.86 0.81
CA PRO N 287 6.48 -36.66 1.65
C PRO N 287 6.44 -36.90 3.15
N GLY N 288 7.20 -37.85 3.69
CA GLY N 288 7.12 -38.12 5.11
C GLY N 288 5.85 -38.84 5.53
N GLU N 289 4.95 -38.09 6.17
CA GLU N 289 3.65 -38.59 6.59
C GLU N 289 2.79 -38.93 5.37
N PRO N 290 1.95 -39.96 5.45
CA PRO N 290 1.06 -40.28 4.33
C PRO N 290 -0.07 -39.27 4.16
N LEU N 291 -0.60 -39.22 2.94
CA LEU N 291 -1.84 -38.53 2.67
C LEU N 291 -3.01 -39.30 3.28
N LYS N 292 -3.90 -38.60 3.97
CA LYS N 292 -4.94 -39.25 4.76
C LYS N 292 -6.34 -38.93 4.26
N TRP N 293 -7.25 -39.86 4.47
CA TRP N 293 -8.66 -39.64 4.20
C TRP N 293 -9.26 -38.84 5.35
N ALA N 294 -9.58 -37.58 5.12
CA ALA N 294 -10.11 -36.69 6.13
C ALA N 294 -11.61 -36.49 5.93
N SER N 295 -12.37 -36.59 7.02
CA SER N 295 -13.76 -36.18 7.11
C SER N 295 -13.87 -35.17 8.25
N TYR N 296 -14.04 -33.90 7.91
CA TYR N 296 -14.05 -32.80 8.88
C TYR N 296 -15.40 -32.12 8.89
N VAL N 297 -15.96 -31.93 10.08
CA VAL N 297 -17.07 -31.02 10.32
C VAL N 297 -16.52 -29.84 11.12
N TYR N 298 -16.62 -28.65 10.57
CA TYR N 298 -16.18 -27.41 11.19
C TYR N 298 -17.28 -26.81 12.05
N PRO N 299 -16.95 -25.91 12.99
CA PRO N 299 -17.99 -25.32 13.86
C PRO N 299 -19.06 -24.50 13.14
N ASP N 300 -18.77 -23.97 11.96
CA ASP N 300 -19.77 -23.27 11.16
C ASP N 300 -20.56 -24.22 10.26
N PHE N 301 -20.27 -25.52 10.35
CA PHE N 301 -20.86 -26.64 9.61
C PHE N 301 -20.42 -26.67 8.15
N THR N 302 -19.28 -26.05 7.83
CA THR N 302 -18.56 -26.41 6.63
C THR N 302 -17.95 -27.79 6.83
N THR N 303 -18.04 -28.64 5.81
CA THR N 303 -17.49 -29.99 5.87
C THR N 303 -16.53 -30.20 4.73
N PHE N 304 -15.44 -30.92 5.01
CA PHE N 304 -14.50 -31.33 3.98
C PHE N 304 -14.37 -32.84 3.99
N GLU N 305 -14.28 -33.43 2.81
CA GLU N 305 -14.05 -34.86 2.63
C GLU N 305 -13.06 -35.10 1.50
N GLY N 306 -11.97 -35.75 1.82
CA GLY N 306 -11.02 -36.07 0.76
C GLY N 306 -9.61 -36.19 1.31
N LEU N 307 -8.64 -36.07 0.42
CA LEU N 307 -7.27 -36.31 0.81
C LEU N 307 -6.67 -35.10 1.52
N SER N 308 -5.80 -35.37 2.50
CA SER N 308 -5.21 -34.31 3.29
C SER N 308 -3.74 -34.58 3.53
N LYS N 309 -2.98 -33.50 3.64
CA LYS N 309 -1.55 -33.53 3.95
C LYS N 309 -1.31 -32.66 5.17
N GLN N 310 -0.83 -33.27 6.25
CA GLN N 310 -0.61 -32.64 7.56
C GLN N 310 -1.85 -31.88 8.04
N SER N 311 -3.01 -32.52 7.87
CA SER N 311 -4.37 -32.07 8.17
C SER N 311 -4.89 -30.96 7.25
N ILE N 312 -4.14 -30.57 6.22
CA ILE N 312 -4.60 -29.54 5.29
C ILE N 312 -5.20 -30.20 4.05
N PRO N 313 -6.39 -29.76 3.58
CA PRO N 313 -6.91 -30.26 2.28
C PRO N 313 -5.98 -29.95 1.12
N HIS N 314 -5.35 -30.97 0.53
CA HIS N 314 -4.29 -30.66 -0.48
C HIS N 314 -4.25 -31.63 -1.66
N GLY N 315 -5.27 -32.48 -1.85
CA GLY N 315 -5.30 -33.34 -3.02
C GLY N 315 -6.57 -33.22 -3.83
N MET N 316 -7.52 -34.09 -3.55
CA MET N 316 -8.80 -34.10 -4.23
C MET N 316 -9.90 -34.26 -3.20
N GLY N 317 -11.06 -33.67 -3.46
CA GLY N 317 -12.17 -33.90 -2.58
C GLY N 317 -13.34 -32.97 -2.78
N VAL N 318 -14.24 -32.99 -1.80
CA VAL N 318 -15.53 -32.32 -1.83
C VAL N 318 -15.67 -31.46 -0.58
N MET N 319 -16.01 -30.19 -0.77
CA MET N 319 -16.25 -29.29 0.35
C MET N 319 -17.68 -28.76 0.26
N THR N 320 -18.41 -28.89 1.37
CA THR N 320 -19.75 -28.33 1.48
C THR N 320 -19.70 -27.17 2.46
N PHE N 321 -20.38 -26.08 2.11
CA PHE N 321 -20.24 -24.82 2.82
C PHE N 321 -21.35 -24.66 3.85
N GLY N 322 -20.97 -24.29 5.07
CA GLY N 322 -21.92 -24.00 6.12
C GLY N 322 -22.26 -22.53 6.20
N THR N 323 -22.31 -21.97 7.41
CA THR N 323 -22.64 -20.56 7.56
C THR N 323 -21.48 -19.64 7.22
N GLY N 324 -20.26 -20.15 7.21
CA GLY N 324 -19.10 -19.34 6.90
C GLY N 324 -18.63 -19.50 5.47
N THR N 325 -17.38 -19.91 5.29
CA THR N 325 -16.78 -20.06 3.96
C THR N 325 -15.64 -21.05 4.06
N GLY N 326 -15.04 -21.37 2.91
CA GLY N 326 -13.90 -22.26 2.88
C GLY N 326 -13.27 -22.27 1.50
N ALA N 327 -12.15 -22.98 1.41
CA ALA N 327 -11.41 -23.25 0.17
C ALA N 327 -10.95 -21.98 -0.55
N GLY N 328 -10.72 -20.90 0.18
CA GLY N 328 -10.30 -19.66 -0.41
C GLY N 328 -11.39 -18.88 -1.14
N PHE N 329 -12.64 -19.30 -1.03
CA PHE N 329 -13.75 -18.57 -1.62
C PHE N 329 -14.04 -17.32 -0.80
N ALA N 330 -14.56 -16.29 -1.46
CA ALA N 330 -14.98 -15.09 -0.74
C ALA N 330 -16.29 -15.37 0.00
N MET N 331 -16.55 -14.55 1.01
CA MET N 331 -17.64 -14.80 1.94
C MET N 331 -19.01 -14.62 1.28
N SER N 332 -19.13 -13.72 0.31
CA SER N 332 -20.40 -13.47 -0.37
C SER N 332 -20.70 -14.47 -1.48
N GLN N 333 -19.75 -15.34 -1.83
CA GLN N 333 -19.98 -16.28 -2.91
C GLN N 333 -20.83 -17.48 -2.48
N THR N 334 -20.67 -17.95 -1.26
CA THR N 334 -21.27 -19.20 -0.82
C THR N 334 -22.54 -18.95 -0.01
N ARG N 335 -23.43 -19.94 -0.01
CA ARG N 335 -24.58 -20.02 0.87
C ARG N 335 -24.55 -21.38 1.56
N TYR N 336 -25.50 -21.59 2.47
CA TYR N 336 -25.56 -22.83 3.22
C TYR N 336 -26.00 -23.99 2.31
N GLY N 337 -25.13 -24.99 2.17
CA GLY N 337 -25.41 -26.12 1.31
C GLY N 337 -24.80 -26.07 -0.07
N ASP N 338 -23.98 -25.07 -0.38
CA ASP N 338 -23.28 -25.06 -1.66
C ASP N 338 -22.12 -26.06 -1.64
N LYS N 339 -21.61 -26.37 -2.83
CA LYS N 339 -20.67 -27.46 -2.99
C LYS N 339 -19.57 -27.10 -3.97
N TYR N 340 -18.33 -27.44 -3.62
CA TYR N 340 -17.23 -27.48 -4.58
C TYR N 340 -16.66 -28.90 -4.62
N GLU N 341 -16.42 -29.39 -5.83
CA GLU N 341 -15.80 -30.69 -6.04
C GLU N 341 -14.60 -30.54 -6.94
N GLY N 342 -13.48 -31.14 -6.57
CA GLY N 342 -12.38 -31.10 -7.51
C GLY N 342 -11.04 -31.09 -6.79
N GLU N 343 -10.10 -30.36 -7.40
CA GLU N 343 -8.73 -30.36 -6.90
C GLU N 343 -8.48 -29.30 -5.84
N PHE N 344 -7.70 -29.66 -4.84
CA PHE N 344 -7.32 -28.81 -3.72
C PHE N 344 -5.82 -28.81 -3.58
N GLN N 345 -5.21 -27.63 -3.46
CA GLN N 345 -3.81 -27.49 -3.03
C GLN N 345 -3.74 -26.48 -1.89
N ALA N 346 -3.13 -26.90 -0.79
CA ALA N 346 -2.84 -26.07 0.39
C ALA N 346 -4.09 -25.40 0.96
N GLY N 347 -5.22 -26.10 0.90
CA GLY N 347 -6.47 -25.59 1.39
C GLY N 347 -7.26 -24.76 0.40
N TYR N 348 -6.70 -24.43 -0.75
CA TYR N 348 -7.39 -23.63 -1.76
C TYR N 348 -7.99 -24.54 -2.82
N ALA N 349 -9.10 -24.10 -3.41
CA ALA N 349 -9.56 -24.70 -4.65
C ALA N 349 -8.61 -24.29 -5.78
N HIS N 350 -7.93 -25.27 -6.37
CA HIS N 350 -6.83 -24.97 -7.28
C HIS N 350 -6.68 -26.10 -8.29
N GLY N 351 -6.91 -25.80 -9.56
CA GLY N 351 -6.91 -26.80 -10.59
C GLY N 351 -8.22 -26.87 -11.33
N LEU N 352 -8.76 -28.07 -11.50
CA LEU N 352 -10.04 -28.25 -12.18
C LEU N 352 -11.12 -28.60 -11.17
N GLY N 353 -12.33 -28.11 -11.43
CA GLY N 353 -13.41 -28.42 -10.52
C GLY N 353 -14.76 -27.94 -10.96
N GLN N 354 -15.74 -28.18 -10.10
CA GLN N 354 -17.12 -27.81 -10.31
C GLN N 354 -17.68 -27.18 -9.05
N PHE N 355 -18.29 -26.00 -9.22
CA PHE N 355 -19.02 -25.33 -8.15
C PHE N 355 -20.52 -25.42 -8.44
N THR N 356 -21.29 -25.84 -7.45
CA THR N 356 -22.73 -26.02 -7.56
C THR N 356 -23.42 -25.35 -6.38
N SER N 357 -24.50 -24.65 -6.66
CA SER N 357 -25.35 -24.06 -5.62
C SER N 357 -26.79 -24.49 -5.86
N GLU N 358 -27.38 -25.15 -4.86
CA GLU N 358 -28.80 -25.51 -4.94
C GLU N 358 -29.70 -24.30 -4.77
N ALA N 359 -29.26 -23.31 -3.99
CA ALA N 359 -30.14 -22.19 -3.65
C ALA N 359 -30.36 -21.26 -4.82
N SER N 360 -29.30 -20.95 -5.58
CA SER N 360 -29.41 -20.06 -6.71
C SER N 360 -29.47 -20.78 -8.05
N GLY N 361 -29.06 -22.04 -8.13
CA GLY N 361 -29.06 -22.78 -9.37
C GLY N 361 -27.85 -22.61 -10.24
N GLU N 362 -26.85 -21.84 -9.80
CA GLU N 362 -25.66 -21.61 -10.61
C GLU N 362 -24.77 -22.84 -10.61
N VAL N 363 -24.26 -23.21 -11.80
CA VAL N 363 -23.25 -24.25 -11.93
C VAL N 363 -22.08 -23.68 -12.73
N TYR N 364 -20.87 -23.87 -12.21
CA TYR N 364 -19.64 -23.53 -12.93
C TYR N 364 -18.77 -24.77 -13.04
N ILE N 365 -18.32 -25.08 -14.27
CA ILE N 365 -17.35 -26.14 -14.51
C ILE N 365 -16.13 -25.52 -15.16
N GLY N 366 -14.96 -25.74 -14.56
CA GLY N 366 -13.79 -25.18 -15.20
C GLY N 366 -12.57 -25.03 -14.31
N GLU N 367 -11.80 -23.97 -14.56
CA GLU N 367 -10.52 -23.83 -13.88
C GLU N 367 -10.59 -22.88 -12.70
N PHE N 368 -9.70 -23.13 -11.73
CA PHE N 368 -9.57 -22.34 -10.51
C PHE N 368 -8.09 -22.11 -10.23
N PHE N 369 -7.74 -20.90 -9.82
CA PHE N 369 -6.39 -20.58 -9.37
C PHE N 369 -6.52 -19.88 -8.03
N ALA N 370 -6.04 -20.54 -6.96
CA ALA N 370 -6.07 -20.05 -5.59
C ALA N 370 -7.48 -19.67 -5.15
N GLY N 371 -8.45 -20.52 -5.50
CA GLY N 371 -9.82 -20.32 -5.12
C GLY N 371 -10.56 -19.23 -5.86
N GLN N 372 -10.14 -18.88 -7.08
CA GLN N 372 -10.56 -17.56 -7.56
C GLN N 372 -10.95 -17.52 -9.04
N ARG N 373 -11.34 -18.66 -9.66
CA ARG N 373 -12.04 -18.68 -10.97
C ARG N 373 -11.20 -18.04 -12.10
N HIS N 374 -10.18 -18.75 -12.55
CA HIS N 374 -9.14 -18.25 -13.45
C HIS N 374 -8.92 -19.22 -14.60
N GLY N 375 -9.23 -18.79 -15.83
CA GLY N 375 -9.04 -19.63 -17.00
C GLY N 375 -10.34 -19.85 -17.75
N CYS N 376 -10.42 -21.00 -18.44
CA CYS N 376 -11.64 -21.30 -19.24
C CYS N 376 -12.71 -21.90 -18.32
N GLY N 377 -13.98 -21.60 -18.61
CA GLY N 377 -15.10 -22.13 -17.85
C GLY N 377 -16.43 -22.12 -18.56
N MET N 378 -17.34 -22.95 -18.06
CA MET N 378 -18.72 -23.07 -18.53
C MET N 378 -19.67 -22.78 -17.38
N THR N 379 -20.68 -21.97 -17.63
CA THR N 379 -21.67 -21.57 -16.63
C THR N 379 -23.06 -21.94 -17.10
N LEU N 380 -23.83 -22.58 -16.22
CA LEU N 380 -25.20 -22.99 -16.45
C LEU N 380 -26.10 -22.43 -15.35
N ASP N 381 -27.35 -22.16 -15.70
CA ASP N 381 -28.38 -21.78 -14.74
C ASP N 381 -29.40 -22.91 -14.68
N MET N 382 -29.39 -23.66 -13.59
CA MET N 382 -30.28 -24.80 -13.38
C MET N 382 -31.44 -24.43 -12.48
N LYS N 383 -31.68 -23.15 -12.27
CA LYS N 383 -32.75 -22.70 -11.38
C LYS N 383 -34.18 -23.11 -11.76
N PRO N 384 -34.64 -23.04 -13.03
CA PRO N 384 -36.03 -23.50 -13.29
C PRO N 384 -36.27 -24.97 -13.00
N TYR N 385 -35.30 -25.84 -13.30
CA TYR N 385 -35.42 -27.26 -12.99
C TYR N 385 -35.46 -27.51 -11.48
N PHE N 386 -34.58 -26.84 -10.73
CA PHE N 386 -34.55 -26.97 -9.27
C PHE N 386 -35.82 -26.41 -8.63
N TYR N 387 -36.29 -25.26 -9.15
CA TYR N 387 -37.49 -24.59 -8.65
C TYR N 387 -38.71 -25.47 -8.87
N LEU N 388 -38.77 -26.13 -10.03
CA LEU N 388 -39.94 -26.96 -10.31
C LEU N 388 -39.86 -28.28 -9.56
N LEU N 389 -38.65 -28.78 -9.28
CA LEU N 389 -38.49 -29.95 -8.43
C LEU N 389 -38.89 -29.67 -6.99
N GLU N 390 -38.65 -28.46 -6.48
CA GLU N 390 -39.02 -28.15 -5.11
C GLU N 390 -40.53 -28.03 -4.91
N ARG N 391 -41.30 -27.82 -5.96
CA ARG N 391 -42.76 -27.71 -5.86
C ARG N 391 -43.47 -29.01 -6.25
N GLY N 392 -42.80 -30.15 -6.08
CA GLY N 392 -43.48 -31.43 -6.21
C GLY N 392 -43.70 -31.94 -7.62
N VAL N 393 -42.96 -31.46 -8.60
CA VAL N 393 -43.03 -32.00 -9.95
C VAL N 393 -41.99 -33.12 -10.07
N ASP N 394 -42.42 -34.25 -10.63
CA ASP N 394 -41.51 -35.37 -10.83
C ASP N 394 -40.43 -34.99 -11.84
N PRO N 395 -39.20 -35.51 -11.69
CA PRO N 395 -38.06 -35.00 -12.47
C PRO N 395 -38.14 -35.14 -13.97
N VAL N 396 -38.83 -36.14 -14.50
CA VAL N 396 -38.93 -36.29 -15.95
C VAL N 396 -39.81 -35.20 -16.55
N GLU N 397 -40.94 -34.91 -15.90
CA GLU N 397 -41.82 -33.83 -16.35
C GLU N 397 -41.16 -32.47 -16.20
N ALA N 398 -40.39 -32.28 -15.11
CA ALA N 398 -39.67 -31.03 -14.90
C ALA N 398 -38.58 -30.81 -15.96
N TYR N 399 -37.84 -31.87 -16.30
CA TYR N 399 -36.81 -31.75 -17.33
C TYR N 399 -37.45 -31.48 -18.69
N ARG N 400 -38.58 -32.13 -18.98
CA ARG N 400 -39.29 -31.89 -20.23
C ARG N 400 -39.80 -30.44 -20.31
N ARG N 401 -40.17 -29.85 -19.18
CA ARG N 401 -40.58 -28.46 -19.20
C ARG N 401 -39.40 -27.48 -19.34
N THR N 402 -38.22 -27.80 -18.78
CA THR N 402 -37.20 -26.78 -18.61
C THR N 402 -35.93 -26.94 -19.45
N ALA N 403 -35.76 -28.07 -20.16
CA ALA N 403 -34.45 -28.41 -20.73
C ALA N 403 -34.04 -27.47 -21.85
N GLY N 404 -34.99 -27.05 -22.71
CA GLY N 404 -34.65 -26.19 -23.83
C GLY N 404 -34.20 -24.81 -23.40
N ALA N 405 -34.92 -24.21 -22.45
CA ALA N 405 -34.51 -22.91 -21.91
C ALA N 405 -33.22 -22.99 -21.13
N ILE N 406 -32.93 -24.14 -20.50
CA ILE N 406 -31.64 -24.27 -19.82
C ILE N 406 -30.51 -24.39 -20.85
N MET N 407 -30.71 -25.16 -21.92
CA MET N 407 -29.66 -25.35 -22.92
C MET N 407 -29.36 -24.07 -23.70
N LYS N 408 -30.37 -23.24 -23.96
CA LYS N 408 -30.13 -22.02 -24.73
C LYS N 408 -29.32 -20.98 -23.97
N ASN N 409 -29.23 -21.08 -22.64
CA ASN N 409 -28.62 -20.05 -21.82
C ASN N 409 -27.25 -20.46 -21.27
N VAL N 410 -26.62 -21.47 -21.88
CA VAL N 410 -25.28 -21.90 -21.46
C VAL N 410 -24.26 -20.84 -21.90
N GLU N 411 -23.33 -20.50 -20.99
CA GLU N 411 -22.31 -19.50 -21.27
C GLU N 411 -20.93 -20.16 -21.21
N VAL N 412 -20.08 -19.87 -22.20
CA VAL N 412 -18.71 -20.36 -22.22
C VAL N 412 -17.75 -19.18 -22.33
N ARG N 413 -16.87 -19.04 -21.34
CA ARG N 413 -16.14 -17.78 -21.20
C ARG N 413 -14.74 -18.01 -20.65
N THR N 414 -13.95 -16.94 -20.73
CA THR N 414 -12.64 -16.84 -20.10
C THR N 414 -12.74 -15.89 -18.92
N TRP N 415 -12.16 -16.30 -17.80
CA TRP N 415 -12.19 -15.56 -16.55
C TRP N 415 -10.75 -15.20 -16.18
N TYR N 416 -10.52 -13.98 -15.71
CA TYR N 416 -9.16 -13.64 -15.31
C TYR N 416 -8.89 -13.85 -13.83
N ARG N 417 -9.49 -13.06 -12.95
CA ARG N 417 -9.35 -13.40 -11.53
C ARG N 417 -10.69 -13.22 -10.85
N GLY N 418 -11.58 -14.18 -10.98
CA GLY N 418 -12.92 -14.01 -10.49
C GLY N 418 -13.85 -13.18 -11.35
N ASN N 419 -13.36 -12.59 -12.44
CA ASN N 419 -14.20 -11.73 -13.27
C ASN N 419 -14.10 -12.08 -14.75
N LYS N 420 -15.21 -11.90 -15.43
CA LYS N 420 -15.34 -12.31 -16.83
C LYS N 420 -14.59 -11.35 -17.76
N LEU N 421 -13.94 -11.92 -18.77
CA LEU N 421 -13.30 -11.15 -19.82
C LEU N 421 -14.21 -11.04 -21.03
N GLY N 422 -13.89 -10.10 -21.91
CA GLY N 422 -14.60 -9.93 -23.15
C GLY N 422 -15.50 -8.72 -23.25
N ASP N 423 -15.45 -7.82 -22.27
CA ASP N 423 -16.24 -6.59 -22.31
C ASP N 423 -15.39 -5.34 -22.38
N ALA N 424 -14.07 -5.45 -22.32
CA ALA N 424 -13.15 -4.32 -22.46
C ALA N 424 -12.15 -4.59 -23.58
N LYS N 425 -12.64 -5.18 -24.67
CA LYS N 425 -11.90 -5.40 -25.92
C LYS N 425 -10.65 -6.25 -25.73
N GLU N 426 -10.75 -7.28 -24.88
CA GLU N 426 -9.60 -8.12 -24.59
C GLU N 426 -9.27 -9.05 -25.74
N ASP N 427 -10.26 -9.42 -26.55
CA ASP N 427 -10.04 -10.36 -27.64
C ASP N 427 -9.38 -9.72 -28.85
N GLU N 428 -9.34 -8.40 -28.92
CA GLU N 428 -8.83 -7.70 -30.08
C GLU N 428 -7.55 -6.93 -29.80
N VAL N 429 -6.98 -7.05 -28.61
CA VAL N 429 -5.86 -6.20 -28.22
C VAL N 429 -4.60 -6.54 -29.03
N VAL N 430 -4.31 -7.83 -29.21
CA VAL N 430 -3.07 -8.28 -29.85
C VAL N 430 -3.02 -7.83 -31.30
N GLU N 431 -4.11 -8.09 -32.04
CA GLU N 431 -4.27 -7.64 -33.42
C GLU N 431 -4.09 -6.13 -33.53
N ILE N 432 -4.69 -5.37 -32.59
CA ILE N 432 -4.65 -3.92 -32.63
C ILE N 432 -3.21 -3.44 -32.50
N ASN N 433 -2.44 -4.10 -31.63
CA ASN N 433 -1.06 -3.70 -31.43
C ASN N 433 -0.22 -3.99 -32.66
N VAL N 434 -0.56 -5.08 -33.38
CA VAL N 434 0.11 -5.37 -34.64
C VAL N 434 -0.14 -4.26 -35.64
N LEU N 435 -1.41 -3.82 -35.73
CA LEU N 435 -1.77 -2.73 -36.64
C LEU N 435 -1.10 -1.44 -36.22
N LYS N 436 -0.91 -1.27 -34.90
CA LYS N 436 -0.27 -0.07 -34.38
C LYS N 436 1.18 0.00 -34.82
N ASP N 437 1.85 -1.16 -34.90
CA ASP N 437 3.23 -1.18 -35.38
C ASP N 437 3.34 -0.86 -36.87
N GLU N 438 2.23 -0.90 -37.61
CA GLU N 438 2.25 -0.50 -39.00
C GLU N 438 1.95 0.97 -39.20
N LEU N 439 1.73 1.73 -38.14
CA LEU N 439 1.46 3.16 -38.31
C LEU N 439 2.68 4.01 -38.04
N ASP N 440 3.84 3.41 -37.88
CA ASP N 440 5.09 4.12 -37.73
C ASP N 440 5.65 4.51 -39.09
N ASP N 441 6.59 5.46 -39.08
CA ASP N 441 7.28 5.84 -40.29
C ASP N 441 8.27 4.74 -40.69
N PRO N 442 8.56 4.58 -42.00
CA PRO N 442 9.33 3.40 -42.45
C PRO N 442 10.75 3.31 -41.94
N PHE N 443 11.40 4.45 -41.64
CA PHE N 443 12.77 4.44 -41.16
C PHE N 443 12.87 3.78 -39.79
N GLU N 444 11.90 4.04 -38.90
CA GLU N 444 11.91 3.44 -37.57
C GLU N 444 11.68 1.93 -37.64
N ILE N 445 10.81 1.48 -38.54
CA ILE N 445 10.53 0.05 -38.68
C ILE N 445 11.76 -0.70 -39.19
N ALA N 446 12.37 -0.17 -40.25
CA ALA N 446 13.57 -0.79 -40.82
C ALA N 446 14.72 -0.81 -39.80
N LEU N 447 14.88 0.30 -39.07
CA LEU N 447 15.93 0.39 -38.06
C LEU N 447 15.73 -0.59 -36.93
N ARG N 448 14.49 -0.74 -36.42
CA ARG N 448 14.32 -1.61 -35.27
C ARG N 448 14.40 -3.10 -35.64
N ASN N 449 14.01 -3.46 -36.88
CA ASN N 449 14.23 -4.83 -37.34
C ASN N 449 15.73 -5.13 -37.48
N SER N 450 16.48 -4.16 -38.01
CA SER N 450 17.94 -4.30 -38.10
C SER N 450 18.59 -4.39 -36.72
N LEU N 451 18.07 -3.64 -35.74
CA LEU N 451 18.53 -3.74 -34.35
C LEU N 451 18.33 -5.13 -33.78
N HIS N 452 17.16 -5.72 -34.03
CA HIS N 452 16.87 -7.07 -33.54
C HIS N 452 17.87 -8.08 -34.09
N ASP N 453 18.13 -8.02 -35.40
CA ASP N 453 19.08 -8.95 -36.01
C ASP N 453 20.51 -8.76 -35.48
N ALA N 454 20.93 -7.50 -35.35
CA ALA N 454 22.29 -7.22 -34.88
C ALA N 454 22.48 -7.62 -33.42
N LYS N 455 21.45 -7.44 -32.59
CA LYS N 455 21.53 -7.83 -31.19
C LYS N 455 21.67 -9.34 -31.03
N LEU N 456 20.92 -10.10 -31.83
CA LEU N 456 21.09 -11.56 -31.83
C LEU N 456 22.50 -11.96 -32.25
N ARG N 457 23.02 -11.33 -33.32
CA ARG N 457 24.33 -11.68 -33.84
C ARG N 457 25.46 -11.38 -32.86
N LYS N 458 25.42 -10.22 -32.20
CA LYS N 458 26.49 -9.92 -31.24
C LYS N 458 26.34 -10.64 -29.92
N TRP N 459 25.12 -11.02 -29.50
CA TRP N 459 25.03 -11.86 -28.32
C TRP N 459 25.57 -13.27 -28.57
N LYS N 460 25.45 -13.76 -29.81
CA LYS N 460 25.98 -15.08 -30.12
C LYS N 460 27.51 -15.14 -29.98
N ALA N 461 28.20 -14.04 -30.22
CA ALA N 461 29.66 -14.01 -30.21
C ALA N 461 30.28 -13.58 -28.88
N MET N 462 29.48 -13.25 -27.86
CA MET N 462 30.03 -12.69 -26.63
C MET N 462 30.65 -13.74 -25.71
N SER N 463 31.66 -13.31 -24.96
CA SER N 463 32.20 -14.02 -23.80
C SER N 463 31.20 -13.95 -22.63
N PRO N 464 31.28 -14.88 -21.67
CA PRO N 464 30.39 -14.79 -20.49
C PRO N 464 30.53 -13.52 -19.67
N GLN N 465 31.76 -13.03 -19.49
CA GLN N 465 31.98 -11.77 -18.76
C GLN N 465 31.40 -10.59 -19.52
N ASP N 466 31.55 -10.59 -20.85
CA ASP N 466 30.93 -9.57 -21.70
C ASP N 466 29.42 -9.63 -21.61
N LYS N 467 28.86 -10.84 -21.55
CA LYS N 467 27.41 -11.01 -21.42
C LYS N 467 26.89 -10.44 -20.11
N ALA N 468 27.62 -10.68 -19.01
CA ALA N 468 27.22 -10.15 -17.71
C ALA N 468 27.29 -8.63 -17.68
N MET N 469 28.34 -8.04 -18.26
CA MET N 469 28.48 -6.59 -18.26
C MET N 469 27.43 -5.94 -19.16
N ASP N 470 27.09 -6.60 -20.27
CA ASP N 470 26.02 -6.15 -21.15
C ASP N 470 24.67 -6.11 -20.44
N ARG N 471 24.38 -7.13 -19.63
CA ARG N 471 23.11 -7.12 -18.89
C ARG N 471 23.11 -6.09 -17.76
N ILE N 472 24.27 -5.83 -17.13
CA ILE N 472 24.39 -4.77 -16.13
C ILE N 472 24.07 -3.40 -16.75
N VAL N 473 24.63 -3.13 -17.93
CA VAL N 473 24.38 -1.87 -18.62
C VAL N 473 22.91 -1.73 -19.00
N SER N 474 22.29 -2.83 -19.45
CA SER N 474 20.86 -2.80 -19.79
C SER N 474 19.98 -2.53 -18.58
N ILE N 475 20.32 -3.10 -17.42
CA ILE N 475 19.57 -2.84 -16.19
C ILE N 475 19.67 -1.37 -15.79
N ILE N 476 20.88 -0.78 -15.89
CA ILE N 476 21.06 0.62 -15.51
C ILE N 476 20.30 1.56 -16.45
N GLU N 477 20.30 1.25 -17.75
CA GLU N 477 19.50 2.03 -18.69
C GLU N 477 17.99 1.90 -18.43
N ARG N 478 17.54 0.72 -17.98
CA ARG N 478 16.14 0.58 -17.59
C ARG N 478 15.81 1.44 -16.36
N VAL N 479 16.72 1.49 -15.38
CA VAL N 479 16.50 2.26 -14.16
C VAL N 479 16.48 3.77 -14.44
N GLN N 480 17.34 4.24 -15.35
CA GLN N 480 17.46 5.68 -15.56
C GLN N 480 16.27 6.29 -16.29
N ARG N 481 15.36 5.49 -16.83
CA ARG N 481 14.14 6.03 -17.43
C ARG N 481 13.12 6.47 -16.39
N ARG N 482 13.28 6.05 -15.13
CA ARG N 482 12.39 6.48 -14.05
C ARG N 482 13.05 7.38 -13.04
N ASN N 483 14.38 7.31 -12.88
CA ASN N 483 15.11 8.17 -11.96
C ASN N 483 16.51 8.34 -12.52
N PRO N 484 16.73 9.34 -13.37
CA PRO N 484 18.08 9.58 -13.91
C PRO N 484 19.04 10.20 -12.91
N GLY N 485 18.56 10.67 -11.76
CA GLY N 485 19.38 11.46 -10.87
C GLY N 485 19.47 12.89 -11.35
N ARG N 486 20.14 13.72 -10.56
CA ARG N 486 20.41 15.10 -10.95
C ARG N 486 21.90 15.30 -10.86
N PHE N 487 22.61 14.81 -11.86
CA PHE N 487 24.07 14.90 -11.87
C PHE N 487 24.47 16.27 -12.40
N GLY N 488 25.33 16.96 -11.66
CA GLY N 488 25.68 18.32 -11.99
C GLY N 488 24.77 19.37 -11.44
N ALA N 489 23.71 18.98 -10.72
CA ALA N 489 22.77 19.94 -10.18
C ALA N 489 22.36 19.57 -8.76
N TYR N 490 23.31 19.09 -7.96
CA TYR N 490 23.05 18.87 -6.54
C TYR N 490 23.50 20.06 -5.69
N TYR N 491 24.65 20.66 -6.01
CA TYR N 491 25.19 21.78 -5.25
C TYR N 491 25.67 22.87 -6.19
N ARG N 492 25.59 24.11 -5.73
CA ARG N 492 25.97 25.26 -6.53
C ARG N 492 26.86 26.19 -5.71
N GLU N 493 27.59 27.03 -6.43
CA GLU N 493 28.54 27.97 -5.83
C GLU N 493 28.12 29.36 -6.31
N ASP N 494 27.39 30.09 -5.47
CA ASP N 494 26.87 31.40 -5.84
C ASP N 494 27.94 32.48 -5.58
N GLU N 495 27.51 33.73 -5.54
CA GLU N 495 28.36 34.84 -5.14
C GLU N 495 28.75 34.69 -3.67
N LYS N 496 29.90 35.27 -3.31
CA LYS N 496 30.52 35.33 -1.96
C LYS N 496 31.01 33.93 -1.62
N GLY N 497 31.37 33.14 -2.64
CA GLY N 497 31.77 31.75 -2.40
C GLY N 497 30.54 30.94 -2.04
N ARG N 498 30.58 30.33 -0.85
CA ARG N 498 29.41 29.84 -0.12
C ARG N 498 28.66 28.75 -0.89
N VAL N 499 29.18 27.52 -0.88
CA VAL N 499 28.49 26.37 -1.48
C VAL N 499 27.09 26.22 -0.88
N ARG N 500 26.08 26.09 -1.76
CA ARG N 500 24.65 26.03 -1.46
C ARG N 500 24.02 24.78 -2.08
N PRO N 501 22.95 24.26 -1.49
CA PRO N 501 22.24 23.15 -2.14
C PRO N 501 21.22 23.63 -3.16
N VAL N 502 20.97 22.77 -4.14
CA VAL N 502 20.04 23.07 -5.23
C VAL N 502 18.76 22.30 -4.97
N LEU N 503 17.64 23.02 -4.85
CA LEU N 503 16.35 22.43 -4.55
C LEU N 503 15.35 22.85 -5.62
N ASP N 504 14.33 22.02 -5.83
CA ASP N 504 13.27 22.39 -6.78
C ASP N 504 12.18 23.20 -6.09
N ASP N 506 9.50 22.22 -4.72
CA ASP N 506 8.88 21.55 -3.59
C ASP N 506 9.91 21.20 -2.53
N GLY N 507 11.10 21.79 -2.66
CA GLY N 507 12.14 21.65 -1.65
C GLY N 507 12.98 20.40 -1.74
N ALA N 508 12.70 19.51 -2.68
CA ALA N 508 13.42 18.25 -2.79
C ALA N 508 14.74 18.42 -3.52
N ASP N 509 15.75 17.67 -3.10
CA ASP N 509 17.03 17.64 -3.79
C ASP N 509 17.17 16.39 -4.65
N ASP N 511 14.63 13.08 -6.80
CA ASP N 511 13.30 12.66 -7.25
C ASP N 511 12.75 11.49 -6.44
N PHE N 512 13.61 10.82 -5.68
CA PHE N 512 13.18 9.73 -4.82
C PHE N 512 12.33 10.25 -3.67
N ASP N 513 11.29 9.49 -3.34
CA ASP N 513 10.47 9.76 -2.16
C ASP N 513 10.23 8.45 -1.43
N VAL N 515 8.05 7.43 0.61
CA VAL N 515 6.67 7.06 0.90
C VAL N 515 6.25 6.04 -0.16
N ASP N 516 7.07 5.89 -1.19
CA ASP N 516 6.89 4.84 -2.21
C ASP N 516 7.03 3.45 -1.62
N MET N 517 7.87 3.29 -0.60
CA MET N 517 8.10 1.97 -0.01
C MET N 517 6.88 1.46 0.74
N ILE N 518 6.04 2.35 1.24
CA ILE N 518 4.86 1.96 1.99
C ILE N 518 3.69 1.66 1.06
N GLN N 519 3.39 2.59 0.16
CA GLN N 519 2.20 2.54 -0.67
C GLN N 519 2.41 1.77 -1.96
N GLY N 520 3.58 1.91 -2.58
CA GLY N 520 3.84 1.31 -3.87
C GLY N 520 3.46 2.21 -5.02
N VAL N 521 4.07 1.94 -6.18
CA VAL N 521 3.86 2.74 -7.37
C VAL N 521 3.47 1.84 -8.53
N ASP N 522 2.85 2.43 -9.53
CA ASP N 522 2.41 1.70 -10.73
C ASP N 522 3.49 1.71 -11.80
N ASP N 524 3.33 3.40 -14.65
CA ASP N 524 3.45 4.75 -15.19
C ASP N 524 3.88 5.80 -14.16
N GLY N 525 4.30 5.37 -12.98
CA GLY N 525 4.79 6.27 -11.96
C GLY N 525 3.74 6.78 -11.00
N ASP N 526 2.47 6.46 -11.22
CA ASP N 526 1.43 6.86 -10.29
C ASP N 526 1.50 6.02 -9.02
N LEU N 527 1.11 6.65 -7.91
CA LEU N 527 1.17 6.02 -6.61
C LEU N 527 0.00 5.06 -6.46
N GLY N 528 0.18 4.03 -5.63
CA GLY N 528 -0.81 3.00 -5.47
C GLY N 528 -1.96 3.38 -4.56
N PRO N 529 -2.82 2.42 -4.24
CA PRO N 529 -3.91 2.69 -3.30
C PRO N 529 -3.39 2.86 -1.87
N GLY N 530 -4.11 3.65 -1.10
CA GLY N 530 -3.75 3.95 0.26
C GLY N 530 -4.61 3.20 1.26
N TRP N 531 -4.68 3.75 2.47
CA TRP N 531 -5.50 3.17 3.52
C TRP N 531 -6.98 3.46 3.33
N GLU N 532 -7.31 4.63 2.77
CA GLU N 532 -8.67 5.03 2.45
C GLU N 532 -8.71 5.49 1.01
N GLY N 533 -9.91 5.77 0.51
CA GLY N 533 -10.01 6.30 -0.83
C GLY N 533 -11.39 6.30 -1.45
N ALA N 534 -11.64 7.27 -2.32
CA ALA N 534 -12.85 7.28 -3.12
C ALA N 534 -12.81 6.18 -4.17
N THR N 535 -13.99 5.77 -4.63
CA THR N 535 -14.10 4.71 -5.62
C THR N 535 -13.52 5.14 -6.96
N ASP N 536 -13.85 6.36 -7.40
CA ASP N 536 -13.23 6.92 -8.59
C ASP N 536 -12.61 8.27 -8.29
N GLU N 538 -11.27 10.35 -10.29
CA GLU N 538 -11.47 11.33 -11.34
C GLU N 538 -12.87 11.91 -11.24
N GLU N 539 -13.81 11.08 -10.79
CA GLU N 539 -15.17 11.55 -10.57
C GLU N 539 -15.30 12.37 -9.30
N ASN N 540 -14.55 12.00 -8.26
CA ASN N 540 -14.57 12.69 -6.97
C ASN N 540 -13.13 13.04 -6.57
N PRO N 541 -12.57 14.09 -7.14
CA PRO N 541 -11.20 14.47 -6.79
C PRO N 541 -11.14 15.09 -5.41
N MET N 542 -9.92 15.13 -4.88
CA MET N 542 -9.69 15.76 -3.58
C MET N 542 -9.90 17.26 -3.68
N ASP N 543 -10.66 17.80 -2.73
CA ASP N 543 -10.99 19.21 -2.70
C ASP N 543 -9.74 20.07 -2.48
N PRO N 544 -9.50 21.07 -3.33
CA PRO N 544 -8.43 22.03 -3.03
C PRO N 544 -8.85 22.88 -1.83
N ARG N 545 -7.84 23.50 -1.20
CA ARG N 545 -7.68 24.00 0.17
C ARG N 545 -7.42 22.85 1.16
N ILE N 546 -7.69 21.61 0.81
CA ILE N 546 -7.33 20.48 1.66
C ILE N 546 -6.07 19.81 1.15
N ARG N 547 -5.95 19.73 -0.17
CA ARG N 547 -4.76 19.18 -0.82
C ARG N 547 -3.53 20.02 -0.51
N GLU N 548 -3.65 21.36 -0.58
CA GLU N 548 -2.50 22.21 -0.34
C GLU N 548 -2.15 22.29 1.15
N LEU N 549 -3.16 22.25 2.01
CA LEU N 549 -2.93 22.23 3.46
C LEU N 549 -2.19 20.95 3.87
N MET N 550 -2.61 19.80 3.35
CA MET N 550 -1.89 18.58 3.69
C MET N 550 -0.52 18.51 3.01
N ALA N 551 -0.35 19.16 1.85
CA ALA N 551 0.99 19.23 1.25
C ALA N 551 1.97 20.05 2.09
N ALA N 552 1.50 21.19 2.61
CA ALA N 552 2.35 22.01 3.48
C ALA N 552 2.69 21.29 4.78
N GLU N 553 1.71 20.60 5.37
CA GLU N 553 2.00 19.83 6.59
C GLU N 553 2.91 18.63 6.30
N GLY N 554 2.86 18.09 5.08
CA GLY N 554 3.82 17.09 4.67
C GLY N 554 5.24 17.62 4.59
N MET N 555 5.40 18.87 4.14
CA MET N 555 6.74 19.46 4.16
C MET N 555 7.25 19.67 5.57
N ASP N 556 6.34 20.00 6.50
CA ASP N 556 6.72 20.08 7.92
C ASP N 556 7.21 18.73 8.45
N ASP N 557 6.53 17.64 8.06
CA ASP N 557 6.97 16.31 8.42
C ASP N 557 8.35 15.97 7.84
N LYS N 558 8.61 16.41 6.60
CA LYS N 558 9.91 16.15 5.98
C LYS N 558 11.03 16.90 6.70
N LEU N 559 10.77 18.14 7.13
CA LEU N 559 11.77 18.90 7.89
C LEU N 559 12.09 18.23 9.22
N GLU N 560 11.05 17.76 9.93
CA GLU N 560 11.28 17.06 11.19
C GLU N 560 12.01 15.73 10.98
N ASP N 561 11.77 15.07 9.83
CA ASP N 561 12.48 13.84 9.46
C ASP N 561 13.97 14.09 9.30
N GLU N 562 14.33 15.15 8.57
CA GLU N 562 15.73 15.48 8.38
C GLU N 562 16.40 15.84 9.70
N GLY N 563 15.70 16.55 10.58
CA GLY N 563 16.26 16.90 11.88
C GLY N 563 16.55 15.70 12.76
N PHE N 564 15.57 14.78 12.87
CA PHE N 564 15.77 13.60 13.72
C PHE N 564 16.85 12.68 13.16
N LYS N 565 16.88 12.48 11.84
CA LYS N 565 17.91 11.61 11.26
C LYS N 565 19.30 12.21 11.39
N ASP N 566 19.43 13.54 11.28
CA ASP N 566 20.72 14.17 11.46
C ASP N 566 21.16 14.14 12.92
N THR N 567 20.21 14.17 13.87
CA THR N 567 20.58 14.01 15.27
C THR N 567 21.11 12.61 15.55
N VAL N 568 20.43 11.57 15.06
CA VAL N 568 20.81 10.21 15.45
C VAL N 568 22.00 9.71 14.66
N LEU N 569 22.02 9.87 13.33
CA LEU N 569 23.01 9.21 12.50
C LEU N 569 24.08 10.12 11.94
N GLY N 570 23.98 11.43 12.12
CA GLY N 570 24.82 12.36 11.38
C GLY N 570 26.25 12.50 11.85
N SER N 571 26.64 11.83 12.94
CA SER N 571 27.96 12.05 13.53
C SER N 571 28.98 10.98 13.17
N ALA N 572 28.56 9.76 12.85
CA ALA N 572 29.49 8.69 12.52
C ALA N 572 30.05 8.86 11.12
N ILE N 573 31.32 8.49 10.95
CA ILE N 573 32.05 8.70 9.70
C ILE N 573 32.15 7.37 8.96
N ILE N 574 31.76 7.37 7.68
CA ILE N 574 31.88 6.20 6.82
C ILE N 574 33.17 6.30 6.02
N ASN N 575 33.32 7.38 5.26
CA ASN N 575 34.50 7.59 4.43
C ASN N 575 35.27 8.82 4.93
N PRO N 576 36.42 8.64 5.58
CA PRO N 576 37.15 9.81 6.11
C PRO N 576 37.84 10.65 5.05
N TYR N 577 38.04 10.14 3.85
CA TYR N 577 38.70 10.93 2.81
C TYR N 577 37.75 11.96 2.18
N THR N 578 36.45 11.72 2.19
CA THR N 578 35.50 12.59 1.53
C THR N 578 34.53 13.27 2.49
N GLY N 579 34.58 12.96 3.78
CA GLY N 579 33.62 13.52 4.71
C GLY N 579 32.25 12.90 4.64
N LEU N 580 32.12 11.68 4.14
CA LEU N 580 30.83 11.02 4.05
C LEU N 580 30.43 10.44 5.41
N ASP N 581 29.20 10.72 5.83
CA ASP N 581 28.69 10.27 7.12
C ASP N 581 27.58 9.25 6.94
N MET N 582 27.15 8.66 8.06
CA MET N 582 26.18 7.56 8.02
C MET N 582 24.80 8.02 7.55
N LYS N 583 24.38 9.24 7.91
CA LYS N 583 23.09 9.73 7.46
C LYS N 583 23.05 9.90 5.94
N THR N 584 24.14 10.40 5.37
CA THR N 584 24.22 10.52 3.91
C THR N 584 24.34 9.17 3.25
N TYR N 585 25.11 8.26 3.85
CA TYR N 585 25.39 6.95 3.26
C TYR N 585 24.17 6.05 3.26
N LEU N 586 23.46 5.97 4.39
CA LEU N 586 22.33 5.06 4.50
C LEU N 586 21.07 5.59 3.83
N ASP N 587 21.01 6.87 3.51
CA ASP N 587 19.90 7.43 2.75
C ASP N 587 20.09 7.27 1.25
N GLY N 588 21.20 6.70 0.81
CA GLY N 588 21.52 6.59 -0.61
C GLY N 588 21.85 7.91 -1.28
N LYS N 589 22.75 8.70 -0.68
CA LYS N 589 23.09 10.02 -1.19
C LYS N 589 24.59 10.19 -1.39
N GLU N 590 25.31 9.13 -1.71
CA GLU N 590 26.76 9.22 -1.92
C GLU N 590 27.11 10.00 -3.18
N ARG N 591 26.21 9.99 -4.18
CA ARG N 591 26.33 10.80 -5.38
C ARG N 591 26.40 12.29 -5.06
N HIS N 592 25.54 12.73 -4.14
CA HIS N 592 25.51 14.11 -3.68
C HIS N 592 26.84 14.48 -3.04
N GLN N 593 27.43 13.56 -2.27
CA GLN N 593 28.68 13.85 -1.55
C GLN N 593 29.84 14.04 -2.51
N ALA N 594 29.92 13.22 -3.57
CA ALA N 594 30.98 13.41 -4.57
C ALA N 594 30.84 14.75 -5.28
N GLU N 595 29.60 15.13 -5.64
CA GLU N 595 29.38 16.44 -6.24
C GLU N 595 29.72 17.58 -5.28
N LEU N 596 29.42 17.41 -3.99
CA LEU N 596 29.69 18.45 -3.00
C LEU N 596 31.18 18.68 -2.81
N VAL N 597 31.96 17.59 -2.78
CA VAL N 597 33.42 17.71 -2.68
C VAL N 597 33.99 18.44 -3.90
N SER N 598 33.50 18.08 -5.09
CA SER N 598 33.97 18.74 -6.31
C SER N 598 33.62 20.22 -6.35
N VAL N 599 32.40 20.57 -5.93
CA VAL N 599 31.97 21.97 -5.99
C VAL N 599 32.70 22.80 -4.94
N TYR N 600 32.92 22.24 -3.75
CA TYR N 600 33.65 22.98 -2.71
C TYR N 600 35.10 23.22 -3.09
N LYS N 601 35.75 22.24 -3.72
CA LYS N 601 37.17 22.41 -4.03
C LYS N 601 37.44 23.47 -5.09
N ALA N 602 36.43 23.84 -5.88
CA ALA N 602 36.57 24.92 -6.85
C ALA N 602 35.88 26.21 -6.41
N SER N 603 35.33 26.25 -5.20
CA SER N 603 34.79 27.47 -4.65
C SER N 603 35.94 28.40 -4.26
N ARG N 604 35.63 29.71 -4.16
CA ARG N 604 36.67 30.68 -3.81
C ARG N 604 37.15 30.49 -2.38
N GLU N 605 36.23 30.19 -1.46
CA GLU N 605 36.58 29.79 -0.11
C GLU N 605 37.40 28.51 -0.11
N GLY N 606 37.14 27.62 -1.06
CA GLY N 606 37.92 26.40 -1.18
C GLY N 606 39.37 26.64 -1.55
N ARG N 607 39.62 27.50 -2.54
CA ARG N 607 41.01 27.80 -2.89
C ARG N 607 41.71 28.63 -1.82
N LYS N 608 40.99 29.53 -1.14
CA LYS N 608 41.60 30.23 -0.01
C LYS N 608 41.99 29.28 1.11
N TYR N 609 41.13 28.33 1.46
CA TYR N 609 41.48 27.34 2.49
C TYR N 609 42.64 26.46 2.04
N LEU N 610 42.65 26.08 0.75
CA LEU N 610 43.69 25.17 0.26
C LEU N 610 45.06 25.84 0.22
N ASN N 611 45.16 27.08 -0.26
CA ASN N 611 46.48 27.71 -0.30
C ASN N 611 46.85 28.33 1.05
N LYS N 612 45.88 28.48 1.96
CA LYS N 612 46.22 28.80 3.34
C LYS N 612 46.85 27.60 4.03
N VAL N 613 46.33 26.39 3.74
CA VAL N 613 46.95 25.17 4.24
C VAL N 613 48.34 24.99 3.65
N ARG N 614 48.48 25.24 2.35
CA ARG N 614 49.78 25.19 1.69
C ARG N 614 50.66 26.36 2.11
N PRO N 638 32.77 15.49 -12.71
CA PRO N 638 32.55 14.52 -11.64
C PRO N 638 31.24 13.75 -11.80
N GLY N 639 31.26 12.46 -11.47
CA GLY N 639 30.07 11.66 -11.56
C GLY N 639 29.70 11.18 -12.94
N ALA N 640 30.56 11.38 -13.95
CA ALA N 640 30.35 10.87 -15.29
C ALA N 640 31.58 10.10 -15.73
N LEU N 641 31.37 9.01 -16.46
CA LEU N 641 32.48 8.19 -16.93
C LEU N 641 33.13 8.73 -18.20
N LEU N 642 32.37 9.44 -19.04
CA LEU N 642 32.89 9.95 -20.30
C LEU N 642 32.55 11.43 -20.42
N SER N 643 33.30 12.13 -21.26
CA SER N 643 33.07 13.53 -21.54
C SER N 643 32.27 13.69 -22.82
N ARG N 644 31.73 14.89 -23.01
CA ARG N 644 30.93 15.18 -24.21
C ARG N 644 31.80 15.24 -25.46
N GLU N 645 33.00 15.82 -25.34
CA GLU N 645 33.87 15.99 -26.51
C GLU N 645 34.40 14.67 -27.01
N ALA N 646 34.75 13.75 -26.10
CA ALA N 646 35.21 12.42 -26.50
C ALA N 646 34.09 11.63 -27.16
N GLU N 647 32.86 11.77 -26.68
CA GLU N 647 31.73 11.08 -27.29
C GLU N 647 31.43 11.63 -28.69
N ASP N 648 31.52 12.95 -28.85
CA ASP N 648 31.32 13.55 -30.16
C ASP N 648 32.44 13.16 -31.13
N ASP N 649 33.68 13.09 -30.64
CA ASP N 649 34.79 12.66 -31.48
C ASP N 649 34.65 11.20 -31.90
N ARG N 650 34.22 10.33 -30.97
CA ARG N 650 34.01 8.93 -31.30
C ARG N 650 32.89 8.76 -32.32
N LEU N 651 31.82 9.54 -32.18
CA LEU N 651 30.72 9.48 -33.13
C LEU N 651 31.14 9.97 -34.51
N ALA N 652 31.90 11.07 -34.57
CA ALA N 652 32.36 11.60 -35.85
C ALA N 652 33.37 10.68 -36.51
N ARG N 653 34.19 9.98 -35.72
CA ARG N 653 35.07 8.96 -36.26
C ARG N 653 34.27 7.77 -36.78
N LEU N 654 33.18 7.42 -36.10
CA LEU N 654 32.41 6.25 -36.47
C LEU N 654 31.55 6.49 -37.69
N TYR N 655 31.22 7.75 -38.00
CA TYR N 655 30.56 8.04 -39.28
C TYR N 655 31.46 7.75 -40.47
N GLU N 656 32.70 8.24 -40.47
CA GLU N 656 33.53 8.21 -41.67
C GLU N 656 34.08 6.82 -41.98
N GLN N 657 33.93 5.85 -41.08
CA GLN N 657 34.20 4.47 -41.45
C GLN N 657 33.20 3.95 -42.46
N ALA N 658 31.92 4.27 -42.27
CA ALA N 658 30.87 3.85 -43.17
C ALA N 658 30.74 4.74 -44.40
N GLY N 659 31.44 5.86 -44.44
CA GLY N 659 31.31 6.79 -45.54
C GLY N 659 29.97 7.49 -45.58
N VAL N 660 29.52 7.99 -44.44
CA VAL N 660 28.26 8.72 -44.33
C VAL N 660 28.59 10.13 -43.88
N SER N 661 28.39 11.09 -44.76
CA SER N 661 28.54 12.49 -44.38
C SER N 661 27.30 12.94 -43.61
N LYS N 662 27.40 14.10 -42.97
CA LYS N 662 26.25 14.63 -42.24
C LYS N 662 25.14 15.10 -43.17
N GLU N 663 25.45 15.43 -44.43
CA GLU N 663 24.41 15.72 -45.40
C GLU N 663 23.58 14.48 -45.73
N ASP N 664 24.18 13.28 -45.62
CA ASP N 664 23.41 12.06 -45.74
C ASP N 664 22.40 11.92 -44.60
N GLU N 665 22.81 12.25 -43.37
CA GLU N 665 21.82 12.30 -42.29
C GLU N 665 20.78 13.38 -42.51
N ARG N 666 21.16 14.51 -43.10
CA ARG N 666 20.19 15.57 -43.40
C ARG N 666 19.15 15.10 -44.40
N ARG N 667 19.57 14.40 -45.45
CA ARG N 667 18.61 13.94 -46.45
C ARG N 667 17.80 12.75 -45.96
N VAL N 668 18.37 11.87 -45.14
CA VAL N 668 17.58 10.80 -44.56
C VAL N 668 16.56 11.34 -43.55
N GLU N 669 16.92 12.37 -42.77
CA GLU N 669 15.90 13.03 -41.94
C GLU N 669 14.89 13.80 -42.79
N GLY N 670 15.28 14.29 -43.96
CA GLY N 670 14.32 14.94 -44.84
C GLY N 670 13.28 13.98 -45.38
N LEU N 671 13.70 12.81 -45.87
CA LEU N 671 12.74 11.79 -46.27
C LEU N 671 11.99 11.20 -45.08
N ALA N 672 12.57 11.21 -43.88
CA ALA N 672 11.83 10.77 -42.70
C ALA N 672 10.74 11.76 -42.33
N ALA N 673 11.04 13.05 -42.38
CA ALA N 673 10.06 14.09 -42.07
C ALA N 673 9.04 14.29 -43.18
N ARG N 674 9.35 13.83 -44.40
CA ARG N 674 8.39 13.90 -45.48
C ARG N 674 7.21 12.96 -45.26
N TRP N 675 7.43 11.86 -44.54
CA TRP N 675 6.39 10.88 -44.26
C TRP N 675 5.62 11.19 -42.97
N ARG N 676 5.62 12.44 -42.53
CA ARG N 676 4.86 12.83 -41.36
C ARG N 676 3.57 13.54 -41.75
N ARG N 696 5.04 2.62 -26.31
CA ARG N 696 5.29 1.21 -26.06
C ARG N 696 5.20 0.36 -27.37
N PRO N 697 6.38 0.06 -27.96
CA PRO N 697 6.45 -0.66 -29.24
C PRO N 697 6.57 -2.19 -29.19
N GLY N 698 5.44 -2.88 -29.06
CA GLY N 698 5.48 -4.32 -29.17
C GLY N 698 4.19 -4.97 -28.73
N ASN N 699 4.27 -6.29 -28.59
CA ASN N 699 3.16 -7.08 -28.08
C ASN N 699 3.08 -6.93 -26.57
N PRO N 700 1.96 -6.46 -26.01
CA PRO N 700 1.87 -6.37 -24.55
C PRO N 700 1.81 -7.71 -23.86
N LEU N 701 1.27 -8.73 -24.53
CA LEU N 701 1.18 -10.08 -23.98
C LEU N 701 2.33 -10.96 -24.46
N ALA N 702 3.55 -10.46 -24.38
CA ALA N 702 4.70 -11.21 -24.86
C ALA N 702 5.26 -12.09 -23.75
N ALA N 703 5.98 -13.13 -24.16
CA ALA N 703 6.47 -14.15 -23.24
C ALA N 703 7.94 -13.97 -22.87
N ASN N 704 8.80 -13.68 -23.84
CA ASN N 704 10.23 -13.57 -23.59
C ASN N 704 10.74 -12.23 -24.11
N ASP N 705 10.54 -11.20 -23.31
CA ASP N 705 11.06 -9.89 -23.64
C ASP N 705 12.42 -9.73 -22.98
N ASP N 707 14.00 -6.91 -22.41
CA ASP N 707 13.97 -5.77 -21.51
C ASP N 707 12.82 -5.92 -20.52
N GLY N 709 11.66 -6.32 -16.01
CA GLY N 709 11.98 -6.24 -14.61
C GLY N 709 11.20 -7.27 -13.82
N PHE N 710 10.50 -8.13 -14.57
CA PHE N 710 9.64 -9.19 -14.02
C PHE N 710 8.56 -8.64 -13.10
N GLU N 711 8.06 -7.45 -13.43
CA GLU N 711 7.18 -6.69 -12.53
C GLU N 711 5.93 -6.11 -13.19
N GLU N 713 2.55 -6.23 -14.92
CA GLU N 713 1.54 -7.26 -15.03
C GLU N 713 0.55 -6.99 -16.16
N ASP N 715 -3.36 -7.68 -17.17
CA ASP N 715 -4.58 -7.86 -16.40
C ASP N 715 -5.58 -8.62 -17.27
N MET N 716 -5.03 -9.42 -18.17
CA MET N 716 -5.84 -10.22 -19.08
C MET N 716 -4.99 -11.39 -19.56
N MET N 717 -5.64 -12.32 -20.24
CA MET N 717 -4.95 -13.39 -20.95
C MET N 717 -5.56 -13.50 -22.34
N GLU N 718 -4.94 -14.30 -23.18
CA GLU N 718 -5.54 -14.64 -24.47
C GLU N 718 -6.78 -15.49 -24.23
N MET N 719 -7.89 -15.08 -24.84
CA MET N 719 -9.17 -15.71 -24.55
C MET N 719 -9.28 -17.09 -25.19
N CYS N 720 -9.93 -18.00 -24.48
CA CYS N 720 -10.07 -19.39 -24.92
C CYS N 720 -10.96 -19.47 -26.15
N ASP N 721 -10.58 -20.32 -27.11
CA ASP N 721 -11.51 -20.64 -28.18
C ASP N 721 -12.45 -21.75 -27.71
N ILE N 722 -13.43 -22.08 -28.56
CA ILE N 722 -14.42 -23.09 -28.20
C ILE N 722 -13.85 -24.49 -27.95
N PRO N 723 -12.95 -25.05 -28.79
CA PRO N 723 -12.40 -26.39 -28.47
C PRO N 723 -11.60 -26.47 -27.16
N GLU N 724 -10.91 -25.40 -26.76
CA GLU N 724 -10.20 -25.40 -25.48
C GLU N 724 -11.18 -25.46 -24.31
N ILE N 725 -12.29 -24.75 -24.41
CA ILE N 725 -13.33 -24.78 -23.38
C ILE N 725 -13.96 -26.17 -23.31
N LEU N 726 -14.23 -26.79 -24.46
CA LEU N 726 -14.79 -28.14 -24.46
C LEU N 726 -13.82 -29.17 -23.88
N GLY N 727 -12.54 -29.04 -24.20
CA GLY N 727 -11.54 -29.94 -23.67
C GLY N 727 -11.38 -29.82 -22.16
N THR N 728 -11.41 -28.58 -21.64
CA THR N 728 -11.25 -28.40 -20.21
C THR N 728 -12.52 -28.78 -19.45
N VAL N 729 -13.71 -28.65 -20.07
CA VAL N 729 -14.93 -29.15 -19.42
C VAL N 729 -14.92 -30.68 -19.36
N GLN N 730 -14.47 -31.33 -20.43
CA GLN N 730 -14.33 -32.79 -20.46
C GLN N 730 -13.37 -33.31 -19.39
N GLU N 731 -12.20 -32.68 -19.29
CA GLU N 731 -11.23 -33.09 -18.29
C GLU N 731 -11.69 -32.77 -16.86
N ALA N 732 -12.41 -31.65 -16.68
CA ALA N 732 -12.92 -31.31 -15.36
C ALA N 732 -14.00 -32.28 -14.90
N ARG N 733 -14.83 -32.78 -15.82
CA ARG N 733 -15.80 -33.81 -15.44
C ARG N 733 -15.11 -35.10 -15.02
N GLN N 734 -14.02 -35.45 -15.71
CA GLN N 734 -13.19 -36.59 -15.28
C GLN N 734 -12.65 -36.39 -13.86
N ILE N 735 -12.13 -35.19 -13.58
CA ILE N 735 -11.59 -34.87 -12.26
C ILE N 735 -12.69 -34.89 -11.18
N VAL N 736 -13.89 -34.44 -11.54
CA VAL N 736 -15.00 -34.39 -10.59
C VAL N 736 -15.46 -35.80 -10.22
N GLU N 737 -15.43 -36.73 -11.17
CA GLU N 737 -15.74 -38.13 -10.84
C GLU N 737 -14.70 -38.72 -9.87
N ARG N 738 -13.41 -38.50 -10.16
CA ARG N 738 -12.37 -38.98 -9.24
C ARG N 738 -12.44 -38.30 -7.87
N ALA N 739 -12.94 -37.07 -7.81
CA ALA N 739 -13.09 -36.35 -6.55
C ALA N 739 -14.28 -36.84 -5.75
N ARG N 740 -15.37 -37.21 -6.41
CA ARG N 740 -16.52 -37.74 -5.70
C ARG N 740 -16.30 -39.15 -5.20
N MET N 741 -15.24 -39.82 -5.65
CA MET N 741 -14.91 -41.09 -4.97
C MET N 741 -14.50 -40.95 -3.48
N TRP N 742 -14.33 -39.77 -2.90
CA TRP N 742 -14.00 -39.62 -1.48
C TRP N 742 -15.19 -39.13 -0.65
N ARG N 743 -16.43 -39.43 -1.07
CA ARG N 743 -17.58 -38.70 -0.56
C ARG N 743 -18.28 -39.32 0.65
N PHE N 744 -18.14 -40.58 0.93
CA PHE N 744 -18.82 -41.09 2.12
C PHE N 744 -17.90 -42.04 2.86
N LYS N 745 -17.05 -41.48 3.69
CA LYS N 745 -16.15 -42.30 4.48
C LYS N 745 -16.98 -43.05 5.51
N PRO N 746 -16.93 -44.38 5.54
CA PRO N 746 -17.76 -45.13 6.49
C PRO N 746 -17.29 -44.91 7.92
N TYR N 747 -18.24 -44.54 8.78
CA TYR N 747 -18.03 -44.09 10.15
C TYR N 747 -17.13 -42.86 10.23
N GLY N 748 -17.17 -42.01 9.20
CA GLY N 748 -16.58 -40.69 9.30
C GLY N 748 -17.56 -39.70 9.89
N GLU N 749 -17.03 -38.57 10.35
CA GLU N 749 -17.83 -37.60 11.11
C GLU N 749 -18.92 -36.95 10.25
N VAL N 750 -18.61 -36.66 8.98
CA VAL N 750 -19.57 -36.00 8.11
C VAL N 750 -20.74 -36.93 7.80
N GLY N 751 -20.45 -38.21 7.54
CA GLY N 751 -21.51 -39.18 7.33
C GLY N 751 -22.35 -39.44 8.57
N LEU N 752 -21.71 -39.43 9.75
CA LEU N 752 -22.45 -39.65 10.98
C LEU N 752 -23.35 -38.48 11.33
N ARG N 753 -22.97 -37.25 10.96
CA ARG N 753 -23.78 -36.12 11.38
C ARG N 753 -24.71 -35.56 10.29
N MET N 754 -24.43 -35.78 9.00
CA MET N 754 -25.17 -35.10 7.95
C MET N 754 -26.01 -36.01 7.05
N ALA N 755 -26.13 -37.30 7.38
CA ALA N 755 -26.97 -38.23 6.61
C ALA N 755 -28.23 -38.53 7.43
N GLN N 756 -29.34 -37.93 7.04
CA GLN N 756 -30.55 -37.93 7.86
C GLN N 756 -31.77 -38.30 7.01
N ASP N 757 -32.86 -38.67 7.71
CA ASP N 757 -34.08 -39.11 7.06
C ASP N 757 -34.98 -37.90 6.79
N ALA N 758 -36.28 -38.12 6.60
CA ALA N 758 -37.21 -37.01 6.36
C ALA N 758 -37.28 -36.07 7.56
N ASN N 759 -37.25 -36.61 8.76
CA ASN N 759 -37.05 -35.83 9.98
C ASN N 759 -35.55 -35.65 10.20
N GLY N 760 -35.13 -35.23 11.38
CA GLY N 760 -33.70 -35.07 11.55
C GLY N 760 -32.97 -36.28 12.08
N SER N 761 -33.61 -37.45 12.05
CA SER N 761 -33.07 -38.66 12.64
C SER N 761 -31.91 -39.23 11.81
N PRO N 762 -30.89 -39.77 12.47
CA PRO N 762 -29.82 -40.43 11.71
C PRO N 762 -30.28 -41.76 11.14
N VAL N 763 -29.63 -42.16 10.05
CA VAL N 763 -29.96 -43.41 9.40
C VAL N 763 -28.77 -44.36 9.50
N SER N 764 -29.05 -45.65 9.39
CA SER N 764 -28.01 -46.66 9.31
C SER N 764 -27.67 -46.88 7.85
N LEU N 765 -26.59 -46.24 7.39
CA LEU N 765 -26.13 -46.42 6.03
C LEU N 765 -25.57 -47.81 5.84
N MET N 766 -25.83 -48.40 4.68
CA MET N 766 -25.38 -49.75 4.37
C MET N 766 -23.95 -49.68 3.84
N GLN N 767 -23.02 -49.48 4.75
CA GLN N 767 -21.61 -49.38 4.39
C GLN N 767 -20.74 -50.37 5.17
N GLU N 768 -21.32 -51.30 5.88
CA GLU N 768 -20.51 -52.21 6.67
C GLU N 768 -19.91 -53.30 5.79
N PRO N 769 -18.67 -53.73 6.06
CA PRO N 769 -17.93 -54.52 5.06
C PRO N 769 -18.34 -55.98 4.94
N LEU N 770 -19.12 -56.53 5.87
CA LEU N 770 -19.47 -57.94 5.80
C LEU N 770 -20.96 -58.22 5.70
N HIS N 771 -21.82 -57.23 5.85
CA HIS N 771 -23.27 -57.46 5.88
C HIS N 771 -23.93 -56.69 4.76
N TYR N 772 -24.76 -57.37 3.98
CA TYR N 772 -25.47 -56.80 2.84
C TYR N 772 -26.95 -57.08 3.08
N PRO N 773 -27.62 -56.26 3.87
CA PRO N 773 -28.98 -56.58 4.29
C PRO N 773 -30.01 -56.28 3.22
N HIS N 774 -31.22 -56.80 3.47
CA HIS N 774 -32.45 -56.43 2.75
C HIS N 774 -32.38 -56.74 1.26
N GLY N 775 -31.81 -57.89 0.92
CA GLY N 775 -31.71 -58.32 -0.45
C GLY N 775 -30.80 -57.48 -1.33
N THR N 776 -29.66 -57.06 -0.80
CA THR N 776 -28.70 -56.26 -1.56
C THR N 776 -27.38 -57.00 -1.76
N LYS N 777 -27.42 -58.33 -1.82
CA LYS N 777 -26.20 -59.10 -2.01
C LYS N 777 -25.67 -59.07 -3.43
N PHE N 778 -26.46 -58.56 -4.39
CA PHE N 778 -25.94 -58.35 -5.74
C PHE N 778 -24.91 -57.23 -5.78
N MET N 779 -24.88 -56.35 -4.78
CA MET N 779 -23.92 -55.25 -4.74
C MET N 779 -22.52 -55.68 -4.33
N ALA N 780 -22.36 -56.89 -3.80
CA ALA N 780 -21.04 -57.35 -3.35
C ALA N 780 -20.11 -57.53 -4.55
N PRO N 781 -18.89 -57.01 -4.49
CA PRO N 781 -18.02 -57.01 -5.67
C PRO N 781 -17.34 -58.33 -5.97
N GLY N 782 -17.39 -59.32 -5.08
CA GLY N 782 -16.72 -60.58 -5.30
C GLY N 782 -17.61 -61.62 -5.95
N PRO N 783 -17.22 -62.89 -5.86
CA PRO N 783 -18.04 -63.98 -6.41
C PRO N 783 -19.42 -64.13 -5.77
N LEU N 784 -19.62 -63.65 -4.55
CA LEU N 784 -20.93 -63.76 -3.92
C LEU N 784 -21.96 -62.85 -4.57
N GLY N 785 -21.52 -61.74 -5.16
CA GLY N 785 -22.45 -60.84 -5.83
C GLY N 785 -22.93 -61.37 -7.16
N LEU N 786 -22.11 -62.20 -7.81
CA LEU N 786 -22.44 -62.68 -9.16
C LEU N 786 -23.57 -63.70 -9.16
N CYS N 787 -23.72 -64.45 -8.07
CA CYS N 787 -24.72 -65.50 -8.01
C CYS N 787 -26.05 -65.02 -7.45
N HIS N 788 -26.21 -63.72 -7.24
CA HIS N 788 -27.43 -63.16 -6.69
C HIS N 788 -28.13 -62.29 -7.74
N ALA N 789 -29.42 -62.09 -7.55
CA ALA N 789 -30.26 -61.49 -8.58
C ALA N 789 -30.31 -59.98 -8.45
N VAL N 790 -30.07 -59.29 -9.56
CA VAL N 790 -30.23 -57.85 -9.70
C VAL N 790 -31.71 -57.55 -9.88
N PRO N 791 -32.27 -56.54 -9.21
CA PRO N 791 -33.68 -56.17 -9.45
C PRO N 791 -33.90 -55.61 -10.84
N ASP N 792 -35.16 -55.67 -11.26
CA ASP N 792 -35.54 -55.37 -12.64
C ASP N 792 -35.89 -53.90 -12.87
N ASP N 793 -35.31 -53.00 -12.09
CA ASP N 793 -35.42 -51.57 -12.40
C ASP N 793 -34.40 -51.24 -13.49
N PRO N 794 -34.84 -50.64 -14.60
CA PRO N 794 -33.89 -50.38 -15.71
C PRO N 794 -32.84 -49.32 -15.40
N SER N 795 -33.19 -48.29 -14.62
CA SER N 795 -32.24 -47.22 -14.31
C SER N 795 -31.11 -47.71 -13.41
N LEU N 796 -31.42 -48.64 -12.50
CA LEU N 796 -30.39 -49.23 -11.65
C LEU N 796 -29.39 -50.05 -12.45
N ARG N 797 -29.87 -50.79 -13.45
CA ARG N 797 -28.98 -51.54 -14.31
C ARG N 797 -28.16 -50.64 -15.21
N GLN N 798 -28.73 -49.49 -15.61
CA GLN N 798 -27.97 -48.46 -16.33
C GLN N 798 -26.79 -47.97 -15.49
N GLU N 799 -27.08 -47.70 -14.21
CA GLU N 799 -26.06 -47.21 -13.29
C GLU N 799 -24.98 -48.26 -13.04
N MET N 800 -25.37 -49.52 -12.92
CA MET N 800 -24.40 -50.60 -12.72
C MET N 800 -23.51 -50.78 -13.93
N ALA N 801 -24.06 -50.62 -15.14
CA ALA N 801 -23.26 -50.69 -16.35
C ALA N 801 -22.24 -49.56 -16.42
N LYS N 802 -22.63 -48.35 -15.99
CA LYS N 802 -21.70 -47.22 -15.97
C LYS N 802 -20.57 -47.42 -14.97
N VAL N 803 -20.89 -47.95 -13.78
CA VAL N 803 -19.87 -48.21 -12.76
C VAL N 803 -18.88 -49.26 -13.25
N ALA N 804 -19.39 -50.32 -13.90
CA ALA N 804 -18.52 -51.35 -14.44
C ALA N 804 -17.62 -50.81 -15.56
N HIS N 805 -18.14 -49.89 -16.36
CA HIS N 805 -17.33 -49.23 -17.40
C HIS N 805 -16.16 -48.45 -16.81
N ASN N 806 -16.42 -47.67 -15.75
CA ASN N 806 -15.35 -46.94 -15.07
C ASN N 806 -14.32 -47.87 -14.44
N TYR N 807 -14.79 -48.99 -13.87
CA TYR N 807 -13.87 -49.95 -13.27
C TYR N 807 -12.97 -50.60 -14.30
N ALA N 808 -13.51 -50.91 -15.49
CA ALA N 808 -12.70 -51.49 -16.55
C ALA N 808 -11.67 -50.50 -17.09
N ALA N 809 -12.03 -49.22 -17.14
CA ALA N 809 -11.06 -48.19 -17.51
C ALA N 809 -9.92 -48.09 -16.50
N ILE N 810 -10.22 -48.26 -15.21
CA ILE N 810 -9.15 -48.28 -14.21
C ILE N 810 -8.29 -49.54 -14.37
N TYR N 811 -8.93 -50.68 -14.66
CA TYR N 811 -8.22 -51.96 -14.77
C TYR N 811 -7.24 -51.98 -15.93
N ARG N 812 -7.60 -51.39 -17.07
CA ARG N 812 -6.73 -51.49 -18.25
C ARG N 812 -5.42 -50.72 -18.11
N MET N 813 -5.34 -49.77 -17.19
CA MET N 813 -4.11 -49.01 -16.97
C MET N 813 -3.05 -49.78 -16.18
N TYR N 814 -3.38 -50.93 -15.60
CA TYR N 814 -2.43 -51.67 -14.77
C TYR N 814 -2.19 -53.10 -15.21
N ASN N 815 -2.95 -53.62 -16.15
CA ASN N 815 -2.89 -55.03 -16.52
C ASN N 815 -2.81 -55.12 -18.04
N PHE N 816 -1.80 -55.84 -18.52
CA PHE N 816 -1.41 -55.79 -19.92
C PHE N 816 -1.25 -57.21 -20.48
N ASP N 817 -1.41 -57.32 -21.79
CA ASP N 817 -1.28 -58.61 -22.46
C ASP N 817 0.18 -58.93 -22.74
N TRP N 818 0.52 -60.21 -22.59
CA TRP N 818 1.86 -60.67 -22.93
C TRP N 818 2.08 -60.70 -24.44
N ASP N 819 1.06 -61.11 -25.19
CA ASP N 819 1.14 -61.26 -26.65
C ASP N 819 -0.06 -60.57 -27.26
N PRO N 820 0.01 -59.26 -27.49
CA PRO N 820 -1.18 -58.52 -27.96
C PRO N 820 -1.51 -58.80 -29.42
N GLU N 821 -2.81 -58.81 -29.70
CA GLU N 821 -3.30 -59.15 -31.04
C GLU N 821 -3.02 -58.00 -32.01
N PRO N 822 -2.60 -58.31 -33.24
CA PRO N 822 -2.42 -57.25 -34.25
C PRO N 822 -3.73 -56.55 -34.59
N GLY N 823 -3.66 -55.23 -34.70
CA GLY N 823 -4.83 -54.40 -34.85
C GLY N 823 -5.30 -53.71 -33.60
N THR N 824 -4.67 -53.96 -32.46
CA THR N 824 -5.04 -53.33 -31.21
C THR N 824 -4.04 -52.22 -30.84
N VAL N 825 -4.39 -51.47 -29.80
CA VAL N 825 -3.60 -50.31 -29.40
C VAL N 825 -2.26 -50.73 -28.79
N GLN N 826 -2.27 -51.80 -27.99
CA GLN N 826 -1.06 -52.27 -27.35
C GLN N 826 -0.08 -52.86 -28.35
N TYR N 827 -0.59 -53.46 -29.44
CA TYR N 827 0.28 -53.95 -30.51
C TYR N 827 1.01 -52.81 -31.19
N LYS N 828 0.31 -51.70 -31.44
CA LYS N 828 0.92 -50.50 -32.01
C LYS N 828 1.99 -49.91 -31.09
N ILE N 829 1.71 -49.88 -29.79
CA ILE N 829 2.67 -49.37 -28.81
C ILE N 829 3.92 -50.25 -28.77
N ASP N 830 3.74 -51.57 -28.84
CA ASP N 830 4.88 -52.48 -28.77
C ASP N 830 5.74 -52.40 -30.04
N GLN N 831 5.08 -52.22 -31.19
CA GLN N 831 5.82 -52.03 -32.44
C GLN N 831 6.68 -50.78 -32.40
N ARG N 832 6.15 -49.68 -31.83
CA ARG N 832 6.94 -48.45 -31.72
C ARG N 832 8.10 -48.61 -30.74
N ILE N 833 7.92 -49.37 -29.65
CA ILE N 833 8.99 -49.60 -28.69
C ILE N 833 10.15 -50.38 -29.33
N ARG N 834 9.81 -51.44 -30.09
CA ARG N 834 10.84 -52.22 -30.78
C ARG N 834 11.57 -51.40 -31.84
N ARG N 835 10.84 -50.54 -32.56
CA ARG N 835 11.45 -49.65 -33.54
C ARG N 835 12.41 -48.66 -32.88
N ALA N 836 12.06 -48.16 -31.69
CA ALA N 836 12.93 -47.23 -30.97
C ALA N 836 14.26 -47.88 -30.60
N GLN N 837 14.21 -49.14 -30.12
CA GLN N 837 15.46 -49.81 -29.80
C GLN N 837 16.33 -50.04 -31.03
N GLU N 838 15.72 -50.46 -32.16
CA GLU N 838 16.48 -50.71 -33.38
C GLU N 838 17.15 -49.44 -33.92
N LEU N 839 16.42 -48.31 -33.90
CA LEU N 839 16.98 -47.04 -34.37
C LEU N 839 18.13 -46.56 -33.48
N ARG N 840 17.98 -46.70 -32.16
CA ARG N 840 19.07 -46.28 -31.27
C ARG N 840 20.31 -47.13 -31.45
N ASN N 841 20.13 -48.44 -31.69
CA ASN N 841 21.28 -49.31 -31.95
C ASN N 841 22.00 -48.95 -33.24
N ASN N 842 21.23 -48.58 -34.28
CA ASN N 842 21.84 -48.15 -35.55
C ASN N 842 22.67 -46.86 -35.37
N ALA N 843 22.13 -45.89 -34.64
CA ALA N 843 22.86 -44.63 -34.40
C ALA N 843 24.13 -44.88 -33.57
N MET N 844 24.05 -45.78 -32.59
CA MET N 844 25.22 -46.16 -31.82
C MET N 844 26.28 -46.81 -32.68
N ALA N 845 25.88 -47.66 -33.64
CA ALA N 845 26.84 -48.28 -34.55
C ALA N 845 27.53 -47.24 -35.42
N ARG N 846 26.81 -46.19 -35.81
CA ARG N 846 27.45 -45.13 -36.60
C ARG N 846 28.47 -44.33 -35.79
N TYR N 847 28.19 -44.05 -34.52
CA TYR N 847 29.24 -43.46 -33.68
C TYR N 847 30.43 -44.38 -33.42
N LEU N 848 30.21 -45.70 -33.29
CA LEU N 848 31.38 -46.60 -33.21
C LEU N 848 32.20 -46.60 -34.49
N ALA N 849 31.53 -46.53 -35.65
CA ALA N 849 32.27 -46.43 -36.91
C ALA N 849 33.07 -45.14 -37.00
N ALA N 850 32.48 -44.02 -36.57
CA ALA N 850 33.19 -42.74 -36.57
C ALA N 850 34.35 -42.73 -35.59
N ALA N 851 34.18 -43.37 -34.43
CA ALA N 851 35.27 -43.45 -33.45
C ALA N 851 36.43 -44.29 -33.96
N ASP N 852 36.12 -45.42 -34.61
CA ASP N 852 37.17 -46.25 -35.21
C ASP N 852 37.86 -45.54 -36.36
N GLU N 853 37.13 -44.69 -37.08
CA GLU N 853 37.76 -43.92 -38.16
C GLU N 853 38.68 -42.85 -37.61
N VAL N 854 38.24 -42.14 -36.57
CA VAL N 854 39.04 -41.04 -36.02
C VAL N 854 40.28 -41.58 -35.31
N LEU N 855 40.13 -42.62 -34.49
CA LEU N 855 41.27 -43.17 -33.77
C LEU N 855 42.24 -43.95 -34.67
N ARG N 856 41.80 -44.30 -35.88
CA ARG N 856 42.57 -45.01 -36.93
C ARG N 856 43.50 -46.14 -36.47
N ARG O 96 3.93 -65.08 67.89
CA ARG O 96 3.88 -64.99 66.44
C ARG O 96 2.50 -64.57 65.96
N ASN O 97 2.43 -63.39 65.34
CA ASN O 97 1.18 -62.84 64.87
C ASN O 97 0.74 -63.56 63.60
N GLU O 98 -0.47 -64.15 63.64
CA GLU O 98 -1.02 -64.87 62.51
C GLU O 98 -2.26 -64.18 61.95
N GLY O 99 -2.44 -62.90 62.23
CA GLY O 99 -3.57 -62.17 61.72
C GLY O 99 -3.40 -61.80 60.28
N PRO O 100 -4.48 -61.33 59.66
CA PRO O 100 -4.43 -60.91 58.27
C PRO O 100 -3.79 -59.54 58.11
N MET O 101 -3.52 -59.20 56.85
CA MET O 101 -3.12 -57.84 56.52
C MET O 101 -4.31 -56.90 56.64
N THR O 102 -4.03 -55.68 57.07
CA THR O 102 -4.96 -54.57 56.95
C THR O 102 -4.39 -53.55 55.96
N TRP O 103 -5.20 -52.54 55.66
CA TRP O 103 -4.87 -51.60 54.58
C TRP O 103 -3.55 -50.80 54.69
N PRO O 104 -3.06 -50.32 55.85
CA PRO O 104 -1.79 -49.57 55.81
C PRO O 104 -0.57 -50.44 55.47
N TRP O 105 -0.58 -51.70 55.88
CA TRP O 105 0.48 -52.62 55.47
C TRP O 105 0.42 -52.87 53.96
N LYS O 106 -0.78 -52.95 53.40
CA LYS O 106 -0.94 -53.11 51.96
C LYS O 106 -0.39 -51.91 51.20
N LEU O 107 -0.63 -50.70 51.70
CA LEU O 107 -0.11 -49.50 51.05
C LEU O 107 1.42 -49.42 51.11
N MET O 108 2.00 -49.74 52.27
CA MET O 108 3.46 -49.74 52.40
C MET O 108 4.09 -50.80 51.52
N CYS O 109 3.48 -51.99 51.45
CA CYS O 109 4.00 -53.05 50.60
C CYS O 109 3.89 -52.71 49.13
N ALA O 110 2.85 -51.96 48.73
CA ALA O 110 2.74 -51.53 47.34
C ALA O 110 3.86 -50.57 46.95
N ILE O 111 4.24 -49.65 47.85
CA ILE O 111 5.36 -48.75 47.56
C ILE O 111 6.69 -49.53 47.48
N LEU O 112 6.90 -50.45 48.42
CA LEU O 112 8.11 -51.25 48.39
C LEU O 112 8.16 -52.18 47.17
N TYR O 113 7.00 -52.56 46.62
CA TYR O 113 6.94 -53.25 45.34
C TYR O 113 7.18 -52.33 44.16
N MET O 114 6.94 -51.03 44.30
CA MET O 114 7.32 -50.11 43.23
C MET O 114 8.81 -49.95 43.08
N LEU O 115 9.60 -50.30 44.09
CA LEU O 115 11.07 -50.19 43.95
C LEU O 115 11.72 -51.00 42.79
N PRO O 116 11.41 -52.29 42.54
CA PRO O 116 12.04 -52.96 41.37
C PRO O 116 11.62 -52.41 40.00
N TRP O 117 10.40 -51.90 39.89
CA TRP O 117 9.95 -51.23 38.67
C TRP O 117 10.81 -49.99 38.40
N VAL O 118 11.14 -49.25 39.46
CA VAL O 118 12.05 -48.12 39.36
C VAL O 118 13.43 -48.58 38.90
N ASP O 119 13.87 -49.75 39.37
CA ASP O 119 15.19 -50.20 38.93
C ASP O 119 15.23 -50.77 37.51
N VAL O 120 14.10 -51.10 36.90
CA VAL O 120 14.16 -51.55 35.51
C VAL O 120 13.47 -50.60 34.53
N THR O 121 13.02 -49.43 34.98
CA THR O 121 12.18 -48.58 34.13
C THR O 121 12.87 -47.94 32.93
N GLU O 122 14.21 -48.02 32.82
CA GLU O 122 14.89 -47.47 31.65
C GLU O 122 14.54 -48.24 30.38
N LYS O 123 14.38 -49.55 30.48
CA LYS O 123 14.21 -50.42 29.32
C LYS O 123 12.75 -50.58 28.88
N THR O 124 11.87 -49.63 29.23
CA THR O 124 10.45 -49.77 28.94
C THR O 124 10.15 -49.50 27.46
N VAL O 125 10.95 -48.65 26.83
CA VAL O 125 10.72 -48.23 25.44
C VAL O 125 10.87 -49.39 24.46
N TYR O 126 11.69 -50.38 24.79
CA TYR O 126 11.92 -51.51 23.92
C TYR O 126 10.76 -52.51 23.92
N PHE O 127 9.84 -52.41 24.88
CA PHE O 127 8.63 -53.21 24.91
C PHE O 127 7.40 -52.43 24.46
N VAL O 128 7.30 -51.17 24.87
CA VAL O 128 6.13 -50.34 24.54
C VAL O 128 6.05 -50.04 23.04
N GLU O 129 7.20 -50.01 22.36
CA GLU O 129 7.24 -49.82 20.91
C GLU O 129 6.47 -50.91 20.16
N ARG O 130 6.53 -52.14 20.67
CA ARG O 130 5.83 -53.24 20.03
C ARG O 130 4.38 -53.37 20.49
N PHE O 131 4.07 -52.98 21.73
CA PHE O 131 2.73 -53.17 22.30
C PHE O 131 2.27 -51.86 22.93
N PRO O 132 1.66 -50.98 22.13
CA PRO O 132 1.34 -49.61 22.61
C PRO O 132 0.30 -49.55 23.72
N ALA O 133 -0.49 -50.61 23.93
CA ALA O 133 -1.50 -50.64 24.98
C ALA O 133 -0.90 -50.52 26.38
N PHE O 134 0.38 -50.82 26.56
CA PHE O 134 1.06 -50.68 27.84
C PHE O 134 1.84 -49.38 27.95
N VAL O 135 1.53 -48.38 27.11
CA VAL O 135 2.27 -47.11 27.10
C VAL O 135 2.16 -46.34 28.41
N TRP O 136 1.10 -46.60 29.20
CA TRP O 136 0.96 -45.99 30.52
C TRP O 136 2.05 -46.42 31.49
N THR O 137 2.73 -47.55 31.25
CA THR O 137 3.85 -47.94 32.10
C THR O 137 5.09 -47.09 31.86
N GLU O 138 5.10 -46.25 30.83
CA GLU O 138 6.22 -45.34 30.61
C GLU O 138 6.19 -44.17 31.58
N TYR O 139 5.01 -43.80 32.09
CA TYR O 139 4.83 -42.56 32.82
C TYR O 139 4.40 -42.73 34.27
N PHE O 140 4.09 -43.94 34.72
CA PHE O 140 3.48 -44.10 36.03
C PHE O 140 4.48 -43.90 37.17
N SER O 141 5.73 -44.31 36.97
CA SER O 141 6.69 -44.46 38.06
C SER O 141 7.59 -43.23 38.26
N GLU O 142 7.28 -42.10 37.62
CA GLU O 142 8.19 -40.94 37.65
C GLU O 142 8.43 -40.33 39.03
N PRO O 143 7.42 -40.04 39.89
CA PRO O 143 7.77 -39.54 41.22
C PRO O 143 8.40 -40.59 42.12
N PHE O 144 8.11 -41.87 41.88
CA PHE O 144 8.82 -42.94 42.59
C PHE O 144 10.29 -42.96 42.23
N GLU O 145 10.61 -42.73 40.95
CA GLU O 145 11.99 -42.59 40.52
C GLU O 145 12.66 -41.39 41.18
N HIS O 146 11.93 -40.29 41.34
CA HIS O 146 12.51 -39.12 42.00
C HIS O 146 12.77 -39.38 43.48
N TRP O 147 11.80 -39.95 44.20
CA TRP O 147 11.96 -40.15 45.64
C TRP O 147 12.89 -41.29 46.00
N TYR O 148 13.08 -42.28 45.15
CA TYR O 148 14.03 -43.33 45.47
C TYR O 148 15.48 -42.93 45.17
N ASN O 149 15.69 -41.76 44.56
CA ASN O 149 17.03 -41.27 44.23
C ASN O 149 17.31 -39.91 44.86
N ILE O 150 16.72 -39.62 46.02
CA ILE O 150 17.01 -38.37 46.71
C ILE O 150 18.43 -38.38 47.27
N HIS O 151 18.92 -39.55 47.65
CA HIS O 151 20.31 -39.70 48.06
C HIS O 151 20.84 -41.00 47.48
N GLU O 152 22.16 -41.06 47.31
CA GLU O 152 22.81 -42.28 46.77
C GLU O 152 22.58 -43.43 47.75
N TYR O 153 22.58 -43.14 49.05
CA TYR O 153 22.51 -44.17 50.07
C TYR O 153 21.08 -44.50 50.48
N ALA O 154 20.09 -43.99 49.72
CA ALA O 154 18.69 -44.23 50.09
C ALA O 154 18.24 -45.68 49.99
N PRO O 155 18.48 -46.44 48.90
CA PRO O 155 17.93 -47.81 48.87
C PRO O 155 18.64 -48.79 49.80
N LEU O 156 19.92 -48.58 50.07
CA LEU O 156 20.60 -49.40 51.08
C LEU O 156 20.03 -49.13 52.47
N PHE O 157 19.71 -47.86 52.76
CA PHE O 157 19.03 -47.51 53.99
C PHE O 157 17.65 -48.15 54.08
N ILE O 158 16.92 -48.17 52.95
CA ILE O 158 15.59 -48.80 52.90
C ILE O 158 15.70 -50.30 53.16
N PHE O 159 16.69 -50.97 52.55
CA PHE O 159 16.85 -52.41 52.73
C PHE O 159 17.22 -52.75 54.16
N PHE O 160 18.17 -51.99 54.75
CA PHE O 160 18.55 -52.22 56.14
C PHE O 160 17.40 -51.96 57.10
N ALA O 161 16.63 -50.88 56.85
CA ALA O 161 15.52 -50.54 57.72
C ALA O 161 14.40 -51.57 57.66
N THR O 162 14.04 -52.02 56.46
CA THR O 162 12.99 -53.03 56.33
C THR O 162 13.42 -54.37 56.91
N TYR O 163 14.66 -54.80 56.65
CA TYR O 163 15.12 -56.08 57.17
C TYR O 163 15.28 -56.08 58.69
N LEU O 164 15.75 -54.97 59.26
CA LEU O 164 15.96 -54.95 60.70
C LEU O 164 14.75 -54.50 61.49
N GLY O 165 13.73 -53.92 60.85
CA GLY O 165 12.62 -53.40 61.61
C GLY O 165 11.27 -53.98 61.28
N ILE O 166 11.15 -54.72 60.17
CA ILE O 166 9.88 -55.34 59.79
C ILE O 166 9.98 -56.86 59.81
N VAL O 167 11.00 -57.41 59.15
CA VAL O 167 11.06 -58.86 58.94
C VAL O 167 11.34 -59.60 60.25
N ARG O 168 12.29 -59.11 61.04
CA ARG O 168 12.61 -59.82 62.27
C ARG O 168 11.59 -59.57 63.38
N ASN O 169 10.77 -58.53 63.25
CA ASN O 169 9.86 -58.13 64.32
C ASN O 169 8.67 -59.09 64.25
N LYS O 170 8.50 -59.91 65.28
CA LYS O 170 7.53 -60.99 65.28
C LYS O 170 6.12 -60.50 65.59
N LYS O 171 5.96 -59.27 66.09
CA LYS O 171 4.64 -58.75 66.41
C LYS O 171 3.87 -58.38 65.14
N ILE O 172 4.57 -58.07 64.06
CA ILE O 172 3.92 -57.80 62.76
C ILE O 172 3.37 -59.11 62.21
N PRO O 173 2.19 -59.10 61.58
CA PRO O 173 1.65 -60.33 60.97
C PRO O 173 2.55 -60.91 59.87
N HIS O 174 2.51 -62.24 59.76
CA HIS O 174 3.49 -62.99 58.97
C HIS O 174 3.37 -62.73 57.48
N VAL O 175 2.14 -62.49 56.99
CA VAL O 175 1.93 -62.28 55.56
C VAL O 175 2.47 -60.92 55.10
N ALA O 176 2.44 -59.91 55.97
CA ALA O 176 3.03 -58.62 55.63
C ALA O 176 4.56 -58.70 55.54
N ARG O 177 5.18 -59.46 56.47
CA ARG O 177 6.62 -59.68 56.39
C ARG O 177 6.98 -60.51 55.17
N TYR O 178 6.11 -61.43 54.78
CA TYR O 178 6.28 -62.19 53.54
C TYR O 178 6.29 -61.28 52.32
N HIS O 179 5.39 -60.31 52.28
CA HIS O 179 5.35 -59.42 51.12
C HIS O 179 6.53 -58.44 51.10
N VAL O 180 7.00 -58.02 52.27
CA VAL O 180 8.20 -57.16 52.34
C VAL O 180 9.43 -57.92 51.84
N MET O 181 9.60 -59.16 52.29
CA MET O 181 10.73 -59.95 51.82
C MET O 181 10.61 -60.31 50.34
N MET O 182 9.38 -60.49 49.83
CA MET O 182 9.19 -60.67 48.39
C MET O 182 9.61 -59.45 47.59
N GLY O 183 9.30 -58.25 48.08
CA GLY O 183 9.78 -57.04 47.42
C GLY O 183 11.29 -56.95 47.39
N VAL O 184 11.95 -57.33 48.49
CA VAL O 184 13.41 -57.31 48.54
C VAL O 184 14.02 -58.32 47.55
N MET O 185 13.45 -59.53 47.49
CA MET O 185 13.94 -60.54 46.55
C MET O 185 13.76 -60.12 45.09
N LEU O 186 12.62 -59.50 44.75
CA LEU O 186 12.42 -59.02 43.39
C LEU O 186 13.41 -57.92 43.04
N ASP O 187 13.75 -57.07 44.01
CA ASP O 187 14.79 -56.07 43.82
C ASP O 187 16.15 -56.70 43.53
N ILE O 188 16.48 -57.77 44.25
CA ILE O 188 17.76 -58.46 44.04
C ILE O 188 17.80 -59.12 42.65
N VAL O 189 16.67 -59.68 42.21
CA VAL O 189 16.59 -60.28 40.87
C VAL O 189 16.80 -59.23 39.78
N ALA O 190 16.19 -58.05 39.95
CA ALA O 190 16.38 -56.96 38.99
C ALA O 190 17.83 -56.47 38.97
N MET O 191 18.49 -56.40 40.13
CA MET O 191 19.89 -56.00 40.16
C MET O 191 20.81 -57.04 39.52
N ILE O 192 20.45 -58.33 39.63
CA ILE O 192 21.18 -59.39 38.92
C ILE O 192 21.05 -59.19 37.42
N LEU O 193 19.85 -58.84 36.94
CA LEU O 193 19.66 -58.57 35.51
C LEU O 193 20.47 -57.36 35.03
N ILE O 194 20.57 -56.32 35.87
CA ILE O 194 21.37 -55.15 35.54
C ILE O 194 22.86 -55.51 35.44
N VAL O 195 23.34 -56.34 36.37
CA VAL O 195 24.73 -56.82 36.32
C VAL O 195 24.96 -57.65 35.05
N THR O 196 23.97 -58.44 34.65
CA THR O 196 24.08 -59.21 33.41
C THR O 196 24.14 -58.31 32.18
N GLU O 197 23.34 -57.24 32.14
CA GLU O 197 23.32 -56.43 30.92
C GLU O 197 24.56 -55.55 30.84
N GLU O 198 25.21 -55.27 31.96
CA GLU O 198 26.42 -54.47 31.86
C GLU O 198 27.66 -55.28 31.47
N ASN O 199 27.57 -56.60 31.34
CA ASN O 199 28.70 -57.43 30.92
C ASN O 199 28.47 -58.13 29.59
N LEU O 200 27.59 -57.60 28.74
CA LEU O 200 27.38 -58.19 27.43
C LEU O 200 28.58 -57.91 26.51
N PRO O 201 28.94 -58.84 25.64
CA PRO O 201 30.01 -58.59 24.69
C PRO O 201 29.61 -57.56 23.64
N THR O 202 30.62 -56.93 23.04
CA THR O 202 30.38 -55.77 22.19
C THR O 202 29.78 -56.16 20.85
N GLY O 203 29.95 -57.42 20.43
CA GLY O 203 29.32 -57.87 19.20
C GLY O 203 27.83 -58.06 19.33
N VAL O 204 27.39 -58.61 20.47
CA VAL O 204 25.96 -58.79 20.73
C VAL O 204 25.29 -57.44 20.97
N LEU O 205 26.01 -56.51 21.59
CA LEU O 205 25.48 -55.21 21.96
C LEU O 205 25.12 -54.34 20.76
N TRP O 206 25.71 -54.60 19.59
CA TRP O 206 25.43 -53.83 18.38
C TRP O 206 24.54 -54.59 17.40
N THR O 207 23.67 -55.46 17.90
CA THR O 207 22.68 -56.20 17.15
C THR O 207 21.32 -55.95 17.78
N PRO O 208 20.22 -56.30 17.09
CA PRO O 208 18.88 -56.23 17.74
C PRO O 208 18.64 -57.24 18.86
N TRP O 209 19.55 -58.20 19.07
CA TRP O 209 19.45 -59.10 20.22
C TRP O 209 19.50 -58.34 21.55
N SER O 210 20.23 -57.23 21.59
CA SER O 210 20.23 -56.37 22.76
C SER O 210 18.87 -55.74 23.00
N ASP O 211 18.17 -55.34 21.93
CA ASP O 211 16.81 -54.82 22.05
C ASP O 211 15.85 -55.86 22.61
N LEU O 212 15.96 -57.10 22.13
CA LEU O 212 15.14 -58.18 22.68
C LEU O 212 15.44 -58.42 24.15
N PHE O 213 16.72 -58.36 24.53
CA PHE O 213 17.12 -58.53 25.92
C PHE O 213 16.56 -57.44 26.82
N TYR O 214 16.58 -56.18 26.36
CA TYR O 214 16.05 -55.06 27.13
C TYR O 214 14.55 -55.21 27.36
N ALA O 215 13.82 -55.57 26.29
CA ALA O 215 12.37 -55.74 26.39
C ALA O 215 12.01 -56.89 27.33
N LEU O 216 12.79 -57.98 27.29
CA LEU O 216 12.49 -59.12 28.15
C LEU O 216 12.80 -58.82 29.61
N MET O 217 13.85 -58.04 29.88
CA MET O 217 14.15 -57.56 31.22
C MET O 217 12.97 -56.81 31.83
N PHE O 218 12.48 -55.80 31.10
CA PHE O 218 11.34 -55.01 31.59
C PHE O 218 10.11 -55.88 31.77
N TRP O 219 9.83 -56.75 30.80
CA TRP O 219 8.56 -57.48 30.82
C TRP O 219 8.53 -58.53 31.93
N PHE O 220 9.66 -59.19 32.20
CA PHE O 220 9.68 -60.19 33.27
C PHE O 220 9.54 -59.55 34.64
N ILE O 221 10.24 -58.43 34.87
CA ILE O 221 10.10 -57.76 36.17
C ILE O 221 8.69 -57.20 36.34
N PHE O 222 8.11 -56.68 35.26
CA PHE O 222 6.75 -56.14 35.30
C PHE O 222 5.71 -57.22 35.60
N LEU O 223 5.87 -58.41 35.01
CA LEU O 223 4.93 -59.50 35.28
C LEU O 223 5.00 -59.96 36.73
N LEU O 224 6.22 -60.09 37.27
CA LEU O 224 6.37 -60.47 38.68
C LEU O 224 5.76 -59.43 39.62
N VAL O 225 5.98 -58.14 39.32
CA VAL O 225 5.47 -57.06 40.17
C VAL O 225 3.95 -57.03 40.13
N ILE O 226 3.35 -57.18 38.95
CA ILE O 226 1.89 -57.13 38.82
C ILE O 226 1.23 -58.31 39.54
N TYR O 227 1.82 -59.51 39.42
CA TYR O 227 1.30 -60.69 40.11
C TYR O 227 1.35 -60.53 41.63
N CYS O 228 2.50 -60.09 42.15
CA CYS O 228 2.63 -59.93 43.60
C CYS O 228 1.78 -58.78 44.13
N LEU O 229 1.57 -57.72 43.35
CA LEU O 229 0.70 -56.63 43.77
C LEU O 229 -0.76 -57.04 43.82
N PHE O 230 -1.19 -57.88 42.87
CA PHE O 230 -2.55 -58.43 42.89
C PHE O 230 -2.79 -59.24 44.15
N PHE O 231 -1.85 -60.13 44.48
CA PHE O 231 -2.06 -60.93 45.69
C PHE O 231 -1.78 -60.17 46.97
N CYS O 232 -1.08 -59.03 46.91
CA CYS O 232 -0.95 -58.18 48.09
C CYS O 232 -2.23 -57.37 48.34
N PHE O 233 -2.88 -56.89 47.27
CA PHE O 233 -4.15 -56.20 47.45
C PHE O 233 -5.27 -57.14 47.88
N LEU O 234 -5.20 -58.41 47.46
CA LEU O 234 -6.15 -59.38 48.01
C LEU O 234 -5.86 -59.66 49.48
N GLY O 235 -4.58 -59.69 49.85
CA GLY O 235 -4.18 -60.07 51.19
C GLY O 235 -3.75 -61.51 51.35
N TRP O 236 -3.37 -62.18 50.27
CA TRP O 236 -3.07 -63.61 50.29
C TRP O 236 -1.58 -63.84 50.10
N TYR O 237 -1.17 -65.08 50.30
CA TYR O 237 0.17 -65.52 49.94
C TYR O 237 0.22 -65.88 48.46
N CYS O 238 1.29 -65.48 47.78
CA CYS O 238 1.56 -65.88 46.41
C CYS O 238 2.91 -66.55 46.35
N GLU O 239 2.98 -67.73 45.74
CA GLU O 239 4.19 -68.54 45.74
C GLU O 239 4.84 -68.49 44.35
N ILE O 240 6.00 -67.85 44.27
CA ILE O 240 6.81 -67.82 43.06
C ILE O 240 7.73 -69.03 43.09
N PRO O 241 7.91 -69.76 41.99
CA PRO O 241 8.90 -70.85 41.98
C PRO O 241 10.32 -70.35 42.20
N LEU O 242 11.09 -71.13 42.97
CA LEU O 242 12.48 -70.93 43.34
C LEU O 242 12.75 -69.65 44.12
N ILE O 243 11.71 -68.95 44.60
CA ILE O 243 11.90 -67.68 45.28
C ILE O 243 11.26 -67.74 46.66
N SER O 244 10.02 -68.24 46.72
CA SER O 244 9.22 -68.12 47.93
C SER O 244 9.70 -69.04 49.05
N GLU O 245 10.34 -70.16 48.72
CA GLU O 245 10.90 -71.04 49.76
C GLU O 245 12.05 -70.36 50.47
N GLY O 246 12.91 -69.66 49.72
CA GLY O 246 13.93 -68.84 50.35
C GLY O 246 13.37 -67.72 51.19
N VAL O 247 12.21 -67.18 50.80
CA VAL O 247 11.55 -66.14 51.59
C VAL O 247 11.06 -66.70 52.92
N TYR O 248 10.48 -67.90 52.90
CA TYR O 248 10.02 -68.55 54.12
C TYR O 248 11.19 -68.88 55.04
N LEU O 249 12.28 -69.40 54.47
CA LEU O 249 13.47 -69.70 55.25
C LEU O 249 14.11 -68.45 55.84
N GLN O 250 14.13 -67.36 55.08
CA GLN O 250 14.70 -66.11 55.59
C GLN O 250 13.84 -65.50 56.68
N ILE O 251 12.51 -65.63 56.61
CA ILE O 251 11.65 -65.14 57.69
C ILE O 251 11.88 -65.96 58.96
N GLU O 252 11.87 -67.29 58.84
CA GLU O 252 12.08 -68.12 60.03
C GLU O 252 13.52 -68.10 60.54
N GLN O 253 14.47 -67.61 59.73
CA GLN O 253 15.83 -67.40 60.21
C GLN O 253 16.00 -66.06 60.88
N ALA O 254 15.43 -65.01 60.27
CA ALA O 254 15.53 -63.63 60.82
C ALA O 254 14.79 -63.56 62.17
N GLU O 255 13.74 -64.37 62.33
CA GLU O 255 12.96 -64.40 63.59
C GLU O 255 13.87 -64.80 64.75
N GLN O 256 14.51 -65.96 64.74
CA GLN O 256 15.35 -66.39 65.88
C GLN O 256 16.68 -65.63 65.89
N LEU O 257 16.93 -64.81 64.87
CA LEU O 257 18.15 -63.96 64.78
C LEU O 257 18.30 -63.13 66.05
N GLY O 258 18.08 -63.74 67.21
CA GLY O 258 18.22 -63.00 68.47
C GLY O 258 18.81 -63.86 69.55
N GLN O 259 18.35 -65.11 69.63
CA GLN O 259 18.82 -66.09 70.64
C GLN O 259 19.99 -66.89 70.05
#